data_9ASH
#
_entry.id   9ASH
#
_cell.length_a   1.00
_cell.length_b   1.00
_cell.length_c   1.00
_cell.angle_alpha   90.00
_cell.angle_beta   90.00
_cell.angle_gamma   90.00
#
_symmetry.space_group_name_H-M   'P 1'
#
loop_
_entity.id
_entity.type
_entity.pdbx_description
1 polymer 'CRISPR system single-strand-specific deoxyribonuclease Cas10/Csm1 (subtype III-A)'
2 polymer 'CRISPR-associated protein Csm4'
3 polymer 'CRISPR system Cms endoribonuclease Csm3'
4 polymer 'CRISPR RNA'
5 polymer 'CRISPR system Cms protein Csm2'
6 polymer 'Target RNA'
7 polymer 'CRISPR system Cms protein Csm5'
8 polymer "RNA (5'-D(*(ATP))-R(P*AP*A)-3')"
9 non-polymer "ADENOSINE-5'-TRIPHOSPHATE"
10 non-polymer 'MAGNESIUM ION'
11 water water
#
loop_
_entity_poly.entity_id
_entity_poly.type
_entity_poly.pdbx_seq_one_letter_code
_entity_poly.pdbx_strand_id
1 'polypeptide(L)'
;MDKINLVCGSLLADIGKIIYRGTSERAKHSKLGGDFIKSFEQFRNTELTDCIRYHHAQEITSVKSNKEKNSLFYITYIAD
NISSGMDRRKDLEEGAEGFNWDKKVALGSVFNVLNEKEKGRQNYSYPFVARTRIKEEPLNFPTATQNQYTTSYYDGLITD
MKTILQRLKPDKEHINSLLQMMESLWSYVPSSTDKNQLVDISLYDHSRTTAAIASAIYDYFQAENITDYQKELFDYNATE
FYDKNAFLMMNFDMSGVQNFIYNISGSKALKSLRARSFYLDMLLEYISDNLLEKLELSRANILYVGGGHAYLLLANTNKT
KAILSDFEHDLKTWFLDKFKIDLYVAMAYTEVSANDLMNHNGHYRDIYRRLSQKTSAKKANRYTAEEILNLNHQGTENAR
ECRECKRSDLLIEEDDICEICDSLQKVSRDLTRENIFVIANEGVLDMPFGKKMSALSYSQADKLKKSNAEVQIYAKNISE
IGQNLMTRIDMGDYTYRSDFHEMLEEVEVGINRLGVLRADVDNLGQAFINGIPDDYLSISRTATFSRAMSRFFKNYLNQL
LAEKSYKINVIYAGGDDLFMIGAWQDILDFSIVLKQKFADFTQNKLSISAGIGMFREKYPVARMASLTGDLEDAAKDYKP
DERAVQATKNAVTLFDATNVFSWDTLENDIFVKLDAITKNFEKLDETGKAFIYRLIDLLRGVNENQQINIARLAYTLSRM
EEKIGKTFAQELYNWANADRKTLIMALEIYILKTRERAA
;
A
2 'polypeptide(L)'
;MKIIKLYFESPVHFGEKRLSESKITFSADTLFSALMIEAVGLGKEDEFYQLASNNLVKFSDAFPFIDQYYYIPKPMFNLK
LEKEDENPSKAFKKLLYVPIDSLEDYLSGGLDAYFERESFNLGKLALSEKVQQHDFKDSEPYNVGTFTFKENTGLYVLIE
QTHPLLEELLENLQYSGIGGKRNSGYGKFKFEILEDSDIEDLFSAKGNRKILLSGALPKDAELEQALKNASYLLERRGGF
VQSDTYATNLVKKQDLYVFKSGSTFENSFDGDIYQVGKKGNHPVYKYAKSFFLEVSV
;
B
3 'polypeptide(L)'
;MKLVIEGTIVLKTGMHIGGSSDFSAIGAVDSPVVRDTLTRLPLIPGSSLKGKMRYLLAKELNNGILLNEPNNDQDEILRL
FGSSEKDKIRRARLKFNDIKLSNLAELETFNVSSTEVKFENTINRKTAVANPRQIERVIAGSKFDFEIFYNLDDIKEVEK
DFENIKQGFDLLEFDYLGGHGTRGSGRIAFENLSVITAVGNFEKINTLNEILGA
;
F,H,G,I
4 'polyribonucleotide' ACGAGAACGCAGCACCAGCUGUCCAACCUGAAGAAGA R
5 'polypeptide(L)'
;MGHHHHHHSGGTELKIGNEKVNSTNFGDFAEKAIRGINHKPFVNSKGGEQKITTSKIRGILELVNKVYNRVINTNDVELS
ENILADIAYIKVKIAYESGREPVVKDFIQRTAFTAAITDVMNQRTRESFLLFARYVESLIAYFKFYGGKD
;
D,E,C
6 'polyribonucleotide' CUUCUUCAGGUUGGACAGCUGGUGCUGCCAAGAGCA T
7 'polypeptide(L)'
;MKKTYRVTLTALGPIFIGGGEKLKKYEYIFDKQKKVAHMIDHTKFTKYLLEKNLLDDFTSRVNSHFDLYDYLVNKKGIVF
MPLVKYSVPVAQFRTEVKNRFGKPISSPPMNDLNTFVKDAFGRPYIPGSSLKGALRTAILNDLKEDTKENEVFAHLQVSD
SETIDLENLKVYQKVDYSKTAKPLPLYRECLKPNTEITFTVSFDDEYLTLKKIQNALHKTYQHYYIKWLKGGKVGETLIK
GVYDSHADELKKNTFALDQPSQNQGEIIYIGGGAGFVSKTLHYKSKNRDQARNDSFDILKQLFRTTYSKMRSVPDNVPVA
LKLAVETKTFNGRVTGKHYLEMGKARIKLEELK
;
J
8 'polyribonucleotide' (ATP)AA P
#
loop_
_chem_comp.id
_chem_comp.type
_chem_comp.name
_chem_comp.formula
A RNA linking ADENOSINE-5'-MONOPHOSPHATE 'C10 H14 N5 O7 P'
ATP non-polymer ADENOSINE-5'-TRIPHOSPHATE 'C10 H16 N5 O13 P3'
C RNA linking CYTIDINE-5'-MONOPHOSPHATE 'C9 H14 N3 O8 P'
G RNA linking GUANOSINE-5'-MONOPHOSPHATE 'C10 H14 N5 O8 P'
MG non-polymer 'MAGNESIUM ION' 'Mg 2'
U RNA linking URIDINE-5'-MONOPHOSPHATE 'C9 H13 N2 O9 P'
#
# COMPACT_ATOMS: atom_id res chain seq x y z
N MET A 1 76.62 47.98 -13.07
CA MET A 1 76.35 47.04 -11.98
C MET A 1 75.35 45.97 -12.42
N ASP A 2 75.55 44.75 -11.96
CA ASP A 2 74.75 43.63 -12.41
C ASP A 2 73.32 43.74 -11.92
N LYS A 3 72.37 43.41 -12.79
CA LYS A 3 70.96 43.38 -12.40
C LYS A 3 70.67 42.22 -11.45
N ILE A 4 71.36 41.10 -11.63
CA ILE A 4 71.13 39.94 -10.77
C ILE A 4 71.55 40.26 -9.34
N ASN A 5 72.58 41.08 -9.16
CA ASN A 5 72.97 41.50 -7.81
C ASN A 5 71.85 42.28 -7.14
N LEU A 6 71.24 43.20 -7.89
CA LEU A 6 70.12 43.96 -7.35
C LEU A 6 68.94 43.07 -7.02
N VAL A 7 68.63 42.11 -7.90
CA VAL A 7 67.50 41.21 -7.65
C VAL A 7 67.74 40.39 -6.39
N CYS A 8 68.93 39.82 -6.26
CA CYS A 8 69.24 39.01 -5.09
C CYS A 8 69.26 39.86 -3.81
N GLY A 9 69.85 41.06 -3.88
CA GLY A 9 69.87 41.93 -2.72
C GLY A 9 68.50 42.42 -2.30
N SER A 10 67.61 42.65 -3.26
CA SER A 10 66.26 43.06 -2.94
C SER A 10 65.43 41.90 -2.39
N LEU A 11 65.66 40.69 -2.90
CA LEU A 11 65.01 39.51 -2.32
C LEU A 11 65.48 39.28 -0.89
N LEU A 12 66.78 39.43 -0.63
CA LEU A 12 67.36 39.20 0.68
C LEU A 12 67.55 40.48 1.48
N ALA A 13 66.79 41.53 1.16
CA ALA A 13 66.98 42.80 1.86
C ALA A 13 66.64 42.67 3.34
N ASP A 14 65.54 42.00 3.66
CA ASP A 14 65.09 41.83 5.04
C ASP A 14 65.45 40.46 5.60
N ILE A 15 66.57 39.91 5.15
CA ILE A 15 67.17 38.74 5.79
C ILE A 15 67.46 39.04 7.26
N GLY A 16 67.85 40.28 7.57
CA GLY A 16 68.22 40.62 8.91
C GLY A 16 67.06 40.68 9.87
N LYS A 17 65.82 40.74 9.38
CA LYS A 17 64.68 40.70 10.29
C LYS A 17 64.59 39.34 10.98
N ILE A 18 64.61 38.27 10.19
CA ILE A 18 64.59 36.93 10.78
C ILE A 18 65.89 36.67 11.54
N ILE A 19 67.02 37.15 11.00
CA ILE A 19 68.29 36.97 11.72
C ILE A 19 68.22 37.65 13.09
N TYR A 20 67.70 38.87 13.15
CA TYR A 20 67.68 39.66 14.38
C TYR A 20 66.72 39.07 15.39
N ARG A 21 65.53 38.68 14.96
CA ARG A 21 64.57 38.12 15.92
C ARG A 21 64.75 36.62 16.10
N GLY A 22 65.82 36.05 15.54
CA GLY A 22 66.16 34.66 15.80
C GLY A 22 67.32 34.47 16.76
N THR A 23 68.27 35.40 16.78
CA THR A 23 69.39 35.34 17.70
C THR A 23 69.26 36.45 18.74
N SER A 24 70.31 36.62 19.54
CA SER A 24 70.36 37.66 20.57
C SER A 24 71.66 38.45 20.37
N GLU A 25 71.59 39.48 19.52
CA GLU A 25 72.74 40.35 19.28
C GLU A 25 72.45 41.83 19.48
N ARG A 26 71.19 42.27 19.34
CA ARG A 26 70.79 43.66 19.58
C ARG A 26 71.55 44.61 18.65
N ALA A 27 71.33 44.45 17.35
CA ALA A 27 71.89 45.33 16.34
C ALA A 27 70.84 45.54 15.26
N LYS A 28 71.06 46.56 14.43
CA LYS A 28 70.15 46.86 13.34
C LYS A 28 70.00 45.65 12.43
N HIS A 29 68.75 45.39 11.99
CA HIS A 29 68.51 44.20 11.21
C HIS A 29 69.24 44.23 9.89
N SER A 30 69.42 45.41 9.30
CA SER A 30 70.17 45.51 8.06
C SER A 30 71.62 45.05 8.25
N LYS A 31 72.25 45.49 9.35
CA LYS A 31 73.62 45.08 9.63
C LYS A 31 73.73 43.58 9.88
N LEU A 32 72.80 43.04 10.68
CA LEU A 32 72.85 41.61 10.99
C LEU A 32 72.64 40.77 9.73
N GLY A 33 71.69 41.17 8.88
CA GLY A 33 71.47 40.45 7.64
C GLY A 33 72.63 40.57 6.68
N GLY A 34 73.23 41.76 6.60
CA GLY A 34 74.41 41.91 5.77
C GLY A 34 75.54 41.01 6.23
N ASP A 35 75.74 40.91 7.54
CA ASP A 35 76.76 40.00 8.06
C ASP A 35 76.41 38.55 7.77
N PHE A 36 75.13 38.18 7.89
CA PHE A 36 74.72 36.81 7.61
C PHE A 36 74.97 36.44 6.16
N ILE A 37 74.65 37.34 5.24
CA ILE A 37 74.93 37.08 3.83
C ILE A 37 76.43 37.11 3.57
N LYS A 38 77.17 37.94 4.30
CA LYS A 38 78.62 37.93 4.23
C LYS A 38 79.20 36.59 4.65
N SER A 39 78.51 35.88 5.53
CA SER A 39 78.99 34.58 5.98
C SER A 39 79.07 33.56 4.85
N PHE A 40 78.41 33.81 3.73
CA PHE A 40 78.49 32.95 2.55
C PHE A 40 79.40 33.60 1.52
N GLU A 41 80.40 32.85 1.06
CA GLU A 41 81.43 33.43 0.21
C GLU A 41 80.88 33.79 -1.18
N GLN A 42 80.00 32.95 -1.72
CA GLN A 42 79.46 33.24 -3.05
C GLN A 42 78.55 34.47 -3.03
N PHE A 43 77.95 34.78 -1.89
CA PHE A 43 77.12 35.97 -1.72
C PHE A 43 77.95 37.14 -1.19
N ARG A 44 79.07 37.43 -1.83
CA ARG A 44 79.98 38.49 -1.38
C ARG A 44 80.54 39.18 -2.62
N ASN A 45 79.90 40.28 -3.02
CA ASN A 45 80.43 41.14 -4.07
C ASN A 45 80.17 42.62 -3.77
N THR A 46 79.74 42.95 -2.55
CA THR A 46 79.55 44.30 -2.03
C THR A 46 78.32 44.96 -2.66
N GLU A 47 77.77 44.35 -3.72
CA GLU A 47 76.53 44.86 -4.29
C GLU A 47 75.32 44.21 -3.62
N LEU A 48 75.34 42.88 -3.50
CA LEU A 48 74.44 42.18 -2.59
C LEU A 48 74.42 42.84 -1.22
N THR A 49 75.61 43.00 -0.63
CA THR A 49 75.68 43.52 0.73
C THR A 49 75.29 44.99 0.78
N ASP A 50 75.56 45.76 -0.26
CA ASP A 50 75.12 47.16 -0.27
C ASP A 50 73.61 47.25 -0.33
N CYS A 51 72.97 46.41 -1.15
CA CYS A 51 71.50 46.41 -1.21
C CYS A 51 70.89 45.94 0.10
N ILE A 52 71.48 44.92 0.73
CA ILE A 52 70.92 44.39 1.98
C ILE A 52 71.12 45.38 3.12
N ARG A 53 72.33 45.93 3.23
CA ARG A 53 72.68 46.78 4.36
C ARG A 53 72.05 48.16 4.28
N TYR A 54 72.04 48.76 3.09
CA TYR A 54 71.59 50.14 2.92
C TYR A 54 70.34 50.14 2.05
N HIS A 55 69.19 49.93 2.68
CA HIS A 55 67.90 50.11 2.02
C HIS A 55 66.97 50.96 2.89
N HIS A 56 67.53 51.70 3.84
CA HIS A 56 66.78 52.60 4.69
C HIS A 56 67.45 53.97 4.68
N ALA A 57 66.66 55.01 4.97
CA ALA A 57 67.13 56.38 4.79
C ALA A 57 68.32 56.69 5.68
N GLN A 58 68.26 56.31 6.96
CA GLN A 58 69.36 56.62 7.87
C GLN A 58 70.64 55.92 7.47
N GLU A 59 70.55 54.63 7.13
CA GLU A 59 71.74 53.88 6.75
C GLU A 59 72.34 54.41 5.45
N ILE A 60 71.49 54.74 4.47
CA ILE A 60 72.00 55.31 3.22
C ILE A 60 72.67 56.65 3.49
N THR A 61 72.04 57.50 4.30
CA THR A 61 72.61 58.80 4.60
C THR A 61 73.94 58.68 5.32
N SER A 62 74.09 57.66 6.16
CA SER A 62 75.36 57.49 6.89
C SER A 62 76.52 57.14 5.97
N VAL A 63 76.26 56.66 4.75
CA VAL A 63 77.31 56.19 3.87
C VAL A 63 77.18 56.73 2.45
N LYS A 64 76.18 57.56 2.17
CA LYS A 64 75.96 58.02 0.79
C LYS A 64 77.14 58.81 0.26
N SER A 65 77.83 59.55 1.14
CA SER A 65 79.01 60.30 0.69
C SER A 65 80.13 59.35 0.27
N ASN A 66 80.37 58.30 1.06
CA ASN A 66 81.44 57.36 0.73
C ASN A 66 81.05 56.47 -0.46
N LYS A 67 79.82 55.96 -0.46
CA LYS A 67 79.35 55.17 -1.59
C LYS A 67 79.19 56.03 -2.83
N GLU A 68 79.44 55.42 -3.98
CA GLU A 68 79.27 56.12 -5.24
C GLU A 68 77.78 56.14 -5.64
N LYS A 69 77.48 56.95 -6.64
CA LYS A 69 76.13 56.98 -7.18
C LYS A 69 75.85 55.68 -7.93
N ASN A 70 74.64 55.59 -8.49
CA ASN A 70 74.12 54.42 -9.20
C ASN A 70 74.60 53.11 -8.58
N SER A 71 74.47 53.04 -7.25
CA SER A 71 75.05 51.96 -6.45
C SER A 71 74.04 50.86 -6.12
N LEU A 72 72.89 50.84 -6.79
CA LEU A 72 71.96 49.72 -6.78
C LEU A 72 71.20 49.54 -5.47
N PHE A 73 71.57 50.26 -4.42
CA PHE A 73 70.80 50.16 -3.19
C PHE A 73 69.80 51.29 -3.03
N TYR A 74 69.96 52.38 -3.78
CA TYR A 74 68.89 53.37 -3.90
C TYR A 74 67.66 52.73 -4.52
N ILE A 75 67.86 51.86 -5.52
CA ILE A 75 66.75 51.16 -6.14
C ILE A 75 66.04 50.26 -5.14
N THR A 76 66.80 49.53 -4.32
CA THR A 76 66.19 48.66 -3.31
C THR A 76 65.44 49.48 -2.26
N TYR A 77 66.02 50.61 -1.84
CA TYR A 77 65.35 51.48 -0.88
C TYR A 77 64.03 51.99 -1.42
N ILE A 78 64.05 52.50 -2.66
CA ILE A 78 62.84 53.05 -3.25
C ILE A 78 61.83 51.94 -3.54
N ALA A 79 62.30 50.73 -3.86
CA ALA A 79 61.40 49.61 -4.09
C ALA A 79 60.70 49.18 -2.80
N ASP A 80 61.44 49.17 -1.69
CA ASP A 80 60.82 48.90 -0.40
C ASP A 80 59.78 49.96 -0.07
N ASN A 81 60.10 51.23 -0.32
CA ASN A 81 59.13 52.29 -0.07
C ASN A 81 57.87 52.09 -0.92
N ILE A 82 58.04 51.75 -2.19
CA ILE A 82 56.89 51.59 -3.07
C ILE A 82 56.04 50.38 -2.66
N SER A 83 56.69 49.28 -2.29
CA SER A 83 55.94 48.08 -1.92
C SER A 83 55.23 48.28 -0.58
N SER A 84 55.77 49.12 0.31
CA SER A 84 55.11 49.35 1.58
C SER A 84 53.75 50.03 1.40
N GLY A 85 53.68 51.05 0.54
CA GLY A 85 52.45 51.79 0.34
C GLY A 85 52.25 52.89 1.38
N MET A 86 51.01 53.06 1.85
CA MET A 86 50.73 54.02 2.93
C MET A 86 51.24 53.57 4.29
N ASP A 87 51.99 52.48 4.40
CA ASP A 87 52.54 52.06 5.67
C ASP A 87 53.76 52.91 6.00
N ARG A 88 54.53 52.50 7.01
CA ARG A 88 55.72 53.25 7.40
C ARG A 88 56.73 53.26 6.25
N ARG A 89 57.28 54.44 5.97
CA ARG A 89 58.17 54.63 4.83
C ARG A 89 59.57 55.05 5.26
N LYS A 90 59.69 56.06 6.12
CA LYS A 90 61.00 56.57 6.57
C LYS A 90 60.91 56.79 8.08
N ASP A 91 61.30 55.78 8.85
CA ASP A 91 61.29 55.87 10.31
C ASP A 91 62.42 54.99 10.83
N LEU A 92 62.36 54.65 12.12
CA LEU A 92 63.38 53.83 12.74
C LEU A 92 63.39 52.43 12.14
N GLU A 93 64.58 51.87 12.02
CA GLU A 93 64.78 50.56 11.40
C GLU A 93 64.91 49.49 12.47
N GLU A 94 64.29 48.33 12.20
CA GLU A 94 64.22 47.27 13.19
C GLU A 94 65.61 46.84 13.64
N GLY A 95 65.77 46.68 14.95
CA GLY A 95 67.05 46.38 15.55
C GLY A 95 67.74 47.58 16.17
N ALA A 96 67.31 48.79 15.83
CA ALA A 96 67.88 49.99 16.41
C ALA A 96 67.48 50.11 17.89
N GLU A 97 68.23 50.93 18.62
CA GLU A 97 68.06 51.06 20.06
C GLU A 97 67.08 52.15 20.45
N GLY A 98 66.45 52.83 19.49
CA GLY A 98 65.49 53.86 19.81
C GLY A 98 64.10 53.38 20.13
N PHE A 99 63.88 52.06 20.16
CA PHE A 99 62.55 51.51 20.35
C PHE A 99 62.69 50.10 20.92
N ASN A 100 61.60 49.61 21.50
CA ASN A 100 61.53 48.24 22.02
C ASN A 100 60.81 47.36 20.99
N TRP A 101 61.57 46.53 20.29
CA TRP A 101 61.01 45.70 19.23
C TRP A 101 60.55 44.37 19.80
N ASP A 102 59.29 44.02 19.52
CA ASP A 102 58.70 42.77 19.99
C ASP A 102 58.98 41.69 18.94
N LYS A 103 59.94 40.82 19.24
CA LYS A 103 60.39 39.80 18.30
C LYS A 103 59.52 38.56 18.31
N LYS A 104 58.30 38.63 18.85
CA LYS A 104 57.50 37.43 19.06
C LYS A 104 56.10 37.51 18.46
N VAL A 105 55.78 38.54 17.70
CA VAL A 105 54.42 38.68 17.20
C VAL A 105 54.25 37.82 15.95
N ALA A 106 53.06 37.26 15.79
CA ALA A 106 52.70 36.54 14.59
C ALA A 106 52.14 37.50 13.55
N LEU A 107 52.12 37.05 12.31
CA LEU A 107 51.54 37.86 11.25
C LEU A 107 50.03 37.71 11.27
N GLY A 108 49.33 38.82 11.07
CA GLY A 108 47.89 38.76 10.97
C GLY A 108 47.44 38.21 9.64
N SER A 109 46.16 37.81 9.60
CA SER A 109 45.55 37.41 8.35
C SER A 109 45.17 38.65 7.54
N VAL A 110 45.29 38.53 6.21
CA VAL A 110 44.87 39.63 5.35
C VAL A 110 43.37 39.84 5.39
N PHE A 111 42.62 38.82 5.84
CA PHE A 111 41.17 38.90 5.95
C PHE A 111 40.70 39.67 7.16
N ASN A 112 41.62 40.16 8.00
CA ASN A 112 41.22 41.00 9.13
C ASN A 112 40.59 42.29 8.67
N VAL A 113 41.13 42.90 7.62
CA VAL A 113 40.60 44.16 7.10
C VAL A 113 39.77 43.97 5.84
N LEU A 114 39.74 42.76 5.27
CA LEU A 114 38.95 42.53 4.07
C LEU A 114 37.46 42.66 4.38
N ASN A 115 36.75 43.41 3.53
CA ASN A 115 35.31 43.59 3.64
C ASN A 115 34.92 44.08 5.03
N GLU A 116 35.73 44.96 5.59
CA GLU A 116 35.47 45.45 6.94
C GLU A 116 34.42 46.55 6.98
N LYS A 117 34.05 47.12 5.84
CA LYS A 117 32.98 48.11 5.82
C LYS A 117 31.63 47.48 6.16
N GLU A 118 31.46 46.18 5.88
CA GLU A 118 30.22 45.49 6.16
C GLU A 118 30.38 44.30 7.10
N LYS A 119 31.60 43.80 7.33
CA LYS A 119 31.81 42.66 8.20
C LYS A 119 32.71 42.96 9.40
N GLY A 120 33.32 44.14 9.46
CA GLY A 120 34.05 44.56 10.64
C GLY A 120 35.53 44.18 10.61
N ARG A 121 36.26 44.78 11.53
CA ARG A 121 37.70 44.54 11.69
C ARG A 121 37.93 43.64 12.90
N GLN A 122 38.98 42.83 12.81
CA GLN A 122 39.27 41.82 13.82
C GLN A 122 40.75 41.51 13.81
N ASN A 123 41.21 40.80 14.83
CA ASN A 123 42.63 40.56 15.07
C ASN A 123 42.89 39.06 15.12
N TYR A 124 43.10 38.46 13.96
CA TYR A 124 43.54 37.07 13.87
C TYR A 124 45.04 37.04 13.58
N SER A 125 45.63 35.86 13.72
CA SER A 125 47.04 35.68 13.42
C SER A 125 47.30 34.21 13.16
N TYR A 126 48.44 33.93 12.52
CA TYR A 126 48.79 32.58 12.13
C TYR A 126 49.69 31.95 13.18
N PRO A 127 49.32 30.83 13.78
CA PRO A 127 50.25 30.11 14.66
C PRO A 127 51.42 29.56 13.86
N PHE A 128 52.58 29.50 14.51
CA PHE A 128 53.76 28.99 13.85
C PHE A 128 53.70 27.47 13.72
N VAL A 129 54.36 26.94 12.70
CA VAL A 129 54.36 25.52 12.40
C VAL A 129 55.81 25.05 12.29
N ALA A 130 55.98 23.74 12.48
CA ALA A 130 57.30 23.10 12.42
C ALA A 130 58.29 23.76 13.37
N GLU A 137 53.30 23.52 3.86
CA GLU A 137 52.40 22.40 4.17
C GLU A 137 52.60 21.91 5.59
N PRO A 138 51.50 21.67 6.31
CA PRO A 138 50.10 21.86 5.93
C PRO A 138 49.70 23.34 5.93
N LEU A 139 48.53 23.68 5.42
CA LEU A 139 48.09 25.06 5.42
C LEU A 139 47.83 25.54 6.84
N ASN A 140 48.21 26.78 7.11
CA ASN A 140 48.08 27.38 8.43
C ASN A 140 46.81 28.22 8.46
N PHE A 141 45.92 27.90 9.36
CA PHE A 141 44.67 28.64 9.43
C PHE A 141 44.78 29.78 10.45
N PRO A 142 44.06 30.87 10.25
CA PRO A 142 44.12 31.98 11.20
C PRO A 142 43.23 31.73 12.40
N THR A 143 43.73 32.11 13.57
CA THR A 143 43.04 31.89 14.83
C THR A 143 42.85 33.21 15.56
N ALA A 144 41.70 33.34 16.22
CA ALA A 144 41.41 34.57 16.97
C ALA A 144 42.28 34.68 18.20
N THR A 145 42.78 33.56 18.73
CA THR A 145 43.60 33.60 19.93
C THR A 145 44.94 34.25 19.63
N GLN A 146 45.38 35.11 20.55
CA GLN A 146 46.69 35.74 20.40
C GLN A 146 47.78 34.69 20.56
N ASN A 147 48.73 34.68 19.63
CA ASN A 147 49.78 33.68 19.60
C ASN A 147 51.11 34.33 19.30
N GLN A 148 52.18 33.69 19.78
CA GLN A 148 53.51 34.26 19.76
C GLN A 148 54.46 33.37 18.96
N TYR A 149 55.54 33.97 18.49
CA TYR A 149 56.58 33.28 17.74
C TYR A 149 57.82 33.19 18.62
N THR A 150 58.14 31.99 19.08
CA THR A 150 59.27 31.80 19.97
C THR A 150 60.58 31.97 19.21
N THR A 151 61.66 32.21 19.98
CA THR A 151 62.98 32.34 19.38
C THR A 151 63.42 31.04 18.69
N SER A 152 62.93 29.90 19.19
CA SER A 152 63.27 28.63 18.56
C SER A 152 62.72 28.54 17.14
N TYR A 153 61.54 29.14 16.90
CA TYR A 153 60.98 29.15 15.55
C TYR A 153 61.93 29.83 14.56
N TYR A 154 62.37 31.03 14.91
CA TYR A 154 63.27 31.74 14.01
C TYR A 154 64.65 31.11 13.96
N ASP A 155 65.08 30.44 15.03
CA ASP A 155 66.35 29.71 14.98
C ASP A 155 66.28 28.53 14.01
N GLY A 156 65.17 27.79 14.03
CA GLY A 156 64.99 26.73 13.06
C GLY A 156 64.91 27.27 11.64
N LEU A 157 64.23 28.42 11.48
CA LEU A 157 64.23 29.07 10.17
C LEU A 157 65.64 29.42 9.72
N ILE A 158 66.45 29.96 10.65
CA ILE A 158 67.81 30.36 10.30
C ILE A 158 68.65 29.16 9.91
N THR A 159 68.51 28.04 10.64
CA THR A 159 69.34 26.88 10.30
C THR A 159 68.90 26.26 8.97
N ASP A 160 67.59 26.23 8.69
CA ASP A 160 67.15 25.75 7.38
C ASP A 160 67.64 26.67 6.27
N MET A 161 67.66 27.98 6.52
CA MET A 161 68.14 28.92 5.52
C MET A 161 69.64 28.78 5.30
N LYS A 162 70.39 28.52 6.37
CA LYS A 162 71.81 28.24 6.20
C LYS A 162 72.02 26.98 5.37
N THR A 163 71.20 25.96 5.60
CA THR A 163 71.28 24.75 4.79
C THR A 163 71.04 25.04 3.31
N ILE A 164 69.99 25.82 3.01
CA ILE A 164 69.64 26.07 1.62
C ILE A 164 70.63 27.01 0.94
N LEU A 165 71.05 28.07 1.64
CA LEU A 165 71.89 29.10 1.03
C LEU A 165 73.31 28.64 0.72
N GLN A 166 73.77 27.54 1.33
CA GLN A 166 75.10 27.05 1.01
C GLN A 166 75.16 26.54 -0.44
N ARG A 167 74.06 25.96 -0.92
CA ARG A 167 73.98 25.44 -2.27
C ARG A 167 73.26 26.38 -3.22
N LEU A 168 73.39 27.68 -3.02
CA LEU A 168 72.81 28.70 -3.90
C LEU A 168 73.90 29.68 -4.31
N LYS A 169 73.71 30.27 -5.49
CA LYS A 169 74.61 31.27 -6.04
C LYS A 169 73.79 32.48 -6.49
N PRO A 170 74.40 33.67 -6.52
CA PRO A 170 73.74 34.86 -7.07
C PRO A 170 73.68 34.86 -8.60
N ASP A 171 73.17 33.77 -9.16
CA ASP A 171 73.11 33.58 -10.60
C ASP A 171 71.67 33.68 -11.09
N LYS A 172 71.53 33.68 -12.42
CA LYS A 172 70.20 33.78 -13.02
C LYS A 172 69.35 32.54 -12.73
N GLU A 173 69.98 31.35 -12.75
CA GLU A 173 69.25 30.11 -12.61
C GLU A 173 68.91 29.76 -11.17
N HIS A 174 69.43 30.50 -10.20
CA HIS A 174 69.16 30.23 -8.79
C HIS A 174 68.15 31.19 -8.18
N ILE A 175 67.62 32.13 -8.97
CA ILE A 175 66.61 33.05 -8.45
C ILE A 175 65.35 32.29 -8.08
N ASN A 176 64.97 31.30 -8.89
CA ASN A 176 63.78 30.50 -8.57
C ASN A 176 64.00 29.72 -7.28
N SER A 177 65.21 29.20 -7.06
CA SER A 177 65.49 28.49 -5.82
C SER A 177 65.45 29.43 -4.62
N LEU A 178 65.98 30.64 -4.78
CA LEU A 178 65.88 31.64 -3.71
C LEU A 178 64.42 31.96 -3.40
N LEU A 179 63.61 32.15 -4.44
CA LEU A 179 62.19 32.44 -4.25
C LEU A 179 61.47 31.27 -3.59
N GLN A 180 61.85 30.05 -3.92
CA GLN A 180 61.23 28.88 -3.30
C GLN A 180 61.63 28.78 -1.83
N MET A 181 62.89 29.07 -1.50
CA MET A 181 63.30 29.16 -0.10
C MET A 181 62.45 30.17 0.65
N MET A 182 62.31 31.37 0.08
CA MET A 182 61.54 32.42 0.72
C MET A 182 60.09 32.00 0.90
N GLU A 183 59.50 31.41 -0.13
CA GLU A 183 58.11 30.97 -0.05
C GLU A 183 57.93 29.91 1.03
N SER A 184 58.88 28.97 1.13
CA SER A 184 58.74 27.91 2.12
C SER A 184 58.92 28.43 3.54
N LEU A 185 59.84 29.36 3.74
CA LEU A 185 60.24 29.72 5.11
C LEU A 185 59.65 31.04 5.61
N TRP A 186 59.70 32.11 4.81
CA TRP A 186 59.25 33.42 5.25
C TRP A 186 57.75 33.64 5.04
N SER A 187 57.02 32.65 4.51
CA SER A 187 55.61 32.86 4.21
C SER A 187 54.80 33.16 5.47
N TYR A 188 55.27 32.73 6.64
CA TYR A 188 54.53 32.91 7.87
C TYR A 188 55.32 33.68 8.91
N VAL A 189 56.17 34.61 8.46
CA VAL A 189 56.83 35.53 9.39
C VAL A 189 56.44 36.95 9.00
N PRO A 190 56.11 37.81 9.96
CA PRO A 190 55.75 39.19 9.62
C PRO A 190 56.94 39.95 9.06
N SER A 191 56.64 40.87 8.14
CA SER A 191 57.65 41.78 7.64
C SER A 191 57.82 42.99 8.55
N SER A 192 56.93 43.18 9.52
CA SER A 192 57.01 44.30 10.44
C SER A 192 56.42 43.86 11.77
N THR A 193 57.25 43.81 12.80
CA THR A 193 56.79 43.47 14.16
C THR A 193 56.48 44.75 14.94
N ASP A 194 55.56 45.54 14.39
CA ASP A 194 55.17 46.81 14.97
C ASP A 194 53.65 46.86 15.09
N LYS A 195 53.17 47.07 16.31
CA LYS A 195 51.74 47.27 16.54
C LYS A 195 51.38 48.70 16.14
N ASN A 196 50.14 49.11 16.44
CA ASN A 196 49.56 50.35 15.94
C ASN A 196 49.53 50.38 14.41
N GLN A 197 49.60 49.20 13.80
CA GLN A 197 49.62 49.04 12.35
C GLN A 197 49.20 47.62 12.03
N LEU A 198 49.19 47.28 10.75
CA LEU A 198 48.86 45.92 10.33
C LEU A 198 50.15 45.11 10.16
N VAL A 199 50.21 43.96 10.82
CA VAL A 199 51.34 43.06 10.71
C VAL A 199 51.00 41.89 9.78
N ASP A 200 50.02 42.05 8.90
CA ASP A 200 49.52 40.97 8.07
C ASP A 200 50.37 40.70 6.84
N ILE A 201 51.31 41.57 6.50
CA ILE A 201 52.17 41.34 5.34
C ILE A 201 53.30 40.40 5.74
N SER A 202 53.43 39.31 5.00
CA SER A 202 54.52 38.37 5.25
C SER A 202 55.83 38.93 4.75
N LEU A 203 56.93 38.35 5.22
CA LEU A 203 58.23 38.75 4.71
C LEU A 203 58.41 38.29 3.27
N TYR A 204 57.87 37.13 2.91
CA TYR A 204 57.98 36.64 1.55
C TYR A 204 57.28 37.58 0.57
N ASP A 205 56.04 37.97 0.87
CA ASP A 205 55.30 38.82 -0.04
C ASP A 205 55.95 40.19 -0.17
N HIS A 206 56.38 40.77 0.94
CA HIS A 206 57.05 42.07 0.89
C HIS A 206 58.33 42.00 0.10
N SER A 207 59.15 40.96 0.33
CA SER A 207 60.41 40.84 -0.38
C SER A 207 60.22 40.56 -1.86
N ARG A 208 59.21 39.74 -2.20
CA ARG A 208 58.92 39.46 -3.61
C ARG A 208 58.46 40.73 -4.32
N THR A 209 57.57 41.50 -3.70
CA THR A 209 57.14 42.76 -4.29
C THR A 209 58.30 43.73 -4.44
N THR A 210 59.18 43.80 -3.43
CA THR A 210 60.32 44.69 -3.51
C THR A 210 61.26 44.29 -4.64
N ALA A 211 61.51 42.98 -4.80
CA ALA A 211 62.37 42.53 -5.88
C ALA A 211 61.76 42.81 -7.25
N ALA A 212 60.46 42.59 -7.40
CA ALA A 212 59.80 42.89 -8.68
C ALA A 212 59.89 44.38 -9.00
N ILE A 213 59.60 45.23 -8.01
CA ILE A 213 59.64 46.67 -8.23
C ILE A 213 61.06 47.12 -8.55
N ALA A 214 62.05 46.57 -7.84
CA ALA A 214 63.44 46.94 -8.10
C ALA A 214 63.88 46.52 -9.49
N SER A 215 63.48 45.33 -9.94
CA SER A 215 63.83 44.90 -11.28
C SER A 215 63.22 45.82 -12.33
N ALA A 216 61.94 46.16 -12.16
CA ALA A 216 61.30 47.06 -13.12
C ALA A 216 61.95 48.43 -13.12
N ILE A 217 62.31 48.94 -11.93
CA ILE A 217 62.93 50.26 -11.84
C ILE A 217 64.32 50.25 -12.49
N TYR A 218 65.08 49.18 -12.27
CA TYR A 218 66.39 49.07 -12.90
C TYR A 218 66.29 49.05 -14.42
N ASP A 219 65.35 48.25 -14.94
CA ASP A 219 65.20 48.19 -16.39
C ASP A 219 64.75 49.53 -16.96
N TYR A 220 63.82 50.20 -16.28
CA TYR A 220 63.40 51.53 -16.69
C TYR A 220 64.58 52.49 -16.70
N PHE A 221 65.42 52.44 -15.66
CA PHE A 221 66.54 53.36 -15.56
C PHE A 221 67.54 53.12 -16.70
N GLN A 222 67.81 51.84 -17.00
CA GLN A 222 68.72 51.53 -18.10
C GLN A 222 68.15 52.01 -19.43
N ALA A 223 66.84 51.85 -19.63
CA ALA A 223 66.23 52.36 -20.86
C ALA A 223 66.26 53.88 -20.92
N GLU A 224 66.03 54.55 -19.80
CA GLU A 224 65.99 56.00 -19.76
C GLU A 224 67.36 56.65 -19.65
N ASN A 225 68.43 55.86 -19.58
CA ASN A 225 69.79 56.36 -19.45
C ASN A 225 69.94 57.26 -18.21
N ILE A 226 69.62 56.68 -17.06
CA ILE A 226 69.76 57.34 -15.77
C ILE A 226 70.88 56.65 -15.02
N THR A 227 71.94 57.40 -14.70
CA THR A 227 73.08 56.90 -13.95
C THR A 227 73.31 57.68 -12.66
N ASP A 228 72.30 58.38 -12.18
CA ASP A 228 72.38 59.24 -11.01
C ASP A 228 71.30 58.85 -10.00
N TYR A 229 71.27 57.57 -9.64
CA TYR A 229 70.23 57.05 -8.77
C TYR A 229 70.09 57.86 -7.49
N GLN A 230 71.21 58.39 -6.96
CA GLN A 230 71.14 59.18 -5.75
C GLN A 230 70.30 60.43 -5.94
N LYS A 231 70.67 61.27 -6.89
CA LYS A 231 69.91 62.49 -7.15
C LYS A 231 68.47 62.17 -7.51
N GLU A 232 68.26 61.13 -8.31
CA GLU A 232 66.95 60.89 -8.90
C GLU A 232 66.01 60.18 -7.92
N LEU A 233 66.53 59.53 -6.88
CA LEU A 233 65.72 58.79 -5.92
C LEU A 233 65.82 59.32 -4.50
N PHE A 234 67.03 59.45 -3.94
CA PHE A 234 67.21 59.71 -2.52
C PHE A 234 67.55 61.16 -2.19
N ASP A 235 68.29 61.85 -3.06
CA ASP A 235 68.71 63.21 -2.75
C ASP A 235 67.51 64.12 -2.48
N TYR A 236 66.40 63.84 -3.13
CA TYR A 236 65.11 64.44 -2.84
C TYR A 236 64.12 63.33 -2.53
N ASN A 237 62.85 63.69 -2.38
CA ASN A 237 61.83 62.72 -2.01
C ASN A 237 61.31 61.92 -3.20
N ALA A 238 62.03 61.96 -4.33
CA ALA A 238 61.68 61.19 -5.53
C ALA A 238 60.28 61.52 -6.01
N THR A 239 59.84 62.76 -5.84
CA THR A 239 58.51 63.16 -6.30
C THR A 239 58.41 63.06 -7.83
N GLU A 240 59.44 63.54 -8.52
CA GLU A 240 59.43 63.47 -9.99
C GLU A 240 59.46 62.02 -10.46
N PHE A 241 60.26 61.17 -9.79
CA PHE A 241 60.23 59.76 -10.13
C PHE A 241 58.89 59.14 -9.77
N TYR A 242 58.33 59.51 -8.62
CA TYR A 242 57.04 58.95 -8.22
C TYR A 242 55.95 59.30 -9.22
N ASP A 243 56.08 60.44 -9.89
CA ASP A 243 55.07 60.85 -10.86
C ASP A 243 55.18 60.12 -12.18
N LYS A 244 56.40 59.78 -12.62
CA LYS A 244 56.59 59.22 -13.95
C LYS A 244 56.19 57.75 -14.00
N ASN A 245 55.67 57.34 -15.15
CA ASN A 245 55.20 55.96 -15.37
C ASN A 245 56.41 55.09 -15.69
N ALA A 246 56.90 54.36 -14.68
CA ALA A 246 58.07 53.52 -14.84
C ALA A 246 57.74 52.04 -14.96
N PHE A 247 56.49 51.65 -14.73
CA PHE A 247 56.10 50.25 -14.70
C PHE A 247 54.99 49.97 -15.70
N LEU A 248 54.87 48.71 -16.07
CA LEU A 248 53.75 48.20 -16.86
C LEU A 248 53.08 47.07 -16.08
N MET A 249 51.76 47.11 -15.99
CA MET A 249 50.98 46.04 -15.39
C MET A 249 50.36 45.25 -16.53
N MET A 250 50.79 44.00 -16.69
CA MET A 250 50.38 43.18 -17.83
C MET A 250 49.34 42.14 -17.39
N ASN A 251 48.51 41.71 -18.35
CA ASN A 251 47.28 40.97 -18.07
C ASN A 251 47.08 39.76 -18.98
N PHE A 252 48.03 38.84 -19.02
CA PHE A 252 47.79 37.52 -19.62
C PHE A 252 46.40 37.02 -19.23
N ASP A 253 45.58 36.72 -20.24
CA ASP A 253 44.19 36.33 -20.04
C ASP A 253 43.83 35.25 -21.05
N MET A 254 43.56 34.04 -20.56
CA MET A 254 43.23 32.92 -21.44
C MET A 254 41.72 32.76 -21.54
N SER A 255 41.25 32.53 -22.76
CA SER A 255 39.83 32.46 -23.06
C SER A 255 39.47 31.09 -23.63
N GLY A 256 38.27 30.63 -23.28
CA GLY A 256 37.77 29.38 -23.82
C GLY A 256 38.26 28.12 -23.16
N VAL A 257 38.67 28.18 -21.89
CA VAL A 257 39.19 26.99 -21.23
C VAL A 257 38.07 26.00 -20.94
N GLN A 258 36.86 26.49 -20.65
CA GLN A 258 35.75 25.59 -20.34
C GLN A 258 35.41 24.72 -21.54
N ASN A 259 35.31 25.33 -22.71
CA ASN A 259 35.01 24.57 -23.92
C ASN A 259 36.13 23.60 -24.26
N PHE A 260 37.38 24.04 -24.12
CA PHE A 260 38.49 23.16 -24.44
C PHE A 260 38.53 21.95 -23.52
N ILE A 261 38.29 22.16 -22.22
CA ILE A 261 38.50 21.09 -21.26
C ILE A 261 37.30 20.15 -21.21
N TYR A 262 36.10 20.70 -21.02
CA TYR A 262 34.95 19.87 -20.69
C TYR A 262 34.07 19.51 -21.88
N ASN A 263 34.13 20.28 -22.97
CA ASN A 263 33.25 20.04 -24.12
C ASN A 263 33.88 18.99 -25.02
N ILE A 264 33.88 17.74 -24.51
CA ILE A 264 34.41 16.59 -25.23
C ILE A 264 33.38 15.47 -25.16
N SER A 265 33.51 14.52 -26.09
CA SER A 265 32.46 13.51 -26.24
C SER A 265 32.99 12.10 -26.43
N GLY A 266 34.23 11.82 -26.05
CA GLY A 266 34.74 10.48 -26.17
C GLY A 266 34.11 9.53 -25.16
N SER A 267 34.27 8.24 -25.42
CA SER A 267 33.85 7.24 -24.43
C SER A 267 34.73 7.33 -23.19
N LYS A 268 36.04 7.42 -23.38
CA LYS A 268 36.98 7.64 -22.28
C LYS A 268 37.29 9.13 -22.10
N ALA A 269 36.24 9.93 -21.99
CA ALA A 269 36.39 11.37 -21.84
C ALA A 269 36.53 11.81 -20.39
N LEU A 270 36.19 10.95 -19.43
CA LEU A 270 36.38 11.30 -18.02
C LEU A 270 37.86 11.27 -17.64
N LYS A 271 38.65 10.45 -18.32
CA LYS A 271 40.06 10.31 -17.96
C LYS A 271 40.88 11.52 -18.41
N SER A 272 40.44 12.22 -19.45
CA SER A 272 41.23 13.28 -20.04
C SER A 272 40.91 14.67 -19.48
N LEU A 273 39.92 14.78 -18.59
CA LEU A 273 39.58 16.08 -18.04
C LEU A 273 40.75 16.66 -17.24
N ARG A 274 41.34 15.83 -16.37
CA ARG A 274 42.48 16.28 -15.58
C ARG A 274 43.66 16.61 -16.48
N ALA A 275 43.86 15.82 -17.53
CA ALA A 275 44.95 16.08 -18.46
C ALA A 275 44.78 17.43 -19.15
N ARG A 276 43.56 17.75 -19.57
CA ARG A 276 43.32 19.03 -20.24
C ARG A 276 43.48 20.20 -19.28
N SER A 277 42.98 20.05 -18.05
CA SER A 277 43.16 21.10 -17.05
C SER A 277 44.63 21.35 -16.76
N PHE A 278 45.39 20.27 -16.58
CA PHE A 278 46.82 20.38 -16.35
C PHE A 278 47.52 21.02 -17.54
N TYR A 279 47.11 20.63 -18.75
CA TYR A 279 47.72 21.19 -19.95
C TYR A 279 47.53 22.70 -20.00
N LEU A 280 46.33 23.18 -19.73
CA LEU A 280 46.10 24.62 -19.80
C LEU A 280 46.82 25.36 -18.68
N ASP A 281 46.81 24.81 -17.47
CA ASP A 281 47.54 25.44 -16.37
C ASP A 281 49.03 25.57 -16.68
N MET A 282 49.64 24.49 -17.14
CA MET A 282 51.06 24.53 -17.43
C MET A 282 51.35 25.35 -18.67
N LEU A 283 50.40 25.43 -19.61
CA LEU A 283 50.53 26.34 -20.74
C LEU A 283 50.68 27.78 -20.27
N LEU A 284 49.78 28.20 -19.37
CA LEU A 284 49.86 29.57 -18.86
C LEU A 284 51.15 29.80 -18.09
N GLU A 285 51.54 28.85 -17.25
CA GLU A 285 52.77 29.00 -16.47
C GLU A 285 54.00 29.10 -17.38
N TYR A 286 54.06 28.23 -18.40
CA TYR A 286 55.19 28.25 -19.31
C TYR A 286 55.24 29.53 -20.14
N ILE A 287 54.08 30.03 -20.56
CA ILE A 287 54.06 31.27 -21.32
C ILE A 287 54.57 32.43 -20.47
N SER A 288 54.11 32.51 -19.22
CA SER A 288 54.59 33.56 -18.33
C SER A 288 56.08 33.45 -18.09
N ASP A 289 56.58 32.23 -17.85
CA ASP A 289 58.02 32.05 -17.64
C ASP A 289 58.82 32.43 -18.87
N ASN A 290 58.32 32.05 -20.05
CA ASN A 290 59.03 32.35 -21.29
C ASN A 290 59.12 33.85 -21.52
N LEU A 291 58.03 34.57 -21.27
CA LEU A 291 58.08 36.02 -21.45
C LEU A 291 58.99 36.66 -20.41
N LEU A 292 58.99 36.14 -19.18
CA LEU A 292 59.90 36.67 -18.17
C LEU A 292 61.36 36.50 -18.57
N GLU A 293 61.72 35.31 -19.06
CA GLU A 293 63.10 35.09 -19.47
C GLU A 293 63.44 35.85 -20.76
N LYS A 294 62.43 36.19 -21.57
CA LYS A 294 62.67 37.05 -22.72
C LYS A 294 62.88 38.50 -22.31
N LEU A 295 62.29 38.92 -21.19
CA LEU A 295 62.50 40.27 -20.66
C LEU A 295 63.61 40.32 -19.62
N GLU A 296 64.34 39.22 -19.40
CA GLU A 296 65.43 39.16 -18.43
C GLU A 296 64.94 39.53 -17.02
N LEU A 297 63.74 39.09 -16.68
CA LEU A 297 63.16 39.31 -15.37
C LEU A 297 63.06 37.99 -14.61
N SER A 298 62.87 38.11 -13.31
CA SER A 298 62.79 36.97 -12.42
C SER A 298 61.35 36.53 -12.25
N ARG A 299 61.17 35.36 -11.61
CA ARG A 299 59.84 34.87 -11.30
C ARG A 299 59.11 35.76 -10.30
N ALA A 300 59.86 36.62 -9.60
CA ALA A 300 59.25 37.54 -8.64
C ALA A 300 58.30 38.54 -9.30
N ASN A 301 58.49 38.81 -10.59
CA ASN A 301 57.65 39.77 -11.29
C ASN A 301 56.28 39.24 -11.65
N ILE A 302 56.06 37.92 -11.53
CA ILE A 302 54.71 37.36 -11.66
C ILE A 302 53.98 37.66 -10.36
N LEU A 303 53.14 38.69 -10.38
CA LEU A 303 52.36 39.02 -9.19
C LEU A 303 51.34 37.95 -8.87
N TYR A 304 50.69 37.40 -9.90
CA TYR A 304 49.74 36.31 -9.73
C TYR A 304 49.66 35.53 -11.02
N VAL A 305 49.63 34.21 -10.90
CA VAL A 305 49.42 33.32 -12.03
C VAL A 305 48.52 32.18 -11.57
N GLY A 306 47.56 31.82 -12.41
CA GLY A 306 46.62 30.75 -12.10
C GLY A 306 45.20 31.16 -12.44
N GLY A 307 44.36 30.16 -12.66
CA GLY A 307 42.98 30.42 -13.05
C GLY A 307 42.82 30.91 -14.47
N GLY A 308 43.76 30.57 -15.35
CA GLY A 308 43.74 31.09 -16.70
C GLY A 308 43.98 32.58 -16.76
N HIS A 309 44.87 33.08 -15.91
CA HIS A 309 45.08 34.52 -15.78
C HIS A 309 46.44 34.74 -15.14
N ALA A 310 47.15 35.76 -15.59
CA ALA A 310 48.47 36.08 -15.04
C ALA A 310 48.69 37.58 -15.02
N TYR A 311 49.18 38.08 -13.90
CA TYR A 311 49.54 39.47 -13.72
C TYR A 311 51.04 39.59 -13.56
N LEU A 312 51.67 40.41 -14.41
CA LEU A 312 53.11 40.61 -14.37
C LEU A 312 53.41 42.09 -14.26
N LEU A 313 54.40 42.43 -13.45
CA LEU A 313 54.87 43.80 -13.31
C LEU A 313 56.11 43.98 -14.17
N LEU A 314 56.05 44.91 -15.11
CA LEU A 314 57.08 45.06 -16.12
C LEU A 314 57.70 46.45 -16.01
N ALA A 315 58.59 46.76 -16.96
CA ALA A 315 59.22 48.07 -17.03
C ALA A 315 58.65 48.83 -18.23
N ASN A 316 58.24 50.07 -17.99
CA ASN A 316 57.64 50.90 -19.03
C ASN A 316 58.74 51.41 -19.94
N THR A 317 59.24 50.51 -20.78
CA THR A 317 60.32 50.80 -21.71
C THR A 317 59.89 50.41 -23.12
N ASN A 318 60.57 51.00 -24.11
CA ASN A 318 60.28 50.68 -25.50
C ASN A 318 60.74 49.26 -25.85
N LYS A 319 61.86 48.82 -25.29
CA LYS A 319 62.33 47.47 -25.52
C LYS A 319 61.33 46.45 -24.98
N THR A 320 60.78 46.71 -23.80
CA THR A 320 59.76 45.82 -23.24
C THR A 320 58.53 45.76 -24.12
N LYS A 321 58.10 46.91 -24.65
CA LYS A 321 56.92 46.93 -25.51
C LYS A 321 57.15 46.20 -26.82
N ALA A 322 58.35 46.35 -27.40
CA ALA A 322 58.67 45.61 -28.62
C ALA A 322 58.70 44.11 -28.37
N ILE A 323 59.30 43.69 -27.26
CA ILE A 323 59.31 42.27 -26.90
C ILE A 323 57.88 41.78 -26.69
N LEU A 324 57.03 42.60 -26.07
CA LEU A 324 55.65 42.22 -25.83
C LEU A 324 54.90 42.05 -27.14
N SER A 325 55.12 42.95 -28.10
CA SER A 325 54.47 42.82 -29.40
C SER A 325 54.90 41.55 -30.12
N ASP A 326 56.20 41.28 -30.13
CA ASP A 326 56.69 40.06 -30.79
C ASP A 326 56.16 38.81 -30.11
N PHE A 327 56.17 38.81 -28.77
CA PHE A 327 55.65 37.68 -28.00
C PHE A 327 54.18 37.46 -28.28
N GLU A 328 53.39 38.54 -28.33
CA GLU A 328 51.97 38.42 -28.59
C GLU A 328 51.71 37.89 -29.99
N HIS A 329 52.46 38.36 -30.98
CA HIS A 329 52.28 37.85 -32.34
C HIS A 329 52.60 36.36 -32.42
N ASP A 330 53.73 35.95 -31.82
CA ASP A 330 54.10 34.53 -31.85
C ASP A 330 53.06 33.68 -31.13
N LEU A 331 52.59 34.14 -29.97
CA LEU A 331 51.60 33.38 -29.22
C LEU A 331 50.28 33.26 -29.98
N LYS A 332 49.84 34.35 -30.60
CA LYS A 332 48.61 34.31 -31.38
C LYS A 332 48.74 33.35 -32.55
N THR A 333 49.87 33.39 -33.26
CA THR A 333 50.06 32.47 -34.38
C THR A 333 50.08 31.03 -33.91
N TRP A 334 50.76 30.74 -32.80
CA TRP A 334 50.80 29.37 -32.30
C TRP A 334 49.43 28.89 -31.89
N PHE A 335 48.67 29.74 -31.19
CA PHE A 335 47.34 29.33 -30.74
C PHE A 335 46.40 29.13 -31.92
N LEU A 336 46.44 30.01 -32.91
CA LEU A 336 45.63 29.82 -34.11
C LEU A 336 46.00 28.55 -34.84
N ASP A 337 47.30 28.24 -34.90
CA ASP A 337 47.76 27.04 -35.59
C ASP A 337 47.23 25.78 -34.91
N LYS A 338 47.29 25.72 -33.58
CA LYS A 338 46.90 24.52 -32.86
C LYS A 338 45.40 24.49 -32.54
N PHE A 339 44.88 25.55 -31.96
CA PHE A 339 43.47 25.65 -31.56
C PHE A 339 42.90 26.84 -32.30
N LYS A 340 42.26 26.59 -33.46
CA LYS A 340 41.89 27.66 -34.38
C LYS A 340 41.31 28.87 -33.68
N ILE A 341 40.16 28.71 -33.03
CA ILE A 341 39.60 29.74 -32.16
C ILE A 341 39.17 29.20 -30.82
N ASP A 342 39.39 27.91 -30.55
CA ASP A 342 38.93 27.32 -29.29
C ASP A 342 39.70 27.84 -28.09
N LEU A 343 40.97 28.20 -28.27
CA LEU A 343 41.77 28.76 -27.20
C LEU A 343 42.38 30.08 -27.66
N TYR A 344 42.51 31.01 -26.72
CA TYR A 344 43.04 32.34 -27.00
C TYR A 344 43.65 32.90 -25.73
N VAL A 345 44.75 33.61 -25.87
CA VAL A 345 45.38 34.34 -24.77
C VAL A 345 45.43 35.81 -25.15
N ALA A 346 44.82 36.66 -24.32
CA ALA A 346 44.81 38.10 -24.53
C ALA A 346 45.91 38.75 -23.70
N MET A 347 46.70 39.60 -24.33
CA MET A 347 47.84 40.25 -23.70
C MET A 347 47.64 41.76 -23.71
N ALA A 348 47.24 42.32 -22.57
CA ALA A 348 47.07 43.76 -22.43
C ALA A 348 47.94 44.27 -21.29
N TYR A 349 48.40 45.51 -21.42
CA TYR A 349 49.19 46.15 -20.38
C TYR A 349 48.78 47.61 -20.27
N THR A 350 49.04 48.18 -19.10
CA THR A 350 48.78 49.58 -18.83
C THR A 350 49.99 50.20 -18.17
N GLU A 351 50.20 51.48 -18.43
CA GLU A 351 51.33 52.21 -17.84
C GLU A 351 50.95 52.71 -16.46
N VAL A 352 51.75 52.36 -15.46
CA VAL A 352 51.49 52.75 -14.08
C VAL A 352 52.73 53.40 -13.51
N SER A 353 52.53 54.27 -12.53
CA SER A 353 53.62 54.98 -11.87
C SER A 353 53.76 54.50 -10.43
N ALA A 354 54.86 54.89 -9.80
CA ALA A 354 55.09 54.51 -8.41
C ALA A 354 54.02 55.10 -7.49
N ASN A 355 53.49 56.27 -7.83
CA ASN A 355 52.39 56.84 -7.05
C ASN A 355 51.12 56.01 -7.19
N ASP A 356 50.88 55.47 -8.38
CA ASP A 356 49.75 54.56 -8.56
C ASP A 356 49.93 53.30 -7.74
N LEU A 357 51.14 52.74 -7.75
CA LEU A 357 51.40 51.53 -6.96
C LEU A 357 51.30 51.81 -5.47
N MET A 358 51.74 52.97 -5.02
CA MET A 358 51.65 53.34 -3.62
C MET A 358 50.32 53.97 -3.25
N ASN A 359 49.43 54.20 -4.21
CA ASN A 359 48.11 54.80 -3.97
C ASN A 359 48.20 56.21 -3.41
N HIS A 360 49.34 56.89 -3.57
CA HIS A 360 49.46 58.25 -3.05
C HIS A 360 48.50 59.20 -3.77
N ASN A 361 48.38 59.07 -5.08
CA ASN A 361 47.46 59.90 -5.84
C ASN A 361 46.00 59.50 -5.62
N GLY A 362 45.75 58.37 -4.98
CA GLY A 362 44.40 57.99 -4.59
C GLY A 362 43.71 57.00 -5.50
N HIS A 363 44.36 56.57 -6.58
CA HIS A 363 43.72 55.70 -7.57
C HIS A 363 44.63 54.52 -7.92
N TYR A 364 45.07 53.80 -6.89
CA TYR A 364 45.72 52.50 -7.12
C TYR A 364 44.81 51.52 -7.84
N ARG A 365 43.50 51.58 -7.58
CA ARG A 365 42.56 50.67 -8.21
C ARG A 365 42.33 50.99 -9.68
N ASP A 366 42.63 52.22 -10.10
CA ASP A 366 42.50 52.57 -11.50
C ASP A 366 43.47 51.77 -12.36
N ILE A 367 44.59 51.33 -11.78
CA ILE A 367 45.51 50.44 -12.48
C ILE A 367 44.75 49.24 -13.04
N TYR A 368 44.10 48.50 -12.16
CA TYR A 368 43.40 47.30 -12.59
C TYR A 368 42.13 47.63 -13.34
N ARG A 369 41.50 48.78 -13.04
CA ARG A 369 40.34 49.20 -13.82
C ARG A 369 40.70 49.35 -15.30
N ARG A 370 41.73 50.14 -15.59
CA ARG A 370 42.08 50.36 -16.98
C ARG A 370 42.78 49.15 -17.60
N LEU A 371 43.43 48.32 -16.79
CA LEU A 371 43.96 47.06 -17.32
C LEU A 371 42.84 46.14 -17.77
N SER A 372 41.78 46.04 -16.97
CA SER A 372 40.62 45.24 -17.35
C SER A 372 39.94 45.83 -18.58
N GLN A 373 39.88 47.16 -18.66
CA GLN A 373 39.32 47.81 -19.83
C GLN A 373 40.11 47.46 -21.08
N LYS A 374 41.45 47.50 -21.00
CA LYS A 374 42.28 47.14 -22.13
C LYS A 374 42.13 45.67 -22.51
N THR A 375 42.04 44.79 -21.51
CA THR A 375 41.88 43.37 -21.79
C THR A 375 40.54 43.10 -22.48
N SER A 376 39.47 43.75 -22.02
CA SER A 376 38.17 43.61 -22.68
C SER A 376 38.21 44.15 -24.10
N ALA A 377 38.88 45.29 -24.29
CA ALA A 377 39.00 45.86 -25.63
C ALA A 377 39.74 44.92 -26.57
N LYS A 378 40.78 44.25 -26.06
CA LYS A 378 41.55 43.34 -26.89
C LYS A 378 40.81 42.04 -27.15
N LYS A 379 40.02 41.56 -26.19
CA LYS A 379 39.22 40.36 -26.40
C LYS A 379 38.01 40.62 -27.30
N ALA A 380 37.57 41.89 -27.41
CA ALA A 380 36.46 42.20 -28.29
C ALA A 380 36.86 42.17 -29.75
N ASN A 381 38.14 42.42 -30.06
CA ASN A 381 38.65 42.42 -31.42
C ASN A 381 39.91 41.56 -31.40
N ARG A 382 39.73 40.24 -31.49
CA ARG A 382 40.83 39.30 -31.26
C ARG A 382 41.72 39.16 -32.48
N TYR A 383 41.14 38.88 -33.63
CA TYR A 383 41.88 38.55 -34.84
C TYR A 383 41.79 39.68 -35.85
N THR A 384 42.90 39.92 -36.56
CA THR A 384 42.94 40.92 -37.60
C THR A 384 42.29 40.38 -38.87
N ALA A 385 42.08 41.27 -39.84
CA ALA A 385 41.43 40.83 -41.08
C ALA A 385 42.44 40.22 -42.03
N GLU A 386 43.32 39.38 -41.50
CA GLU A 386 44.06 38.38 -42.26
C GLU A 386 44.06 37.02 -41.59
N GLU A 387 43.98 36.97 -40.26
CA GLU A 387 43.83 35.70 -39.56
C GLU A 387 42.46 35.09 -39.84
N ILE A 388 41.42 35.90 -39.93
CA ILE A 388 40.09 35.41 -40.28
C ILE A 388 40.11 34.87 -41.71
N LEU A 389 40.75 35.60 -42.62
CA LEU A 389 40.85 35.14 -44.00
C LEU A 389 41.59 33.81 -44.09
N ASN A 390 42.70 33.68 -43.36
CA ASN A 390 43.43 32.42 -43.34
C ASN A 390 42.58 31.30 -42.75
N LEU A 391 41.84 31.60 -41.68
CA LEU A 391 40.97 30.61 -41.06
C LEU A 391 39.94 30.09 -42.05
N ASN A 392 39.34 30.98 -42.83
CA ASN A 392 38.33 30.56 -43.78
C ASN A 392 38.94 29.88 -45.01
N HIS A 393 40.17 30.24 -45.39
CA HIS A 393 40.80 29.58 -46.52
C HIS A 393 41.32 28.19 -46.18
N GLN A 394 41.74 27.94 -44.95
CA GLN A 394 42.22 26.61 -44.60
C GLN A 394 41.07 25.68 -44.18
N GLY A 395 40.04 25.66 -45.01
CA GLY A 395 38.88 24.81 -44.78
C GLY A 395 38.84 23.70 -45.81
N THR A 396 38.62 22.47 -45.34
CA THR A 396 38.64 21.29 -46.18
C THR A 396 37.44 20.41 -45.84
N GLU A 397 36.84 19.82 -46.87
CA GLU A 397 35.79 18.84 -46.68
C GLU A 397 36.41 17.53 -46.23
N ASN A 398 36.00 17.02 -45.07
CA ASN A 398 36.58 15.83 -44.49
C ASN A 398 35.50 14.80 -44.21
N ALA A 399 35.84 13.53 -44.43
CA ALA A 399 34.97 12.44 -44.02
C ALA A 399 35.25 11.98 -42.59
N ARG A 400 36.37 12.38 -42.01
CA ARG A 400 36.76 11.99 -40.67
C ARG A 400 36.74 13.19 -39.74
N GLU A 401 36.69 12.90 -38.44
CA GLU A 401 36.78 13.93 -37.42
C GLU A 401 37.24 13.28 -36.13
N CYS A 402 37.72 14.13 -35.21
CA CYS A 402 38.21 13.65 -33.93
C CYS A 402 37.08 13.01 -33.12
N ARG A 403 37.42 11.95 -32.39
CA ARG A 403 36.42 11.22 -31.63
C ARG A 403 35.83 12.08 -30.52
N GLU A 404 36.67 12.83 -29.80
CA GLU A 404 36.20 13.65 -28.70
C GLU A 404 36.30 15.15 -28.96
N CYS A 405 37.31 15.58 -29.71
CA CYS A 405 37.47 16.98 -30.09
C CYS A 405 36.77 17.34 -31.40
N LYS A 406 36.22 16.35 -32.13
CA LYS A 406 35.31 16.58 -33.26
C LYS A 406 35.87 17.57 -34.28
N ARG A 407 37.19 17.69 -34.37
CA ARG A 407 37.81 18.55 -35.36
C ARG A 407 38.39 17.69 -36.49
N SER A 408 38.39 18.26 -37.69
CA SER A 408 38.82 17.54 -38.87
C SER A 408 40.25 17.84 -39.29
N ASP A 409 40.95 18.71 -38.57
CA ASP A 409 42.34 19.02 -38.85
C ASP A 409 43.22 18.44 -37.76
N LEU A 410 44.51 18.30 -38.09
CA LEU A 410 45.51 17.75 -37.18
C LEU A 410 45.16 16.33 -36.75
N LEU A 411 44.49 15.58 -37.63
CA LEU A 411 44.10 14.22 -37.33
C LEU A 411 45.26 13.26 -37.50
N ILE A 412 45.15 12.11 -36.88
CA ILE A 412 46.13 11.04 -37.00
C ILE A 412 45.71 10.11 -38.12
N GLU A 413 46.68 9.68 -38.93
CA GLU A 413 46.36 8.94 -40.14
C GLU A 413 45.73 7.58 -39.85
N GLU A 414 46.07 6.95 -38.73
CA GLU A 414 45.49 5.64 -38.42
C GLU A 414 44.37 5.68 -37.39
N ASP A 415 43.97 6.88 -36.93
CA ASP A 415 42.99 6.96 -35.86
C ASP A 415 42.27 8.30 -35.94
N ASP A 416 40.96 8.27 -35.72
CA ASP A 416 40.14 9.49 -35.77
C ASP A 416 40.23 10.19 -34.42
N ILE A 417 41.33 10.90 -34.22
CA ILE A 417 41.57 11.62 -32.97
C ILE A 417 42.57 12.73 -33.26
N CYS A 418 42.42 13.86 -32.57
CA CYS A 418 43.32 14.95 -32.90
C CYS A 418 44.67 14.76 -32.20
N GLU A 419 45.68 15.46 -32.72
CA GLU A 419 47.03 15.31 -32.19
C GLU A 419 47.09 15.78 -30.74
N ILE A 420 46.49 16.93 -30.45
CA ILE A 420 46.28 17.33 -29.06
C ILE A 420 45.46 16.27 -28.34
N CYS A 421 44.49 15.70 -29.05
CA CYS A 421 43.57 14.73 -28.47
C CYS A 421 44.26 13.41 -28.13
N ASP A 422 45.33 13.07 -28.84
CA ASP A 422 46.09 11.87 -28.50
C ASP A 422 47.17 12.16 -27.46
N SER A 423 47.84 13.30 -27.56
CA SER A 423 48.86 13.65 -26.59
C SER A 423 48.25 13.81 -25.20
N LEU A 424 47.02 14.34 -25.13
CA LEU A 424 46.36 14.48 -23.84
C LEU A 424 46.03 13.12 -23.23
N GLN A 425 45.59 12.16 -24.04
CA GLN A 425 45.36 10.82 -23.53
C GLN A 425 46.66 10.19 -23.04
N LYS A 426 47.75 10.38 -23.80
CA LYS A 426 49.04 9.86 -23.36
C LYS A 426 49.45 10.43 -22.00
N VAL A 427 49.43 11.76 -21.88
CA VAL A 427 49.87 12.36 -20.62
C VAL A 427 48.91 12.03 -19.49
N SER A 428 47.63 11.84 -19.79
CA SER A 428 46.70 11.37 -18.76
C SER A 428 47.10 10.00 -18.26
N ARG A 429 47.57 9.13 -19.17
CA ARG A 429 48.09 7.84 -18.73
C ARG A 429 49.36 8.01 -17.90
N ASP A 430 50.20 8.99 -18.23
CA ASP A 430 51.42 9.23 -17.45
C ASP A 430 51.23 10.25 -16.33
N LEU A 431 50.00 10.71 -16.07
CA LEU A 431 49.76 11.65 -14.97
C LEU A 431 49.43 10.84 -13.72
N THR A 432 50.40 10.75 -12.81
CA THR A 432 50.22 10.05 -11.54
C THR A 432 50.88 10.86 -10.44
N ARG A 433 50.81 10.33 -9.21
CA ARG A 433 51.39 11.01 -8.07
C ARG A 433 52.91 11.06 -8.17
N GLU A 434 53.48 12.13 -7.61
CA GLU A 434 54.94 12.29 -7.52
C GLU A 434 55.61 12.22 -8.89
N ASN A 435 55.00 12.86 -9.88
CA ASN A 435 55.59 13.03 -11.20
C ASN A 435 55.93 14.49 -11.42
N ILE A 436 57.03 14.73 -12.11
CA ILE A 436 57.46 16.08 -12.46
C ILE A 436 57.31 16.25 -13.96
N PHE A 437 57.31 17.51 -14.39
CA PHE A 437 56.98 17.87 -15.77
C PHE A 437 58.18 18.54 -16.42
N VAL A 438 58.55 18.05 -17.60
CA VAL A 438 59.76 18.48 -18.30
C VAL A 438 59.36 19.13 -19.61
N ILE A 439 59.84 20.35 -19.84
CA ILE A 439 59.57 21.09 -21.06
C ILE A 439 60.88 21.13 -21.85
N ALA A 440 60.95 20.31 -22.89
CA ALA A 440 62.15 20.24 -23.73
C ALA A 440 61.77 20.33 -25.21
N ASN A 441 62.75 20.15 -26.08
CA ASN A 441 62.47 20.12 -27.52
C ASN A 441 61.66 18.90 -27.91
N GLU A 442 61.73 17.82 -27.13
CA GLU A 442 60.97 16.62 -27.36
C GLU A 442 60.00 16.38 -26.21
N GLY A 443 58.84 15.82 -26.53
CA GLY A 443 57.85 15.57 -25.49
C GLY A 443 56.56 15.08 -26.11
N VAL A 444 55.48 15.17 -25.32
CA VAL A 444 54.17 14.70 -25.73
C VAL A 444 53.31 15.88 -26.13
N LEU A 445 53.06 16.78 -25.19
CA LEU A 445 52.17 17.91 -25.44
C LEU A 445 52.92 19.04 -26.13
N ASP A 446 52.33 19.58 -27.20
CA ASP A 446 52.92 20.70 -27.89
C ASP A 446 52.82 21.96 -27.04
N MET A 447 53.89 22.75 -27.05
CA MET A 447 54.00 23.99 -26.30
C MET A 447 54.42 25.10 -27.25
N PRO A 448 54.13 26.35 -26.93
CA PRO A 448 54.54 27.45 -27.80
C PRO A 448 56.05 27.60 -27.84
N PHE A 449 56.52 28.29 -28.88
CA PHE A 449 57.94 28.61 -29.06
C PHE A 449 58.78 27.34 -29.24
N GLY A 450 58.23 26.38 -29.98
CA GLY A 450 58.99 25.20 -30.37
C GLY A 450 59.41 24.31 -29.23
N LYS A 451 58.54 24.10 -28.25
CA LYS A 451 58.84 23.25 -27.11
C LYS A 451 57.76 22.19 -26.96
N LYS A 452 58.09 21.13 -26.22
CA LYS A 452 57.14 20.06 -25.94
C LYS A 452 57.28 19.69 -24.46
N MET A 453 56.19 19.15 -23.92
CA MET A 453 56.08 18.88 -22.49
C MET A 453 55.75 17.41 -22.25
N SER A 454 56.40 16.83 -21.24
CA SER A 454 56.15 15.47 -20.81
C SER A 454 55.98 15.44 -19.30
N ALA A 455 55.18 14.47 -18.83
CA ALA A 455 55.00 14.23 -17.40
C ALA A 455 55.88 13.08 -16.92
N LEU A 456 57.07 12.97 -17.48
CA LEU A 456 57.98 11.86 -17.18
C LEU A 456 58.52 11.95 -15.76
N SER A 457 58.91 10.80 -15.22
CA SER A 457 59.20 10.67 -13.80
C SER A 457 60.51 11.34 -13.43
N TYR A 458 60.82 11.28 -12.13
CA TYR A 458 62.01 11.95 -11.59
C TYR A 458 63.30 11.35 -12.13
N SER A 459 63.41 10.01 -12.14
CA SER A 459 64.66 9.37 -12.52
C SER A 459 65.00 9.66 -13.98
N GLN A 460 64.04 9.46 -14.87
CA GLN A 460 64.25 9.74 -16.29
C GLN A 460 64.22 11.22 -16.62
N ALA A 461 63.96 12.08 -15.64
CA ALA A 461 64.21 13.51 -15.79
C ALA A 461 65.63 13.89 -15.41
N ASP A 462 66.23 13.19 -14.45
CA ASP A 462 67.61 13.46 -14.09
C ASP A 462 68.54 13.19 -15.27
N LYS A 463 68.30 12.11 -16.00
CA LYS A 463 69.02 11.91 -17.26
C LYS A 463 68.32 12.62 -18.42
N LEU A 464 67.93 13.87 -18.19
CA LEU A 464 67.44 14.76 -19.24
C LEU A 464 67.95 16.19 -19.12
N LYS A 465 68.39 16.62 -17.93
CA LYS A 465 68.91 17.96 -17.71
C LYS A 465 70.39 17.98 -17.36
N LYS A 466 70.92 16.87 -16.84
CA LYS A 466 72.34 16.83 -16.48
C LYS A 466 73.23 17.04 -17.70
N SER A 467 72.73 16.70 -18.89
CA SER A 467 73.45 17.00 -20.13
C SER A 467 72.40 17.28 -21.20
N ASN A 468 72.08 18.56 -21.37
CA ASN A 468 71.10 19.03 -22.34
C ASN A 468 71.11 20.56 -22.30
N ALA A 469 70.44 21.16 -23.28
CA ALA A 469 70.36 22.61 -23.40
C ALA A 469 68.92 23.06 -23.28
N GLU A 470 68.66 23.97 -22.34
CA GLU A 470 67.36 24.59 -22.15
C GLU A 470 66.27 23.54 -21.90
N VAL A 471 66.41 22.86 -20.77
CA VAL A 471 65.42 21.93 -20.26
C VAL A 471 64.84 22.52 -18.98
N GLN A 472 63.51 22.64 -18.93
CA GLN A 472 62.81 23.23 -17.80
C GLN A 472 62.06 22.14 -17.06
N ILE A 473 62.27 22.07 -15.74
CA ILE A 473 61.65 21.07 -14.89
C ILE A 473 60.60 21.74 -14.02
N TYR A 474 59.40 21.18 -14.01
CA TYR A 474 58.31 21.66 -13.16
C TYR A 474 57.87 20.53 -12.27
N ALA A 475 57.74 20.81 -10.97
CA ALA A 475 57.37 19.79 -10.01
C ALA A 475 56.30 20.33 -9.06
N LYS A 476 55.47 19.43 -8.55
CA LYS A 476 54.48 19.82 -7.57
C LYS A 476 55.13 20.06 -6.20
N ASN A 477 56.07 19.20 -5.82
CA ASN A 477 56.76 19.31 -4.55
C ASN A 477 58.26 19.46 -4.80
N ILE A 478 58.89 20.35 -4.04
CA ILE A 478 60.32 20.59 -4.13
C ILE A 478 60.94 20.22 -2.79
N SER A 479 61.85 19.25 -2.81
CA SER A 479 62.66 18.90 -1.65
C SER A 479 64.10 19.21 -1.99
N GLU A 480 64.85 19.67 -0.98
CA GLU A 480 66.22 20.17 -1.18
C GLU A 480 66.20 21.32 -2.19
N ILE A 481 65.62 22.43 -1.73
CA ILE A 481 65.27 23.55 -2.60
C ILE A 481 66.47 24.02 -3.41
N GLY A 482 67.63 24.09 -2.79
CA GLY A 482 68.82 24.59 -3.48
C GLY A 482 69.21 23.82 -4.72
N GLN A 483 69.67 22.59 -4.56
CA GLN A 483 70.11 21.78 -5.68
C GLN A 483 68.92 21.13 -6.38
N ASN A 484 69.18 20.61 -7.58
CA ASN A 484 68.14 20.08 -8.46
C ASN A 484 67.11 21.16 -8.80
N LEU A 485 67.60 22.16 -9.55
CA LEU A 485 66.81 23.33 -9.92
C LEU A 485 65.53 22.96 -10.66
N MET A 486 64.38 23.17 -10.02
CA MET A 486 63.08 23.02 -10.64
C MET A 486 62.24 24.26 -10.37
N THR A 487 61.06 24.30 -10.98
CA THR A 487 60.08 25.34 -10.73
C THR A 487 58.85 24.69 -10.13
N ARG A 488 58.42 25.17 -8.97
CA ARG A 488 57.27 24.58 -8.30
C ARG A 488 55.98 25.10 -8.92
N ILE A 489 55.11 24.19 -9.30
CA ILE A 489 53.80 24.52 -9.85
C ILE A 489 52.74 23.93 -8.94
N ASP A 490 51.77 24.76 -8.54
CA ASP A 490 50.71 24.36 -7.63
C ASP A 490 49.39 24.28 -8.40
N MET A 491 48.67 23.18 -8.21
CA MET A 491 47.36 23.00 -8.80
C MET A 491 46.66 21.84 -8.12
N GLY A 492 45.37 21.98 -7.86
CA GLY A 492 44.60 20.91 -7.26
C GLY A 492 44.52 19.70 -8.17
N ASP A 493 45.13 18.58 -7.74
CA ASP A 493 45.20 17.40 -8.58
C ASP A 493 45.03 16.11 -7.77
N TYR A 494 44.32 16.17 -6.65
CA TYR A 494 44.13 14.98 -5.83
C TYR A 494 43.23 14.00 -6.58
N THR A 495 43.77 12.84 -6.95
CA THR A 495 43.00 11.78 -7.59
C THR A 495 43.03 10.57 -6.68
N TYR A 496 41.87 10.25 -6.09
CA TYR A 496 41.77 9.04 -5.28
C TYR A 496 42.01 7.80 -6.13
N ARG A 497 41.43 7.77 -7.33
CA ARG A 497 41.59 6.63 -8.24
C ARG A 497 41.17 7.10 -9.62
N SER A 498 42.08 7.00 -10.59
CA SER A 498 41.83 7.54 -11.92
C SER A 498 40.88 6.67 -12.75
N ASP A 499 40.50 5.49 -12.28
CA ASP A 499 39.68 4.60 -13.08
C ASP A 499 38.27 5.14 -13.27
N PHE A 500 37.71 5.78 -12.23
CA PHE A 500 36.37 6.35 -12.24
C PHE A 500 35.29 5.27 -12.29
N HIS A 501 35.70 4.02 -12.45
CA HIS A 501 34.78 2.90 -12.54
C HIS A 501 34.94 1.95 -11.35
N GLU A 502 36.17 1.54 -11.05
CA GLU A 502 36.40 0.77 -9.84
C GLU A 502 36.11 1.61 -8.60
N MET A 503 36.38 2.91 -8.67
CA MET A 503 36.03 3.81 -7.58
C MET A 503 34.54 3.79 -7.30
N LEU A 504 33.71 3.80 -8.35
CA LEU A 504 32.28 3.62 -8.15
C LEU A 504 31.96 2.24 -7.64
N GLU A 505 32.57 1.20 -8.21
CA GLU A 505 32.40 -0.14 -7.67
C GLU A 505 33.38 -0.37 -6.53
N GLU A 506 33.47 0.60 -5.64
CA GLU A 506 34.10 0.48 -4.34
C GLU A 506 33.15 0.80 -3.20
N VAL A 507 32.17 1.66 -3.42
CA VAL A 507 31.12 1.91 -2.44
C VAL A 507 30.09 0.79 -2.52
N GLU A 508 29.53 0.42 -1.37
CA GLU A 508 28.62 -0.72 -1.29
C GLU A 508 27.17 -0.34 -1.06
N VAL A 509 26.90 0.81 -0.43
CA VAL A 509 25.55 1.25 -0.14
C VAL A 509 25.35 2.61 -0.79
N GLY A 510 24.25 2.75 -1.53
CA GLY A 510 23.90 3.96 -2.24
C GLY A 510 23.53 3.65 -3.66
N ILE A 511 23.27 4.70 -4.43
CA ILE A 511 22.96 4.57 -5.85
C ILE A 511 24.24 4.76 -6.63
N ASN A 512 24.40 3.96 -7.70
CA ASN A 512 25.62 3.98 -8.51
C ASN A 512 25.62 5.25 -9.36
N ARG A 513 26.01 6.35 -8.74
CA ARG A 513 25.99 7.65 -9.39
C ARG A 513 27.30 8.38 -9.14
N LEU A 514 27.73 9.14 -10.15
CA LEU A 514 28.86 10.05 -9.98
C LEU A 514 28.39 11.36 -9.40
N GLY A 515 29.24 11.96 -8.57
CA GLY A 515 29.00 13.27 -8.00
C GLY A 515 29.97 14.28 -8.59
N VAL A 516 29.42 15.39 -9.07
CA VAL A 516 30.21 16.49 -9.62
C VAL A 516 29.99 17.70 -8.73
N LEU A 517 31.08 18.22 -8.17
CA LEU A 517 31.03 19.42 -7.34
C LEU A 517 31.71 20.56 -8.08
N ARG A 518 31.05 21.72 -8.11
CA ARG A 518 31.60 22.93 -8.70
C ARG A 518 31.37 24.06 -7.71
N ALA A 519 32.46 24.54 -7.10
CA ALA A 519 32.38 25.60 -6.11
C ALA A 519 33.07 26.85 -6.64
N ASP A 520 32.62 28.01 -6.14
CA ASP A 520 33.14 29.28 -6.61
C ASP A 520 32.94 30.32 -5.52
N VAL A 521 33.98 31.11 -5.25
CA VAL A 521 33.89 32.16 -4.24
C VAL A 521 33.01 33.29 -4.74
N ASP A 522 32.07 33.72 -3.91
CA ASP A 522 31.20 34.83 -4.28
C ASP A 522 31.95 36.15 -4.19
N ASN A 523 31.87 36.94 -5.26
CA ASN A 523 32.33 38.33 -5.27
C ASN A 523 33.80 38.45 -4.85
N LEU A 524 34.63 37.59 -5.43
CA LEU A 524 36.07 37.73 -5.21
C LEU A 524 36.61 38.94 -5.95
N GLY A 525 36.11 39.21 -7.15
CA GLY A 525 36.51 40.41 -7.87
C GLY A 525 36.14 41.67 -7.12
N GLN A 526 34.96 41.69 -6.50
CA GLN A 526 34.57 42.83 -5.70
C GLN A 526 35.48 43.00 -4.49
N ALA A 527 35.91 41.89 -3.89
CA ALA A 527 36.85 41.97 -2.77
C ALA A 527 38.20 42.51 -3.22
N PHE A 528 38.65 42.12 -4.42
CA PHE A 528 39.90 42.65 -4.94
C PHE A 528 39.78 44.11 -5.31
N ILE A 529 38.60 44.55 -5.73
CA ILE A 529 38.41 45.95 -6.10
C ILE A 529 38.32 46.83 -4.85
N ASN A 530 37.31 46.60 -4.01
CA ASN A 530 37.05 47.48 -2.87
C ASN A 530 36.97 46.74 -1.54
N GLY A 531 37.35 45.47 -1.49
CA GLY A 531 37.31 44.75 -0.23
C GLY A 531 38.32 45.27 0.77
N ILE A 532 39.50 45.62 0.30
CA ILE A 532 40.55 46.15 1.18
C ILE A 532 40.30 47.65 1.39
N PRO A 533 40.34 48.15 2.61
CA PRO A 533 40.15 49.59 2.83
C PRO A 533 41.22 50.41 2.11
N ASP A 534 40.83 51.61 1.70
CA ASP A 534 41.72 52.44 0.89
C ASP A 534 43.00 52.76 1.64
N ASP A 535 42.93 52.91 2.96
CA ASP A 535 44.13 53.26 3.73
C ASP A 535 45.17 52.15 3.66
N TYR A 536 44.75 50.90 3.75
CA TYR A 536 45.67 49.76 3.69
C TYR A 536 45.76 49.19 2.27
N LEU A 537 46.04 50.02 1.29
CA LEU A 537 46.15 49.59 -0.10
C LEU A 537 47.60 49.65 -0.53
N SER A 538 48.15 48.50 -0.93
CA SER A 538 49.52 48.43 -1.41
C SER A 538 49.65 47.20 -2.28
N ILE A 539 50.75 47.15 -3.03
CA ILE A 539 51.00 45.98 -3.87
C ILE A 539 51.32 44.76 -3.02
N SER A 540 51.97 44.97 -1.86
CA SER A 540 52.27 43.85 -0.97
C SER A 540 51.00 43.24 -0.39
N ARG A 541 50.07 44.08 0.06
CA ARG A 541 48.82 43.56 0.62
C ARG A 541 47.98 42.85 -0.44
N THR A 542 47.94 43.42 -1.63
CA THR A 542 47.25 42.77 -2.74
C THR A 542 47.86 41.41 -3.06
N ALA A 543 49.19 41.35 -3.09
CA ALA A 543 49.87 40.08 -3.34
C ALA A 543 49.61 39.09 -2.22
N THR A 544 49.57 39.55 -0.97
CA THR A 544 49.30 38.67 0.15
C THR A 544 47.91 38.06 0.05
N PHE A 545 46.91 38.88 -0.28
CA PHE A 545 45.55 38.37 -0.44
C PHE A 545 45.47 37.38 -1.60
N SER A 546 46.09 37.72 -2.73
CA SER A 546 46.07 36.83 -3.89
C SER A 546 46.73 35.49 -3.57
N ARG A 547 47.89 35.53 -2.91
CA ARG A 547 48.60 34.31 -2.56
C ARG A 547 47.81 33.48 -1.56
N ALA A 548 47.16 34.14 -0.59
CA ALA A 548 46.32 33.41 0.35
C ALA A 548 45.24 32.62 -0.38
N MET A 549 44.51 33.30 -1.28
CA MET A 549 43.43 32.63 -1.99
C MET A 549 43.95 31.47 -2.84
N SER A 550 45.01 31.72 -3.62
CA SER A 550 45.50 30.71 -4.54
C SER A 550 46.08 29.51 -3.79
N ARG A 551 46.89 29.76 -2.76
CA ARG A 551 47.46 28.66 -2.00
C ARG A 551 46.38 27.87 -1.30
N PHE A 552 45.37 28.55 -0.73
CA PHE A 552 44.24 27.82 -0.17
C PHE A 552 43.70 26.85 -1.19
N PHE A 553 43.20 27.37 -2.32
CA PHE A 553 42.52 26.48 -3.25
C PHE A 553 43.42 25.33 -3.64
N LYS A 554 44.53 25.61 -4.32
CA LYS A 554 45.36 24.52 -4.81
C LYS A 554 45.87 23.61 -3.68
N ASN A 555 46.76 24.16 -2.84
CA ASN A 555 47.48 23.33 -1.90
C ASN A 555 46.54 22.76 -0.85
N TYR A 556 45.68 23.59 -0.27
CA TYR A 556 44.88 23.11 0.83
C TYR A 556 43.78 22.18 0.37
N LEU A 557 43.21 22.36 -0.83
CA LEU A 557 42.27 21.36 -1.31
C LEU A 557 42.95 20.01 -1.47
N ASN A 558 44.17 20.01 -2.03
CA ASN A 558 44.90 18.75 -2.13
C ASN A 558 45.10 18.13 -0.75
N GLN A 559 45.59 18.91 0.20
CA GLN A 559 45.91 18.37 1.53
C GLN A 559 44.66 17.91 2.27
N LEU A 560 43.59 18.69 2.20
CA LEU A 560 42.35 18.34 2.89
C LEU A 560 41.74 17.08 2.31
N LEU A 561 41.76 16.92 0.99
CA LEU A 561 41.23 15.71 0.41
C LEU A 561 42.14 14.52 0.69
N ALA A 562 43.44 14.76 0.90
CA ALA A 562 44.33 13.69 1.31
C ALA A 562 44.22 13.36 2.79
N GLU A 563 43.64 14.26 3.60
CA GLU A 563 43.55 14.02 5.04
C GLU A 563 42.79 12.74 5.34
N LYS A 564 41.59 12.60 4.77
CA LYS A 564 40.85 11.35 4.80
C LYS A 564 40.58 10.91 3.37
N SER A 565 40.55 9.61 3.15
CA SER A 565 40.54 9.09 1.79
C SER A 565 39.20 9.31 1.12
N TYR A 566 38.89 10.57 0.80
CA TYR A 566 37.71 10.86 0.00
C TYR A 566 37.83 10.24 -1.37
N LYS A 567 36.74 9.68 -1.87
CA LYS A 567 36.71 9.09 -3.22
C LYS A 567 36.44 10.19 -4.24
N ILE A 568 37.35 11.15 -4.28
CA ILE A 568 37.24 12.32 -5.15
C ILE A 568 38.40 12.30 -6.15
N ASN A 569 38.15 12.87 -7.32
CA ASN A 569 39.08 12.84 -8.45
C ASN A 569 39.23 14.25 -9.03
N VAL A 570 39.63 15.19 -8.17
CA VAL A 570 39.72 16.62 -8.49
C VAL A 570 40.25 16.84 -9.90
N ILE A 571 39.48 17.56 -10.71
CA ILE A 571 39.88 17.90 -12.06
C ILE A 571 40.62 19.22 -12.08
N TYR A 572 40.14 20.19 -11.30
CA TYR A 572 40.73 21.52 -11.29
C TYR A 572 40.38 22.20 -9.97
N ALA A 573 41.37 22.83 -9.34
CA ALA A 573 41.13 23.74 -8.24
C ALA A 573 41.53 25.17 -8.60
N GLY A 574 42.79 25.38 -8.96
CA GLY A 574 43.20 26.68 -9.51
C GLY A 574 42.86 27.84 -8.60
N GLY A 575 42.21 28.85 -9.17
CA GLY A 575 41.88 30.04 -8.42
C GLY A 575 40.41 30.38 -8.45
N ASP A 576 39.80 30.50 -7.26
CA ASP A 576 38.42 30.94 -7.08
C ASP A 576 37.42 29.88 -7.50
N ASP A 577 37.88 28.81 -8.15
CA ASP A 577 36.97 27.83 -8.74
C ASP A 577 37.33 26.45 -8.21
N LEU A 578 36.55 25.47 -8.64
CA LEU A 578 36.71 24.09 -8.19
C LEU A 578 35.90 23.17 -9.08
N PHE A 579 36.49 22.07 -9.53
CA PHE A 579 35.77 21.05 -10.29
C PHE A 579 36.28 19.69 -9.83
N MET A 580 35.41 18.93 -9.17
CA MET A 580 35.77 17.63 -8.62
C MET A 580 34.69 16.61 -8.96
N ILE A 581 35.12 15.41 -9.31
CA ILE A 581 34.22 14.32 -9.65
C ILE A 581 34.54 13.13 -8.76
N GLY A 582 33.52 12.51 -8.19
CA GLY A 582 33.74 11.35 -7.36
C GLY A 582 32.43 10.68 -7.02
N ALA A 583 32.49 9.77 -6.06
CA ALA A 583 31.28 9.15 -5.54
C ALA A 583 30.39 10.22 -4.94
N TRP A 584 29.10 10.18 -5.30
CA TRP A 584 28.21 11.30 -4.96
C TRP A 584 28.07 11.48 -3.46
N GLN A 585 28.14 10.39 -2.69
CA GLN A 585 28.07 10.52 -1.23
C GLN A 585 29.33 11.19 -0.68
N ASP A 586 30.50 10.84 -1.21
CA ASP A 586 31.73 11.51 -0.79
C ASP A 586 31.72 12.97 -1.20
N ILE A 587 31.22 13.28 -2.39
CA ILE A 587 31.14 14.67 -2.84
C ILE A 587 30.20 15.46 -1.93
N LEU A 588 29.05 14.88 -1.60
CA LEU A 588 28.10 15.56 -0.73
C LEU A 588 28.66 15.76 0.66
N ASP A 589 29.40 14.77 1.19
CA ASP A 589 30.02 14.93 2.50
C ASP A 589 31.11 15.98 2.48
N PHE A 590 31.89 16.04 1.40
CA PHE A 590 32.99 17.00 1.31
C PHE A 590 32.52 18.41 0.98
N SER A 591 31.31 18.58 0.47
CA SER A 591 30.83 19.93 0.19
C SER A 591 30.76 20.77 1.47
N ILE A 592 30.20 20.20 2.54
CA ILE A 592 30.09 20.93 3.80
C ILE A 592 31.46 21.12 4.43
N VAL A 593 32.33 20.14 4.29
CA VAL A 593 33.70 20.27 4.81
C VAL A 593 34.42 21.41 4.09
N LEU A 594 34.26 21.48 2.76
CA LEU A 594 34.85 22.56 1.98
C LEU A 594 34.30 23.91 2.42
N LYS A 595 32.99 24.01 2.59
CA LYS A 595 32.40 25.28 3.03
C LYS A 595 32.95 25.70 4.38
N GLN A 596 33.02 24.75 5.33
CA GLN A 596 33.50 25.08 6.67
C GLN A 596 34.97 25.47 6.65
N LYS A 597 35.79 24.75 5.87
CA LYS A 597 37.21 25.08 5.81
C LYS A 597 37.45 26.42 5.15
N PHE A 598 36.70 26.75 4.10
CA PHE A 598 36.81 28.07 3.49
C PHE A 598 36.37 29.16 4.45
N ALA A 599 35.28 28.91 5.19
CA ALA A 599 34.80 29.89 6.15
C ALA A 599 35.80 30.09 7.29
N ASP A 600 36.53 29.04 7.66
CA ASP A 600 37.58 29.18 8.66
C ASP A 600 38.77 29.96 8.10
N PHE A 601 39.21 29.59 6.89
CA PHE A 601 40.39 30.21 6.30
C PHE A 601 40.19 31.71 6.07
N THR A 602 39.02 32.09 5.58
CA THR A 602 38.70 33.50 5.37
C THR A 602 38.11 34.14 6.62
N GLN A 603 37.94 33.37 7.70
CA GLN A 603 37.10 33.73 8.84
C GLN A 603 35.89 34.55 8.42
N ASN A 604 35.09 33.94 7.54
CA ASN A 604 33.76 34.41 7.16
C ASN A 604 33.78 35.80 6.53
N LYS A 605 34.85 36.12 5.81
CA LYS A 605 34.89 37.36 5.06
C LYS A 605 34.52 37.18 3.60
N LEU A 606 34.62 35.96 3.08
CA LEU A 606 34.14 35.62 1.75
C LEU A 606 33.27 34.38 1.84
N SER A 607 32.26 34.31 0.99
CA SER A 607 31.37 33.17 0.92
C SER A 607 31.59 32.42 -0.38
N ILE A 608 31.20 31.15 -0.39
CA ILE A 608 31.41 30.26 -1.53
C ILE A 608 30.07 29.66 -1.94
N SER A 609 29.86 29.54 -3.24
CA SER A 609 28.68 28.93 -3.82
C SER A 609 29.07 27.64 -4.53
N ALA A 610 28.24 26.62 -4.39
CA ALA A 610 28.53 25.32 -4.97
C ALA A 610 27.30 24.78 -5.69
N GLY A 611 27.56 23.92 -6.67
CA GLY A 611 26.52 23.14 -7.32
C GLY A 611 26.95 21.69 -7.34
N ILE A 612 26.12 20.80 -6.82
CA ILE A 612 26.42 19.37 -6.77
C ILE A 612 25.50 18.67 -7.76
N GLY A 613 26.09 18.02 -8.75
CA GLY A 613 25.34 17.25 -9.72
C GLY A 613 25.49 15.76 -9.47
N MET A 614 24.46 15.00 -9.86
CA MET A 614 24.46 13.55 -9.72
C MET A 614 24.18 12.95 -11.09
N PHE A 615 25.11 12.12 -11.58
CA PHE A 615 25.03 11.57 -12.91
C PHE A 615 25.48 10.12 -12.88
N ARG A 616 25.05 9.36 -13.87
CA ARG A 616 25.55 8.01 -14.02
C ARG A 616 26.95 8.03 -14.62
N GLU A 617 27.59 6.86 -14.64
CA GLU A 617 28.96 6.78 -15.12
C GLU A 617 29.07 7.17 -16.59
N LYS A 618 28.13 6.70 -17.42
CA LYS A 618 28.20 6.91 -18.85
C LYS A 618 27.54 8.20 -19.30
N TYR A 619 27.14 9.06 -18.36
CA TYR A 619 26.63 10.37 -18.71
C TYR A 619 27.72 11.15 -19.45
N PRO A 620 27.36 11.97 -20.45
CA PRO A 620 28.38 12.74 -21.16
C PRO A 620 29.07 13.73 -20.23
N VAL A 621 30.40 13.78 -20.32
CA VAL A 621 31.16 14.66 -19.44
C VAL A 621 30.89 16.12 -19.78
N ALA A 622 30.65 16.44 -21.05
CA ALA A 622 30.28 17.79 -21.41
C ALA A 622 28.98 18.20 -20.74
N ARG A 623 28.01 17.29 -20.70
CA ARG A 623 26.75 17.62 -20.05
C ARG A 623 26.89 17.62 -18.53
N MET A 624 27.73 16.76 -17.96
CA MET A 624 28.02 16.87 -16.53
C MET A 624 28.53 18.25 -16.19
N ALA A 625 29.52 18.74 -16.94
CA ALA A 625 30.08 20.05 -16.68
C ALA A 625 29.05 21.15 -16.86
N SER A 626 28.30 21.09 -17.98
CA SER A 626 27.32 22.14 -18.25
C SER A 626 26.21 22.17 -17.20
N LEU A 627 25.68 21.01 -16.83
CA LEU A 627 24.61 20.96 -15.85
C LEU A 627 25.10 21.40 -14.48
N THR A 628 26.28 20.94 -14.05
CA THR A 628 26.77 21.35 -12.74
C THR A 628 27.11 22.84 -12.72
N GLY A 629 27.55 23.39 -13.86
CA GLY A 629 27.72 24.83 -13.94
C GLY A 629 26.41 25.58 -13.84
N ASP A 630 25.36 25.03 -14.45
CA ASP A 630 24.03 25.62 -14.31
C ASP A 630 23.56 25.60 -12.86
N LEU A 631 23.80 24.48 -12.16
CA LEU A 631 23.46 24.40 -10.74
C LEU A 631 24.26 25.39 -9.90
N GLU A 632 25.54 25.55 -10.21
CA GLU A 632 26.37 26.51 -9.48
C GLU A 632 25.89 27.93 -9.74
N ASP A 633 25.47 28.23 -10.97
CA ASP A 633 24.87 29.52 -11.28
C ASP A 633 23.57 29.72 -10.50
N ALA A 634 22.76 28.67 -10.38
CA ALA A 634 21.52 28.76 -9.61
C ALA A 634 21.81 29.06 -8.14
N ALA A 635 22.84 28.41 -7.59
CA ALA A 635 23.25 28.71 -6.23
C ALA A 635 23.72 30.14 -6.09
N LYS A 636 24.42 30.66 -7.11
CA LYS A 636 24.81 32.06 -7.11
C LYS A 636 23.63 33.00 -7.31
N ASP A 637 22.50 32.48 -7.79
CA ASP A 637 21.28 33.26 -7.93
C ASP A 637 20.43 33.28 -6.66
N TYR A 638 20.90 32.62 -5.60
CA TYR A 638 20.10 32.50 -4.38
C TYR A 638 19.87 33.87 -3.76
N LYS A 639 18.60 34.18 -3.52
CA LYS A 639 18.19 35.47 -2.95
C LYS A 639 16.93 35.22 -2.15
N PRO A 640 17.04 35.06 -0.83
CA PRO A 640 15.87 34.65 -0.03
C PRO A 640 14.71 35.62 -0.10
N ASP A 641 14.97 36.92 -0.20
CA ASP A 641 13.92 37.93 -0.24
C ASP A 641 14.04 38.75 -1.51
N GLU A 642 12.93 38.99 -2.19
CA GLU A 642 12.92 39.79 -3.41
C GLU A 642 12.76 41.27 -3.10
N ARG A 643 13.56 41.77 -2.16
CA ARG A 643 13.53 43.17 -1.78
C ARG A 643 14.95 43.73 -1.76
N ALA A 644 15.93 42.86 -1.51
CA ALA A 644 17.32 43.27 -1.42
C ALA A 644 17.90 43.53 -2.80
N VAL A 645 19.13 44.05 -2.81
CA VAL A 645 19.88 44.28 -4.04
C VAL A 645 21.04 43.30 -4.06
N GLN A 646 21.24 42.64 -5.21
CA GLN A 646 22.25 41.61 -5.41
C GLN A 646 21.91 40.36 -4.63
N ALA A 647 22.25 39.18 -5.18
CA ALA A 647 21.90 37.93 -4.55
C ALA A 647 22.76 37.67 -3.32
N THR A 648 22.21 36.88 -2.39
CA THR A 648 22.96 36.50 -1.20
C THR A 648 24.16 35.63 -1.55
N LYS A 649 23.97 34.68 -2.49
CA LYS A 649 25.05 33.95 -3.16
C LYS A 649 25.73 32.92 -2.27
N ASN A 650 25.37 32.85 -0.99
CA ASN A 650 26.03 31.90 -0.08
C ASN A 650 25.20 30.61 0.02
N ALA A 651 25.10 29.90 -1.10
CA ALA A 651 24.18 28.78 -1.21
C ALA A 651 24.82 27.63 -1.95
N VAL A 652 24.10 26.51 -1.95
CA VAL A 652 24.48 25.29 -2.64
C VAL A 652 23.26 24.73 -3.34
N THR A 653 23.45 24.19 -4.54
CA THR A 653 22.37 23.59 -5.33
C THR A 653 22.54 22.08 -5.31
N LEU A 654 21.49 21.37 -4.93
CA LEU A 654 21.54 19.92 -4.73
C LEU A 654 20.84 19.23 -5.91
N PHE A 655 21.64 18.85 -6.91
CA PHE A 655 21.25 17.92 -7.96
C PHE A 655 20.24 18.49 -8.95
N ASP A 656 19.71 19.67 -8.67
CA ASP A 656 18.69 20.25 -9.53
C ASP A 656 18.49 21.71 -9.13
N ALA A 657 18.23 22.56 -10.12
CA ALA A 657 18.17 24.00 -9.91
C ALA A 657 17.02 24.41 -9.00
N THR A 658 16.06 23.53 -8.74
CA THR A 658 15.02 23.83 -7.77
C THR A 658 15.47 23.63 -6.34
N ASN A 659 16.46 22.78 -6.10
CA ASN A 659 16.93 22.48 -4.76
C ASN A 659 18.13 23.35 -4.39
N VAL A 660 17.92 24.66 -4.39
CA VAL A 660 18.93 25.63 -3.99
C VAL A 660 18.67 26.00 -2.54
N PHE A 661 19.63 25.68 -1.68
CA PHE A 661 19.54 26.01 -0.27
C PHE A 661 20.80 26.75 0.15
N SER A 662 20.66 27.64 1.12
CA SER A 662 21.83 28.27 1.69
C SER A 662 22.64 27.25 2.47
N TRP A 663 23.92 27.56 2.69
CA TRP A 663 24.81 26.61 3.35
C TRP A 663 24.36 26.33 4.78
N ASP A 664 23.96 27.36 5.52
CA ASP A 664 23.45 27.15 6.87
C ASP A 664 22.16 26.33 6.83
N THR A 665 21.25 26.68 5.92
CA THR A 665 20.02 25.91 5.76
C THR A 665 20.33 24.46 5.42
N LEU A 666 21.16 24.25 4.38
CA LEU A 666 21.54 22.89 4.01
C LEU A 666 22.04 22.12 5.22
N GLU A 667 23.13 22.59 5.82
CA GLU A 667 23.76 21.86 6.92
C GLU A 667 22.74 21.61 8.02
N ASN A 668 22.29 22.68 8.69
CA ASN A 668 21.41 22.49 9.83
C ASN A 668 20.17 21.68 9.44
N ASP A 669 19.28 22.27 8.64
CA ASP A 669 17.99 21.65 8.40
C ASP A 669 18.15 20.29 7.73
N ILE A 670 18.73 20.28 6.54
CA ILE A 670 18.72 19.05 5.74
C ILE A 670 19.52 17.96 6.41
N PHE A 671 20.70 18.28 6.99
CA PHE A 671 21.50 17.20 7.54
C PHE A 671 20.98 16.70 8.89
N VAL A 672 20.39 17.56 9.74
CA VAL A 672 19.80 17.00 10.96
C VAL A 672 18.57 16.17 10.61
N LYS A 673 17.79 16.60 9.61
CA LYS A 673 16.65 15.79 9.19
C LYS A 673 17.10 14.46 8.60
N LEU A 674 18.17 14.47 7.81
CA LEU A 674 18.70 13.24 7.24
C LEU A 674 19.24 12.32 8.33
N ASP A 675 19.91 12.88 9.34
CA ASP A 675 20.42 12.07 10.43
C ASP A 675 19.29 11.43 11.22
N ALA A 676 18.24 12.22 11.52
CA ALA A 676 17.07 11.65 12.21
C ALA A 676 16.40 10.57 11.39
N ILE A 677 16.26 10.81 10.08
CA ILE A 677 15.63 9.82 9.21
C ILE A 677 16.46 8.54 9.16
N THR A 678 17.78 8.67 9.08
CA THR A 678 18.65 7.50 9.06
C THR A 678 18.58 6.73 10.37
N LYS A 679 18.54 7.44 11.50
CA LYS A 679 18.53 6.80 12.81
C LYS A 679 17.17 6.22 13.16
N ASN A 680 16.11 6.64 12.47
CA ASN A 680 14.77 6.13 12.72
C ASN A 680 14.22 5.21 11.64
N PHE A 681 14.90 5.07 10.50
CA PHE A 681 14.38 4.31 9.38
C PHE A 681 15.19 3.05 9.06
N GLU A 682 16.20 2.72 9.87
CA GLU A 682 17.06 1.60 9.54
C GLU A 682 16.41 0.24 9.79
N LYS A 683 15.36 0.19 10.61
CA LYS A 683 14.68 -1.06 10.90
C LYS A 683 13.33 -1.17 10.19
N LEU A 684 13.12 -0.38 9.15
CA LEU A 684 11.94 -0.52 8.31
C LEU A 684 12.06 -1.75 7.41
N ASP A 685 10.91 -2.28 7.02
CA ASP A 685 10.86 -3.41 6.10
C ASP A 685 10.90 -2.89 4.66
N GLU A 686 10.89 -3.80 3.70
CA GLU A 686 10.87 -3.39 2.30
C GLU A 686 9.55 -2.79 1.87
N THR A 687 8.50 -2.96 2.67
CA THR A 687 7.28 -2.16 2.50
C THR A 687 7.48 -0.75 3.01
N GLY A 688 8.34 -0.58 4.02
CA GLY A 688 8.66 0.75 4.51
C GLY A 688 9.36 1.62 3.48
N LYS A 689 10.20 1.01 2.63
CA LYS A 689 10.83 1.77 1.56
C LYS A 689 9.79 2.33 0.60
N ALA A 690 8.82 1.51 0.21
CA ALA A 690 7.72 2.00 -0.62
C ALA A 690 6.91 3.05 0.11
N PHE A 691 6.78 2.93 1.43
CA PHE A 691 6.08 3.94 2.21
C PHE A 691 6.82 5.28 2.16
N ILE A 692 8.16 5.24 2.19
CA ILE A 692 8.93 6.47 2.07
C ILE A 692 8.77 7.06 0.68
N TYR A 693 8.74 6.21 -0.35
CA TYR A 693 8.50 6.69 -1.71
C TYR A 693 7.15 7.40 -1.78
N ARG A 694 6.14 6.81 -1.17
CA ARG A 694 4.81 7.43 -1.15
C ARG A 694 4.83 8.73 -0.37
N LEU A 695 5.58 8.78 0.73
CA LEU A 695 5.73 10.04 1.48
C LEU A 695 6.30 11.12 0.58
N ILE A 696 7.34 10.79 -0.18
CA ILE A 696 7.96 11.77 -1.06
C ILE A 696 6.96 12.25 -2.12
N ASP A 697 6.22 11.31 -2.72
CA ASP A 697 5.24 11.69 -3.73
C ASP A 697 4.15 12.59 -3.15
N LEU A 698 3.65 12.24 -1.96
CA LEU A 698 2.62 13.04 -1.32
C LEU A 698 3.14 14.43 -0.96
N LEU A 699 4.37 14.51 -0.45
CA LEU A 699 4.95 15.80 -0.10
C LEU A 699 5.14 16.67 -1.34
N ARG A 700 5.55 16.07 -2.45
CA ARG A 700 5.67 16.83 -3.70
C ARG A 700 4.31 17.31 -4.18
N GLY A 701 3.28 16.47 -4.04
CA GLY A 701 1.96 16.85 -4.50
C GLY A 701 1.16 17.74 -3.56
N VAL A 702 1.64 17.96 -2.34
CA VAL A 702 0.93 18.77 -1.36
C VAL A 702 0.54 20.13 -1.93
N ASN A 703 1.36 20.68 -2.84
CA ASN A 703 1.11 22.01 -3.36
C ASN A 703 -0.24 22.08 -4.07
N GLU A 704 -0.58 21.05 -4.84
CA GLU A 704 -1.84 21.03 -5.60
C GLU A 704 -2.94 20.24 -4.89
N ASN A 705 -2.70 19.73 -3.68
CA ASN A 705 -3.71 19.00 -2.92
C ASN A 705 -3.51 19.35 -1.45
N GLN A 706 -4.27 20.33 -0.97
CA GLN A 706 -4.05 20.87 0.37
C GLN A 706 -4.52 19.91 1.45
N GLN A 707 -5.71 19.33 1.30
CA GLN A 707 -6.35 18.58 2.36
C GLN A 707 -6.26 17.07 2.17
N ILE A 708 -6.67 16.56 1.01
CA ILE A 708 -6.66 15.13 0.80
C ILE A 708 -5.25 14.57 0.88
N ASN A 709 -4.27 15.33 0.40
CA ASN A 709 -2.91 14.82 0.38
C ASN A 709 -2.27 14.84 1.76
N ILE A 710 -2.56 15.86 2.56
CA ILE A 710 -2.06 15.85 3.94
C ILE A 710 -2.74 14.74 4.74
N ALA A 711 -4.01 14.45 4.44
CA ALA A 711 -4.66 13.30 5.08
C ALA A 711 -4.00 11.99 4.68
N ARG A 712 -3.67 11.84 3.39
CA ARG A 712 -2.99 10.63 2.94
C ARG A 712 -1.61 10.51 3.57
N LEU A 713 -0.93 11.63 3.76
CA LEU A 713 0.36 11.63 4.44
C LEU A 713 0.20 11.19 5.90
N ALA A 714 -0.85 11.67 6.56
CA ALA A 714 -1.12 11.23 7.92
C ALA A 714 -1.38 9.72 7.98
N TYR A 715 -2.13 9.20 7.00
CA TYR A 715 -2.38 7.77 6.96
C TYR A 715 -1.08 6.99 6.73
N THR A 716 -0.22 7.48 5.84
CA THR A 716 1.05 6.80 5.59
C THR A 716 1.93 6.79 6.84
N LEU A 717 1.97 7.93 7.56
CA LEU A 717 2.71 7.97 8.81
C LEU A 717 2.12 7.02 9.84
N SER A 718 0.79 6.89 9.85
CA SER A 718 0.14 5.92 10.73
C SER A 718 0.57 4.50 10.41
N ARG A 719 0.62 4.17 9.12
CA ARG A 719 1.07 2.83 8.72
C ARG A 719 2.52 2.63 9.12
N MET A 720 3.34 3.66 9.02
CA MET A 720 4.76 3.54 9.32
C MET A 720 5.06 3.49 10.81
N GLU A 721 4.22 4.10 11.65
CA GLU A 721 4.59 4.27 13.05
C GLU A 721 4.42 2.99 13.85
N GLU A 722 4.93 1.90 13.30
CA GLU A 722 5.07 0.63 14.00
C GLU A 722 6.50 0.14 14.02
N LYS A 723 7.32 0.53 13.06
CA LYS A 723 8.74 0.25 13.04
C LYS A 723 9.58 1.52 13.15
N ILE A 724 8.95 2.68 13.35
CA ILE A 724 9.68 3.93 13.53
C ILE A 724 9.28 4.67 14.80
N GLY A 725 8.16 4.35 15.43
CA GLY A 725 7.75 5.00 16.64
C GLY A 725 6.75 6.11 16.39
N LYS A 726 5.89 6.35 17.39
CA LYS A 726 4.88 7.39 17.24
C LYS A 726 5.47 8.79 17.31
N THR A 727 6.52 8.98 18.11
CA THR A 727 7.10 10.30 18.26
C THR A 727 7.71 10.80 16.95
N PHE A 728 8.38 9.92 16.20
CA PHE A 728 8.95 10.36 14.93
C PHE A 728 7.90 10.51 13.85
N ALA A 729 6.81 9.75 13.90
CA ALA A 729 5.71 10.00 12.97
C ALA A 729 5.13 11.39 13.18
N GLN A 730 4.96 11.79 14.45
CA GLN A 730 4.50 13.15 14.73
C GLN A 730 5.54 14.18 14.31
N GLU A 731 6.83 13.87 14.49
CA GLU A 731 7.87 14.80 14.05
C GLU A 731 7.85 14.98 12.54
N LEU A 732 7.68 13.90 11.79
CA LEU A 732 7.58 14.00 10.34
C LEU A 732 6.33 14.77 9.93
N TYR A 733 5.22 14.55 10.63
CA TYR A 733 4.00 15.30 10.32
C TYR A 733 4.20 16.79 10.56
N ASN A 734 4.87 17.14 11.66
CA ASN A 734 5.15 18.55 11.94
C ASN A 734 6.08 19.15 10.90
N TRP A 735 7.11 18.40 10.48
CA TRP A 735 8.02 18.88 9.45
C TRP A 735 7.29 19.10 8.14
N ALA A 736 6.36 18.19 7.79
CA ALA A 736 5.66 18.29 6.52
C ALA A 736 4.80 19.55 6.44
N ASN A 737 4.26 20.00 7.56
CA ASN A 737 3.44 21.20 7.59
C ASN A 737 4.24 22.48 7.79
N ALA A 738 5.51 22.36 8.18
CA ALA A 738 6.34 23.52 8.50
C ALA A 738 7.51 23.69 7.54
N ASP A 739 8.34 22.66 7.38
CA ASP A 739 9.53 22.71 6.53
C ASP A 739 9.44 21.55 5.56
N ARG A 740 8.77 21.77 4.42
CA ARG A 740 8.45 20.68 3.51
C ARG A 740 9.55 20.44 2.48
N LYS A 741 10.04 21.50 1.83
CA LYS A 741 11.05 21.32 0.80
C LYS A 741 12.35 20.75 1.38
N THR A 742 12.72 21.20 2.58
CA THR A 742 13.85 20.60 3.27
C THR A 742 13.58 19.13 3.61
N LEU A 743 12.35 18.82 4.03
CA LEU A 743 12.00 17.44 4.32
C LEU A 743 12.04 16.58 3.07
N ILE A 744 11.55 17.12 1.94
CA ILE A 744 11.61 16.37 0.68
C ILE A 744 13.06 16.14 0.29
N MET A 745 13.92 17.15 0.45
CA MET A 745 15.33 17.00 0.12
C MET A 745 15.97 15.90 0.97
N ALA A 746 15.71 15.94 2.28
CA ALA A 746 16.30 14.94 3.18
C ALA A 746 15.80 13.54 2.85
N LEU A 747 14.51 13.40 2.56
CA LEU A 747 13.95 12.10 2.26
C LEU A 747 14.51 11.53 0.96
N GLU A 748 14.64 12.40 -0.07
CA GLU A 748 15.22 11.94 -1.34
C GLU A 748 16.67 11.54 -1.15
N ILE A 749 17.43 12.32 -0.37
CA ILE A 749 18.82 11.96 -0.10
C ILE A 749 18.89 10.63 0.64
N TYR A 750 17.99 10.39 1.58
CA TYR A 750 17.99 9.12 2.30
C TYR A 750 17.69 7.95 1.38
N ILE A 751 16.71 8.11 0.49
CA ILE A 751 16.40 7.05 -0.47
C ILE A 751 17.60 6.76 -1.36
N LEU A 752 18.25 7.80 -1.86
CA LEU A 752 19.39 7.57 -2.76
C LEU A 752 20.57 6.95 -2.02
N LYS A 753 20.77 7.36 -0.76
CA LYS A 753 21.87 6.81 0.04
C LYS A 753 21.63 5.36 0.44
N THR A 754 20.37 4.98 0.68
CA THR A 754 20.04 3.64 1.14
C THR A 754 19.49 2.76 0.04
N ARG A 755 19.61 3.17 -1.22
CA ARG A 755 19.11 2.36 -2.32
C ARG A 755 19.95 1.10 -2.48
N GLU A 756 19.29 -0.05 -2.46
CA GLU A 756 19.98 -1.34 -2.60
C GLU A 756 19.90 -1.81 -4.05
N ARG A 757 20.54 -1.04 -4.92
CA ARG A 757 20.66 -1.34 -6.34
C ARG A 757 22.13 -1.32 -6.74
N ALA A 758 22.95 -2.02 -5.96
CA ALA A 758 24.41 -1.98 -6.07
C ALA A 758 24.89 -0.54 -5.89
N ALA A 759 26.17 -0.29 -6.12
CA ALA A 759 26.71 1.06 -5.96
C ALA A 759 28.05 1.21 -6.67
N MET B 1 9.93 43.76 -38.40
CA MET B 1 9.27 44.12 -39.65
C MET B 1 8.14 43.14 -39.95
N LYS B 2 8.51 41.88 -40.14
CA LYS B 2 7.57 40.79 -40.43
C LYS B 2 7.91 39.58 -39.59
N ILE B 3 8.05 39.79 -38.29
CA ILE B 3 8.55 38.79 -37.34
C ILE B 3 7.92 37.42 -37.53
N ILE B 4 8.74 36.42 -37.83
CA ILE B 4 8.27 35.04 -37.96
C ILE B 4 8.31 34.42 -36.56
N LYS B 5 7.15 34.37 -35.91
CA LYS B 5 7.05 33.83 -34.56
C LYS B 5 6.90 32.32 -34.64
N LEU B 6 7.79 31.60 -33.98
CA LEU B 6 7.78 30.13 -33.99
C LEU B 6 7.24 29.63 -32.66
N TYR B 7 6.19 28.84 -32.70
CA TYR B 7 5.59 28.22 -31.52
C TYR B 7 5.86 26.73 -31.60
N PHE B 8 6.71 26.23 -30.70
CA PHE B 8 7.13 24.84 -30.71
C PHE B 8 6.26 24.02 -29.77
N GLU B 9 5.68 22.94 -30.30
CA GLU B 9 4.88 22.02 -29.49
C GLU B 9 5.60 20.68 -29.29
N SER B 10 6.93 20.70 -29.36
CA SER B 10 7.74 19.53 -29.05
C SER B 10 9.12 20.02 -28.64
N PRO B 11 9.86 19.23 -27.86
CA PRO B 11 11.24 19.61 -27.53
C PRO B 11 12.09 19.71 -28.78
N VAL B 12 13.00 20.66 -28.80
CA VAL B 12 13.85 20.89 -29.96
C VAL B 12 15.26 20.43 -29.63
N HIS B 13 16.01 20.08 -30.68
CA HIS B 13 17.43 19.78 -30.57
C HIS B 13 18.18 20.64 -31.58
N PHE B 14 18.76 21.72 -31.10
CA PHE B 14 19.66 22.54 -31.89
C PHE B 14 21.07 22.27 -31.40
N GLY B 15 21.81 21.46 -32.15
CA GLY B 15 23.14 21.07 -31.72
C GLY B 15 24.18 22.11 -32.12
N GLU B 16 25.14 22.34 -31.22
CA GLU B 16 26.30 23.15 -31.53
C GLU B 16 27.39 22.30 -32.17
N LYS B 17 27.81 21.25 -31.49
CA LYS B 17 28.73 20.27 -32.06
C LYS B 17 28.36 18.83 -31.72
N ARG B 18 27.49 18.58 -30.75
CA ARG B 18 27.26 17.24 -30.23
C ARG B 18 25.77 17.00 -30.09
N LEU B 19 25.38 15.72 -30.19
CA LEU B 19 23.99 15.33 -30.06
C LEU B 19 23.49 15.42 -28.63
N SER B 20 24.39 15.35 -27.65
CA SER B 20 24.00 15.36 -26.25
C SER B 20 23.72 16.76 -25.71
N GLU B 21 24.00 17.80 -26.48
CA GLU B 21 23.77 19.18 -26.06
C GLU B 21 22.78 19.83 -27.01
N SER B 22 22.01 20.78 -26.49
CA SER B 22 21.11 21.58 -27.30
C SER B 22 21.21 23.03 -26.88
N LYS B 23 21.16 23.93 -27.86
CA LYS B 23 21.06 25.35 -27.59
C LYS B 23 19.62 25.82 -27.78
N ILE B 24 19.28 26.91 -27.11
CA ILE B 24 17.89 27.35 -27.08
C ILE B 24 17.45 28.01 -28.39
N THR B 25 18.39 28.47 -29.21
CA THR B 25 18.08 29.13 -30.47
C THR B 25 18.72 28.36 -31.61
N PHE B 26 18.37 28.76 -32.83
CA PHE B 26 19.04 28.27 -34.03
C PHE B 26 19.48 29.48 -34.87
N SER B 27 20.52 29.26 -35.67
CA SER B 27 21.15 30.35 -36.40
C SER B 27 20.44 30.59 -37.73
N ALA B 28 20.88 31.63 -38.44
CA ALA B 28 20.27 31.98 -39.72
C ALA B 28 20.71 31.03 -40.83
N ASP B 29 21.92 30.50 -40.74
CA ASP B 29 22.34 29.48 -41.70
C ASP B 29 21.56 28.19 -41.51
N THR B 30 21.19 27.86 -40.28
CA THR B 30 20.35 26.69 -40.05
C THR B 30 18.99 26.84 -40.70
N LEU B 31 18.36 28.01 -40.50
CA LEU B 31 17.07 28.27 -41.13
C LEU B 31 17.18 28.30 -42.65
N PHE B 32 18.25 28.90 -43.17
CA PHE B 32 18.44 28.95 -44.62
C PHE B 32 18.64 27.55 -45.19
N SER B 33 19.41 26.70 -44.50
CA SER B 33 19.59 25.33 -44.95
C SER B 33 18.27 24.57 -44.93
N ALA B 34 17.47 24.77 -43.88
CA ALA B 34 16.16 24.11 -43.80
C ALA B 34 15.25 24.55 -44.95
N LEU B 35 15.20 25.85 -45.22
CA LEU B 35 14.37 26.36 -46.30
C LEU B 35 14.90 25.94 -47.67
N MET B 36 16.22 25.86 -47.83
CA MET B 36 16.79 25.39 -49.08
C MET B 36 16.49 23.93 -49.31
N ILE B 37 16.51 23.13 -48.24
CA ILE B 37 16.14 21.72 -48.37
C ILE B 37 14.67 21.58 -48.73
N GLU B 38 13.81 22.41 -48.15
CA GLU B 38 12.41 22.42 -48.54
C GLU B 38 12.25 22.81 -50.01
N ALA B 39 12.98 23.82 -50.46
CA ALA B 39 12.89 24.27 -51.84
C ALA B 39 13.38 23.20 -52.81
N VAL B 40 14.45 22.49 -52.44
CA VAL B 40 14.89 21.35 -53.25
C VAL B 40 13.79 20.30 -53.31
N GLY B 41 13.15 20.03 -52.17
CA GLY B 41 12.08 19.05 -52.15
C GLY B 41 10.94 19.42 -53.09
N LEU B 42 10.58 20.71 -53.12
CA LEU B 42 9.52 21.17 -54.01
C LEU B 42 10.06 21.83 -55.27
N GLY B 43 11.37 21.77 -55.51
CA GLY B 43 11.92 21.94 -56.84
C GLY B 43 12.24 23.35 -57.30
N LYS B 44 12.42 24.31 -56.39
CA LYS B 44 12.82 25.66 -56.79
C LYS B 44 13.93 26.16 -55.88
N GLU B 45 14.97 25.36 -55.72
CA GLU B 45 16.13 25.78 -54.94
C GLU B 45 16.82 26.98 -55.58
N ASP B 46 16.85 27.04 -56.91
CA ASP B 46 17.51 28.15 -57.59
C ASP B 46 16.78 29.46 -57.36
N GLU B 47 15.44 29.44 -57.39
CA GLU B 47 14.67 30.64 -57.13
C GLU B 47 14.91 31.15 -55.72
N PHE B 48 14.90 30.25 -54.73
CA PHE B 48 15.15 30.65 -53.36
C PHE B 48 16.56 31.19 -53.18
N TYR B 49 17.55 30.56 -53.81
CA TYR B 49 18.92 31.03 -53.71
C TYR B 49 19.07 32.41 -54.33
N GLN B 50 18.43 32.64 -55.48
CA GLN B 50 18.49 33.97 -56.09
C GLN B 50 17.78 35.00 -55.24
N LEU B 51 16.67 34.63 -54.61
CA LEU B 51 15.99 35.55 -53.70
C LEU B 51 16.89 35.93 -52.53
N ALA B 52 17.59 34.95 -51.95
CA ALA B 52 18.43 35.22 -50.80
C ALA B 52 19.67 36.01 -51.17
N SER B 53 20.29 35.68 -52.32
CA SER B 53 21.53 36.34 -52.69
C SER B 53 21.30 37.76 -53.19
N ASN B 54 20.15 38.02 -53.81
CA ASN B 54 19.79 39.37 -54.25
C ASN B 54 19.12 40.18 -53.16
N ASN B 55 19.14 39.69 -51.92
CA ASN B 55 18.59 40.39 -50.75
C ASN B 55 17.07 40.55 -50.83
N LEU B 56 16.41 39.82 -51.72
CA LEU B 56 14.95 39.82 -51.72
C LEU B 56 14.41 39.23 -50.43
N VAL B 57 15.03 38.17 -49.94
CA VAL B 57 14.75 37.64 -48.61
C VAL B 57 16.04 37.64 -47.82
N LYS B 58 16.04 38.35 -46.69
CA LYS B 58 17.15 38.31 -45.76
C LYS B 58 16.59 38.33 -44.35
N PHE B 59 17.04 37.41 -43.52
CA PHE B 59 16.47 37.18 -42.22
C PHE B 59 17.57 37.10 -41.17
N SER B 60 17.23 37.54 -39.97
CA SER B 60 18.10 37.33 -38.83
C SER B 60 18.02 35.87 -38.40
N ASP B 61 18.71 35.54 -37.32
CA ASP B 61 18.58 34.22 -36.74
C ASP B 61 17.61 34.23 -35.57
N ALA B 62 17.24 33.04 -35.12
CA ALA B 62 16.16 32.90 -34.15
C ALA B 62 16.55 33.49 -32.81
N PHE B 63 15.64 34.25 -32.22
CA PHE B 63 15.80 34.86 -30.91
C PHE B 63 14.63 34.48 -30.02
N PRO B 64 14.81 34.48 -28.71
CA PRO B 64 13.70 34.14 -27.82
C PRO B 64 12.68 35.25 -27.72
N PHE B 65 11.41 34.86 -27.67
CA PHE B 65 10.34 35.76 -27.26
C PHE B 65 9.59 35.12 -26.09
N ILE B 66 9.30 35.92 -25.07
CA ILE B 66 8.64 35.46 -23.86
C ILE B 66 7.50 36.43 -23.58
N ASP B 67 6.27 36.05 -23.92
CA ASP B 67 5.07 36.84 -23.61
C ASP B 67 5.18 38.24 -24.22
N GLN B 68 5.16 38.26 -25.55
CA GLN B 68 5.29 39.47 -26.38
C GLN B 68 6.44 40.37 -25.92
N TYR B 69 7.49 39.76 -25.37
CA TYR B 69 8.77 40.41 -25.12
C TYR B 69 9.78 39.79 -26.06
N TYR B 70 10.18 40.54 -27.09
CA TYR B 70 11.15 40.06 -28.05
C TYR B 70 12.55 40.34 -27.52
N TYR B 71 13.38 39.30 -27.47
CA TYR B 71 14.71 39.41 -26.90
C TYR B 71 15.77 39.42 -28.00
N ILE B 72 16.92 39.98 -27.65
CA ILE B 72 18.07 40.11 -28.54
C ILE B 72 19.29 39.69 -27.73
N PRO B 73 20.26 38.98 -28.32
CA PRO B 73 21.47 38.65 -27.57
C PRO B 73 22.16 39.92 -27.09
N LYS B 74 22.69 39.86 -25.87
CA LYS B 74 23.34 41.02 -25.26
C LYS B 74 24.43 41.53 -26.19
N PRO B 75 24.27 42.72 -26.75
CA PRO B 75 25.24 43.21 -27.73
C PRO B 75 26.60 43.43 -27.11
N MET B 76 27.64 43.15 -27.91
CA MET B 76 29.02 43.34 -27.48
C MET B 76 29.42 44.78 -27.79
N PHE B 77 29.05 45.66 -26.86
CA PHE B 77 29.26 47.09 -27.01
C PHE B 77 30.60 47.51 -26.43
N ASN B 78 31.20 48.52 -27.05
CA ASN B 78 32.43 49.11 -26.55
C ASN B 78 32.20 50.03 -25.36
N LEU B 79 30.99 50.06 -24.81
CA LEU B 79 30.70 50.84 -23.62
C LEU B 79 31.21 50.08 -22.39
N LYS B 80 30.69 50.45 -21.21
CA LYS B 80 31.21 50.16 -19.87
C LYS B 80 32.32 51.14 -19.55
N LEU B 81 32.50 52.13 -20.44
CA LEU B 81 33.44 53.22 -20.21
C LEU B 81 33.06 54.10 -19.03
N GLU B 82 31.92 53.84 -18.36
CA GLU B 82 31.60 54.55 -17.14
C GLU B 82 32.48 54.02 -16.02
N LYS B 83 33.64 54.64 -15.83
CA LYS B 83 34.70 54.10 -14.97
C LYS B 83 34.67 54.68 -13.57
N GLU B 84 33.48 54.94 -13.03
CA GLU B 84 33.33 55.47 -11.69
C GLU B 84 32.57 54.53 -10.76
N ASP B 85 31.40 54.06 -11.16
CA ASP B 85 30.52 53.31 -10.27
C ASP B 85 29.87 52.18 -11.06
N GLU B 86 28.80 51.61 -10.51
CA GLU B 86 27.99 50.59 -11.15
C GLU B 86 28.77 49.30 -11.35
N ASN B 87 28.18 48.35 -12.06
CA ASN B 87 28.83 47.08 -12.41
C ASN B 87 28.66 46.80 -13.89
N PRO B 88 29.28 47.62 -14.76
CA PRO B 88 29.14 47.41 -16.20
C PRO B 88 29.97 46.22 -16.65
N SER B 89 29.31 45.24 -17.28
CA SER B 89 29.90 43.98 -17.72
C SER B 89 30.42 43.14 -16.57
N LYS B 90 30.07 43.48 -15.33
CA LYS B 90 30.38 42.62 -14.18
C LYS B 90 29.20 41.70 -13.88
N ALA B 91 28.03 42.27 -13.59
CA ALA B 91 26.81 41.50 -13.54
C ALA B 91 26.16 41.36 -14.91
N PHE B 92 26.66 42.10 -15.91
CA PHE B 92 26.27 41.91 -17.30
C PHE B 92 27.15 40.87 -17.98
N LYS B 93 27.29 39.71 -17.35
CA LYS B 93 27.98 38.58 -17.94
C LYS B 93 27.15 37.31 -17.97
N LYS B 94 26.29 37.10 -16.98
CA LYS B 94 25.32 36.03 -17.02
C LYS B 94 24.06 36.43 -17.78
N LEU B 95 23.97 37.68 -18.21
CA LEU B 95 22.85 38.19 -19.00
C LEU B 95 23.15 37.94 -20.47
N LEU B 96 22.47 36.97 -21.06
CA LEU B 96 22.72 36.58 -22.45
C LEU B 96 21.82 37.29 -23.44
N TYR B 97 20.57 37.55 -23.07
CA TYR B 97 19.60 38.16 -23.97
C TYR B 97 18.98 39.38 -23.30
N VAL B 98 18.94 40.49 -24.01
CA VAL B 98 18.31 41.71 -23.53
C VAL B 98 17.07 41.96 -24.38
N PRO B 99 15.99 42.50 -23.81
CA PRO B 99 14.82 42.84 -24.63
C PRO B 99 15.18 43.86 -25.69
N ILE B 100 14.59 43.69 -26.87
CA ILE B 100 14.92 44.56 -27.99
C ILE B 100 14.47 45.99 -27.74
N ASP B 101 13.35 46.18 -27.04
CA ASP B 101 12.88 47.53 -26.75
C ASP B 101 13.68 48.19 -25.63
N SER B 102 14.12 47.41 -24.64
CA SER B 102 14.90 47.91 -23.52
C SER B 102 16.37 48.10 -23.87
N LEU B 103 16.69 48.17 -25.15
CA LEU B 103 18.09 48.29 -25.57
C LEU B 103 18.65 49.68 -25.27
N GLU B 104 17.81 50.71 -25.27
CA GLU B 104 18.29 52.04 -24.92
C GLU B 104 18.56 52.15 -23.43
N ASP B 105 17.79 51.44 -22.61
CA ASP B 105 18.09 51.36 -21.18
C ASP B 105 19.44 50.68 -20.95
N TYR B 106 19.71 49.61 -21.69
CA TYR B 106 20.98 48.89 -21.55
C TYR B 106 22.14 49.74 -22.05
N LEU B 107 21.93 50.56 -23.07
CA LEU B 107 23.01 51.36 -23.63
C LEU B 107 23.55 52.36 -22.61
N SER B 108 22.67 53.05 -21.89
CA SER B 108 23.05 54.09 -20.97
C SER B 108 23.06 53.63 -19.52
N GLY B 109 22.94 52.34 -19.27
CA GLY B 109 22.85 51.82 -17.93
C GLY B 109 21.46 52.00 -17.35
N GLY B 110 21.26 51.39 -16.18
CA GLY B 110 19.97 51.38 -15.52
C GLY B 110 19.19 50.10 -15.69
N LEU B 111 19.55 49.27 -16.67
CA LEU B 111 18.95 47.95 -16.80
C LEU B 111 19.38 47.10 -15.61
N ASP B 112 18.41 46.45 -14.98
CA ASP B 112 18.70 45.60 -13.82
C ASP B 112 19.28 44.29 -14.32
N ALA B 113 20.55 44.06 -14.04
CA ALA B 113 21.21 42.83 -14.49
C ALA B 113 20.55 41.61 -13.87
N TYR B 114 20.27 41.66 -12.57
CA TYR B 114 19.62 40.53 -11.91
C TYR B 114 18.21 40.32 -12.44
N PHE B 115 17.38 41.37 -12.45
CA PHE B 115 15.98 41.22 -12.79
C PHE B 115 15.79 40.75 -14.24
N GLU B 116 16.69 41.15 -15.13
CA GLU B 116 16.59 40.74 -16.52
C GLU B 116 16.86 39.25 -16.72
N ARG B 117 17.38 38.56 -15.69
CA ARG B 117 17.73 37.15 -15.84
C ARG B 117 16.61 36.22 -15.37
N GLU B 118 16.06 36.44 -14.18
CA GLU B 118 14.93 35.61 -13.76
C GLU B 118 13.66 35.95 -14.52
N SER B 119 13.55 37.17 -15.06
CA SER B 119 12.46 37.46 -15.98
C SER B 119 12.58 36.61 -17.24
N PHE B 120 13.80 36.44 -17.73
CA PHE B 120 14.07 35.63 -18.91
C PHE B 120 14.00 34.15 -18.50
N ASN B 121 12.86 33.53 -18.73
CA ASN B 121 12.62 32.13 -18.36
C ASN B 121 11.91 31.47 -19.54
N LEU B 122 12.69 30.84 -20.42
CA LEU B 122 12.14 30.08 -21.54
C LEU B 122 12.50 28.62 -21.31
N GLY B 123 11.49 27.80 -21.06
CA GLY B 123 11.60 26.36 -20.94
C GLY B 123 12.80 25.90 -20.13
N LYS B 124 13.28 24.71 -20.46
CA LYS B 124 14.47 24.17 -19.81
C LYS B 124 15.02 23.02 -20.64
N LEU B 125 16.32 22.78 -20.48
CA LEU B 125 17.00 21.74 -21.23
C LEU B 125 16.76 20.37 -20.61
N ALA B 126 16.91 19.34 -21.42
CA ALA B 126 16.77 17.97 -20.96
C ALA B 126 17.62 17.07 -21.82
N LEU B 127 17.92 15.90 -21.29
CA LEU B 127 18.64 14.86 -22.03
C LEU B 127 17.70 13.67 -22.20
N SER B 128 17.47 13.29 -23.45
CA SER B 128 16.66 12.13 -23.79
C SER B 128 17.57 10.92 -23.93
N GLU B 129 17.29 9.87 -23.19
CA GLU B 129 18.13 8.68 -23.16
C GLU B 129 17.50 7.61 -24.03
N LYS B 130 18.25 7.13 -25.02
CA LYS B 130 17.75 6.22 -26.03
C LYS B 130 18.73 5.07 -26.22
N VAL B 131 18.31 4.08 -27.01
CA VAL B 131 19.19 3.00 -27.44
C VAL B 131 18.92 2.67 -28.89
N GLN B 132 19.89 2.01 -29.51
CA GLN B 132 19.68 1.26 -30.72
C GLN B 132 19.51 -0.20 -30.31
N GLN B 133 18.27 -0.69 -30.35
CA GLN B 133 18.01 -2.06 -29.95
C GLN B 133 18.61 -3.02 -30.96
N HIS B 134 19.40 -3.96 -30.48
CA HIS B 134 19.95 -5.03 -31.30
C HIS B 134 19.36 -6.35 -30.82
N ASP B 135 18.86 -7.16 -31.75
CA ASP B 135 18.07 -8.32 -31.37
C ASP B 135 18.92 -9.38 -30.70
N PHE B 136 20.19 -9.50 -31.09
CA PHE B 136 21.08 -10.50 -30.50
C PHE B 136 22.37 -9.94 -29.93
N LYS B 137 22.81 -8.77 -30.37
CA LYS B 137 23.98 -8.12 -29.78
C LYS B 137 23.57 -7.42 -28.49
N ASP B 138 24.44 -6.56 -27.98
CA ASP B 138 24.12 -5.73 -26.82
C ASP B 138 23.63 -4.38 -27.32
N SER B 139 22.48 -3.95 -26.83
CA SER B 139 21.91 -2.68 -27.25
C SER B 139 22.83 -1.53 -26.88
N GLU B 140 23.10 -0.66 -27.85
CA GLU B 140 24.03 0.44 -27.63
C GLU B 140 23.26 1.70 -27.27
N PRO B 141 23.49 2.27 -26.09
CA PRO B 141 22.75 3.47 -25.70
C PRO B 141 23.34 4.73 -26.31
N TYR B 142 22.46 5.69 -26.53
CA TYR B 142 22.85 7.03 -26.96
C TYR B 142 21.82 8.00 -26.43
N ASN B 143 22.20 9.28 -26.42
CA ASN B 143 21.36 10.30 -25.81
C ASN B 143 21.35 11.56 -26.65
N VAL B 144 20.23 12.27 -26.60
CA VAL B 144 19.98 13.46 -27.39
C VAL B 144 19.71 14.62 -26.46
N GLY B 145 20.43 15.74 -26.65
CA GLY B 145 20.18 16.93 -25.88
C GLY B 145 19.02 17.71 -26.48
N THR B 146 18.06 18.05 -25.64
CA THR B 146 16.83 18.68 -26.11
C THR B 146 16.53 19.92 -25.28
N PHE B 147 15.76 20.81 -25.88
CA PHE B 147 15.24 21.99 -25.21
C PHE B 147 13.74 22.06 -25.42
N THR B 148 12.99 22.25 -24.34
CA THR B 148 11.54 22.35 -24.41
C THR B 148 11.13 23.78 -24.08
N PHE B 149 10.34 24.39 -24.97
CA PHE B 149 9.88 25.75 -24.75
C PHE B 149 8.68 25.76 -23.82
N LYS B 150 8.37 26.93 -23.28
CA LYS B 150 7.28 27.09 -22.34
C LYS B 150 5.99 27.41 -23.10
N GLU B 151 4.93 27.73 -22.35
CA GLU B 151 3.59 27.84 -22.94
C GLU B 151 3.49 29.07 -23.83
N ASN B 152 3.95 30.22 -23.34
CA ASN B 152 3.86 31.48 -24.08
C ASN B 152 5.24 31.92 -24.54
N THR B 153 6.06 30.97 -24.96
CA THR B 153 7.45 31.19 -25.30
C THR B 153 7.79 30.46 -26.59
N GLY B 154 8.65 31.08 -27.40
CA GLY B 154 9.15 30.44 -28.59
C GLY B 154 10.34 31.16 -29.17
N LEU B 155 10.55 31.04 -30.47
CA LEU B 155 11.60 31.75 -31.18
C LEU B 155 10.97 32.63 -32.25
N TYR B 156 11.68 33.69 -32.60
CA TYR B 156 11.21 34.59 -33.66
C TYR B 156 12.37 34.97 -34.56
N VAL B 157 12.05 35.24 -35.82
CA VAL B 157 13.04 35.59 -36.83
C VAL B 157 12.62 36.90 -37.48
N LEU B 158 13.55 37.83 -37.58
CA LEU B 158 13.30 39.11 -38.26
C LEU B 158 13.44 38.89 -39.76
N ILE B 159 12.35 39.00 -40.49
CA ILE B 159 12.37 39.01 -41.95
C ILE B 159 11.82 40.36 -42.41
N GLU B 160 12.55 41.01 -43.31
CA GLU B 160 12.10 42.26 -43.90
C GLU B 160 11.73 42.02 -45.35
N GLN B 161 10.58 42.55 -45.77
CA GLN B 161 10.07 42.37 -47.12
C GLN B 161 9.90 40.89 -47.44
N THR B 162 8.94 40.28 -46.72
CA THR B 162 8.61 38.88 -46.91
C THR B 162 8.23 38.59 -48.36
N HIS B 163 8.32 37.31 -48.72
CA HIS B 163 8.12 36.85 -50.08
C HIS B 163 7.10 35.73 -50.09
N PRO B 164 6.34 35.58 -51.19
CA PRO B 164 5.47 34.41 -51.30
C PRO B 164 6.22 33.09 -51.24
N LEU B 165 7.42 33.04 -51.82
CA LEU B 165 8.21 31.82 -51.76
C LEU B 165 8.65 31.51 -50.34
N LEU B 166 9.04 32.54 -49.58
CA LEU B 166 9.41 32.32 -48.20
C LEU B 166 8.24 31.81 -47.37
N GLU B 167 7.06 32.36 -47.60
CA GLU B 167 5.87 31.89 -46.89
C GLU B 167 5.52 30.46 -47.30
N GLU B 168 5.74 30.11 -48.57
CA GLU B 168 5.44 28.75 -49.03
C GLU B 168 6.42 27.73 -48.46
N LEU B 169 7.71 28.10 -48.37
CA LEU B 169 8.69 27.20 -47.76
C LEU B 169 8.48 27.09 -46.26
N LEU B 170 8.07 28.17 -45.62
CA LEU B 170 7.79 28.13 -44.18
C LEU B 170 6.61 27.23 -43.86
N GLU B 171 5.60 27.19 -44.73
CA GLU B 171 4.48 26.27 -44.52
C GLU B 171 4.92 24.83 -44.65
N ASN B 172 5.77 24.52 -45.63
CA ASN B 172 6.30 23.18 -45.77
C ASN B 172 7.25 22.82 -44.64
N LEU B 173 8.02 23.79 -44.15
CA LEU B 173 8.95 23.55 -43.05
C LEU B 173 8.23 23.24 -41.74
N GLN B 174 6.93 23.56 -41.65
CA GLN B 174 6.16 23.18 -40.48
C GLN B 174 6.13 21.67 -40.31
N TYR B 175 5.97 20.94 -41.40
CA TYR B 175 5.73 19.50 -41.37
C TYR B 175 6.98 18.68 -41.68
N SER B 176 8.14 19.32 -41.72
CA SER B 176 9.40 18.59 -41.73
C SER B 176 10.21 18.79 -40.48
N GLY B 177 9.98 19.87 -39.74
CA GLY B 177 10.70 20.14 -38.52
C GLY B 177 11.94 20.98 -38.74
N ILE B 178 12.51 21.43 -37.63
CA ILE B 178 13.77 22.15 -37.64
C ILE B 178 14.59 21.67 -36.46
N GLY B 179 15.90 21.59 -36.65
CA GLY B 179 16.79 21.13 -35.62
C GLY B 179 17.35 19.76 -35.91
N GLY B 180 17.94 19.16 -34.87
CA GLY B 180 18.67 17.93 -35.05
C GLY B 180 17.83 16.71 -35.35
N LYS B 181 17.15 16.16 -34.36
CA LYS B 181 16.45 14.89 -34.55
C LYS B 181 15.00 15.13 -34.93
N ARG B 182 14.80 15.85 -36.03
CA ARG B 182 13.47 16.25 -36.43
C ARG B 182 12.67 15.10 -37.02
N ASN B 183 13.33 14.09 -37.61
CA ASN B 183 12.58 12.93 -38.06
C ASN B 183 12.17 12.03 -36.90
N SER B 184 12.90 12.08 -35.79
CA SER B 184 12.37 11.65 -34.51
C SER B 184 11.45 12.77 -33.99
N GLY B 185 10.98 12.67 -32.77
CA GLY B 185 9.98 13.63 -32.34
C GLY B 185 10.48 14.96 -31.81
N TYR B 186 11.23 15.73 -32.61
CA TYR B 186 11.82 16.94 -32.05
C TYR B 186 11.59 18.22 -32.86
N GLY B 187 11.47 18.12 -34.18
CA GLY B 187 11.23 19.35 -34.92
C GLY B 187 9.76 19.59 -35.19
N LYS B 188 9.12 20.45 -34.40
CA LYS B 188 7.68 20.66 -34.59
C LYS B 188 7.31 22.05 -34.11
N PHE B 189 6.81 22.88 -35.02
CA PHE B 189 6.47 24.25 -34.68
C PHE B 189 5.32 24.73 -35.55
N LYS B 190 4.71 25.83 -35.10
CA LYS B 190 3.77 26.61 -35.90
C LYS B 190 4.32 28.02 -36.01
N PHE B 191 4.06 28.67 -37.15
CA PHE B 191 4.64 29.97 -37.42
C PHE B 191 3.56 30.98 -37.82
N GLU B 192 3.87 32.25 -37.58
CA GLU B 192 3.06 33.38 -38.01
C GLU B 192 3.98 34.44 -38.61
N ILE B 193 3.44 35.25 -39.52
CA ILE B 193 4.25 36.29 -40.14
C ILE B 193 4.20 37.58 -39.33
N LEU B 194 3.03 37.93 -38.80
CA LEU B 194 2.89 38.86 -37.67
C LEU B 194 3.73 40.13 -37.86
N GLU B 195 3.29 40.96 -38.81
CA GLU B 195 3.89 42.27 -38.96
C GLU B 195 3.76 43.08 -37.68
N ASP B 196 4.83 43.78 -37.32
CA ASP B 196 4.90 44.54 -36.07
C ASP B 196 5.40 45.94 -36.36
N SER B 197 4.82 46.92 -35.65
CA SER B 197 5.18 48.32 -35.84
C SER B 197 6.13 48.84 -34.77
N ASP B 198 6.12 48.27 -33.57
CA ASP B 198 7.08 48.66 -32.55
C ASP B 198 8.49 48.29 -32.98
N ILE B 199 8.67 47.09 -33.53
CA ILE B 199 9.98 46.66 -33.98
C ILE B 199 10.43 47.45 -35.21
N GLU B 200 9.49 47.80 -36.09
CA GLU B 200 9.84 48.59 -37.26
C GLU B 200 10.42 49.94 -36.88
N ASP B 201 10.00 50.51 -35.75
CA ASP B 201 10.58 51.76 -35.28
C ASP B 201 12.06 51.62 -34.98
N LEU B 202 12.45 50.49 -34.37
CA LEU B 202 13.85 50.26 -34.04
C LEU B 202 14.70 50.12 -35.30
N PHE B 203 14.18 49.44 -36.32
CA PHE B 203 14.95 49.15 -37.51
C PHE B 203 14.88 50.25 -38.56
N SER B 204 13.95 51.20 -38.42
CA SER B 204 13.94 52.38 -39.28
C SER B 204 14.83 53.50 -38.76
N ALA B 205 15.40 53.34 -37.56
CA ALA B 205 16.24 54.35 -36.96
C ALA B 205 17.71 54.13 -37.34
N LYS B 206 18.43 55.22 -37.53
CA LYS B 206 19.85 55.17 -37.83
C LYS B 206 20.66 55.39 -36.56
N GLY B 207 21.95 55.07 -36.65
CA GLY B 207 22.83 55.25 -35.51
C GLY B 207 24.27 55.01 -35.92
N ASN B 208 25.17 55.31 -34.98
CA ASN B 208 26.60 55.14 -35.21
C ASN B 208 27.09 53.74 -34.89
N ARG B 209 26.25 52.89 -34.33
CA ARG B 209 26.61 51.53 -33.96
C ARG B 209 25.64 50.56 -34.62
N LYS B 210 26.19 49.54 -35.28
CA LYS B 210 25.40 48.54 -35.98
C LYS B 210 25.53 47.22 -35.23
N ILE B 211 24.43 46.76 -34.64
CA ILE B 211 24.39 45.48 -33.93
C ILE B 211 24.09 44.40 -34.96
N LEU B 212 25.04 43.49 -35.17
CA LEU B 212 24.84 42.37 -36.07
C LEU B 212 23.82 41.41 -35.48
N LEU B 213 22.78 41.10 -36.25
CA LEU B 213 21.66 40.30 -35.75
C LEU B 213 21.61 38.91 -36.38
N SER B 214 22.65 38.51 -37.11
CA SER B 214 22.74 37.17 -37.66
C SER B 214 24.20 36.84 -37.88
N GLY B 215 24.53 35.56 -37.80
CA GLY B 215 25.89 35.12 -38.07
C GLY B 215 26.31 35.48 -39.48
N ALA B 216 27.25 36.40 -39.61
CA ALA B 216 27.62 36.96 -40.90
C ALA B 216 29.13 36.98 -41.08
N LEU B 217 29.56 36.92 -42.33
CA LEU B 217 30.97 36.99 -42.69
C LEU B 217 31.13 37.99 -43.82
N PRO B 218 31.74 39.15 -43.57
CA PRO B 218 31.95 40.11 -44.67
C PRO B 218 32.88 39.54 -45.73
N LYS B 219 32.65 39.96 -46.96
CA LYS B 219 33.47 39.51 -48.08
C LYS B 219 34.89 40.03 -47.94
N ASP B 220 35.83 39.39 -48.65
CA ASP B 220 37.24 39.72 -48.49
C ASP B 220 37.52 41.17 -48.84
N ALA B 221 36.74 41.76 -49.74
CA ALA B 221 36.93 43.15 -50.14
C ALA B 221 36.42 44.15 -49.10
N GLU B 222 35.73 43.67 -48.05
CA GLU B 222 35.18 44.56 -47.04
C GLU B 222 35.45 44.09 -45.61
N LEU B 223 36.16 42.97 -45.43
CA LEU B 223 36.47 42.50 -44.09
C LEU B 223 37.36 43.50 -43.35
N GLU B 224 38.33 44.09 -44.06
CA GLU B 224 39.23 45.04 -43.43
C GLU B 224 38.48 46.25 -42.89
N GLN B 225 37.54 46.79 -43.68
CA GLN B 225 36.78 47.95 -43.23
C GLN B 225 35.74 47.57 -42.18
N ALA B 226 35.25 46.32 -42.22
CA ALA B 226 34.36 45.85 -41.16
C ALA B 226 35.11 45.79 -39.84
N LEU B 227 36.36 45.33 -39.86
CA LEU B 227 37.21 45.26 -38.66
C LEU B 227 37.82 46.65 -38.44
N LYS B 228 36.99 47.56 -37.93
CA LYS B 228 37.43 48.90 -37.58
C LYS B 228 36.49 49.40 -36.50
N ASN B 229 37.00 49.51 -35.27
CA ASN B 229 36.18 49.83 -34.10
C ASN B 229 35.04 48.83 -33.95
N ALA B 230 35.31 47.57 -34.26
CA ALA B 230 34.34 46.50 -34.13
C ALA B 230 34.57 45.75 -32.83
N SER B 231 33.47 45.28 -32.24
CA SER B 231 33.48 44.50 -31.00
C SER B 231 32.70 43.23 -31.27
N TYR B 232 33.39 42.21 -31.76
CA TYR B 232 32.76 41.01 -32.30
C TYR B 232 33.21 39.78 -31.53
N LEU B 233 32.66 38.63 -31.94
CA LEU B 233 33.09 37.33 -31.48
C LEU B 233 32.99 36.37 -32.65
N LEU B 234 34.06 35.62 -32.89
CA LEU B 234 34.16 34.78 -34.07
C LEU B 234 33.65 33.38 -33.73
N GLU B 235 32.79 32.84 -34.60
CA GLU B 235 32.12 31.57 -34.35
C GLU B 235 32.33 30.63 -35.53
N ARG B 236 32.60 29.36 -35.24
CA ARG B 236 32.82 28.35 -36.27
C ARG B 236 31.49 27.72 -36.67
N ARG B 237 31.25 27.65 -37.97
CA ARG B 237 30.06 27.03 -38.54
C ARG B 237 30.49 25.90 -39.45
N GLY B 238 29.92 24.72 -39.24
CA GLY B 238 30.26 23.57 -40.06
C GLY B 238 29.32 22.40 -39.85
N GLY B 239 29.88 21.20 -39.83
CA GLY B 239 29.11 20.00 -39.65
C GLY B 239 29.04 19.19 -40.93
N PHE B 240 28.22 18.14 -40.87
CA PHE B 240 28.05 17.26 -42.02
C PHE B 240 27.01 17.82 -42.98
N VAL B 241 27.24 17.58 -44.27
CA VAL B 241 26.26 17.94 -45.29
C VAL B 241 25.05 17.03 -45.15
N GLN B 242 23.86 17.63 -45.05
CA GLN B 242 22.62 16.87 -44.94
C GLN B 242 21.94 16.87 -46.30
N SER B 243 22.22 15.84 -47.08
CA SER B 243 21.55 15.65 -48.35
C SER B 243 21.67 14.19 -48.76
N ASP B 244 20.80 13.79 -49.69
CA ASP B 244 20.78 12.43 -50.21
C ASP B 244 21.65 12.25 -51.44
N THR B 245 21.83 13.31 -52.22
CA THR B 245 22.50 13.25 -53.51
C THR B 245 23.84 13.99 -53.50
N TYR B 246 24.60 13.81 -52.43
CA TYR B 246 25.90 14.46 -52.27
C TYR B 246 26.90 13.40 -51.83
N ALA B 247 27.88 13.12 -52.70
CA ALA B 247 29.10 12.37 -52.40
C ALA B 247 28.88 10.89 -52.09
N THR B 248 27.63 10.41 -52.04
CA THR B 248 27.28 9.02 -51.73
C THR B 248 27.79 8.56 -50.37
N ASN B 249 28.30 9.48 -49.55
CA ASN B 249 28.77 9.16 -48.22
C ASN B 249 28.73 10.42 -47.38
N LEU B 250 28.76 10.23 -46.07
CA LEU B 250 28.70 11.36 -45.16
C LEU B 250 30.02 12.11 -45.15
N VAL B 251 29.97 13.39 -45.48
CA VAL B 251 31.15 14.24 -45.58
C VAL B 251 30.87 15.56 -44.89
N LYS B 252 31.85 16.04 -44.13
CA LYS B 252 31.73 17.33 -43.49
C LYS B 252 31.95 18.46 -44.48
N LYS B 253 31.21 19.54 -44.32
CA LYS B 253 31.43 20.74 -45.11
C LYS B 253 32.61 21.52 -44.55
N GLN B 254 33.11 22.47 -45.35
CA GLN B 254 34.21 23.30 -44.89
C GLN B 254 33.80 24.15 -43.71
N ASP B 255 34.72 24.34 -42.77
CA ASP B 255 34.45 25.19 -41.62
C ASP B 255 34.46 26.65 -42.04
N LEU B 256 33.39 27.36 -41.72
CA LEU B 256 33.29 28.78 -41.99
C LEU B 256 33.23 29.54 -40.67
N TYR B 257 34.12 30.51 -40.51
CA TYR B 257 34.18 31.32 -39.30
C TYR B 257 33.50 32.65 -39.57
N VAL B 258 32.41 32.91 -38.84
CA VAL B 258 31.57 34.07 -39.07
C VAL B 258 31.48 34.86 -37.77
N PHE B 259 30.95 36.08 -37.88
CA PHE B 259 30.74 36.90 -36.71
C PHE B 259 29.45 36.50 -36.02
N LYS B 260 29.54 36.29 -34.71
CA LYS B 260 28.38 35.88 -33.93
C LYS B 260 27.33 37.00 -33.94
N SER B 261 26.09 36.62 -33.68
CA SER B 261 24.94 37.50 -33.90
C SER B 261 24.68 38.48 -32.77
N GLY B 262 25.70 38.80 -31.96
CA GLY B 262 25.56 39.87 -31.00
C GLY B 262 26.58 40.96 -31.23
N SER B 263 27.40 40.78 -32.27
CA SER B 263 28.51 41.68 -32.53
C SER B 263 28.02 43.06 -32.94
N THR B 264 28.82 44.08 -32.61
CA THR B 264 28.52 45.46 -32.95
C THR B 264 29.63 46.02 -33.81
N PHE B 265 29.24 46.77 -34.85
CA PHE B 265 30.16 47.35 -35.80
C PHE B 265 29.81 48.81 -36.02
N GLU B 266 30.80 49.58 -36.45
CA GLU B 266 30.55 50.95 -36.88
C GLU B 266 30.47 51.08 -38.39
N ASN B 267 31.07 50.15 -39.12
CA ASN B 267 31.01 50.13 -40.58
C ASN B 267 30.10 48.99 -41.01
N SER B 268 29.07 49.31 -41.78
CA SER B 268 28.14 48.29 -42.24
C SER B 268 28.76 47.45 -43.34
N PHE B 269 28.44 46.15 -43.32
CA PHE B 269 28.84 45.24 -44.38
C PHE B 269 27.67 44.34 -44.72
N ASP B 270 27.66 43.85 -45.95
CA ASP B 270 26.69 42.84 -46.39
C ASP B 270 27.45 41.58 -46.72
N GLY B 271 27.13 40.50 -46.02
CA GLY B 271 27.90 39.27 -46.16
C GLY B 271 27.66 38.56 -47.46
N ASP B 272 27.72 37.23 -47.45
CA ASP B 272 27.60 36.46 -48.67
C ASP B 272 27.00 35.11 -48.36
N ILE B 273 26.49 34.47 -49.41
CA ILE B 273 26.10 33.06 -49.35
C ILE B 273 27.33 32.27 -49.79
N TYR B 274 28.05 31.71 -48.82
CA TYR B 274 29.30 31.04 -49.09
C TYR B 274 29.04 29.57 -49.44
N GLN B 275 29.79 29.07 -50.43
CA GLN B 275 29.70 27.68 -50.83
C GLN B 275 30.72 26.89 -50.03
N VAL B 276 30.24 26.17 -49.00
CA VAL B 276 31.11 25.37 -48.16
C VAL B 276 31.18 23.92 -48.60
N GLY B 277 30.54 23.56 -49.70
CA GLY B 277 30.67 22.25 -50.29
C GLY B 277 30.89 22.34 -51.79
N LYS B 278 32.04 21.87 -52.25
CA LYS B 278 32.40 22.02 -53.65
C LYS B 278 32.79 20.73 -54.36
N LYS B 279 33.07 19.65 -53.62
CA LYS B 279 33.48 18.38 -54.21
C LYS B 279 32.32 17.42 -54.42
N GLY B 280 31.08 17.85 -54.15
CA GLY B 280 29.93 16.99 -54.27
C GLY B 280 29.13 17.25 -55.54
N ASN B 281 27.96 16.61 -55.59
CA ASN B 281 27.11 16.70 -56.77
C ASN B 281 26.37 18.03 -56.86
N HIS B 282 26.01 18.62 -55.74
CA HIS B 282 25.32 19.89 -55.68
C HIS B 282 26.05 20.84 -54.75
N PRO B 283 25.91 22.15 -54.95
CA PRO B 283 26.53 23.09 -54.02
C PRO B 283 25.91 23.03 -52.64
N VAL B 284 26.72 23.35 -51.63
CA VAL B 284 26.27 23.46 -50.26
C VAL B 284 26.55 24.89 -49.81
N TYR B 285 25.50 25.58 -49.36
CA TYR B 285 25.58 27.01 -49.08
C TYR B 285 25.53 27.26 -47.57
N LYS B 286 26.24 28.29 -47.15
CA LYS B 286 26.25 28.74 -45.76
C LYS B 286 25.82 30.20 -45.75
N TYR B 287 24.58 30.46 -45.32
CA TYR B 287 24.05 31.81 -45.24
C TYR B 287 24.83 32.62 -44.23
N ALA B 288 25.54 33.64 -44.69
CA ALA B 288 26.32 34.51 -43.81
C ALA B 288 26.08 35.97 -44.16
N LYS B 289 24.83 36.31 -44.47
CA LYS B 289 24.46 37.69 -44.73
C LYS B 289 24.26 38.44 -43.43
N SER B 290 24.49 39.75 -43.48
CA SER B 290 24.48 40.59 -42.29
C SER B 290 23.11 41.23 -42.08
N PHE B 291 22.56 41.04 -40.89
CA PHE B 291 21.33 41.68 -40.45
C PHE B 291 21.70 42.64 -39.33
N PHE B 292 21.35 43.91 -39.49
CA PHE B 292 21.85 44.95 -38.60
C PHE B 292 20.71 45.70 -37.90
N LEU B 293 20.92 45.98 -36.63
CA LEU B 293 20.06 46.86 -35.84
C LEU B 293 20.92 48.02 -35.36
N GLU B 294 20.57 49.23 -35.77
CA GLU B 294 21.40 50.40 -35.52
C GLU B 294 20.97 51.10 -34.23
N VAL B 295 21.96 51.52 -33.44
CA VAL B 295 21.74 52.23 -32.19
C VAL B 295 22.73 53.39 -32.11
N SER B 296 22.56 54.21 -31.07
CA SER B 296 23.41 55.37 -30.85
C SER B 296 24.36 55.06 -29.70
N VAL B 297 25.66 55.22 -29.96
CA VAL B 297 26.69 54.95 -28.95
C VAL B 297 27.70 56.08 -28.91
N MET C 1 1.88 17.85 -50.67
CA MET C 1 3.04 16.98 -50.75
C MET C 1 3.36 16.42 -49.37
N LYS C 2 2.80 17.03 -48.33
CA LYS C 2 3.03 16.61 -46.96
C LYS C 2 1.71 16.21 -46.33
N LEU C 3 1.63 14.97 -45.87
CA LEU C 3 0.44 14.42 -45.26
C LEU C 3 0.63 14.27 -43.76
N VAL C 4 -0.46 14.48 -43.01
CA VAL C 4 -0.45 14.37 -41.56
C VAL C 4 -1.30 13.16 -41.19
N ILE C 5 -0.67 12.14 -40.61
CA ILE C 5 -1.38 10.97 -40.12
C ILE C 5 -1.69 11.19 -38.64
N GLU C 6 -2.97 11.35 -38.33
CA GLU C 6 -3.41 11.54 -36.96
C GLU C 6 -3.91 10.22 -36.38
N GLY C 7 -4.08 10.20 -35.07
CA GLY C 7 -4.59 9.04 -34.39
C GLY C 7 -4.43 9.17 -32.89
N THR C 8 -4.85 8.12 -32.20
CA THR C 8 -4.75 8.05 -30.75
C THR C 8 -4.19 6.70 -30.34
N ILE C 9 -3.27 6.72 -29.38
CA ILE C 9 -2.74 5.49 -28.78
C ILE C 9 -3.43 5.32 -27.44
N VAL C 10 -4.14 4.21 -27.28
CA VAL C 10 -4.85 3.90 -26.04
C VAL C 10 -4.09 2.78 -25.35
N LEU C 11 -3.65 3.05 -24.13
CA LEU C 11 -2.97 2.04 -23.32
C LEU C 11 -3.97 1.00 -22.81
N LYS C 12 -3.62 -0.26 -22.96
CA LYS C 12 -4.50 -1.35 -22.58
C LYS C 12 -4.07 -2.05 -21.30
N THR C 13 -2.76 -2.23 -21.08
CA THR C 13 -2.29 -2.99 -19.93
C THR C 13 -1.21 -2.26 -19.12
N GLY C 14 -1.00 -0.97 -19.34
CA GLY C 14 0.03 -0.26 -18.61
C GLY C 14 1.35 -0.28 -19.35
N MET C 15 1.94 0.89 -19.56
CA MET C 15 3.07 1.07 -20.46
C MET C 15 4.22 1.78 -19.78
N HIS C 16 5.42 1.22 -19.91
CA HIS C 16 6.63 1.72 -19.27
C HIS C 16 7.71 1.94 -20.31
N ILE C 17 7.92 3.19 -20.74
CA ILE C 17 8.99 3.54 -21.67
C ILE C 17 10.08 4.29 -20.92
N GLY C 18 11.32 3.93 -21.20
CA GLY C 18 12.44 4.83 -21.02
C GLY C 18 12.96 4.89 -19.60
N GLY C 19 14.11 5.53 -19.47
CA GLY C 19 14.68 5.82 -18.18
C GLY C 19 15.01 7.29 -18.06
N SER C 20 14.33 7.98 -17.15
CA SER C 20 14.64 9.37 -16.84
C SER C 20 15.69 9.35 -15.72
N SER C 21 16.94 9.14 -16.14
CA SER C 21 18.03 8.99 -15.17
C SER C 21 18.53 10.34 -14.69
N ASP C 22 17.64 11.21 -14.26
CA ASP C 22 17.98 12.44 -13.57
C ASP C 22 17.48 12.36 -12.13
N PHE C 23 18.04 13.22 -11.28
CA PHE C 23 17.81 13.09 -9.85
C PHE C 23 16.34 13.22 -9.50
N SER C 24 15.63 14.13 -10.16
CA SER C 24 14.23 14.38 -9.82
C SER C 24 13.38 13.13 -10.04
N ALA C 25 13.58 12.45 -11.16
CA ALA C 25 12.76 11.28 -11.46
C ALA C 25 13.15 10.08 -10.60
N ILE C 26 14.45 9.82 -10.45
CA ILE C 26 14.89 8.62 -9.72
C ILE C 26 14.78 8.77 -8.21
N GLY C 27 14.57 9.99 -7.71
CA GLY C 27 14.41 10.18 -6.29
C GLY C 27 13.06 9.80 -5.74
N ALA C 28 12.07 9.58 -6.63
CA ALA C 28 10.72 9.24 -6.22
C ALA C 28 10.29 7.84 -6.63
N VAL C 29 11.10 7.13 -7.42
CA VAL C 29 10.75 5.79 -7.87
C VAL C 29 12.02 5.12 -8.37
N ASP C 30 12.05 3.79 -8.28
CA ASP C 30 13.24 3.04 -8.69
C ASP C 30 13.52 3.19 -10.18
N SER C 31 12.52 2.92 -11.01
CA SER C 31 12.67 2.97 -12.47
C SER C 31 11.59 3.86 -13.05
N PRO C 32 11.88 5.15 -13.24
CA PRO C 32 10.86 6.08 -13.74
C PRO C 32 10.58 5.90 -15.23
N VAL C 33 9.45 6.46 -15.65
CA VAL C 33 9.09 6.51 -17.04
C VAL C 33 9.47 7.89 -17.58
N VAL C 34 9.44 8.04 -18.91
CA VAL C 34 9.76 9.32 -19.51
C VAL C 34 8.60 10.29 -19.31
N ARG C 35 8.89 11.45 -18.75
CA ARG C 35 7.92 12.51 -18.54
C ARG C 35 8.25 13.70 -19.44
N ASP C 36 7.25 14.55 -19.63
CA ASP C 36 7.52 15.83 -20.27
C ASP C 36 8.46 16.65 -19.40
N THR C 37 9.34 17.41 -20.04
CA THR C 37 10.36 18.14 -19.30
C THR C 37 9.74 19.19 -18.39
N LEU C 38 8.72 19.88 -18.86
CA LEU C 38 8.12 20.98 -18.12
C LEU C 38 6.85 20.58 -17.38
N THR C 39 5.91 19.94 -18.07
CA THR C 39 4.65 19.55 -17.45
C THR C 39 4.75 18.28 -16.63
N ARG C 40 5.84 17.52 -16.78
CA ARG C 40 6.07 16.27 -16.07
C ARG C 40 5.01 15.21 -16.37
N LEU C 41 4.24 15.40 -17.44
CA LEU C 41 3.28 14.39 -17.86
C LEU C 41 3.97 13.28 -18.65
N PRO C 42 3.46 12.06 -18.58
CA PRO C 42 4.05 10.98 -19.38
C PRO C 42 3.91 11.26 -20.86
N LEU C 43 4.86 10.75 -21.63
CA LEU C 43 4.80 10.86 -23.08
C LEU C 43 5.31 9.58 -23.71
N ILE C 44 4.94 9.38 -24.98
CA ILE C 44 5.54 8.37 -25.82
C ILE C 44 6.51 9.08 -26.76
N PRO C 45 7.82 8.92 -26.59
CA PRO C 45 8.76 9.58 -27.49
C PRO C 45 8.56 9.10 -28.92
N GLY C 46 8.75 10.01 -29.88
CA GLY C 46 8.66 9.64 -31.28
C GLY C 46 9.66 8.57 -31.66
N SER C 47 10.83 8.59 -31.01
CA SER C 47 11.85 7.58 -31.30
C SER C 47 11.39 6.18 -30.88
N SER C 48 10.72 6.08 -29.73
CA SER C 48 10.28 4.76 -29.26
C SER C 48 9.24 4.15 -30.19
N LEU C 49 8.20 4.91 -30.51
CA LEU C 49 7.19 4.43 -31.44
C LEU C 49 7.78 4.14 -32.81
N LYS C 50 8.64 5.06 -33.29
CA LYS C 50 9.25 4.87 -34.61
C LYS C 50 10.11 3.60 -34.65
N GLY C 51 10.92 3.39 -33.61
CA GLY C 51 11.78 2.22 -33.59
C GLY C 51 11.03 0.91 -33.48
N LYS C 52 10.03 0.87 -32.59
CA LYS C 52 9.24 -0.36 -32.46
C LYS C 52 8.46 -0.65 -33.74
N MET C 53 7.87 0.37 -34.36
CA MET C 53 7.15 0.19 -35.61
C MET C 53 8.09 -0.28 -36.72
N ARG C 54 9.28 0.32 -36.81
CA ARG C 54 10.23 -0.10 -37.82
C ARG C 54 10.70 -1.53 -37.59
N TYR C 55 10.91 -1.90 -36.32
CA TYR C 55 11.33 -3.25 -35.99
C TYR C 55 10.28 -4.27 -36.42
N LEU C 56 9.02 -4.01 -36.08
CA LEU C 56 7.96 -4.93 -36.47
C LEU C 56 7.79 -4.99 -37.98
N LEU C 57 7.86 -3.84 -38.66
CA LEU C 57 7.72 -3.83 -40.11
C LEU C 57 8.86 -4.56 -40.78
N ALA C 58 10.09 -4.39 -40.29
CA ALA C 58 11.24 -5.09 -40.86
C ALA C 58 11.13 -6.59 -40.66
N LYS C 59 10.67 -7.02 -39.48
CA LYS C 59 10.37 -8.44 -39.31
C LYS C 59 9.34 -8.93 -40.33
N GLU C 60 8.22 -8.22 -40.43
CA GLU C 60 7.11 -8.72 -41.22
C GLU C 60 7.43 -8.69 -42.72
N LEU C 61 8.13 -7.66 -43.17
CA LEU C 61 8.42 -7.55 -44.60
C LEU C 61 9.50 -8.52 -45.06
N ASN C 62 10.33 -9.02 -44.14
CA ASN C 62 11.29 -10.07 -44.50
C ASN C 62 10.72 -11.45 -44.18
N ASN C 63 10.40 -11.71 -42.90
CA ASN C 63 9.83 -12.98 -42.47
C ASN C 63 10.72 -14.15 -42.85
N GLY C 64 12.03 -13.95 -42.77
CA GLY C 64 12.99 -14.99 -43.11
C GLY C 64 12.93 -15.42 -44.56
N ILE C 65 12.83 -14.47 -45.48
CA ILE C 65 12.78 -14.78 -46.91
C ILE C 65 14.03 -14.24 -47.59
N ASP C 73 18.22 -3.12 -44.54
CA ASP C 73 16.84 -3.52 -44.78
C ASP C 73 16.47 -3.35 -46.26
N GLN C 74 15.18 -3.52 -46.54
CA GLN C 74 14.69 -3.45 -47.91
C GLN C 74 14.22 -2.03 -48.22
N ASP C 75 13.94 -1.75 -49.50
CA ASP C 75 13.67 -0.38 -49.93
C ASP C 75 12.44 0.20 -49.25
N GLU C 76 11.40 -0.63 -49.06
CA GLU C 76 10.17 -0.13 -48.45
C GLU C 76 10.37 0.31 -47.01
N ILE C 77 11.42 -0.16 -46.34
CA ILE C 77 11.72 0.28 -44.98
C ILE C 77 12.62 1.50 -44.99
N LEU C 78 13.62 1.49 -45.87
CA LEU C 78 14.57 2.60 -45.94
C LEU C 78 13.90 3.89 -46.42
N ARG C 79 12.94 3.78 -47.34
CA ARG C 79 12.27 4.99 -47.81
C ARG C 79 11.33 5.57 -46.76
N LEU C 80 10.83 4.76 -45.85
CA LEU C 80 9.96 5.27 -44.79
C LEU C 80 10.75 5.82 -43.61
N PHE C 81 11.81 5.12 -43.19
CA PHE C 81 12.51 5.49 -41.96
C PHE C 81 13.89 6.06 -42.19
N GLY C 82 14.42 5.98 -43.41
CA GLY C 82 15.72 6.55 -43.71
C GLY C 82 16.86 5.57 -43.55
N SER C 83 18.01 5.96 -44.10
CA SER C 83 19.21 5.12 -44.05
C SER C 83 20.41 6.01 -44.28
N SER C 84 21.50 5.73 -43.57
CA SER C 84 22.76 6.43 -43.80
C SER C 84 23.97 5.51 -43.63
N GLU C 85 23.81 4.21 -43.91
CA GLU C 85 24.79 3.23 -43.43
C GLU C 85 26.18 3.40 -44.00
N LYS C 86 26.38 3.08 -45.29
CA LYS C 86 27.70 3.29 -45.88
C LYS C 86 27.64 3.95 -47.25
N ASP C 87 26.71 3.54 -48.10
CA ASP C 87 26.56 4.12 -49.43
C ASP C 87 25.11 4.44 -49.81
N LYS C 88 24.13 3.72 -49.26
CA LYS C 88 22.73 4.01 -49.52
C LYS C 88 22.24 4.99 -48.48
N ILE C 89 21.84 6.18 -48.92
CA ILE C 89 21.36 7.24 -48.04
C ILE C 89 20.02 7.71 -48.59
N ARG C 90 18.95 7.18 -48.03
CA ARG C 90 17.61 7.74 -48.21
C ARG C 90 17.28 8.57 -46.99
N ARG C 91 16.67 9.73 -47.20
CA ARG C 91 16.57 10.68 -46.09
C ARG C 91 15.48 10.25 -45.10
N ALA C 92 14.21 10.31 -45.51
CA ALA C 92 13.06 9.79 -44.79
C ALA C 92 11.79 10.18 -45.52
N ARG C 93 10.70 9.48 -45.24
CA ARG C 93 9.37 9.96 -45.59
C ARG C 93 8.47 10.14 -44.39
N LEU C 94 8.69 9.40 -43.31
CA LEU C 94 7.91 9.51 -42.09
C LEU C 94 8.65 10.42 -41.11
N LYS C 95 7.92 11.38 -40.56
CA LYS C 95 8.47 12.32 -39.59
C LYS C 95 7.67 12.14 -38.29
N PHE C 96 8.27 11.46 -37.32
CA PHE C 96 7.60 11.17 -36.08
C PHE C 96 7.69 12.35 -35.12
N ASN C 97 6.74 12.40 -34.18
CA ASN C 97 6.66 13.47 -33.21
C ASN C 97 6.51 12.88 -31.81
N ASP C 98 7.04 13.59 -30.82
CA ASP C 98 6.86 13.17 -29.44
C ASP C 98 5.38 13.27 -29.08
N ILE C 99 4.83 12.19 -28.53
CA ILE C 99 3.41 12.06 -28.30
C ILE C 99 3.13 12.37 -26.83
N LYS C 100 2.47 13.49 -26.59
CA LYS C 100 2.12 13.88 -25.23
C LYS C 100 0.88 13.14 -24.76
N LEU C 101 0.67 13.14 -23.45
CA LEU C 101 -0.51 12.52 -22.86
C LEU C 101 -1.72 13.41 -23.10
N SER C 102 -2.71 12.90 -23.83
CA SER C 102 -3.92 13.64 -24.14
C SER C 102 -5.01 13.49 -23.10
N ASN C 103 -5.01 12.38 -22.36
CA ASN C 103 -6.00 12.13 -21.30
C ASN C 103 -5.45 12.67 -19.99
N LEU C 104 -5.74 13.93 -19.70
CA LEU C 104 -5.51 14.45 -18.35
C LEU C 104 -6.81 14.87 -17.69
N ALA C 105 -7.61 15.70 -18.36
CA ALA C 105 -8.91 16.07 -17.82
C ALA C 105 -9.82 14.86 -17.66
N GLU C 106 -9.65 13.85 -18.52
CA GLU C 106 -10.44 12.64 -18.40
C GLU C 106 -9.94 11.76 -17.25
N LEU C 107 -8.64 11.78 -16.99
CA LEU C 107 -8.08 10.96 -15.91
C LEU C 107 -8.39 11.55 -14.55
N GLU C 108 -8.52 12.87 -14.43
CA GLU C 108 -8.86 13.47 -13.15
C GLU C 108 -10.31 13.27 -12.76
N THR C 109 -11.19 12.96 -13.72
CA THR C 109 -12.55 12.58 -13.37
C THR C 109 -12.60 11.26 -12.62
N PHE C 110 -11.55 10.45 -12.76
CA PHE C 110 -11.42 9.20 -12.02
C PHE C 110 -10.64 9.36 -10.73
N ASN C 111 -10.25 10.59 -10.37
CA ASN C 111 -9.50 10.87 -9.15
C ASN C 111 -8.23 10.04 -9.08
N VAL C 112 -7.56 9.89 -10.21
CA VAL C 112 -6.41 9.01 -10.33
C VAL C 112 -5.26 9.75 -10.99
N SER C 113 -4.04 9.36 -10.63
CA SER C 113 -2.85 9.90 -11.25
C SER C 113 -2.56 9.18 -12.56
N SER C 114 -1.81 9.85 -13.44
CA SER C 114 -1.50 9.27 -14.74
C SER C 114 -0.54 8.10 -14.66
N THR C 115 0.25 8.00 -13.60
CA THR C 115 1.25 6.96 -13.47
C THR C 115 0.99 6.13 -12.22
N GLU C 116 1.50 4.91 -12.24
CA GLU C 116 1.37 3.96 -11.16
C GLU C 116 2.71 3.31 -10.89
N VAL C 117 2.81 2.58 -9.78
CA VAL C 117 3.98 1.79 -9.45
C VAL C 117 3.56 0.34 -9.37
N LYS C 118 4.15 -0.51 -10.20
CA LYS C 118 3.83 -1.93 -10.23
C LYS C 118 4.84 -2.68 -9.38
N PHE C 119 4.36 -3.43 -8.40
CA PHE C 119 5.20 -4.19 -7.50
C PHE C 119 5.37 -5.60 -8.05
N GLU C 120 6.59 -5.96 -8.42
CA GLU C 120 6.91 -7.27 -8.94
C GLU C 120 7.93 -7.93 -8.03
N ASN C 121 8.27 -9.18 -8.34
CA ASN C 121 9.37 -9.85 -7.66
C ASN C 121 9.86 -10.99 -8.54
N THR C 122 11.05 -11.49 -8.21
CA THR C 122 11.59 -12.69 -8.80
C THR C 122 11.90 -13.68 -7.68
N ILE C 123 11.60 -14.94 -7.91
CA ILE C 123 11.80 -16.00 -6.92
C ILE C 123 12.96 -16.87 -7.40
N ASN C 124 13.99 -16.99 -6.55
CA ASN C 124 15.11 -17.85 -6.89
C ASN C 124 14.65 -19.29 -7.01
N ARG C 125 15.23 -20.01 -7.96
CA ARG C 125 14.85 -21.39 -8.19
C ARG C 125 15.71 -22.38 -7.42
N LYS C 126 16.89 -21.97 -6.97
CA LYS C 126 17.75 -22.82 -6.17
C LYS C 126 17.44 -22.71 -4.68
N THR C 127 17.10 -21.51 -4.22
CA THR C 127 16.87 -21.25 -2.81
C THR C 127 15.44 -20.87 -2.48
N ALA C 128 14.57 -20.71 -3.49
CA ALA C 128 13.18 -20.31 -3.30
C ALA C 128 13.06 -18.97 -2.58
N VAL C 129 14.06 -18.11 -2.74
CA VAL C 129 14.10 -16.81 -2.10
C VAL C 129 13.61 -15.76 -3.09
N ALA C 130 12.69 -14.91 -2.66
CA ALA C 130 12.12 -13.90 -3.52
C ALA C 130 12.86 -12.57 -3.36
N ASN C 131 12.65 -11.69 -4.34
CA ASN C 131 13.29 -10.38 -4.34
C ASN C 131 12.40 -9.37 -5.05
N PRO C 132 11.84 -8.40 -4.35
CA PRO C 132 10.88 -7.50 -4.96
C PRO C 132 11.54 -6.41 -5.80
N ARG C 133 10.76 -5.87 -6.73
CA ARG C 133 11.18 -4.73 -7.53
C ARG C 133 9.95 -3.91 -7.88
N GLN C 134 10.16 -2.60 -8.04
CA GLN C 134 9.09 -1.66 -8.36
C GLN C 134 9.40 -1.01 -9.70
N ILE C 135 8.40 -0.96 -10.58
CA ILE C 135 8.52 -0.27 -11.85
C ILE C 135 7.38 0.74 -11.98
N GLU C 136 7.73 1.98 -12.29
CA GLU C 136 6.71 2.97 -12.62
C GLU C 136 6.13 2.66 -13.99
N ARG C 137 4.83 2.92 -14.12
CA ARG C 137 4.14 2.53 -15.34
C ARG C 137 3.00 3.50 -15.59
N VAL C 138 2.78 3.84 -16.86
CA VAL C 138 1.66 4.70 -17.23
C VAL C 138 0.39 3.87 -17.24
N ILE C 139 -0.62 4.30 -16.49
CA ILE C 139 -1.78 3.46 -16.23
C ILE C 139 -2.55 3.20 -17.52
N ALA C 140 -3.17 2.02 -17.60
CA ALA C 140 -4.02 1.68 -18.72
C ALA C 140 -5.22 2.62 -18.77
N GLY C 141 -5.68 2.89 -19.99
CA GLY C 141 -6.70 3.90 -20.21
C GLY C 141 -6.15 5.27 -20.53
N SER C 142 -4.84 5.48 -20.41
CA SER C 142 -4.23 6.72 -20.85
C SER C 142 -4.25 6.81 -22.37
N LYS C 143 -4.47 8.01 -22.88
CA LYS C 143 -4.59 8.24 -24.31
C LYS C 143 -3.51 9.21 -24.78
N PHE C 144 -2.98 8.95 -25.97
CA PHE C 144 -1.91 9.74 -26.56
C PHE C 144 -2.28 10.05 -28.01
N ASP C 145 -2.60 11.32 -28.29
CA ASP C 145 -2.85 11.74 -29.65
C ASP C 145 -1.55 12.04 -30.35
N PHE C 146 -1.32 11.41 -31.50
CA PHE C 146 -0.07 11.53 -32.23
C PHE C 146 -0.33 12.09 -33.63
N GLU C 147 0.68 12.80 -34.15
CA GLU C 147 0.72 13.20 -35.54
C GLU C 147 2.01 12.69 -36.15
N ILE C 148 1.90 11.99 -37.28
CA ILE C 148 3.06 11.53 -38.04
C ILE C 148 2.99 12.21 -39.39
N PHE C 149 4.06 12.90 -39.77
CA PHE C 149 4.11 13.64 -41.01
C PHE C 149 4.73 12.78 -42.10
N TYR C 150 4.05 12.70 -43.24
CA TYR C 150 4.51 11.94 -44.39
C TYR C 150 4.87 12.91 -45.50
N ASN C 151 6.07 12.76 -46.06
CA ASN C 151 6.53 13.57 -47.18
C ASN C 151 6.28 12.77 -48.45
N LEU C 152 5.25 13.16 -49.20
CA LEU C 152 4.86 12.43 -50.40
C LEU C 152 5.84 12.81 -51.51
N ASP C 153 7.00 12.14 -51.50
CA ASP C 153 8.02 12.37 -52.51
C ASP C 153 7.64 11.70 -53.83
N ASP C 154 7.07 10.49 -53.77
CA ASP C 154 6.71 9.72 -54.94
C ASP C 154 5.21 9.49 -54.96
N ILE C 155 4.61 9.65 -56.15
CA ILE C 155 3.17 9.47 -56.26
C ILE C 155 2.81 8.00 -56.47
N LYS C 156 3.73 7.20 -57.01
CA LYS C 156 3.49 5.80 -57.27
C LYS C 156 3.75 4.90 -56.08
N GLU C 157 4.37 5.43 -55.01
CA GLU C 157 4.72 4.63 -53.85
C GLU C 157 3.94 5.00 -52.60
N VAL C 158 3.07 6.02 -52.67
CA VAL C 158 2.38 6.48 -51.48
C VAL C 158 1.39 5.43 -50.98
N GLU C 159 0.71 4.74 -51.89
CA GLU C 159 -0.25 3.73 -51.47
C GLU C 159 0.45 2.55 -50.80
N LYS C 160 1.60 2.14 -51.31
CA LYS C 160 2.34 1.05 -50.67
C LYS C 160 2.92 1.50 -49.34
N ASP C 161 3.38 2.75 -49.26
CA ASP C 161 3.88 3.28 -48.00
C ASP C 161 2.79 3.30 -46.94
N PHE C 162 1.57 3.69 -47.32
CA PHE C 162 0.48 3.72 -46.35
C PHE C 162 -0.01 2.33 -46.01
N GLU C 163 0.05 1.38 -46.95
CA GLU C 163 -0.23 -0.01 -46.61
C GLU C 163 0.77 -0.52 -45.57
N ASN C 164 2.04 -0.19 -45.76
CA ASN C 164 3.06 -0.60 -44.79
C ASN C 164 2.90 0.13 -43.46
N ILE C 165 2.47 1.38 -43.48
CA ILE C 165 2.20 2.12 -42.25
C ILE C 165 1.07 1.47 -41.47
N LYS C 166 -0.01 1.10 -42.16
CA LYS C 166 -1.12 0.42 -41.52
C LYS C 166 -0.68 -0.95 -41.00
N GLN C 167 0.17 -1.66 -41.75
CA GLN C 167 0.70 -2.92 -41.26
C GLN C 167 1.51 -2.72 -39.99
N GLY C 168 2.33 -1.66 -39.93
CA GLY C 168 3.09 -1.39 -38.73
C GLY C 168 2.20 -1.08 -37.54
N PHE C 169 1.15 -0.29 -37.74
CA PHE C 169 0.20 -0.02 -36.67
C PHE C 169 -0.47 -1.31 -36.19
N ASP C 170 -0.87 -2.17 -37.13
CA ASP C 170 -1.51 -3.43 -36.77
C ASP C 170 -0.57 -4.34 -36.01
N LEU C 171 0.69 -4.40 -36.42
CA LEU C 171 1.67 -5.20 -35.70
C LEU C 171 1.91 -4.65 -34.30
N LEU C 172 1.87 -3.33 -34.15
CA LEU C 172 1.95 -2.73 -32.83
C LEU C 172 0.77 -3.15 -31.97
N GLU C 173 -0.43 -3.19 -32.54
CA GLU C 173 -1.62 -3.52 -31.76
C GLU C 173 -1.59 -4.95 -31.22
N PHE C 174 -0.84 -5.85 -31.84
CA PHE C 174 -0.64 -7.20 -31.33
C PHE C 174 0.76 -7.38 -30.75
N ASP C 175 1.29 -6.33 -30.14
CA ASP C 175 2.62 -6.35 -29.55
C ASP C 175 2.58 -5.34 -28.39
N TYR C 176 3.74 -4.94 -27.91
CA TYR C 176 3.83 -3.88 -26.90
C TYR C 176 4.61 -2.70 -27.47
N LEU C 177 4.67 -1.63 -26.68
CA LEU C 177 5.31 -0.40 -27.13
C LEU C 177 6.60 -0.08 -26.39
N GLY C 178 6.64 -0.26 -25.08
CA GLY C 178 7.85 0.04 -24.36
C GLY C 178 8.00 -0.71 -23.05
N GLY C 179 9.20 -1.19 -22.77
CA GLY C 179 9.47 -1.82 -21.50
C GLY C 179 9.09 -3.28 -21.44
N HIS C 180 8.75 -3.76 -20.25
CA HIS C 180 8.60 -5.18 -19.98
C HIS C 180 7.34 -5.75 -20.61
N GLY C 181 7.31 -5.77 -21.94
CA GLY C 181 6.09 -6.14 -22.64
C GLY C 181 5.67 -7.58 -22.44
N THR C 182 6.61 -8.51 -22.54
CA THR C 182 6.28 -9.92 -22.40
C THR C 182 5.81 -10.28 -21.00
N ARG C 183 5.99 -9.40 -20.02
CA ARG C 183 5.47 -9.59 -18.67
C ARG C 183 4.18 -8.80 -18.44
N GLY C 184 3.47 -8.44 -19.50
CA GLY C 184 2.15 -7.85 -19.38
C GLY C 184 2.04 -6.36 -19.51
N SER C 185 3.06 -5.69 -20.04
CA SER C 185 3.07 -4.23 -20.10
C SER C 185 3.08 -3.75 -21.54
N GLY C 186 2.63 -2.51 -21.73
CA GLY C 186 2.81 -1.83 -22.99
C GLY C 186 1.84 -2.19 -24.09
N ARG C 187 0.77 -2.93 -23.80
CA ARG C 187 -0.22 -3.22 -24.82
C ARG C 187 -0.99 -1.96 -25.18
N ILE C 188 -1.08 -1.66 -26.48
CA ILE C 188 -1.68 -0.42 -26.94
C ILE C 188 -2.69 -0.72 -28.03
N ALA C 189 -3.59 0.22 -28.25
CA ALA C 189 -4.56 0.18 -29.33
C ALA C 189 -4.51 1.49 -30.10
N PHE C 190 -4.91 1.43 -31.35
CA PHE C 190 -4.94 2.60 -32.22
C PHE C 190 -6.38 2.91 -32.60
N GLU C 191 -6.79 4.16 -32.38
CA GLU C 191 -8.13 4.60 -32.73
C GLU C 191 -8.07 5.97 -33.38
N ASN C 192 -9.10 6.28 -34.16
CA ASN C 192 -9.23 7.56 -34.87
C ASN C 192 -8.09 7.78 -35.85
N LEU C 193 -7.64 6.71 -36.49
CA LEU C 193 -6.56 6.81 -37.47
C LEU C 193 -7.07 7.48 -38.74
N SER C 194 -6.44 8.60 -39.11
CA SER C 194 -6.82 9.31 -40.32
C SER C 194 -5.60 10.03 -40.87
N VAL C 195 -5.66 10.35 -42.16
CA VAL C 195 -4.61 11.11 -42.84
C VAL C 195 -5.27 12.26 -43.58
N ILE C 196 -4.69 13.44 -43.44
CA ILE C 196 -5.19 14.64 -44.11
C ILE C 196 -4.00 15.35 -44.76
N THR C 197 -4.23 15.88 -45.96
CA THR C 197 -3.19 16.62 -46.66
C THR C 197 -3.06 18.01 -46.05
N ALA C 198 -1.85 18.33 -45.58
CA ALA C 198 -1.61 19.62 -44.94
C ALA C 198 -1.07 20.65 -45.93
N VAL C 199 -0.18 20.23 -46.81
CA VAL C 199 0.42 21.12 -47.81
C VAL C 199 0.18 20.51 -49.19
N GLY C 200 -0.39 21.31 -50.09
CA GLY C 200 -0.69 20.84 -51.43
C GLY C 200 -2.07 20.22 -51.55
N ASN C 201 -2.33 19.69 -52.74
CA ASN C 201 -3.59 19.05 -53.06
C ASN C 201 -3.32 17.60 -53.46
N PHE C 202 -4.07 16.67 -52.88
CA PHE C 202 -3.88 15.24 -53.13
C PHE C 202 -5.26 14.61 -53.25
N GLU C 203 -5.64 14.23 -54.47
CA GLU C 203 -6.98 13.70 -54.71
C GLU C 203 -7.15 12.27 -54.24
N LYS C 204 -6.05 11.52 -54.08
CA LYS C 204 -6.12 10.15 -53.60
C LYS C 204 -5.98 10.05 -52.08
N ILE C 205 -6.36 11.11 -51.35
CA ILE C 205 -6.35 11.04 -49.90
C ILE C 205 -7.46 10.12 -49.39
N ASN C 206 -8.53 9.95 -50.17
CA ASN C 206 -9.63 9.11 -49.74
C ASN C 206 -9.22 7.64 -49.64
N THR C 207 -8.46 7.14 -50.63
CA THR C 207 -8.01 5.76 -50.55
C THR C 207 -6.99 5.57 -49.43
N LEU C 208 -6.20 6.61 -49.13
CA LEU C 208 -5.29 6.54 -48.00
C LEU C 208 -6.06 6.47 -46.69
N ASN C 209 -7.16 7.21 -46.58
CA ASN C 209 -8.02 7.09 -45.41
C ASN C 209 -8.67 5.71 -45.34
N GLU C 210 -9.01 5.12 -46.49
CA GLU C 210 -9.54 3.76 -46.51
C GLU C 210 -8.51 2.77 -45.99
N ILE C 211 -7.24 2.95 -46.38
CA ILE C 211 -6.19 2.09 -45.86
C ILE C 211 -6.06 2.25 -44.35
N LEU C 212 -6.05 3.50 -43.88
CA LEU C 212 -5.89 3.76 -42.46
C LEU C 212 -7.13 3.34 -41.67
N GLY C 213 -8.31 3.50 -42.25
CA GLY C 213 -9.53 3.10 -41.59
C GLY C 213 -9.86 1.63 -41.70
N ALA C 214 -9.02 0.85 -42.35
CA ALA C 214 -9.25 -0.58 -42.50
C ALA C 214 -9.15 -1.30 -41.17
N MET D 1 5.68 -34.90 -11.75
CA MET D 1 4.56 -35.70 -11.29
C MET D 1 3.81 -34.98 -10.18
N LYS D 2 2.49 -34.96 -10.27
CA LYS D 2 1.65 -34.33 -9.26
C LYS D 2 0.47 -35.24 -8.95
N LEU D 3 0.05 -35.23 -7.70
CA LEU D 3 -0.99 -36.12 -7.20
C LEU D 3 -2.11 -35.31 -6.58
N VAL D 4 -3.33 -35.84 -6.67
CA VAL D 4 -4.52 -35.21 -6.11
C VAL D 4 -5.12 -36.14 -5.07
N ILE D 5 -5.37 -35.60 -3.88
CA ILE D 5 -5.93 -36.37 -2.77
C ILE D 5 -7.42 -36.05 -2.71
N GLU D 6 -8.24 -36.97 -3.18
CA GLU D 6 -9.68 -36.84 -3.11
C GLU D 6 -10.18 -37.26 -1.72
N GLY D 7 -11.42 -36.93 -1.44
CA GLY D 7 -12.03 -37.35 -0.20
C GLY D 7 -13.21 -36.47 0.17
N THR D 8 -13.86 -36.85 1.26
CA THR D 8 -15.02 -36.14 1.79
C THR D 8 -14.84 -35.94 3.29
N ILE D 9 -15.23 -34.76 3.76
CA ILE D 9 -15.27 -34.47 5.19
C ILE D 9 -16.74 -34.46 5.61
N VAL D 10 -17.11 -35.40 6.47
CA VAL D 10 -18.47 -35.52 6.95
C VAL D 10 -18.55 -34.96 8.36
N LEU D 11 -19.48 -34.04 8.58
CA LEU D 11 -19.67 -33.44 9.89
C LEU D 11 -20.42 -34.41 10.80
N LYS D 12 -19.71 -34.95 11.79
CA LYS D 12 -20.37 -35.77 12.79
C LYS D 12 -21.21 -34.90 13.73
N THR D 13 -20.69 -33.73 14.09
CA THR D 13 -21.41 -32.73 14.85
C THR D 13 -21.38 -31.41 14.08
N GLY D 14 -22.06 -30.41 14.61
CA GLY D 14 -22.06 -29.10 13.96
C GLY D 14 -20.68 -28.48 13.98
N MET D 15 -20.33 -27.85 12.86
CA MET D 15 -19.03 -27.21 12.70
C MET D 15 -19.21 -25.70 12.61
N HIS D 16 -18.26 -24.95 13.15
CA HIS D 16 -18.33 -23.50 13.18
C HIS D 16 -16.95 -22.91 12.91
N ILE D 17 -16.68 -22.58 11.66
CA ILE D 17 -15.50 -21.79 11.31
C ILE D 17 -15.90 -20.33 11.35
N GLY D 18 -15.21 -19.55 12.19
CA GLY D 18 -15.56 -18.16 12.40
C GLY D 18 -15.56 -17.32 11.14
N GLY D 19 -16.63 -16.53 10.97
CA GLY D 19 -16.78 -15.70 9.80
C GLY D 19 -16.37 -14.26 10.03
N SER D 20 -16.69 -13.42 9.05
CA SER D 20 -16.31 -12.01 9.12
C SER D 20 -17.18 -11.24 10.11
N SER D 21 -18.47 -11.56 10.17
CA SER D 21 -19.44 -10.92 11.06
C SER D 21 -19.57 -9.41 10.81
N ASP D 22 -19.21 -8.96 9.61
CA ASP D 22 -19.35 -7.56 9.23
C ASP D 22 -19.99 -7.36 7.87
N PHE D 23 -20.25 -8.44 7.12
CA PHE D 23 -20.83 -8.33 5.80
C PHE D 23 -21.98 -9.29 5.55
N SER D 24 -22.40 -10.06 6.56
CA SER D 24 -23.47 -11.04 6.40
C SER D 24 -24.83 -10.39 6.64
N ALA D 25 -25.16 -9.42 5.78
CA ALA D 25 -26.43 -8.71 5.82
C ALA D 25 -26.66 -8.04 7.17
N ILE D 26 -27.92 -7.70 7.46
CA ILE D 26 -28.30 -7.03 8.69
C ILE D 26 -29.34 -7.89 9.39
N GLY D 27 -29.16 -8.09 10.69
CA GLY D 27 -30.08 -8.91 11.44
C GLY D 27 -29.85 -10.40 11.31
N ALA D 28 -28.63 -10.81 11.01
CA ALA D 28 -28.28 -12.21 10.91
C ALA D 28 -27.88 -12.75 12.28
N VAL D 29 -27.34 -13.96 12.31
CA VAL D 29 -26.93 -14.57 13.57
C VAL D 29 -25.78 -13.79 14.19
N ASP D 30 -25.61 -13.96 15.51
CA ASP D 30 -24.60 -13.21 16.25
C ASP D 30 -23.20 -13.53 15.74
N SER D 31 -22.86 -14.82 15.66
CA SER D 31 -21.54 -15.25 15.21
C SER D 31 -21.69 -16.14 13.99
N PRO D 32 -21.51 -15.61 12.79
CA PRO D 32 -21.74 -16.41 11.58
C PRO D 32 -20.55 -17.30 11.25
N VAL D 33 -20.82 -18.31 10.44
CA VAL D 33 -19.78 -19.16 9.90
C VAL D 33 -19.26 -18.54 8.61
N VAL D 34 -18.06 -18.95 8.20
CA VAL D 34 -17.50 -18.46 6.95
C VAL D 34 -18.21 -19.15 5.79
N ARG D 35 -18.55 -18.38 4.77
CA ARG D 35 -19.25 -18.89 3.60
C ARG D 35 -18.54 -18.41 2.35
N ASP D 36 -18.78 -19.13 1.25
CA ASP D 36 -18.40 -18.62 -0.06
C ASP D 36 -19.18 -17.34 -0.34
N THR D 37 -18.47 -16.31 -0.80
CA THR D 37 -19.13 -15.02 -1.01
C THR D 37 -20.17 -15.10 -2.11
N LEU D 38 -19.87 -15.81 -3.20
CA LEU D 38 -20.78 -15.86 -4.34
C LEU D 38 -21.98 -16.75 -4.04
N THR D 39 -21.73 -18.02 -3.77
CA THR D 39 -22.81 -19.00 -3.60
C THR D 39 -23.41 -19.02 -2.20
N ARG D 40 -22.86 -18.23 -1.26
CA ARG D 40 -23.29 -18.23 0.14
C ARG D 40 -23.20 -19.61 0.77
N LEU D 41 -22.38 -20.48 0.22
CA LEU D 41 -22.21 -21.83 0.74
C LEU D 41 -21.18 -21.83 1.86
N PRO D 42 -21.49 -22.38 3.03
CA PRO D 42 -20.46 -22.55 4.07
C PRO D 42 -19.30 -23.37 3.53
N LEU D 43 -18.09 -22.99 3.92
CA LEU D 43 -16.92 -23.70 3.44
C LEU D 43 -15.94 -23.92 4.58
N ILE D 44 -15.09 -24.94 4.41
CA ILE D 44 -13.93 -25.16 5.26
C ILE D 44 -12.74 -24.53 4.56
N PRO D 45 -12.18 -23.43 5.08
CA PRO D 45 -11.02 -22.82 4.45
C PRO D 45 -9.85 -23.79 4.43
N GLY D 46 -9.09 -23.77 3.33
CA GLY D 46 -7.90 -24.59 3.25
C GLY D 46 -6.87 -24.22 4.31
N SER D 47 -6.84 -22.95 4.69
CA SER D 47 -5.90 -22.51 5.73
C SER D 47 -6.23 -23.16 7.08
N SER D 48 -7.51 -23.24 7.43
CA SER D 48 -7.88 -23.79 8.74
C SER D 48 -7.66 -25.29 8.80
N LEU D 49 -8.07 -26.02 7.75
CA LEU D 49 -7.81 -27.45 7.71
C LEU D 49 -6.31 -27.74 7.71
N LYS D 50 -5.55 -26.98 6.92
CA LYS D 50 -4.10 -27.16 6.90
C LYS D 50 -3.49 -26.89 8.25
N GLY D 51 -3.92 -25.81 8.92
CA GLY D 51 -3.35 -25.49 10.22
C GLY D 51 -3.65 -26.53 11.27
N LYS D 52 -4.90 -26.99 11.33
CA LYS D 52 -5.25 -28.02 12.30
C LYS D 52 -4.50 -29.32 12.01
N MET D 53 -4.45 -29.73 10.75
CA MET D 53 -3.75 -30.96 10.40
C MET D 53 -2.26 -30.84 10.69
N ARG D 54 -1.66 -29.69 10.40
CA ARG D 54 -0.24 -29.49 10.68
C ARG D 54 0.03 -29.52 12.17
N TYR D 55 -0.82 -28.88 12.97
CA TYR D 55 -0.60 -28.90 14.41
C TYR D 55 -0.69 -30.32 14.96
N LEU D 56 -1.74 -31.05 14.58
CA LEU D 56 -1.88 -32.41 15.09
C LEU D 56 -0.75 -33.31 14.63
N LEU D 57 -0.37 -33.21 13.35
CA LEU D 57 0.68 -34.07 12.81
C LEU D 57 2.04 -33.72 13.40
N ALA D 58 2.33 -32.43 13.58
CA ALA D 58 3.60 -32.04 14.17
C ALA D 58 3.68 -32.42 15.64
N LYS D 59 2.57 -32.34 16.36
CA LYS D 59 2.57 -32.75 17.76
C LYS D 59 2.76 -34.25 17.87
N GLU D 60 2.06 -35.04 17.04
CA GLU D 60 2.16 -36.49 17.14
C GLU D 60 3.46 -37.04 16.57
N LEU D 61 4.04 -36.38 15.58
CA LEU D 61 5.25 -36.89 14.94
C LEU D 61 6.48 -36.63 15.80
N ASN D 62 6.52 -35.52 16.52
CA ASN D 62 7.76 -35.12 17.18
C ASN D 62 8.00 -35.94 18.45
N ASN D 63 7.18 -35.74 19.48
CA ASN D 63 7.23 -36.59 20.65
C ASN D 63 5.87 -36.81 21.30
N GLY D 64 4.78 -36.30 20.73
CA GLY D 64 3.55 -36.09 21.45
C GLY D 64 3.43 -34.71 22.04
N ILE D 65 4.49 -33.91 21.99
CA ILE D 65 4.49 -32.53 22.47
C ILE D 65 4.92 -31.62 21.32
N LEU D 66 4.50 -30.36 21.39
CA LEU D 66 4.81 -29.40 20.34
C LEU D 66 4.74 -28.01 20.93
N LEU D 67 5.91 -27.37 21.09
CA LEU D 67 5.99 -26.02 21.62
C LEU D 67 6.75 -25.05 20.72
N ASN D 68 7.37 -25.53 19.66
CA ASN D 68 8.23 -24.71 18.83
C ASN D 68 7.40 -23.88 17.85
N GLU D 69 8.07 -22.94 17.19
CA GLU D 69 7.46 -22.19 16.10
C GLU D 69 7.21 -23.13 14.92
N PRO D 70 6.27 -22.77 14.03
CA PRO D 70 5.97 -23.67 12.90
C PRO D 70 7.17 -23.95 12.01
N ASN D 71 8.12 -23.01 11.92
CA ASN D 71 9.28 -23.21 11.06
C ASN D 71 10.29 -24.19 11.64
N ASN D 72 10.20 -24.52 12.93
CA ASN D 72 11.14 -25.43 13.59
C ASN D 72 10.53 -26.81 13.81
N ASP D 73 9.71 -27.28 12.88
CA ASP D 73 9.09 -28.60 13.00
C ASP D 73 10.04 -29.66 12.45
N GLN D 74 9.56 -30.90 12.37
CA GLN D 74 10.36 -31.99 11.85
C GLN D 74 10.55 -31.83 10.34
N ASP D 75 11.45 -32.65 9.79
CA ASP D 75 11.70 -32.62 8.36
C ASP D 75 10.46 -33.01 7.57
N GLU D 76 9.72 -34.01 8.05
CA GLU D 76 8.51 -34.44 7.37
C GLU D 76 7.46 -33.34 7.38
N ILE D 77 7.27 -32.68 8.52
CA ILE D 77 6.29 -31.60 8.60
C ILE D 77 6.69 -30.45 7.68
N LEU D 78 7.98 -30.11 7.66
CA LEU D 78 8.43 -29.01 6.83
C LEU D 78 8.32 -29.33 5.34
N ARG D 79 8.60 -30.57 4.96
CA ARG D 79 8.51 -30.94 3.55
C ARG D 79 7.07 -31.13 3.10
N LEU D 80 6.14 -31.37 4.03
CA LEU D 80 4.74 -31.48 3.66
C LEU D 80 4.02 -30.13 3.67
N PHE D 81 4.32 -29.28 4.63
CA PHE D 81 3.60 -28.03 4.84
C PHE D 81 4.42 -26.80 4.52
N GLY D 82 5.68 -26.95 4.16
CA GLY D 82 6.50 -25.82 3.78
C GLY D 82 7.21 -25.18 4.95
N SER D 83 8.25 -24.41 4.63
CA SER D 83 9.04 -23.71 5.62
C SER D 83 9.52 -22.39 5.03
N SER D 84 9.60 -21.36 5.88
CA SER D 84 10.04 -20.04 5.45
C SER D 84 11.28 -19.58 6.21
N GLU D 85 12.16 -20.51 6.58
CA GLU D 85 13.39 -20.14 7.26
C GLU D 85 14.31 -19.37 6.31
N LYS D 86 15.40 -18.87 6.86
CA LYS D 86 16.32 -18.06 6.07
C LYS D 86 17.02 -18.90 5.00
N ASP D 87 17.80 -19.88 5.42
CA ASP D 87 18.56 -20.72 4.50
C ASP D 87 17.90 -22.08 4.26
N LYS D 88 16.75 -22.34 4.88
CA LYS D 88 16.02 -23.59 4.70
C LYS D 88 14.58 -23.24 4.33
N ILE D 89 14.34 -23.01 3.04
CA ILE D 89 12.99 -22.75 2.54
C ILE D 89 12.52 -24.04 1.89
N ARG D 90 11.63 -24.75 2.57
CA ARG D 90 10.98 -25.92 2.01
C ARG D 90 9.74 -25.49 1.24
N ARG D 91 9.63 -25.95 0.00
CA ARG D 91 8.42 -25.74 -0.78
C ARG D 91 7.41 -26.81 -0.39
N ALA D 92 6.23 -26.38 0.04
CA ALA D 92 5.24 -27.31 0.56
C ALA D 92 4.80 -28.28 -0.54
N ARG D 93 4.79 -29.57 -0.21
CA ARG D 93 4.33 -30.57 -1.15
C ARG D 93 2.82 -30.68 -1.18
N LEU D 94 2.13 -30.16 -0.17
CA LEU D 94 0.68 -30.20 -0.09
C LEU D 94 0.10 -28.83 -0.39
N LYS D 95 -0.88 -28.78 -1.28
CA LYS D 95 -1.59 -27.54 -1.62
C LYS D 95 -3.03 -27.72 -1.21
N PHE D 96 -3.40 -27.13 -0.08
CA PHE D 96 -4.78 -27.22 0.39
C PHE D 96 -5.66 -26.24 -0.38
N ASN D 97 -6.96 -26.53 -0.37
CA ASN D 97 -7.94 -25.72 -1.08
C ASN D 97 -9.14 -25.47 -0.18
N ASP D 98 -9.83 -24.36 -0.44
CA ASP D 98 -11.09 -24.10 0.25
C ASP D 98 -12.11 -25.16 -0.15
N ILE D 99 -12.88 -25.62 0.83
CA ILE D 99 -13.78 -26.77 0.66
C ILE D 99 -15.19 -26.29 0.91
N LYS D 100 -15.95 -26.07 -0.15
CA LYS D 100 -17.39 -25.82 -0.03
C LYS D 100 -18.13 -27.14 0.13
N LEU D 101 -19.27 -27.10 0.81
CA LEU D 101 -20.06 -28.31 0.97
C LEU D 101 -20.77 -28.62 -0.33
N SER D 102 -20.87 -29.91 -0.64
CA SER D 102 -21.43 -30.34 -1.91
C SER D 102 -22.85 -30.87 -1.80
N ASN D 103 -23.22 -31.47 -0.66
CA ASN D 103 -24.53 -32.10 -0.55
C ASN D 103 -25.60 -31.12 -0.06
N LEU D 104 -25.68 -29.96 -0.69
CA LEU D 104 -26.78 -29.05 -0.39
C LEU D 104 -28.10 -29.63 -0.85
N ALA D 105 -28.11 -30.32 -2.00
CA ALA D 105 -29.33 -30.97 -2.47
C ALA D 105 -29.78 -32.05 -1.51
N GLU D 106 -28.83 -32.83 -0.98
CA GLU D 106 -29.18 -33.87 -0.01
C GLU D 106 -29.78 -33.25 1.25
N LEU D 107 -29.19 -32.16 1.74
CA LEU D 107 -29.74 -31.49 2.92
C LEU D 107 -31.12 -30.93 2.63
N GLU D 108 -31.31 -30.34 1.44
CA GLU D 108 -32.61 -29.80 1.06
C GLU D 108 -33.65 -30.89 0.85
N THR D 109 -33.22 -32.14 0.64
CA THR D 109 -34.17 -33.25 0.60
C THR D 109 -34.88 -33.41 1.93
N PHE D 110 -34.14 -33.31 3.04
CA PHE D 110 -34.74 -33.38 4.37
C PHE D 110 -35.33 -32.05 4.83
N ASN D 111 -35.46 -31.07 3.93
CA ASN D 111 -36.08 -29.78 4.23
C ASN D 111 -35.37 -29.07 5.37
N VAL D 112 -34.04 -29.15 5.38
CA VAL D 112 -33.21 -28.47 6.37
C VAL D 112 -32.18 -27.62 5.64
N SER D 113 -31.87 -26.46 6.21
CA SER D 113 -30.84 -25.60 5.66
C SER D 113 -29.46 -26.16 5.98
N SER D 114 -28.45 -25.61 5.30
CA SER D 114 -27.08 -26.05 5.54
C SER D 114 -26.61 -25.70 6.94
N THR D 115 -27.05 -24.57 7.48
CA THR D 115 -26.60 -24.08 8.78
C THR D 115 -27.77 -23.98 9.74
N GLU D 116 -27.47 -24.20 11.01
CA GLU D 116 -28.42 -24.08 12.11
C GLU D 116 -28.01 -22.91 12.99
N VAL D 117 -28.79 -22.69 14.04
CA VAL D 117 -28.44 -21.74 15.09
C VAL D 117 -28.45 -22.49 16.41
N LYS D 118 -27.32 -22.44 17.11
CA LYS D 118 -27.16 -23.13 18.38
C LYS D 118 -27.28 -22.13 19.51
N PHE D 119 -28.19 -22.40 20.44
CA PHE D 119 -28.45 -21.54 21.58
C PHE D 119 -27.64 -22.02 22.77
N GLU D 120 -26.82 -21.14 23.33
CA GLU D 120 -26.01 -21.46 24.49
C GLU D 120 -26.11 -20.33 25.49
N ASN D 121 -25.88 -20.65 26.76
CA ASN D 121 -25.81 -19.64 27.81
C ASN D 121 -24.63 -19.95 28.71
N THR D 122 -24.12 -18.89 29.37
CA THR D 122 -23.13 -19.03 30.42
C THR D 122 -23.77 -18.59 31.74
N ILE D 123 -23.72 -19.46 32.74
CA ILE D 123 -24.34 -19.19 34.03
C ILE D 123 -23.28 -18.61 34.95
N ASN D 124 -23.42 -17.32 35.29
CA ASN D 124 -22.51 -16.69 36.22
C ASN D 124 -22.61 -17.38 37.58
N ARG D 125 -21.46 -17.78 38.11
CA ARG D 125 -21.45 -18.64 39.28
C ARG D 125 -21.77 -17.90 40.56
N LYS D 126 -21.33 -16.64 40.69
CA LYS D 126 -21.62 -15.87 41.89
C LYS D 126 -23.05 -15.36 41.93
N THR D 127 -23.75 -15.35 40.80
CA THR D 127 -25.13 -14.87 40.73
C THR D 127 -26.12 -15.95 40.36
N ALA D 128 -25.66 -17.07 39.78
CA ALA D 128 -26.53 -18.14 39.30
C ALA D 128 -27.54 -17.62 38.28
N VAL D 129 -27.09 -16.70 37.43
CA VAL D 129 -27.91 -16.10 36.38
C VAL D 129 -27.34 -16.51 35.03
N ALA D 130 -28.22 -16.86 34.11
CA ALA D 130 -27.81 -17.33 32.78
C ALA D 130 -27.68 -16.15 31.82
N ASN D 131 -26.79 -16.31 30.84
CA ASN D 131 -26.52 -15.28 29.83
C ASN D 131 -26.62 -15.94 28.46
N PRO D 132 -27.83 -16.00 27.89
CA PRO D 132 -28.00 -16.70 26.61
C PRO D 132 -27.23 -16.05 25.47
N ARG D 133 -26.81 -16.89 24.53
CA ARG D 133 -26.13 -16.44 23.32
C ARG D 133 -26.49 -17.37 22.17
N GLN D 134 -26.30 -16.90 20.95
CA GLN D 134 -26.58 -17.69 19.76
C GLN D 134 -25.35 -17.74 18.88
N ILE D 135 -25.08 -18.93 18.34
CA ILE D 135 -24.03 -19.11 17.34
C ILE D 135 -24.61 -19.88 16.17
N GLU D 136 -23.94 -19.77 15.02
CA GLU D 136 -24.32 -20.48 13.82
C GLU D 136 -23.37 -21.63 13.59
N ARG D 137 -23.91 -22.78 13.21
CA ARG D 137 -23.13 -23.97 12.95
C ARG D 137 -23.60 -24.62 11.66
N VAL D 138 -22.66 -25.16 10.89
CA VAL D 138 -23.02 -26.04 9.79
C VAL D 138 -23.51 -27.35 10.38
N ILE D 139 -24.70 -27.78 9.97
CA ILE D 139 -25.36 -28.89 10.63
C ILE D 139 -24.57 -30.18 10.42
N ALA D 140 -24.72 -31.10 11.36
CA ALA D 140 -24.13 -32.42 11.22
C ALA D 140 -24.76 -33.16 10.06
N GLY D 141 -23.95 -33.93 9.35
CA GLY D 141 -24.40 -34.60 8.14
C GLY D 141 -24.01 -33.89 6.87
N SER D 142 -23.56 -32.64 6.95
CA SER D 142 -23.02 -31.96 5.78
C SER D 142 -21.73 -32.62 5.33
N LYS D 143 -21.55 -32.70 4.02
CA LYS D 143 -20.39 -33.32 3.42
C LYS D 143 -19.58 -32.28 2.65
N PHE D 144 -18.26 -32.36 2.77
CA PHE D 144 -17.34 -31.41 2.15
C PHE D 144 -16.31 -32.20 1.34
N ASP D 145 -16.57 -32.41 0.06
CA ASP D 145 -15.58 -33.06 -0.79
C ASP D 145 -14.43 -32.10 -1.06
N PHE D 146 -13.22 -32.53 -0.73
CA PHE D 146 -12.03 -31.70 -0.83
C PHE D 146 -11.09 -32.25 -1.88
N GLU D 147 -10.09 -31.44 -2.23
CA GLU D 147 -9.02 -31.84 -3.12
C GLU D 147 -7.73 -31.23 -2.62
N ILE D 148 -6.74 -32.08 -2.36
CA ILE D 148 -5.42 -31.64 -1.92
C ILE D 148 -4.41 -32.08 -2.97
N PHE D 149 -3.61 -31.13 -3.45
CA PHE D 149 -2.60 -31.40 -4.44
C PHE D 149 -1.29 -31.78 -3.77
N TYR D 150 -0.70 -32.90 -4.20
CA TYR D 150 0.57 -33.36 -3.68
C TYR D 150 1.63 -33.24 -4.76
N ASN D 151 2.69 -32.48 -4.48
CA ASN D 151 3.84 -32.40 -5.38
C ASN D 151 4.75 -33.60 -5.12
N LEU D 152 4.85 -34.48 -6.11
CA LEU D 152 5.71 -35.66 -5.97
C LEU D 152 7.13 -35.23 -6.33
N ASP D 153 7.87 -34.77 -5.32
CA ASP D 153 9.22 -34.27 -5.54
C ASP D 153 10.27 -35.38 -5.45
N ASP D 154 10.24 -36.18 -4.40
CA ASP D 154 11.19 -37.26 -4.19
C ASP D 154 10.43 -38.58 -4.21
N ILE D 155 10.84 -39.47 -5.12
CA ILE D 155 10.22 -40.79 -5.22
C ILE D 155 10.55 -41.66 -4.01
N LYS D 156 11.57 -41.30 -3.24
CA LYS D 156 12.05 -42.14 -2.15
C LYS D 156 11.29 -41.93 -0.86
N GLU D 157 10.43 -40.92 -0.78
CA GLU D 157 9.69 -40.67 0.46
C GLU D 157 8.22 -40.34 0.22
N VAL D 158 7.66 -40.75 -0.92
CA VAL D 158 6.24 -40.55 -1.15
C VAL D 158 5.41 -41.47 -0.26
N GLU D 159 5.91 -42.69 -0.02
CA GLU D 159 5.20 -43.60 0.88
C GLU D 159 5.17 -43.07 2.30
N LYS D 160 6.30 -42.55 2.80
CA LYS D 160 6.32 -41.97 4.13
C LYS D 160 5.47 -40.70 4.20
N ASP D 161 5.50 -39.89 3.14
CA ASP D 161 4.67 -38.70 3.12
C ASP D 161 3.20 -39.05 3.20
N PHE D 162 2.77 -40.08 2.46
CA PHE D 162 1.37 -40.44 2.50
C PHE D 162 0.98 -41.16 3.78
N GLU D 163 1.92 -41.88 4.40
CA GLU D 163 1.66 -42.40 5.74
C GLU D 163 1.43 -41.26 6.72
N ASN D 164 2.24 -40.21 6.64
CA ASN D 164 2.03 -39.03 7.49
C ASN D 164 0.69 -38.35 7.18
N ILE D 165 0.32 -38.29 5.91
CA ILE D 165 -0.95 -37.65 5.53
C ILE D 165 -2.12 -38.44 6.08
N LYS D 166 -2.08 -39.77 5.95
CA LYS D 166 -3.14 -40.61 6.52
C LYS D 166 -3.18 -40.47 8.04
N GLN D 167 -2.00 -40.40 8.67
CA GLN D 167 -1.95 -40.22 10.12
C GLN D 167 -2.57 -38.89 10.53
N GLY D 168 -2.31 -37.83 9.76
CA GLY D 168 -2.90 -36.53 10.08
C GLY D 168 -4.40 -36.53 9.90
N PHE D 169 -4.89 -37.18 8.85
CA PHE D 169 -6.34 -37.33 8.69
C PHE D 169 -6.94 -38.12 9.86
N ASP D 170 -6.25 -39.17 10.30
CA ASP D 170 -6.74 -39.94 11.44
C ASP D 170 -6.75 -39.10 12.72
N LEU D 171 -5.72 -38.29 12.93
CA LEU D 171 -5.68 -37.43 14.10
C LEU D 171 -6.80 -36.40 14.08
N LEU D 172 -7.13 -35.87 12.90
CA LEU D 172 -8.24 -34.94 12.78
C LEU D 172 -9.58 -35.59 13.13
N GLU D 173 -9.70 -36.91 12.96
CA GLU D 173 -10.94 -37.61 13.28
C GLU D 173 -11.14 -37.78 14.77
N PHE D 174 -10.08 -37.70 15.56
CA PHE D 174 -10.18 -37.73 17.02
C PHE D 174 -10.01 -36.35 17.63
N ASP D 175 -10.20 -35.31 16.82
CA ASP D 175 -10.17 -33.93 17.29
C ASP D 175 -11.29 -33.19 16.55
N TYR D 176 -11.24 -31.87 16.56
CA TYR D 176 -12.24 -31.06 15.88
C TYR D 176 -11.59 -30.20 14.81
N LEU D 177 -12.43 -29.64 13.94
CA LEU D 177 -12.01 -28.75 12.87
C LEU D 177 -12.68 -27.40 13.08
N GLY D 178 -11.98 -26.49 13.74
CA GLY D 178 -12.45 -25.12 13.89
C GLY D 178 -13.58 -24.96 14.89
N GLY D 179 -13.60 -23.80 15.56
CA GLY D 179 -14.73 -23.45 16.39
C GLY D 179 -14.69 -24.07 17.77
N HIS D 180 -15.87 -24.07 18.39
CA HIS D 180 -16.01 -24.39 19.81
C HIS D 180 -15.91 -25.91 20.00
N GLY D 181 -14.74 -26.43 19.64
CA GLY D 181 -14.58 -27.87 19.51
C GLY D 181 -14.74 -28.63 20.81
N THR D 182 -14.13 -28.12 21.88
CA THR D 182 -14.24 -28.79 23.17
C THR D 182 -15.67 -28.79 23.67
N ARG D 183 -16.47 -27.81 23.27
CA ARG D 183 -17.88 -27.75 23.63
C ARG D 183 -18.77 -28.39 22.57
N GLY D 184 -18.44 -29.61 22.15
CA GLY D 184 -19.32 -30.43 21.36
C GLY D 184 -19.31 -30.19 19.86
N SER D 185 -18.56 -29.22 19.36
CA SER D 185 -18.63 -28.86 17.96
C SER D 185 -17.40 -29.34 17.19
N GLY D 186 -17.52 -29.33 15.87
CA GLY D 186 -16.38 -29.48 14.98
C GLY D 186 -15.91 -30.89 14.73
N ARG D 187 -16.58 -31.91 15.24
CA ARG D 187 -16.14 -33.27 15.00
C ARG D 187 -16.41 -33.68 13.55
N ILE D 188 -15.39 -34.22 12.89
CA ILE D 188 -15.46 -34.56 11.48
C ILE D 188 -15.00 -36.00 11.28
N ALA D 189 -15.28 -36.53 10.09
CA ALA D 189 -14.85 -37.85 9.69
C ALA D 189 -14.36 -37.80 8.25
N PHE D 190 -13.48 -38.74 7.90
CA PHE D 190 -12.92 -38.85 6.56
C PHE D 190 -13.29 -40.19 5.96
N GLU D 191 -13.75 -40.17 4.71
CA GLU D 191 -13.93 -41.41 3.96
C GLU D 191 -13.77 -41.10 2.48
N ASN D 192 -13.71 -42.17 1.68
CA ASN D 192 -13.42 -42.07 0.25
C ASN D 192 -12.10 -41.37 0.00
N LEU D 193 -11.12 -41.68 0.84
CA LEU D 193 -9.78 -41.11 0.71
C LEU D 193 -9.04 -41.87 -0.38
N SER D 194 -8.98 -41.27 -1.57
CA SER D 194 -8.29 -41.86 -2.71
C SER D 194 -7.37 -40.83 -3.33
N VAL D 195 -6.17 -41.26 -3.69
CA VAL D 195 -5.21 -40.40 -4.38
C VAL D 195 -5.15 -40.82 -5.84
N ILE D 196 -5.17 -39.82 -6.72
CA ILE D 196 -5.11 -40.04 -8.16
C ILE D 196 -4.00 -39.17 -8.74
N THR D 197 -3.51 -39.59 -9.90
CA THR D 197 -2.46 -38.86 -10.59
C THR D 197 -3.07 -37.71 -11.39
N ALA D 198 -2.53 -36.51 -11.22
CA ALA D 198 -3.06 -35.35 -11.93
C ALA D 198 -2.85 -35.49 -13.44
N VAL D 199 -1.65 -35.87 -13.85
CA VAL D 199 -1.33 -36.07 -15.26
C VAL D 199 -0.53 -37.35 -15.40
N GLY D 200 -0.93 -38.21 -16.33
CA GLY D 200 -0.21 -39.43 -16.58
C GLY D 200 -0.55 -40.56 -15.63
N ASN D 201 0.46 -41.27 -15.16
CA ASN D 201 0.25 -42.40 -14.26
C ASN D 201 1.40 -42.48 -13.28
N PHE D 202 1.11 -42.99 -12.09
CA PHE D 202 2.10 -43.24 -11.05
C PHE D 202 2.20 -44.73 -10.80
N GLU D 203 3.41 -45.27 -10.89
CA GLU D 203 3.60 -46.71 -10.81
C GLU D 203 3.48 -47.27 -9.39
N LYS D 204 3.40 -46.41 -8.38
CA LYS D 204 3.14 -46.84 -7.01
C LYS D 204 1.86 -46.21 -6.47
N ILE D 205 0.89 -45.95 -7.36
CA ILE D 205 -0.36 -45.34 -6.94
C ILE D 205 -1.29 -46.33 -6.24
N ASN D 206 -1.09 -47.63 -6.46
CA ASN D 206 -1.92 -48.61 -5.76
C ASN D 206 -1.49 -48.78 -4.31
N THR D 207 -0.18 -48.69 -4.04
CA THR D 207 0.30 -48.74 -2.67
C THR D 207 -0.11 -47.48 -1.92
N LEU D 208 -0.12 -46.33 -2.60
CA LEU D 208 -0.55 -45.09 -1.96
C LEU D 208 -2.02 -45.13 -1.59
N ASN D 209 -2.86 -45.73 -2.44
CA ASN D 209 -4.28 -45.78 -2.15
C ASN D 209 -4.58 -46.71 -0.97
N GLU D 210 -3.83 -47.81 -0.84
CA GLU D 210 -4.10 -48.74 0.25
C GLU D 210 -3.57 -48.24 1.59
N ILE D 211 -2.54 -47.39 1.59
CA ILE D 211 -2.15 -46.74 2.84
C ILE D 211 -3.01 -45.52 3.12
N LEU D 212 -3.69 -44.99 2.11
CA LEU D 212 -4.65 -43.91 2.30
C LEU D 212 -6.06 -44.42 2.59
N GLY D 213 -6.28 -45.72 2.49
CA GLY D 213 -7.57 -46.30 2.80
C GLY D 213 -7.53 -47.17 4.04
N ALA D 214 -6.34 -47.33 4.61
CA ALA D 214 -6.17 -48.14 5.81
C ALA D 214 -4.94 -47.71 6.60
N MET E 1 4.06 -15.05 -38.36
CA MET E 1 2.96 -14.16 -38.04
C MET E 1 2.69 -14.14 -36.55
N LYS E 2 1.50 -13.68 -36.17
CA LYS E 2 1.13 -13.51 -34.77
C LYS E 2 -0.15 -14.29 -34.50
N LEU E 3 -0.17 -15.04 -33.40
CA LEU E 3 -1.34 -15.77 -32.95
C LEU E 3 -1.78 -15.22 -31.60
N VAL E 4 -3.09 -15.11 -31.41
CA VAL E 4 -3.67 -14.60 -30.17
C VAL E 4 -4.34 -15.77 -29.47
N ILE E 5 -3.87 -16.10 -28.28
CA ILE E 5 -4.41 -17.21 -27.49
C ILE E 5 -5.41 -16.61 -26.51
N GLU E 6 -6.70 -16.78 -26.80
CA GLU E 6 -7.75 -16.33 -25.90
C GLU E 6 -8.05 -17.40 -24.86
N GLY E 7 -8.77 -16.99 -23.84
CA GLY E 7 -9.17 -17.92 -22.80
C GLY E 7 -9.81 -17.18 -21.64
N THR E 8 -10.18 -17.95 -20.62
CA THR E 8 -10.76 -17.39 -19.41
C THR E 8 -10.15 -18.10 -18.21
N ILE E 9 -9.82 -17.32 -17.19
CA ILE E 9 -9.37 -17.85 -15.90
C ILE E 9 -10.54 -17.73 -14.94
N VAL E 10 -10.98 -18.87 -14.41
CA VAL E 10 -12.07 -18.93 -13.44
C VAL E 10 -11.47 -19.28 -12.09
N LEU E 11 -11.72 -18.44 -11.09
CA LEU E 11 -11.18 -18.67 -9.76
C LEU E 11 -12.02 -19.73 -9.06
N LYS E 12 -11.43 -20.91 -8.87
CA LYS E 12 -12.10 -21.95 -8.09
C LYS E 12 -12.14 -21.56 -6.62
N THR E 13 -11.07 -20.97 -6.11
CA THR E 13 -11.01 -20.41 -4.77
C THR E 13 -10.58 -18.95 -4.85
N GLY E 14 -10.75 -18.24 -3.74
CA GLY E 14 -10.32 -16.85 -3.66
C GLY E 14 -8.84 -16.70 -3.93
N MET E 15 -8.47 -15.72 -4.76
CA MET E 15 -7.09 -15.54 -5.18
C MET E 15 -6.55 -14.22 -4.64
N HIS E 16 -5.36 -14.27 -4.05
CA HIS E 16 -4.66 -13.09 -3.56
C HIS E 16 -3.37 -12.97 -4.37
N ILE E 17 -3.46 -12.34 -5.52
CA ILE E 17 -2.33 -12.22 -6.44
C ILE E 17 -1.76 -10.80 -6.39
N GLY E 18 -2.09 -10.05 -5.35
CA GLY E 18 -1.82 -8.63 -5.31
C GLY E 18 -0.64 -8.22 -4.45
N GLY E 19 -0.15 -7.02 -4.73
CA GLY E 19 0.92 -6.42 -3.96
C GLY E 19 0.82 -4.91 -3.85
N SER E 20 -0.29 -4.34 -4.29
CA SER E 20 -0.48 -2.89 -4.32
C SER E 20 -1.21 -2.42 -3.08
N SER E 21 -0.69 -1.39 -2.42
CA SER E 21 -1.26 -0.82 -1.21
C SER E 21 -1.33 0.71 -1.32
N ASP E 22 -1.84 1.19 -2.44
CA ASP E 22 -1.75 2.59 -2.82
C ASP E 22 -3.09 3.30 -2.57
N PHE E 23 -3.18 4.55 -3.06
CA PHE E 23 -4.35 5.42 -3.03
C PHE E 23 -5.10 5.46 -1.70
N SER E 24 -6.42 5.27 -1.77
CA SER E 24 -7.31 5.68 -0.70
C SER E 24 -7.06 4.92 0.60
N ALA E 25 -7.28 5.61 1.71
CA ALA E 25 -7.28 5.04 3.06
C ALA E 25 -8.68 4.89 3.60
N ILE E 26 -9.63 4.55 2.73
CA ILE E 26 -11.06 4.56 3.05
C ILE E 26 -11.40 3.38 3.95
N GLY E 27 -10.39 2.59 4.32
CA GLY E 27 -10.62 1.43 5.15
C GLY E 27 -10.09 0.16 4.50
N ALA E 28 -9.11 0.32 3.62
CA ALA E 28 -8.54 -0.81 2.91
C ALA E 28 -7.69 -1.66 3.85
N VAL E 29 -7.61 -2.95 3.53
CA VAL E 29 -6.73 -3.85 4.28
C VAL E 29 -5.28 -3.50 4.01
N ASP E 30 -4.40 -3.87 4.96
CA ASP E 30 -2.98 -3.60 4.80
C ASP E 30 -2.31 -4.46 3.74
N SER E 31 -3.01 -5.49 3.24
CA SER E 31 -2.49 -6.35 2.18
C SER E 31 -3.52 -6.45 1.07
N PRO E 32 -3.66 -5.39 0.25
CA PRO E 32 -4.68 -5.40 -0.79
C PRO E 32 -4.22 -6.16 -2.03
N VAL E 33 -5.21 -6.55 -2.84
CA VAL E 33 -4.92 -7.16 -4.12
C VAL E 33 -4.61 -6.08 -5.15
N VAL E 34 -3.88 -6.48 -6.20
CA VAL E 34 -3.54 -5.55 -7.26
C VAL E 34 -4.78 -5.29 -8.12
N ARG E 35 -5.04 -4.02 -8.39
CA ARG E 35 -6.22 -3.61 -9.14
C ARG E 35 -5.79 -2.78 -10.34
N ASP E 36 -6.66 -2.75 -11.34
CA ASP E 36 -6.50 -1.75 -12.40
C ASP E 36 -6.60 -0.37 -11.79
N THR E 37 -5.66 0.50 -12.16
CA THR E 37 -5.56 1.79 -11.48
C THR E 37 -6.73 2.71 -11.83
N LEU E 38 -7.24 2.63 -13.06
CA LEU E 38 -8.33 3.48 -13.50
C LEU E 38 -9.70 2.91 -13.16
N THR E 39 -9.96 1.67 -13.54
CA THR E 39 -11.26 1.05 -13.35
C THR E 39 -11.42 0.40 -11.98
N ARG E 40 -10.35 0.33 -11.19
CA ARG E 40 -10.36 -0.26 -9.85
C ARG E 40 -10.76 -1.74 -9.87
N LEU E 41 -10.72 -2.36 -11.04
CA LEU E 41 -11.04 -3.77 -11.17
C LEU E 41 -9.86 -4.62 -10.69
N PRO E 42 -10.12 -5.72 -9.99
CA PRO E 42 -9.03 -6.64 -9.66
C PRO E 42 -8.37 -7.15 -10.93
N LEU E 43 -7.05 -7.31 -10.86
CA LEU E 43 -6.24 -7.55 -12.04
C LEU E 43 -5.28 -8.72 -11.81
N ILE E 44 -5.07 -9.52 -12.85
CA ILE E 44 -4.04 -10.55 -12.85
C ILE E 44 -2.88 -10.03 -13.68
N PRO E 45 -1.74 -9.69 -13.08
CA PRO E 45 -0.60 -9.22 -13.87
C PRO E 45 -0.12 -10.29 -14.83
N GLY E 46 0.28 -9.86 -16.03
CA GLY E 46 0.86 -10.80 -16.97
C GLY E 46 2.16 -11.37 -16.48
N SER E 47 2.88 -10.61 -15.65
CA SER E 47 4.14 -11.09 -15.09
C SER E 47 3.92 -12.23 -14.10
N SER E 48 2.87 -12.14 -13.27
CA SER E 48 2.57 -13.22 -12.33
C SER E 48 2.23 -14.51 -13.06
N LEU E 49 1.32 -14.43 -14.02
CA LEU E 49 0.93 -15.61 -14.79
C LEU E 49 2.12 -16.17 -15.57
N LYS E 50 2.90 -15.29 -16.21
CA LYS E 50 4.05 -15.75 -16.97
C LYS E 50 5.07 -16.43 -16.07
N GLY E 51 5.36 -15.85 -14.91
CA GLY E 51 6.36 -16.44 -14.02
C GLY E 51 5.91 -17.78 -13.47
N LYS E 52 4.66 -17.86 -13.00
CA LYS E 52 4.17 -19.13 -12.47
C LYS E 52 4.14 -20.20 -13.56
N MET E 53 3.66 -19.84 -14.75
CA MET E 53 3.60 -20.79 -15.85
C MET E 53 4.99 -21.25 -16.27
N ARG E 54 5.94 -20.31 -16.36
CA ARG E 54 7.30 -20.68 -16.74
C ARG E 54 7.93 -21.59 -15.69
N TYR E 55 7.71 -21.29 -14.41
CA TYR E 55 8.24 -22.13 -13.34
C TYR E 55 7.69 -23.55 -13.44
N LEU E 56 6.37 -23.68 -13.58
CA LEU E 56 5.77 -25.01 -13.66
C LEU E 56 6.23 -25.77 -14.89
N LEU E 57 6.26 -25.10 -16.05
CA LEU E 57 6.70 -25.76 -17.28
C LEU E 57 8.16 -26.16 -17.23
N ALA E 58 9.03 -25.30 -16.70
CA ALA E 58 10.44 -25.61 -16.62
C ALA E 58 10.69 -26.76 -15.67
N LYS E 59 9.94 -26.82 -14.57
CA LYS E 59 10.04 -27.99 -13.69
C LYS E 59 9.56 -29.24 -14.39
N GLU E 60 8.47 -29.14 -15.15
CA GLU E 60 7.90 -30.33 -15.79
C GLU E 60 8.74 -30.81 -16.97
N LEU E 61 9.44 -29.91 -17.64
CA LEU E 61 10.27 -30.25 -18.80
C LEU E 61 11.72 -30.52 -18.44
N ASN E 62 12.00 -30.99 -17.23
CA ASN E 62 13.37 -31.16 -16.77
C ASN E 62 13.74 -32.61 -16.46
N ASN E 63 12.92 -33.36 -15.73
CA ASN E 63 11.59 -33.13 -15.16
C ASN E 63 11.55 -33.26 -13.64
N GLY E 64 10.75 -32.42 -13.01
CA GLY E 64 10.56 -32.44 -11.57
C GLY E 64 11.59 -31.67 -10.78
N ILE E 65 12.70 -31.26 -11.40
CA ILE E 65 13.76 -30.53 -10.72
C ILE E 65 13.94 -29.20 -11.43
N LEU E 66 13.90 -28.10 -10.67
CA LEU E 66 14.15 -26.77 -11.20
C LEU E 66 15.00 -26.02 -10.18
N LEU E 67 16.32 -26.12 -10.34
CA LEU E 67 17.26 -25.39 -9.50
C LEU E 67 18.13 -24.42 -10.28
N ASN E 68 18.04 -24.44 -11.61
CA ASN E 68 18.87 -23.60 -12.46
C ASN E 68 18.34 -22.17 -12.52
N GLU E 69 19.11 -21.29 -13.13
CA GLU E 69 18.68 -19.94 -13.39
C GLU E 69 17.63 -19.95 -14.51
N PRO E 70 16.80 -18.90 -14.59
CA PRO E 70 15.77 -18.87 -15.64
C PRO E 70 16.33 -18.87 -17.05
N ASN E 71 17.58 -18.46 -17.24
CA ASN E 71 18.20 -18.43 -18.56
C ASN E 71 18.93 -19.71 -18.92
N ASN E 72 18.87 -20.73 -18.06
CA ASN E 72 19.63 -21.96 -18.28
C ASN E 72 18.76 -23.21 -18.25
N ASP E 73 17.43 -23.07 -18.29
CA ASP E 73 16.58 -24.21 -17.98
C ASP E 73 16.38 -25.15 -19.17
N GLN E 74 15.73 -24.67 -20.23
CA GLN E 74 15.39 -25.55 -21.35
C GLN E 74 15.23 -24.73 -22.62
N ASP E 75 15.57 -25.35 -23.75
CA ASP E 75 15.43 -24.66 -25.03
C ASP E 75 13.97 -24.31 -25.31
N GLU E 76 13.06 -25.24 -25.04
CA GLU E 76 11.64 -24.97 -25.23
C GLU E 76 11.17 -23.83 -24.33
N ILE E 77 11.59 -23.86 -23.06
CA ILE E 77 11.21 -22.80 -22.13
C ILE E 77 11.81 -21.46 -22.57
N LEU E 78 13.07 -21.47 -22.98
CA LEU E 78 13.71 -20.21 -23.38
C LEU E 78 13.07 -19.63 -24.62
N ARG E 79 12.71 -20.47 -25.59
CA ARG E 79 12.10 -19.95 -26.80
C ARG E 79 10.65 -19.53 -26.57
N LEU E 80 9.96 -20.11 -25.59
CA LEU E 80 8.61 -19.66 -25.28
C LEU E 80 8.61 -18.38 -24.45
N PHE E 81 9.53 -18.26 -23.49
CA PHE E 81 9.47 -17.19 -22.51
C PHE E 81 10.59 -16.17 -22.62
N GLY E 82 11.66 -16.46 -23.35
CA GLY E 82 12.71 -15.50 -23.56
C GLY E 82 13.94 -15.72 -22.72
N SER E 83 15.10 -15.44 -23.30
CA SER E 83 16.39 -15.60 -22.63
C SER E 83 17.23 -14.36 -22.88
N SER E 84 17.80 -13.79 -21.81
CA SER E 84 18.65 -12.62 -21.90
C SER E 84 20.12 -12.96 -21.76
N GLU E 85 20.52 -14.18 -22.12
CA GLU E 85 21.91 -14.58 -22.01
C GLU E 85 22.78 -13.69 -22.88
N LYS E 86 23.98 -13.37 -22.37
CA LYS E 86 24.81 -12.35 -23.00
C LYS E 86 25.04 -12.63 -24.49
N ASP E 87 25.40 -13.87 -24.82
CA ASP E 87 25.61 -14.21 -26.22
C ASP E 87 24.29 -14.58 -26.90
N LYS E 88 23.57 -15.53 -26.33
CA LYS E 88 22.37 -16.08 -26.95
C LYS E 88 21.12 -15.40 -26.39
N ILE E 89 20.80 -14.24 -26.96
CA ILE E 89 19.55 -13.53 -26.66
C ILE E 89 18.43 -14.28 -27.37
N ARG E 90 17.70 -15.10 -26.64
CA ARG E 90 16.52 -15.77 -27.16
C ARG E 90 15.30 -14.92 -26.84
N ARG E 91 14.53 -14.57 -27.85
CA ARG E 91 13.40 -13.68 -27.68
C ARG E 91 12.15 -14.46 -27.35
N ALA E 92 11.35 -13.93 -26.42
CA ALA E 92 10.13 -14.59 -26.00
C ALA E 92 9.14 -14.72 -27.15
N ARG E 93 8.60 -15.93 -27.33
CA ARG E 93 7.54 -16.14 -28.31
C ARG E 93 6.19 -15.74 -27.77
N LEU E 94 6.01 -15.80 -26.45
CA LEU E 94 4.75 -15.48 -25.80
C LEU E 94 4.79 -14.07 -25.25
N LYS E 95 3.73 -13.30 -25.48
CA LYS E 95 3.61 -11.96 -24.94
C LYS E 95 2.37 -11.98 -24.04
N PHE E 96 2.58 -12.15 -22.74
CA PHE E 96 1.49 -12.13 -21.80
C PHE E 96 1.00 -10.69 -21.59
N ASN E 97 -0.26 -10.56 -21.20
CA ASN E 97 -0.88 -9.28 -20.95
C ASN E 97 -1.56 -9.29 -19.59
N ASP E 98 -1.62 -8.11 -18.97
CA ASP E 98 -2.37 -7.97 -17.73
C ASP E 98 -3.85 -8.27 -17.97
N ILE E 99 -4.46 -8.96 -17.02
CA ILE E 99 -5.81 -9.50 -17.18
C ILE E 99 -6.70 -8.83 -16.14
N LYS E 100 -7.75 -8.17 -16.60
CA LYS E 100 -8.72 -7.56 -15.69
C LYS E 100 -9.88 -8.50 -15.45
N LEU E 101 -10.59 -8.25 -14.34
CA LEU E 101 -11.80 -8.99 -14.05
C LEU E 101 -12.86 -8.70 -15.12
N SER E 102 -13.39 -9.75 -15.72
CA SER E 102 -14.30 -9.61 -16.85
C SER E 102 -15.76 -9.63 -16.44
N ASN E 103 -16.16 -10.55 -15.58
CA ASN E 103 -17.57 -10.76 -15.25
C ASN E 103 -18.01 -9.97 -14.02
N LEU E 104 -17.74 -8.66 -14.00
CA LEU E 104 -18.16 -7.86 -12.85
C LEU E 104 -19.69 -7.73 -12.81
N ALA E 105 -20.34 -7.64 -13.98
CA ALA E 105 -21.78 -7.54 -14.01
C ALA E 105 -22.44 -8.80 -13.44
N GLU E 106 -21.90 -9.97 -13.78
CA GLU E 106 -22.42 -11.21 -13.23
C GLU E 106 -22.26 -11.25 -11.72
N LEU E 107 -21.11 -10.78 -11.21
CA LEU E 107 -20.91 -10.73 -9.77
C LEU E 107 -21.88 -9.77 -9.10
N GLU E 108 -22.17 -8.63 -9.76
CA GLU E 108 -23.14 -7.68 -9.21
C GLU E 108 -24.56 -8.23 -9.27
N THR E 109 -24.83 -9.18 -10.17
CA THR E 109 -26.14 -9.84 -10.16
C THR E 109 -26.36 -10.60 -8.85
N PHE E 110 -25.31 -11.24 -8.32
CA PHE E 110 -25.38 -11.95 -7.06
C PHE E 110 -25.26 -11.03 -5.85
N ASN E 111 -25.21 -9.72 -6.04
CA ASN E 111 -25.14 -8.74 -4.96
C ASN E 111 -23.90 -8.98 -4.10
N VAL E 112 -22.77 -9.19 -4.77
CA VAL E 112 -21.48 -9.38 -4.10
C VAL E 112 -20.43 -8.59 -4.84
N SER E 113 -19.48 -8.04 -4.09
CA SER E 113 -18.36 -7.31 -4.69
C SER E 113 -17.33 -8.29 -5.24
N SER E 114 -16.37 -7.74 -5.98
CA SER E 114 -15.35 -8.57 -6.62
C SER E 114 -14.32 -9.10 -5.64
N THR E 115 -14.15 -8.46 -4.49
CA THR E 115 -13.14 -8.86 -3.51
C THR E 115 -13.77 -8.99 -2.13
N GLU E 116 -13.19 -9.87 -1.32
CA GLU E 116 -13.62 -10.15 0.03
C GLU E 116 -12.46 -9.93 1.00
N VAL E 117 -12.78 -9.93 2.28
CA VAL E 117 -11.78 -9.95 3.34
C VAL E 117 -11.90 -11.30 4.03
N LYS E 118 -10.85 -12.12 3.92
CA LYS E 118 -10.83 -13.42 4.57
C LYS E 118 -10.10 -13.29 5.90
N PHE E 119 -10.78 -13.64 6.98
CA PHE E 119 -10.20 -13.52 8.31
C PHE E 119 -9.40 -14.78 8.63
N GLU E 120 -8.14 -14.58 9.00
CA GLU E 120 -7.26 -15.68 9.39
C GLU E 120 -6.60 -15.34 10.71
N ASN E 121 -5.99 -16.36 11.31
CA ASN E 121 -5.21 -16.17 12.52
C ASN E 121 -4.15 -17.25 12.60
N THR E 122 -3.14 -17.00 13.42
CA THR E 122 -2.11 -17.99 13.71
C THR E 122 -2.13 -18.28 15.20
N ILE E 123 -1.96 -19.55 15.55
CA ILE E 123 -2.02 -20.00 16.93
C ILE E 123 -0.59 -20.20 17.41
N ASN E 124 -0.18 -19.43 18.41
CA ASN E 124 1.12 -19.64 19.03
C ASN E 124 1.14 -20.98 19.72
N ARG E 125 2.03 -21.87 19.28
CA ARG E 125 2.01 -23.24 19.77
C ARG E 125 2.46 -23.36 21.21
N LYS E 126 3.21 -22.39 21.73
CA LYS E 126 3.67 -22.45 23.11
C LYS E 126 2.71 -21.77 24.07
N THR E 127 2.20 -20.59 23.70
CA THR E 127 1.28 -19.84 24.57
C THR E 127 -0.18 -20.05 24.23
N ALA E 128 -0.49 -20.75 23.14
CA ALA E 128 -1.87 -20.98 22.69
C ALA E 128 -2.61 -19.65 22.50
N VAL E 129 -1.90 -18.64 22.03
CA VAL E 129 -2.43 -17.30 21.85
C VAL E 129 -2.64 -17.09 20.35
N ALA E 130 -3.86 -16.74 19.98
CA ALA E 130 -4.23 -16.54 18.58
C ALA E 130 -3.90 -15.12 18.13
N ASN E 131 -3.39 -14.99 16.91
CA ASN E 131 -3.05 -13.69 16.34
C ASN E 131 -3.81 -13.50 15.03
N PRO E 132 -4.91 -12.76 15.03
CA PRO E 132 -5.71 -12.64 13.81
C PRO E 132 -5.05 -11.77 12.75
N ARG E 133 -5.42 -12.03 11.50
CA ARG E 133 -4.98 -11.25 10.36
C ARG E 133 -6.07 -11.25 9.32
N GLN E 134 -6.10 -10.20 8.50
CA GLN E 134 -7.10 -10.05 7.46
C GLN E 134 -6.41 -10.01 6.10
N ILE E 135 -6.92 -10.80 5.16
CA ILE E 135 -6.41 -10.86 3.80
C ILE E 135 -7.55 -10.59 2.84
N GLU E 136 -7.25 -9.87 1.76
CA GLU E 136 -8.23 -9.56 0.73
C GLU E 136 -7.99 -10.47 -0.47
N ARG E 137 -9.05 -11.11 -0.95
CA ARG E 137 -8.95 -12.02 -2.07
C ARG E 137 -10.03 -11.70 -3.09
N VAL E 138 -9.74 -12.00 -4.36
CA VAL E 138 -10.74 -11.91 -5.41
C VAL E 138 -11.67 -13.11 -5.29
N ILE E 139 -12.97 -12.86 -5.39
CA ILE E 139 -13.98 -13.88 -5.08
C ILE E 139 -13.78 -15.12 -5.94
N ALA E 140 -14.05 -16.28 -5.35
CA ALA E 140 -14.15 -17.50 -6.14
C ALA E 140 -15.33 -17.39 -7.10
N GLY E 141 -15.14 -17.90 -8.31
CA GLY E 141 -16.09 -17.69 -9.37
C GLY E 141 -15.84 -16.44 -10.19
N SER E 142 -14.85 -15.63 -9.81
CA SER E 142 -14.45 -14.50 -10.63
C SER E 142 -13.79 -14.99 -11.91
N LYS E 143 -14.12 -14.33 -13.02
CA LYS E 143 -13.62 -14.73 -14.34
C LYS E 143 -12.72 -13.63 -14.90
N PHE E 144 -11.58 -14.04 -15.42
CA PHE E 144 -10.59 -13.15 -16.01
C PHE E 144 -10.40 -13.57 -17.47
N ASP E 145 -10.79 -12.70 -18.39
CA ASP E 145 -10.63 -12.98 -19.82
C ASP E 145 -9.26 -12.48 -20.27
N PHE E 146 -8.44 -13.39 -20.78
CA PHE E 146 -7.06 -13.07 -21.13
C PHE E 146 -6.78 -13.28 -22.60
N GLU E 147 -5.79 -12.56 -23.11
CA GLU E 147 -5.23 -12.76 -24.44
C GLU E 147 -3.72 -12.82 -24.33
N ILE E 148 -3.12 -13.85 -24.90
CA ILE E 148 -1.67 -14.01 -24.94
C ILE E 148 -1.25 -14.06 -26.40
N PHE E 149 -0.32 -13.20 -26.79
CA PHE E 149 0.15 -13.14 -28.16
C PHE E 149 1.31 -14.11 -28.35
N TYR E 150 1.20 -14.98 -29.34
CA TYR E 150 2.27 -15.88 -29.74
C TYR E 150 2.68 -15.53 -31.15
N ASN E 151 3.99 -15.42 -31.38
CA ASN E 151 4.51 -15.09 -32.70
C ASN E 151 5.20 -16.31 -33.31
N LEU E 152 4.88 -16.59 -34.57
CA LEU E 152 5.44 -17.72 -35.30
C LEU E 152 6.82 -17.33 -35.81
N ASP E 153 7.83 -17.52 -34.96
CA ASP E 153 9.20 -17.40 -35.42
C ASP E 153 9.51 -18.45 -36.48
N ASP E 154 9.00 -19.66 -36.29
CA ASP E 154 9.02 -20.69 -37.32
C ASP E 154 7.89 -21.66 -37.06
N ILE E 155 7.32 -22.19 -38.15
CA ILE E 155 6.20 -23.11 -38.04
C ILE E 155 6.60 -24.54 -37.74
N LYS E 156 7.90 -24.84 -37.75
CA LYS E 156 8.36 -26.19 -37.49
C LYS E 156 8.29 -26.55 -36.01
N GLU E 157 8.17 -25.56 -35.13
CA GLU E 157 8.13 -25.79 -33.69
C GLU E 157 6.82 -25.32 -33.05
N VAL E 158 5.85 -24.87 -33.84
CA VAL E 158 4.62 -24.33 -33.27
C VAL E 158 3.81 -25.43 -32.58
N GLU E 159 3.83 -26.64 -33.13
CA GLU E 159 3.07 -27.73 -32.54
C GLU E 159 3.60 -28.05 -31.14
N LYS E 160 4.93 -28.17 -31.01
CA LYS E 160 5.53 -28.42 -29.71
C LYS E 160 5.33 -27.24 -28.76
N ASP E 161 5.42 -26.00 -29.29
CA ASP E 161 5.20 -24.84 -28.44
C ASP E 161 3.80 -24.83 -27.87
N PHE E 162 2.79 -25.14 -28.69
CA PHE E 162 1.43 -25.13 -28.20
C PHE E 162 1.13 -26.33 -27.30
N GLU E 163 1.78 -27.48 -27.56
CA GLU E 163 1.71 -28.57 -26.59
C GLU E 163 2.23 -28.13 -25.24
N ASN E 164 3.36 -27.42 -25.22
CA ASN E 164 3.93 -26.96 -23.95
C ASN E 164 3.06 -25.88 -23.31
N ILE E 165 2.44 -25.02 -24.11
CA ILE E 165 1.54 -24.01 -23.56
C ILE E 165 0.34 -24.69 -22.88
N LYS E 166 -0.23 -25.70 -23.54
CA LYS E 166 -1.33 -26.43 -22.93
C LYS E 166 -0.86 -27.17 -21.69
N GLN E 167 0.37 -27.71 -21.71
CA GLN E 167 0.92 -28.37 -20.54
C GLN E 167 1.01 -27.39 -19.36
N GLY E 168 1.49 -26.18 -19.62
CA GLY E 168 1.54 -25.17 -18.56
C GLY E 168 0.18 -24.80 -18.04
N PHE E 169 -0.80 -24.64 -18.95
CA PHE E 169 -2.16 -24.32 -18.52
C PHE E 169 -2.74 -25.44 -17.65
N ASP E 170 -2.48 -26.69 -18.01
CA ASP E 170 -2.93 -27.81 -17.19
C ASP E 170 -2.23 -27.81 -15.83
N LEU E 171 -0.94 -27.47 -15.81
CA LEU E 171 -0.20 -27.45 -14.56
C LEU E 171 -0.66 -26.36 -13.61
N LEU E 172 -1.10 -25.21 -14.14
CA LEU E 172 -1.71 -24.20 -13.28
C LEU E 172 -3.00 -24.69 -12.64
N GLU E 173 -3.80 -25.49 -13.36
CA GLU E 173 -5.04 -25.98 -12.79
C GLU E 173 -4.83 -26.92 -11.61
N PHE E 174 -3.65 -27.52 -11.49
CA PHE E 174 -3.30 -28.34 -10.33
C PHE E 174 -2.34 -27.63 -9.39
N ASP E 175 -2.24 -26.31 -9.51
CA ASP E 175 -1.43 -25.50 -8.61
C ASP E 175 -2.23 -24.22 -8.35
N TYR E 176 -1.57 -23.20 -7.81
CA TYR E 176 -2.24 -21.93 -7.56
C TYR E 176 -1.66 -20.86 -8.46
N LEU E 177 -2.16 -19.64 -8.31
CA LEU E 177 -1.80 -18.50 -9.15
C LEU E 177 -1.42 -17.31 -8.28
N GLY E 178 -0.42 -17.51 -7.44
CA GLY E 178 0.19 -16.40 -6.73
C GLY E 178 -0.55 -16.02 -5.47
N GLY E 179 0.16 -16.00 -4.35
CA GLY E 179 -0.41 -15.67 -3.07
C GLY E 179 -0.40 -16.85 -2.12
N HIS E 180 -1.22 -16.74 -1.08
CA HIS E 180 -1.23 -17.76 -0.04
C HIS E 180 -1.93 -19.01 -0.56
N GLY E 181 -1.42 -19.57 -1.66
CA GLY E 181 -2.11 -20.65 -2.33
C GLY E 181 -1.96 -21.98 -1.64
N THR E 182 -0.84 -22.21 -0.98
CA THR E 182 -0.65 -23.45 -0.23
C THR E 182 -1.69 -23.58 0.88
N ARG E 183 -2.23 -22.46 1.35
CA ARG E 183 -3.25 -22.45 2.40
C ARG E 183 -4.65 -22.18 1.85
N GLY E 184 -4.98 -22.70 0.67
CA GLY E 184 -6.34 -22.68 0.19
C GLY E 184 -6.66 -21.65 -0.88
N SER E 185 -5.75 -20.73 -1.18
CA SER E 185 -6.06 -19.68 -2.12
C SER E 185 -5.54 -20.00 -3.52
N GLY E 186 -5.91 -19.15 -4.48
CA GLY E 186 -5.25 -19.10 -5.77
C GLY E 186 -5.59 -20.21 -6.74
N ARG E 187 -6.54 -21.07 -6.44
CA ARG E 187 -6.89 -22.13 -7.36
C ARG E 187 -7.66 -21.55 -8.56
N ILE E 188 -7.24 -21.94 -9.76
CA ILE E 188 -7.81 -21.40 -10.99
C ILE E 188 -8.13 -22.54 -11.94
N ALA E 189 -8.98 -22.24 -12.92
CA ALA E 189 -9.26 -23.15 -14.02
C ALA E 189 -9.28 -22.34 -15.31
N PHE E 190 -8.90 -22.99 -16.41
CA PHE E 190 -8.87 -22.38 -17.72
C PHE E 190 -10.01 -22.93 -18.55
N GLU E 191 -10.85 -22.04 -19.08
CA GLU E 191 -12.00 -22.43 -19.87
C GLU E 191 -12.09 -21.55 -21.11
N ASN E 192 -12.82 -22.05 -22.11
CA ASN E 192 -13.00 -21.34 -23.38
C ASN E 192 -11.66 -21.03 -24.03
N LEU E 193 -10.73 -21.99 -23.92
CA LEU E 193 -9.36 -21.79 -24.36
C LEU E 193 -9.27 -22.03 -25.86
N SER E 194 -8.76 -21.05 -26.60
CA SER E 194 -8.70 -21.13 -28.04
C SER E 194 -7.58 -20.23 -28.56
N VAL E 195 -7.23 -20.43 -29.82
CA VAL E 195 -6.23 -19.61 -30.51
C VAL E 195 -6.78 -19.20 -31.86
N ILE E 196 -6.49 -17.96 -32.25
CA ILE E 196 -6.88 -17.43 -33.56
C ILE E 196 -5.68 -16.67 -34.12
N THR E 197 -5.66 -16.55 -35.45
CA THR E 197 -4.59 -15.81 -36.10
C THR E 197 -4.91 -14.32 -36.10
N ALA E 198 -3.96 -13.51 -35.64
CA ALA E 198 -4.18 -12.07 -35.55
C ALA E 198 -4.34 -11.46 -36.94
N VAL E 199 -3.40 -11.74 -37.84
CA VAL E 199 -3.47 -11.28 -39.23
C VAL E 199 -3.13 -12.46 -40.14
N GLY E 200 -4.03 -12.77 -41.06
CA GLY E 200 -3.80 -13.86 -41.99
C GLY E 200 -4.50 -15.14 -41.60
N ASN E 201 -3.94 -16.28 -41.98
CA ASN E 201 -4.53 -17.58 -41.66
C ASN E 201 -3.41 -18.61 -41.61
N PHE E 202 -3.03 -19.00 -40.40
CA PHE E 202 -2.07 -20.10 -40.24
C PHE E 202 -2.70 -21.40 -40.75
N GLU E 203 -1.92 -22.17 -41.51
CA GLU E 203 -2.47 -23.37 -42.13
C GLU E 203 -2.88 -24.39 -41.08
N LYS E 204 -2.04 -24.61 -40.07
CA LYS E 204 -2.33 -25.57 -39.00
C LYS E 204 -2.96 -24.88 -37.79
N ILE E 205 -4.00 -24.07 -37.99
CA ILE E 205 -4.64 -23.43 -36.86
C ILE E 205 -5.62 -24.36 -36.16
N ASN E 206 -6.28 -25.25 -36.93
CA ASN E 206 -7.18 -26.21 -36.33
C ASN E 206 -6.43 -27.22 -35.46
N THR E 207 -5.21 -27.57 -35.84
CA THR E 207 -4.40 -28.46 -35.00
C THR E 207 -4.09 -27.80 -33.66
N LEU E 208 -3.72 -26.53 -33.68
CA LEU E 208 -3.44 -25.80 -32.45
C LEU E 208 -4.70 -25.69 -31.59
N ASN E 209 -5.85 -25.43 -32.23
CA ASN E 209 -7.09 -25.34 -31.46
C ASN E 209 -7.47 -26.69 -30.86
N GLU E 210 -7.25 -27.79 -31.59
CA GLU E 210 -7.51 -29.12 -31.04
C GLU E 210 -6.58 -29.42 -29.87
N ILE E 211 -5.31 -29.01 -29.97
CA ILE E 211 -4.39 -29.16 -28.84
C ILE E 211 -4.90 -28.36 -27.64
N LEU E 212 -5.30 -27.12 -27.88
CA LEU E 212 -5.76 -26.26 -26.79
C LEU E 212 -7.13 -26.70 -26.27
N GLY E 213 -7.98 -27.21 -27.16
CA GLY E 213 -9.31 -27.62 -26.73
C GLY E 213 -9.27 -28.74 -25.71
N ALA E 214 -8.46 -29.77 -25.96
CA ALA E 214 -8.32 -30.89 -25.04
C ALA E 214 -7.05 -31.67 -25.34
N MET F 1 -1.46 -39.72 23.47
CA MET F 1 -2.32 -39.70 22.29
C MET F 1 -3.76 -39.26 22.61
N LYS F 2 -4.76 -39.91 22.02
CA LYS F 2 -6.12 -39.42 22.02
C LYS F 2 -7.10 -40.40 22.65
N LEU F 3 -6.81 -40.86 23.87
CA LEU F 3 -7.72 -41.71 24.64
C LEU F 3 -9.17 -41.27 24.48
N VAL F 4 -10.02 -42.22 24.13
CA VAL F 4 -11.44 -41.97 23.89
C VAL F 4 -12.24 -42.53 25.06
N ILE F 5 -12.93 -41.65 25.78
CA ILE F 5 -13.77 -42.05 26.91
C ILE F 5 -15.17 -42.28 26.37
N GLU F 6 -15.57 -43.54 26.29
CA GLU F 6 -16.87 -43.91 25.75
C GLU F 6 -17.81 -44.32 26.87
N GLY F 7 -19.09 -44.42 26.52
CA GLY F 7 -20.10 -44.78 27.51
C GLY F 7 -21.48 -44.57 26.93
N THR F 8 -22.46 -44.54 27.82
CA THR F 8 -23.86 -44.36 27.43
C THR F 8 -24.57 -43.58 28.51
N ILE F 9 -25.35 -42.58 28.12
CA ILE F 9 -26.19 -41.81 29.02
C ILE F 9 -27.60 -42.36 28.94
N VAL F 10 -28.13 -42.82 30.06
CA VAL F 10 -29.46 -43.40 30.14
C VAL F 10 -30.34 -42.46 30.93
N LEU F 11 -31.50 -42.11 30.38
CA LEU F 11 -32.42 -41.18 31.03
C LEU F 11 -33.26 -41.94 32.04
N LYS F 12 -33.00 -41.70 33.33
CA LYS F 12 -33.83 -42.31 34.37
C LYS F 12 -35.20 -41.63 34.43
N THR F 13 -35.23 -40.32 34.24
CA THR F 13 -36.47 -39.55 34.11
C THR F 13 -36.43 -38.80 32.79
N GLY F 14 -37.52 -38.09 32.50
CA GLY F 14 -37.56 -37.27 31.30
C GLY F 14 -36.52 -36.17 31.37
N MET F 15 -35.91 -35.87 30.23
CA MET F 15 -34.88 -34.85 30.13
C MET F 15 -35.35 -33.75 29.19
N HIS F 16 -35.13 -32.50 29.61
CA HIS F 16 -35.50 -31.33 28.81
C HIS F 16 -34.28 -30.42 28.70
N ILE F 17 -33.46 -30.64 27.69
CA ILE F 17 -32.43 -29.68 27.32
C ILE F 17 -33.05 -28.69 26.35
N GLY F 18 -33.14 -27.43 26.77
CA GLY F 18 -33.95 -26.46 26.07
C GLY F 18 -33.49 -26.10 24.68
N GLY F 19 -34.29 -26.48 23.68
CA GLY F 19 -34.10 -26.01 22.32
C GLY F 19 -34.98 -24.80 22.03
N SER F 20 -34.69 -24.15 20.91
CA SER F 20 -35.44 -22.97 20.52
C SER F 20 -36.87 -23.35 20.17
N SER F 21 -37.82 -22.51 20.60
CA SER F 21 -39.22 -22.73 20.24
C SER F 21 -39.44 -22.55 18.74
N ASP F 22 -38.60 -21.77 18.08
CA ASP F 22 -38.67 -21.57 16.65
C ASP F 22 -37.87 -22.65 15.94
N PHE F 23 -37.68 -22.49 14.63
CA PHE F 23 -36.90 -23.43 13.81
C PHE F 23 -37.47 -24.85 13.90
N SER F 24 -38.79 -24.96 14.04
CA SER F 24 -39.44 -26.26 14.15
C SER F 24 -40.82 -26.16 13.52
N ALA F 25 -41.57 -27.24 13.63
CA ALA F 25 -42.92 -27.28 13.07
C ALA F 25 -43.84 -26.32 13.83
N ILE F 26 -44.66 -25.58 13.07
CA ILE F 26 -45.62 -24.68 13.66
C ILE F 26 -46.69 -25.48 14.38
N GLY F 27 -47.13 -24.96 15.53
CA GLY F 27 -48.13 -25.66 16.33
C GLY F 27 -47.60 -26.74 17.23
N ALA F 28 -46.28 -26.80 17.42
CA ALA F 28 -45.67 -27.80 18.28
C ALA F 28 -45.80 -27.37 19.74
N VAL F 29 -45.10 -28.07 20.63
CA VAL F 29 -45.15 -27.72 22.05
C VAL F 29 -44.53 -26.34 22.27
N ASP F 30 -44.97 -25.68 23.35
CA ASP F 30 -44.49 -24.33 23.64
C ASP F 30 -43.00 -24.32 23.95
N SER F 31 -42.52 -25.31 24.71
CA SER F 31 -41.11 -25.40 25.08
C SER F 31 -40.54 -26.72 24.57
N PRO F 32 -39.87 -26.74 23.43
CA PRO F 32 -39.34 -27.97 22.87
C PRO F 32 -37.90 -28.24 23.33
N VAL F 33 -37.43 -29.44 22.99
CA VAL F 33 -36.08 -29.86 23.33
C VAL F 33 -35.17 -29.65 22.12
N VAL F 34 -33.87 -29.52 22.38
CA VAL F 34 -32.90 -29.34 21.32
C VAL F 34 -32.77 -30.64 20.53
N ARG F 35 -32.70 -30.53 19.21
CA ARG F 35 -32.66 -31.68 18.33
C ARG F 35 -31.59 -31.49 17.28
N ASP F 36 -31.16 -32.61 16.69
CA ASP F 36 -30.31 -32.55 15.52
C ASP F 36 -31.12 -32.01 14.35
N THR F 37 -30.53 -31.06 13.61
CA THR F 37 -31.27 -30.38 12.56
C THR F 37 -31.69 -31.34 11.46
N LEU F 38 -30.80 -32.25 11.07
CA LEU F 38 -31.08 -33.14 9.94
C LEU F 38 -32.00 -34.28 10.36
N THR F 39 -31.57 -35.10 11.31
CA THR F 39 -32.32 -36.31 11.67
C THR F 39 -33.49 -36.04 12.62
N ARG F 40 -33.62 -34.83 13.14
CA ARG F 40 -34.63 -34.45 14.12
C ARG F 40 -34.53 -35.27 15.40
N LEU F 41 -33.42 -35.98 15.61
CA LEU F 41 -33.26 -36.79 16.80
C LEU F 41 -33.02 -35.88 18.01
N PRO F 42 -33.51 -36.26 19.20
CA PRO F 42 -33.16 -35.51 20.40
C PRO F 42 -31.66 -35.50 20.62
N LEU F 43 -31.15 -34.37 21.10
CA LEU F 43 -29.72 -34.14 21.19
C LEU F 43 -29.34 -33.75 22.62
N ILE F 44 -28.21 -34.28 23.08
CA ILE F 44 -27.56 -33.77 24.28
C ILE F 44 -26.35 -32.97 23.82
N PRO F 45 -26.42 -31.64 23.84
CA PRO F 45 -25.28 -30.84 23.38
C PRO F 45 -24.03 -31.14 24.19
N GLY F 46 -22.89 -31.19 23.50
CA GLY F 46 -21.63 -31.38 24.18
C GLY F 46 -21.30 -30.22 25.10
N SER F 47 -21.71 -29.01 24.72
CA SER F 47 -21.47 -27.85 25.57
C SER F 47 -22.24 -27.94 26.87
N SER F 48 -23.48 -28.41 26.83
CA SER F 48 -24.28 -28.52 28.05
C SER F 48 -23.71 -29.56 29.00
N LEU F 49 -23.34 -30.73 28.46
CA LEU F 49 -22.72 -31.76 29.30
C LEU F 49 -21.39 -31.28 29.87
N LYS F 50 -20.58 -30.62 29.04
CA LYS F 50 -19.31 -30.08 29.53
C LYS F 50 -19.53 -29.06 30.64
N GLY F 51 -20.49 -28.15 30.45
CA GLY F 51 -20.73 -27.13 31.45
C GLY F 51 -21.26 -27.69 32.75
N LYS F 52 -22.20 -28.63 32.68
CA LYS F 52 -22.71 -29.25 33.91
C LYS F 52 -21.63 -30.03 34.62
N MET F 53 -20.83 -30.81 33.88
CA MET F 53 -19.77 -31.60 34.51
C MET F 53 -18.71 -30.69 35.12
N ARG F 54 -18.35 -29.60 34.44
CA ARG F 54 -17.37 -28.66 34.98
C ARG F 54 -17.91 -27.97 36.22
N TYR F 55 -19.18 -27.57 36.21
CA TYR F 55 -19.77 -26.96 37.39
C TYR F 55 -19.78 -27.91 38.57
N LEU F 56 -20.12 -29.18 38.33
CA LEU F 56 -20.20 -30.14 39.42
C LEU F 56 -18.80 -30.49 39.95
N LEU F 57 -17.82 -30.62 39.06
CA LEU F 57 -16.48 -31.01 39.50
C LEU F 57 -15.77 -29.84 40.18
N ALA F 58 -15.91 -28.63 39.65
CA ALA F 58 -15.29 -27.47 40.28
C ALA F 58 -15.90 -27.22 41.65
N LYS F 59 -17.21 -27.43 41.80
CA LYS F 59 -17.85 -27.31 43.10
C LYS F 59 -17.31 -28.35 44.08
N GLU F 60 -17.15 -29.59 43.61
CA GLU F 60 -16.67 -30.66 44.49
C GLU F 60 -15.18 -30.52 44.80
N LEU F 61 -14.41 -29.89 43.92
CA LEU F 61 -13.00 -29.63 44.16
C LEU F 61 -12.77 -28.34 44.93
N ASN F 62 -13.83 -27.58 45.23
CA ASN F 62 -13.73 -26.36 46.00
C ASN F 62 -14.55 -26.42 47.29
N ASN F 63 -14.82 -27.63 47.77
CA ASN F 63 -15.60 -27.85 49.01
C ASN F 63 -16.97 -27.19 48.92
N GLY F 64 -17.65 -27.40 47.80
CA GLY F 64 -19.00 -26.92 47.62
C GLY F 64 -19.15 -25.41 47.59
N ILE F 65 -18.17 -24.70 47.03
CA ILE F 65 -18.22 -23.26 46.91
C ILE F 65 -17.82 -22.89 45.48
N LEU F 66 -18.71 -22.17 44.78
CA LEU F 66 -18.41 -21.69 43.43
C LEU F 66 -19.00 -20.30 43.27
N LEU F 67 -18.18 -19.28 43.53
CA LEU F 67 -18.54 -17.89 43.26
C LEU F 67 -17.50 -17.21 42.37
N ASN F 68 -16.58 -17.98 41.79
CA ASN F 68 -15.49 -17.45 40.99
C ASN F 68 -15.76 -17.68 39.51
N GLU F 69 -14.92 -17.07 38.68
CA GLU F 69 -15.02 -17.24 37.24
C GLU F 69 -14.53 -18.63 36.85
N PRO F 70 -14.94 -19.12 35.67
CA PRO F 70 -14.44 -20.42 35.21
C PRO F 70 -12.93 -20.48 35.08
N ASN F 71 -12.28 -19.38 34.71
CA ASN F 71 -10.83 -19.37 34.56
C ASN F 71 -10.11 -19.41 35.90
N ASN F 72 -10.82 -19.27 37.02
CA ASN F 72 -10.23 -19.27 38.35
C ASN F 72 -10.62 -20.53 39.12
N ASP F 73 -10.69 -21.67 38.45
CA ASP F 73 -11.02 -22.93 39.08
C ASP F 73 -9.74 -23.63 39.52
N GLN F 74 -9.85 -24.90 39.90
CA GLN F 74 -8.69 -25.67 40.31
C GLN F 74 -7.82 -25.99 39.10
N ASP F 75 -6.56 -26.38 39.39
CA ASP F 75 -5.62 -26.70 38.32
C ASP F 75 -6.09 -27.90 37.51
N GLU F 76 -6.61 -28.93 38.18
CA GLU F 76 -7.12 -30.09 37.46
C GLU F 76 -8.33 -29.72 36.60
N ILE F 77 -9.21 -28.89 37.14
CA ILE F 77 -10.37 -28.42 36.37
C ILE F 77 -9.91 -27.63 35.16
N LEU F 78 -8.96 -26.72 35.35
CA LEU F 78 -8.47 -25.89 34.26
C LEU F 78 -7.78 -26.72 33.19
N ARG F 79 -7.04 -27.75 33.60
CA ARG F 79 -6.35 -28.57 32.60
C ARG F 79 -7.29 -29.51 31.88
N LEU F 80 -8.34 -30.00 32.54
CA LEU F 80 -9.30 -30.87 31.87
C LEU F 80 -10.22 -30.09 30.93
N PHE F 81 -10.69 -28.92 31.37
CA PHE F 81 -11.71 -28.18 30.64
C PHE F 81 -11.19 -26.95 29.93
N GLY F 82 -9.89 -26.67 30.02
CA GLY F 82 -9.31 -25.55 29.31
C GLY F 82 -9.45 -24.23 30.05
N SER F 83 -8.69 -23.24 29.59
CA SER F 83 -8.68 -21.94 30.21
C SER F 83 -8.28 -20.88 29.19
N SER F 84 -8.78 -19.67 29.38
CA SER F 84 -8.47 -18.54 28.52
C SER F 84 -7.69 -17.46 29.26
N GLU F 85 -6.90 -17.87 30.24
CA GLU F 85 -6.15 -16.90 31.05
C GLU F 85 -5.14 -16.15 30.20
N LYS F 86 -4.96 -14.87 30.51
CA LYS F 86 -3.94 -14.08 29.83
C LYS F 86 -2.54 -14.60 30.14
N ASP F 87 -2.30 -14.97 31.40
CA ASP F 87 -0.97 -15.42 31.81
C ASP F 87 -0.59 -16.71 31.10
N LYS F 88 -1.51 -17.67 31.04
CA LYS F 88 -1.24 -18.95 30.41
C LYS F 88 -2.55 -19.58 29.98
N ILE F 89 -2.64 -19.93 28.70
CA ILE F 89 -3.84 -20.55 28.15
C ILE F 89 -3.63 -22.06 28.16
N ARG F 90 -4.52 -22.77 28.85
CA ARG F 90 -4.47 -24.22 28.95
C ARG F 90 -5.42 -24.81 27.92
N ARG F 91 -4.89 -25.63 27.03
CA ARG F 91 -5.72 -26.32 26.06
C ARG F 91 -6.46 -27.47 26.75
N ALA F 92 -7.77 -27.52 26.57
CA ALA F 92 -8.58 -28.51 27.25
C ALA F 92 -8.18 -29.92 26.83
N ARG F 93 -7.98 -30.80 27.81
CA ARG F 93 -7.69 -32.19 27.51
C ARG F 93 -8.94 -32.96 27.11
N LEU F 94 -10.11 -32.52 27.58
CA LEU F 94 -11.38 -33.17 27.28
C LEU F 94 -12.05 -32.50 26.10
N LYS F 95 -12.46 -33.31 25.12
CA LYS F 95 -13.17 -32.83 23.94
C LYS F 95 -14.55 -33.47 23.96
N PHE F 96 -15.56 -32.70 24.38
CA PHE F 96 -16.93 -33.20 24.37
C PHE F 96 -17.51 -33.14 22.97
N ASN F 97 -18.55 -33.94 22.75
CA ASN F 97 -19.22 -34.01 21.47
C ASN F 97 -20.72 -34.01 21.69
N ASP F 98 -21.46 -33.51 20.69
CA ASP F 98 -22.90 -33.56 20.75
C ASP F 98 -23.37 -34.99 20.70
N ILE F 99 -24.31 -35.35 21.57
CA ILE F 99 -24.74 -36.72 21.77
C ILE F 99 -26.13 -36.87 21.16
N LYS F 100 -26.25 -37.67 20.12
CA LYS F 100 -27.54 -37.95 19.50
C LYS F 100 -28.22 -39.11 20.23
N LEU F 101 -29.55 -39.14 20.10
CA LEU F 101 -30.30 -40.29 20.58
C LEU F 101 -29.89 -41.53 19.81
N SER F 102 -29.74 -42.65 20.51
CA SER F 102 -29.17 -43.84 19.91
C SER F 102 -30.13 -45.02 19.87
N ASN F 103 -30.97 -45.20 20.89
CA ASN F 103 -31.85 -46.36 20.95
C ASN F 103 -33.21 -46.06 20.32
N LEU F 104 -33.22 -45.53 19.10
CA LEU F 104 -34.48 -45.24 18.44
C LEU F 104 -35.15 -46.52 17.93
N ALA F 105 -34.37 -47.54 17.60
CA ALA F 105 -34.95 -48.80 17.15
C ALA F 105 -35.75 -49.46 18.25
N GLU F 106 -35.23 -49.47 19.49
CA GLU F 106 -35.97 -50.08 20.58
C GLU F 106 -37.17 -49.25 20.99
N LEU F 107 -37.06 -47.92 20.91
CA LEU F 107 -38.24 -47.08 21.16
C LEU F 107 -39.29 -47.29 20.08
N GLU F 108 -38.87 -47.51 18.83
CA GLU F 108 -39.82 -47.83 17.77
C GLU F 108 -40.52 -49.15 18.04
N THR F 109 -39.76 -50.18 18.40
CA THR F 109 -40.34 -51.51 18.60
C THR F 109 -41.13 -51.61 19.90
N PHE F 110 -40.94 -50.68 20.83
CA PHE F 110 -41.77 -50.60 22.03
C PHE F 110 -42.96 -49.64 21.85
N ASN F 111 -43.14 -49.09 20.66
CA ASN F 111 -44.26 -48.20 20.34
C ASN F 111 -44.28 -47.00 21.28
N VAL F 112 -43.14 -46.30 21.35
CA VAL F 112 -43.03 -45.06 22.12
C VAL F 112 -42.23 -44.07 21.30
N SER F 113 -42.65 -42.81 21.33
CA SER F 113 -41.93 -41.76 20.63
C SER F 113 -40.65 -41.40 21.37
N SER F 114 -39.75 -40.73 20.67
CA SER F 114 -38.50 -40.30 21.29
C SER F 114 -38.74 -39.27 22.38
N THR F 115 -39.76 -38.44 22.23
CA THR F 115 -40.08 -37.40 23.20
C THR F 115 -41.51 -37.56 23.70
N GLU F 116 -41.72 -37.21 24.96
CA GLU F 116 -43.04 -37.20 25.57
C GLU F 116 -43.41 -35.77 25.93
N VAL F 117 -44.71 -35.49 25.88
CA VAL F 117 -45.25 -34.17 26.19
C VAL F 117 -45.70 -34.19 27.64
N LYS F 118 -45.08 -33.35 28.47
CA LYS F 118 -45.38 -33.31 29.89
C LYS F 118 -46.48 -32.29 30.17
N PHE F 119 -47.38 -32.65 31.07
CA PHE F 119 -48.52 -31.82 31.43
C PHE F 119 -48.27 -31.22 32.81
N GLU F 120 -48.14 -29.89 32.85
CA GLU F 120 -47.81 -29.20 34.09
C GLU F 120 -48.69 -27.97 34.23
N ASN F 121 -48.80 -27.49 35.47
CA ASN F 121 -49.53 -26.28 35.77
C ASN F 121 -48.97 -25.67 37.05
N THR F 122 -49.25 -24.38 37.25
CA THR F 122 -48.89 -23.68 38.47
C THR F 122 -50.15 -23.12 39.11
N ILE F 123 -50.37 -23.45 40.38
CA ILE F 123 -51.57 -23.05 41.11
C ILE F 123 -51.18 -22.03 42.17
N ASN F 124 -51.91 -20.91 42.20
CA ASN F 124 -51.67 -19.92 43.23
C ASN F 124 -52.27 -20.38 44.56
N ARG F 125 -51.70 -19.85 45.64
CA ARG F 125 -52.24 -20.11 46.97
C ARG F 125 -53.24 -19.03 47.41
N LYS F 126 -53.10 -17.81 46.88
CA LYS F 126 -54.09 -16.78 47.12
C LYS F 126 -55.41 -17.10 46.43
N THR F 127 -55.34 -17.64 45.21
CA THR F 127 -56.51 -17.99 44.43
C THR F 127 -56.32 -19.39 43.86
N ALA F 128 -57.38 -20.21 43.92
CA ALA F 128 -57.33 -21.57 43.40
C ALA F 128 -57.50 -21.53 41.88
N VAL F 129 -56.49 -20.96 41.22
CA VAL F 129 -56.41 -20.93 39.77
C VAL F 129 -55.07 -21.54 39.35
N ALA F 130 -55.12 -22.46 38.39
CA ALA F 130 -53.94 -23.19 37.93
C ALA F 130 -53.69 -22.85 36.48
N ASN F 131 -52.54 -22.23 36.20
CA ASN F 131 -52.21 -21.82 34.84
C ASN F 131 -51.61 -23.01 34.09
N PRO F 132 -52.25 -23.48 33.02
CA PRO F 132 -51.71 -24.63 32.28
C PRO F 132 -50.35 -24.36 31.67
N ARG F 133 -49.55 -25.41 31.57
CA ARG F 133 -48.19 -25.32 31.05
C ARG F 133 -47.87 -26.55 30.22
N GLN F 134 -47.20 -26.35 29.10
CA GLN F 134 -46.83 -27.42 28.18
C GLN F 134 -45.32 -27.47 28.06
N ILE F 135 -44.73 -28.60 28.43
CA ILE F 135 -43.28 -28.79 28.39
C ILE F 135 -42.98 -30.13 27.72
N GLU F 136 -42.02 -30.12 26.80
CA GLU F 136 -41.58 -31.32 26.11
C GLU F 136 -40.34 -31.89 26.79
N ARG F 137 -40.29 -33.21 26.91
CA ARG F 137 -39.16 -33.89 27.54
C ARG F 137 -38.86 -35.17 26.77
N VAL F 138 -37.58 -35.50 26.67
CA VAL F 138 -37.18 -36.79 26.11
C VAL F 138 -37.56 -37.89 27.09
N ILE F 139 -38.20 -38.95 26.59
CA ILE F 139 -38.73 -39.97 27.49
C ILE F 139 -37.60 -40.68 28.23
N ALA F 140 -37.94 -41.22 29.40
CA ALA F 140 -36.98 -41.97 30.18
C ALA F 140 -36.66 -43.30 29.51
N GLY F 141 -35.50 -43.85 29.84
CA GLY F 141 -35.00 -45.02 29.17
C GLY F 141 -34.34 -44.76 27.83
N SER F 142 -34.20 -43.49 27.45
CA SER F 142 -33.55 -43.13 26.20
C SER F 142 -32.04 -43.21 26.38
N LYS F 143 -31.38 -43.99 25.54
CA LYS F 143 -29.93 -44.12 25.60
C LYS F 143 -29.27 -43.01 24.80
N PHE F 144 -28.06 -42.63 25.22
CA PHE F 144 -27.27 -41.60 24.56
C PHE F 144 -25.81 -42.06 24.59
N ASP F 145 -25.38 -42.76 23.55
CA ASP F 145 -23.98 -43.15 23.45
C ASP F 145 -23.12 -41.96 23.07
N PHE F 146 -22.08 -41.72 23.84
CA PHE F 146 -21.21 -40.56 23.68
C PHE F 146 -19.76 -40.99 23.51
N GLU F 147 -18.93 -40.05 23.10
CA GLU F 147 -17.50 -40.29 22.96
C GLU F 147 -16.77 -39.01 23.35
N ILE F 148 -16.06 -39.04 24.47
CA ILE F 148 -15.29 -37.91 24.94
C ILE F 148 -13.82 -38.18 24.65
N PHE F 149 -13.20 -37.31 23.87
CA PHE F 149 -11.79 -37.46 23.54
C PHE F 149 -10.94 -36.86 24.65
N TYR F 150 -9.85 -37.56 24.98
CA TYR F 150 -8.94 -37.12 26.03
C TYR F 150 -7.54 -36.95 25.47
N ASN F 151 -6.85 -35.92 25.95
CA ASN F 151 -5.51 -35.57 25.48
C ASN F 151 -4.49 -35.95 26.54
N LEU F 152 -3.48 -36.71 26.15
CA LEU F 152 -2.38 -37.07 27.05
C LEU F 152 -1.30 -35.99 26.99
N ASP F 153 -1.63 -34.83 27.55
CA ASP F 153 -0.64 -33.77 27.67
C ASP F 153 0.52 -34.19 28.57
N ASP F 154 0.20 -34.84 29.69
CA ASP F 154 1.21 -35.38 30.59
C ASP F 154 0.81 -36.79 30.98
N ILE F 155 1.79 -37.69 31.07
CA ILE F 155 1.52 -39.08 31.41
C ILE F 155 1.49 -39.32 32.91
N LYS F 156 2.10 -38.46 33.71
CA LYS F 156 2.07 -38.63 35.16
C LYS F 156 0.69 -38.33 35.72
N GLU F 157 0.09 -37.22 35.27
CA GLU F 157 -1.21 -36.77 35.76
C GLU F 157 -2.38 -37.23 34.90
N VAL F 158 -2.43 -38.53 34.58
CA VAL F 158 -3.53 -39.10 33.82
C VAL F 158 -4.47 -39.90 34.70
N GLU F 159 -3.93 -40.63 35.67
CA GLU F 159 -4.78 -41.35 36.61
C GLU F 159 -5.61 -40.38 37.45
N LYS F 160 -5.00 -39.29 37.90
CA LYS F 160 -5.75 -38.28 38.63
C LYS F 160 -6.79 -37.62 37.74
N ASP F 161 -6.45 -37.35 36.49
CA ASP F 161 -7.41 -36.76 35.57
C ASP F 161 -8.61 -37.68 35.34
N PHE F 162 -8.35 -38.98 35.19
CA PHE F 162 -9.46 -39.91 34.97
C PHE F 162 -10.25 -40.14 36.24
N GLU F 163 -9.61 -40.06 37.41
CA GLU F 163 -10.37 -40.09 38.66
C GLU F 163 -11.29 -38.88 38.78
N ASN F 164 -10.79 -37.71 38.37
CA ASN F 164 -11.65 -36.53 38.33
C ASN F 164 -12.79 -36.70 37.34
N ILE F 165 -12.52 -37.32 36.19
CA ILE F 165 -13.55 -37.57 35.19
C ILE F 165 -14.62 -38.49 35.76
N LYS F 166 -14.21 -39.56 36.44
CA LYS F 166 -15.18 -40.47 37.05
C LYS F 166 -15.97 -39.78 38.16
N GLN F 167 -15.31 -38.92 38.94
CA GLN F 167 -16.01 -38.18 39.98
C GLN F 167 -17.05 -37.24 39.36
N GLY F 168 -16.70 -36.59 38.25
CA GLY F 168 -17.66 -35.75 37.57
C GLY F 168 -18.83 -36.53 37.00
N PHE F 169 -18.54 -37.71 36.45
CA PHE F 169 -19.61 -38.57 35.94
C PHE F 169 -20.54 -39.00 37.08
N ASP F 170 -19.97 -39.32 38.24
CA ASP F 170 -20.79 -39.74 39.38
C ASP F 170 -21.53 -38.59 40.02
N LEU F 171 -21.02 -37.35 39.89
CA LEU F 171 -21.76 -36.20 40.39
C LEU F 171 -23.00 -35.94 39.57
N LEU F 172 -22.94 -36.19 38.26
CA LEU F 172 -24.13 -36.10 37.43
C LEU F 172 -25.19 -37.13 37.81
N GLU F 173 -24.77 -38.24 38.44
CA GLU F 173 -25.73 -39.24 38.87
C GLU F 173 -26.66 -38.67 39.94
N PHE F 174 -26.09 -37.98 40.93
CA PHE F 174 -26.87 -37.33 41.97
C PHE F 174 -27.19 -35.88 41.61
N ASP F 175 -27.69 -35.68 40.41
CA ASP F 175 -27.99 -34.34 39.90
C ASP F 175 -28.69 -34.52 38.57
N TYR F 176 -29.12 -33.41 37.97
CA TYR F 176 -29.76 -33.42 36.66
C TYR F 176 -28.80 -32.92 35.60
N LEU F 177 -29.13 -33.22 34.34
CA LEU F 177 -28.27 -32.83 33.23
C LEU F 177 -28.67 -31.46 32.67
N GLY F 178 -29.94 -31.27 32.34
CA GLY F 178 -30.37 -30.01 31.77
C GLY F 178 -31.82 -29.69 32.08
N GLY F 179 -32.14 -28.41 31.97
CA GLY F 179 -33.52 -27.99 32.09
C GLY F 179 -34.05 -28.09 33.51
N HIS F 180 -35.35 -28.38 33.60
CA HIS F 180 -36.09 -28.29 34.86
C HIS F 180 -35.75 -29.46 35.77
N GLY F 181 -34.50 -29.52 36.25
CA GLY F 181 -34.11 -30.57 37.17
C GLY F 181 -34.60 -30.38 38.58
N THR F 182 -34.95 -29.14 38.95
CA THR F 182 -35.57 -28.91 40.25
C THR F 182 -36.86 -29.72 40.39
N ARG F 183 -37.61 -29.86 39.29
CA ARG F 183 -38.91 -30.51 39.30
C ARG F 183 -38.84 -31.93 38.73
N GLY F 184 -37.76 -32.66 38.96
CA GLY F 184 -37.73 -34.09 38.68
C GLY F 184 -37.29 -34.50 37.30
N SER F 185 -36.98 -33.56 36.42
CA SER F 185 -36.62 -33.90 35.04
C SER F 185 -35.12 -33.86 34.83
N GLY F 186 -34.63 -34.73 33.95
CA GLY F 186 -33.24 -34.72 33.55
C GLY F 186 -32.33 -35.68 34.25
N ARG F 187 -32.85 -36.63 35.03
CA ARG F 187 -32.01 -37.60 35.71
C ARG F 187 -31.33 -38.51 34.70
N ILE F 188 -30.02 -38.70 34.86
CA ILE F 188 -29.22 -39.49 33.95
C ILE F 188 -28.47 -40.56 34.75
N ALA F 189 -28.07 -41.61 34.05
CA ALA F 189 -27.34 -42.71 34.65
C ALA F 189 -26.28 -43.18 33.66
N PHE F 190 -25.02 -42.86 33.93
CA PHE F 190 -23.94 -43.33 33.08
C PHE F 190 -23.79 -44.85 33.21
N GLU F 191 -23.50 -45.49 32.09
CA GLU F 191 -23.32 -46.94 32.10
C GLU F 191 -22.41 -47.33 30.94
N ASN F 192 -21.82 -48.53 31.06
CA ASN F 192 -20.91 -49.06 30.06
C ASN F 192 -19.74 -48.12 29.81
N LEU F 193 -19.26 -47.48 30.87
CA LEU F 193 -18.12 -46.58 30.76
C LEU F 193 -16.86 -47.35 30.44
N SER F 194 -16.01 -46.77 29.59
CA SER F 194 -14.75 -47.39 29.21
C SER F 194 -13.86 -46.34 28.58
N VAL F 195 -12.58 -46.68 28.48
CA VAL F 195 -11.59 -45.85 27.80
C VAL F 195 -10.82 -46.72 26.81
N ILE F 196 -10.63 -46.20 25.60
CA ILE F 196 -9.91 -46.91 24.56
C ILE F 196 -8.86 -45.96 23.99
N THR F 197 -7.85 -46.54 23.35
CA THR F 197 -6.79 -45.76 22.72
C THR F 197 -7.14 -45.51 21.26
N ALA F 198 -7.11 -44.23 20.86
CA ALA F 198 -7.50 -43.88 19.50
C ALA F 198 -6.52 -44.44 18.47
N VAL F 199 -5.23 -44.22 18.68
CA VAL F 199 -4.19 -44.62 17.74
C VAL F 199 -3.20 -45.53 18.45
N GLY F 200 -2.88 -46.66 17.82
CA GLY F 200 -1.96 -47.60 18.41
C GLY F 200 -2.50 -48.17 19.72
N ASN F 201 -1.60 -48.38 20.67
CA ASN F 201 -1.97 -48.91 21.98
C ASN F 201 -1.26 -48.11 23.06
N PHE F 202 -1.86 -48.12 24.24
CA PHE F 202 -1.36 -47.37 25.39
C PHE F 202 -1.21 -48.31 26.57
N GLU F 203 -0.03 -48.28 27.19
CA GLU F 203 0.20 -49.09 28.37
C GLU F 203 -0.60 -48.55 29.56
N LYS F 204 -0.84 -49.41 30.54
CA LYS F 204 -1.56 -49.09 31.77
C LYS F 204 -2.97 -48.53 31.49
N ILE F 205 -3.47 -48.71 30.27
CA ILE F 205 -4.85 -48.31 29.96
C ILE F 205 -5.83 -49.13 30.78
N ASN F 206 -5.45 -50.34 31.18
CA ASN F 206 -6.32 -51.15 32.03
C ASN F 206 -6.53 -50.51 33.39
N THR F 207 -5.53 -49.79 33.91
CA THR F 207 -5.70 -49.08 35.17
C THR F 207 -6.75 -47.96 35.02
N LEU F 208 -6.69 -47.22 33.93
CA LEU F 208 -7.68 -46.16 33.70
C LEU F 208 -9.08 -46.75 33.50
N ASN F 209 -9.17 -47.85 32.75
CA ASN F 209 -10.46 -48.49 32.55
C ASN F 209 -11.00 -49.09 33.84
N GLU F 210 -10.12 -49.47 34.76
CA GLU F 210 -10.56 -50.01 36.04
C GLU F 210 -11.10 -48.91 36.95
N ILE F 211 -10.44 -47.76 36.98
CA ILE F 211 -10.91 -46.64 37.80
C ILE F 211 -12.02 -45.85 37.13
N LEU F 212 -12.43 -46.25 35.92
CA LEU F 212 -13.51 -45.60 35.19
C LEU F 212 -14.79 -46.41 35.16
N GLY F 213 -14.68 -47.74 35.05
CA GLY F 213 -15.86 -48.58 35.06
C GLY F 213 -16.51 -48.76 36.41
N ALA F 214 -15.75 -48.55 37.49
CA ALA F 214 -16.27 -48.69 38.84
C ALA F 214 -15.40 -47.95 39.84
N THR H 12 -38.82 -3.96 -7.37
CA THR H 12 -38.41 -2.57 -7.58
C THR H 12 -39.39 -1.60 -6.92
N GLU H 13 -40.57 -2.10 -6.55
CA GLU H 13 -41.58 -1.30 -5.88
C GLU H 13 -42.59 -2.22 -5.21
N LEU H 14 -42.64 -2.17 -3.88
CA LEU H 14 -43.61 -2.94 -3.10
C LEU H 14 -44.63 -2.01 -2.48
N LYS H 15 -45.86 -2.49 -2.39
CA LYS H 15 -46.97 -1.70 -1.90
C LYS H 15 -47.10 -1.82 -0.38
N ILE H 16 -47.55 -0.73 0.24
CA ILE H 16 -47.89 -0.72 1.65
C ILE H 16 -49.33 -0.30 1.89
N GLY H 17 -50.01 0.22 0.87
CA GLY H 17 -51.33 0.79 1.03
C GLY H 17 -51.37 2.19 0.46
N ASN H 18 -51.57 3.19 1.32
CA ASN H 18 -51.48 4.58 0.87
C ASN H 18 -50.06 4.92 0.44
N GLU H 19 -49.06 4.45 1.18
CA GLU H 19 -47.67 4.76 0.93
C GLU H 19 -47.00 3.65 0.12
N LYS H 20 -45.85 3.98 -0.47
CA LYS H 20 -45.16 3.09 -1.39
C LYS H 20 -43.68 3.00 -1.01
N VAL H 21 -43.08 1.84 -1.28
CA VAL H 21 -41.68 1.58 -1.00
C VAL H 21 -41.00 1.16 -2.30
N ASN H 22 -39.90 1.83 -2.64
CA ASN H 22 -39.12 1.51 -3.82
C ASN H 22 -37.71 1.10 -3.39
N SER H 23 -36.82 0.92 -4.38
CA SER H 23 -35.48 0.44 -4.10
C SER H 23 -34.62 1.46 -3.37
N THR H 24 -35.04 2.72 -3.32
CA THR H 24 -34.24 3.77 -2.69
C THR H 24 -34.81 4.28 -1.39
N ASN H 25 -36.13 4.33 -1.24
CA ASN H 25 -36.77 4.90 -0.06
C ASN H 25 -37.12 3.84 0.99
N PHE H 26 -36.61 2.61 0.85
CA PHE H 26 -36.93 1.56 1.81
C PHE H 26 -36.41 1.91 3.21
N GLY H 27 -35.21 2.49 3.29
CA GLY H 27 -34.64 2.83 4.57
C GLY H 27 -35.43 3.92 5.29
N ASP H 28 -35.84 4.96 4.56
CA ASP H 28 -36.60 6.04 5.18
C ASP H 28 -37.95 5.55 5.68
N PHE H 29 -38.61 4.69 4.92
CA PHE H 29 -39.90 4.16 5.34
C PHE H 29 -39.74 3.22 6.55
N ALA H 30 -38.68 2.42 6.57
CA ALA H 30 -38.42 1.60 7.74
C ALA H 30 -38.14 2.46 8.96
N GLU H 31 -37.38 3.54 8.78
CA GLU H 31 -37.08 4.45 9.89
C GLU H 31 -38.34 5.10 10.43
N LYS H 32 -39.22 5.57 9.54
CA LYS H 32 -40.44 6.21 10.01
C LYS H 32 -41.37 5.20 10.69
N ALA H 33 -41.42 3.97 10.17
CA ALA H 33 -42.23 2.94 10.81
C ALA H 33 -41.71 2.62 12.20
N ILE H 34 -40.40 2.52 12.37
CA ILE H 34 -39.82 2.25 13.68
C ILE H 34 -40.06 3.43 14.62
N ARG H 35 -39.88 4.65 14.12
CA ARG H 35 -40.07 5.84 14.94
C ARG H 35 -41.50 5.95 15.42
N GLY H 36 -42.46 5.60 14.55
CA GLY H 36 -43.85 5.58 14.99
C GLY H 36 -44.10 4.59 16.11
N ILE H 37 -43.41 3.45 16.07
CA ILE H 37 -43.56 2.45 17.13
C ILE H 37 -42.99 2.97 18.45
N ASN H 38 -41.78 3.52 18.40
CA ASN H 38 -41.17 4.03 19.63
C ASN H 38 -41.92 5.23 20.18
N HIS H 39 -42.47 6.07 19.30
CA HIS H 39 -43.23 7.24 19.77
C HIS H 39 -44.52 6.83 20.46
N LYS H 40 -45.16 5.76 19.99
CA LYS H 40 -46.39 5.22 20.59
C LYS H 40 -46.19 3.73 20.83
N PRO H 41 -45.48 3.37 21.89
CA PRO H 41 -45.22 1.94 22.15
C PRO H 41 -46.50 1.18 22.40
N PHE H 42 -46.48 -0.11 22.05
CA PHE H 42 -47.64 -0.96 22.24
C PHE H 42 -47.97 -1.11 23.73
N VAL H 43 -49.25 -1.06 24.05
CA VAL H 43 -49.74 -1.19 25.42
C VAL H 43 -50.42 -2.53 25.56
N ASN H 44 -49.98 -3.31 26.57
CA ASN H 44 -50.56 -4.62 26.82
C ASN H 44 -51.96 -4.48 27.42
N SER H 45 -52.57 -5.61 27.74
CA SER H 45 -53.90 -5.59 28.36
C SER H 45 -53.86 -4.91 29.72
N LYS H 46 -52.83 -5.17 30.51
CA LYS H 46 -52.74 -4.61 31.86
C LYS H 46 -51.96 -3.30 31.87
N GLY H 47 -52.35 -2.39 30.98
CA GLY H 47 -51.79 -1.04 30.94
C GLY H 47 -50.28 -0.99 30.85
N GLY H 48 -49.68 -2.00 30.24
CA GLY H 48 -48.23 -2.15 30.23
C GLY H 48 -47.66 -1.94 28.83
N GLU H 49 -46.69 -1.04 28.74
CA GLU H 49 -45.99 -0.80 27.48
C GLU H 49 -44.92 -1.85 27.27
N GLN H 50 -44.83 -2.36 26.04
CA GLN H 50 -43.87 -3.41 25.71
C GLN H 50 -43.09 -3.04 24.46
N LYS H 51 -41.83 -3.46 24.42
CA LYS H 51 -40.96 -3.26 23.29
C LYS H 51 -40.60 -4.62 22.70
N ILE H 52 -40.68 -4.72 21.38
CA ILE H 52 -40.40 -5.98 20.69
C ILE H 52 -38.91 -6.29 20.81
N THR H 53 -38.59 -7.58 20.83
CA THR H 53 -37.23 -8.07 20.92
C THR H 53 -36.85 -8.76 19.61
N THR H 54 -35.58 -8.64 19.23
CA THR H 54 -35.09 -9.32 18.03
C THR H 54 -35.30 -10.83 18.12
N SER H 55 -35.19 -11.39 19.32
CA SER H 55 -35.40 -12.83 19.48
C SER H 55 -36.86 -13.21 19.23
N LYS H 56 -37.79 -12.28 19.41
CA LYS H 56 -39.20 -12.57 19.16
C LYS H 56 -39.44 -12.89 17.69
N ILE H 57 -38.79 -12.15 16.80
CA ILE H 57 -38.95 -12.34 15.35
C ILE H 57 -37.70 -12.99 14.75
N ARG H 58 -36.85 -13.59 15.59
CA ARG H 58 -35.63 -14.21 15.09
C ARG H 58 -35.92 -15.34 14.12
N GLY H 59 -36.93 -16.16 14.41
CA GLY H 59 -37.28 -17.23 13.49
C GLY H 59 -37.76 -16.71 12.15
N ILE H 60 -38.59 -15.68 12.16
CA ILE H 60 -39.04 -15.06 10.92
C ILE H 60 -37.86 -14.51 10.13
N LEU H 61 -36.96 -13.81 10.82
CA LEU H 61 -35.82 -13.21 10.13
C LEU H 61 -34.90 -14.28 9.53
N GLU H 62 -34.70 -15.38 10.25
CA GLU H 62 -33.87 -16.45 9.70
C GLU H 62 -34.55 -17.16 8.54
N LEU H 63 -35.88 -17.30 8.58
CA LEU H 63 -36.59 -17.83 7.43
C LEU H 63 -36.44 -16.93 6.22
N VAL H 64 -36.51 -15.60 6.44
CA VAL H 64 -36.32 -14.66 5.34
C VAL H 64 -34.91 -14.80 4.76
N ASN H 65 -33.90 -14.89 5.64
CA ASN H 65 -32.52 -15.00 5.17
C ASN H 65 -32.25 -16.35 4.55
N LYS H 66 -32.92 -17.41 5.02
CA LYS H 66 -32.71 -18.74 4.45
C LYS H 66 -33.13 -18.80 2.99
N VAL H 67 -34.29 -18.21 2.67
CA VAL H 67 -34.73 -18.20 1.27
C VAL H 67 -34.06 -17.07 0.49
N TYR H 68 -33.51 -16.07 1.16
CA TYR H 68 -32.74 -15.04 0.46
C TYR H 68 -31.47 -15.63 -0.14
N ASN H 69 -30.84 -16.57 0.56
CA ASN H 69 -29.61 -17.19 0.06
C ASN H 69 -29.86 -17.97 -1.22
N ARG H 70 -31.00 -18.67 -1.30
CA ARG H 70 -31.33 -19.44 -2.48
C ARG H 70 -31.94 -18.59 -3.59
N VAL H 71 -32.57 -17.47 -3.25
CA VAL H 71 -33.04 -16.54 -4.27
C VAL H 71 -31.87 -15.84 -4.94
N ILE H 72 -30.90 -15.36 -4.14
CA ILE H 72 -29.77 -14.63 -4.68
C ILE H 72 -28.89 -15.52 -5.55
N ASN H 73 -28.90 -16.83 -5.33
CA ASN H 73 -28.17 -17.76 -6.20
C ASN H 73 -29.07 -18.24 -7.33
N THR H 74 -29.72 -17.30 -8.00
CA THR H 74 -30.66 -17.61 -9.08
C THR H 74 -30.79 -16.37 -9.95
N ASN H 75 -30.28 -16.45 -11.17
CA ASN H 75 -30.39 -15.34 -12.11
C ASN H 75 -31.62 -15.47 -13.00
N ASP H 76 -32.78 -15.67 -12.35
CA ASP H 76 -34.06 -15.79 -13.04
C ASP H 76 -35.01 -14.73 -12.51
N VAL H 77 -35.71 -14.07 -13.43
CA VAL H 77 -36.65 -13.02 -13.03
C VAL H 77 -37.80 -13.62 -12.23
N GLU H 78 -38.34 -14.75 -12.70
CA GLU H 78 -39.48 -15.39 -12.05
C GLU H 78 -39.00 -16.33 -10.97
N LEU H 79 -39.62 -16.25 -9.78
CA LEU H 79 -39.27 -17.14 -8.69
C LEU H 79 -39.79 -18.54 -8.95
N SER H 80 -39.02 -19.54 -8.50
CA SER H 80 -39.39 -20.92 -8.72
C SER H 80 -40.54 -21.32 -7.80
N GLU H 81 -41.14 -22.48 -8.09
CA GLU H 81 -42.29 -22.94 -7.30
C GLU H 81 -41.89 -23.23 -5.86
N ASN H 82 -40.74 -23.86 -5.65
CA ASN H 82 -40.30 -24.19 -4.29
C ASN H 82 -39.88 -22.94 -3.53
N ILE H 83 -39.29 -21.95 -4.19
CA ILE H 83 -38.96 -20.69 -3.54
C ILE H 83 -40.23 -20.00 -3.07
N LEU H 84 -41.26 -19.98 -3.92
CA LEU H 84 -42.52 -19.37 -3.53
C LEU H 84 -43.21 -20.17 -2.42
N ALA H 85 -43.04 -21.50 -2.42
CA ALA H 85 -43.53 -22.29 -1.29
C ALA H 85 -42.85 -21.87 0.00
N ASP H 86 -41.53 -21.67 -0.04
CA ASP H 86 -40.81 -21.22 1.14
C ASP H 86 -41.28 -19.84 1.60
N ILE H 87 -41.52 -18.94 0.65
CA ILE H 87 -41.97 -17.58 0.99
C ILE H 87 -43.37 -17.60 1.59
N ALA H 88 -44.27 -18.45 1.04
CA ALA H 88 -45.60 -18.57 1.61
C ALA H 88 -45.54 -19.18 3.01
N TYR H 89 -44.66 -20.16 3.22
CA TYR H 89 -44.44 -20.67 4.56
C TYR H 89 -43.91 -19.60 5.50
N ILE H 90 -43.07 -18.70 4.99
CA ILE H 90 -42.60 -17.57 5.79
C ILE H 90 -43.76 -16.70 6.24
N LYS H 91 -44.67 -16.41 5.31
CA LYS H 91 -45.85 -15.62 5.68
C LYS H 91 -46.71 -16.35 6.71
N VAL H 92 -46.83 -17.67 6.57
CA VAL H 92 -47.57 -18.47 7.55
C VAL H 92 -46.90 -18.35 8.93
N LYS H 93 -45.57 -18.43 8.97
CA LYS H 93 -44.86 -18.31 10.23
C LYS H 93 -45.00 -16.92 10.83
N ILE H 94 -45.03 -15.89 9.98
CA ILE H 94 -45.26 -14.52 10.45
C ILE H 94 -46.62 -14.43 11.13
N ALA H 95 -47.64 -15.01 10.50
CA ALA H 95 -48.97 -15.01 11.11
C ALA H 95 -48.98 -15.78 12.42
N TYR H 96 -48.27 -16.91 12.47
CA TYR H 96 -48.22 -17.70 13.70
C TYR H 96 -47.59 -16.90 14.84
N GLU H 97 -46.45 -16.27 14.57
CA GLU H 97 -45.77 -15.49 15.60
C GLU H 97 -46.60 -14.28 16.01
N SER H 98 -47.34 -13.69 15.07
CA SER H 98 -48.25 -12.61 15.43
C SER H 98 -49.35 -13.10 16.36
N GLY H 99 -49.89 -14.29 16.09
CA GLY H 99 -50.93 -14.83 16.95
C GLY H 99 -50.42 -15.28 18.30
N ARG H 100 -49.14 -15.66 18.38
CA ARG H 100 -48.56 -16.09 19.65
C ARG H 100 -48.40 -14.93 20.61
N GLU H 101 -47.84 -13.82 20.12
CA GLU H 101 -47.53 -12.67 20.96
C GLU H 101 -48.28 -11.44 20.46
N PRO H 102 -49.11 -10.80 21.28
CA PRO H 102 -49.77 -9.57 20.83
C PRO H 102 -48.80 -8.46 20.47
N VAL H 103 -47.67 -8.36 21.15
CA VAL H 103 -46.70 -7.31 20.84
C VAL H 103 -46.06 -7.56 19.49
N VAL H 104 -45.79 -8.82 19.16
CA VAL H 104 -45.26 -9.15 17.83
C VAL H 104 -46.29 -8.83 16.76
N LYS H 105 -47.56 -9.13 17.01
CA LYS H 105 -48.61 -8.78 16.07
C LYS H 105 -48.70 -7.27 15.87
N ASP H 106 -48.56 -6.51 16.97
CA ASP H 106 -48.54 -5.05 16.84
C ASP H 106 -47.36 -4.57 16.02
N PHE H 107 -46.19 -5.18 16.22
CA PHE H 107 -45.02 -4.81 15.42
C PHE H 107 -45.25 -5.12 13.94
N ILE H 108 -45.85 -6.27 13.64
CA ILE H 108 -46.14 -6.62 12.26
C ILE H 108 -47.13 -5.64 11.64
N GLN H 109 -48.14 -5.24 12.41
CA GLN H 109 -49.19 -4.37 11.87
C GLN H 109 -48.67 -2.94 11.67
N ARG H 110 -47.89 -2.42 12.63
CA ARG H 110 -47.35 -1.08 12.48
C ARG H 110 -46.38 -1.00 11.31
N THR H 111 -45.53 -2.00 11.15
CA THR H 111 -44.76 -2.17 9.92
C THR H 111 -45.67 -2.82 8.87
N ALA H 112 -45.09 -3.30 7.78
CA ALA H 112 -45.87 -3.94 6.73
C ALA H 112 -45.21 -5.23 6.28
N PHE H 113 -44.82 -6.06 7.25
CA PHE H 113 -44.27 -7.37 6.90
C PHE H 113 -45.28 -8.21 6.15
N THR H 114 -46.53 -8.24 6.62
CA THR H 114 -47.57 -9.01 5.94
C THR H 114 -47.85 -8.44 4.56
N ALA H 115 -48.02 -7.12 4.47
CA ALA H 115 -48.31 -6.49 3.19
C ALA H 115 -47.15 -6.69 2.20
N ALA H 116 -45.91 -6.50 2.66
CA ALA H 116 -44.78 -6.67 1.77
C ALA H 116 -44.62 -8.12 1.34
N ILE H 117 -44.83 -9.07 2.25
CA ILE H 117 -44.63 -10.47 1.89
C ILE H 117 -45.73 -10.92 0.92
N THR H 118 -46.96 -10.44 1.11
CA THR H 118 -48.01 -10.83 0.17
C THR H 118 -47.85 -10.13 -1.17
N ASP H 119 -47.25 -8.93 -1.19
CA ASP H 119 -46.93 -8.31 -2.47
C ASP H 119 -45.80 -9.04 -3.17
N VAL H 120 -44.85 -9.61 -2.42
CA VAL H 120 -43.83 -10.45 -3.04
C VAL H 120 -44.48 -11.69 -3.64
N MET H 121 -45.42 -12.30 -2.91
CA MET H 121 -46.17 -13.42 -3.48
C MET H 121 -46.95 -13.00 -4.72
N ASN H 122 -47.47 -11.78 -4.74
CA ASN H 122 -48.24 -11.31 -5.89
C ASN H 122 -47.36 -11.09 -7.11
N GLN H 123 -46.21 -10.42 -6.92
CA GLN H 123 -45.37 -10.08 -8.05
C GLN H 123 -44.62 -11.29 -8.60
N ARG H 124 -44.34 -12.28 -7.75
CA ARG H 124 -43.71 -13.55 -8.13
C ARG H 124 -42.31 -13.38 -8.70
N THR H 125 -41.70 -12.22 -8.53
CA THR H 125 -40.44 -11.92 -9.20
C THR H 125 -39.29 -11.83 -8.21
N ARG H 126 -38.07 -12.03 -8.74
CA ARG H 126 -36.88 -12.09 -7.91
C ARG H 126 -36.56 -10.74 -7.28
N GLU H 127 -36.71 -9.65 -8.03
CA GLU H 127 -36.31 -8.34 -7.53
C GLU H 127 -37.24 -7.85 -6.42
N SER H 128 -38.53 -8.19 -6.48
CA SER H 128 -39.46 -7.78 -5.43
C SER H 128 -39.07 -8.41 -4.10
N PHE H 129 -38.69 -9.68 -4.11
CA PHE H 129 -38.26 -10.31 -2.87
C PHE H 129 -36.96 -9.69 -2.37
N LEU H 130 -36.06 -9.31 -3.26
CA LEU H 130 -34.82 -8.66 -2.84
C LEU H 130 -35.11 -7.33 -2.17
N LEU H 131 -36.05 -6.55 -2.73
CA LEU H 131 -36.43 -5.31 -2.07
C LEU H 131 -37.14 -5.56 -0.75
N PHE H 132 -37.93 -6.64 -0.66
CA PHE H 132 -38.53 -7.01 0.62
C PHE H 132 -37.46 -7.32 1.66
N ALA H 133 -36.42 -8.05 1.27
CA ALA H 133 -35.32 -8.33 2.17
C ALA H 133 -34.60 -7.05 2.57
N ARG H 134 -34.45 -6.13 1.63
CA ARG H 134 -33.88 -4.82 1.95
C ARG H 134 -34.73 -4.11 3.00
N TYR H 135 -36.05 -4.15 2.84
CA TYR H 135 -36.95 -3.48 3.78
C TYR H 135 -36.87 -4.11 5.16
N VAL H 136 -36.83 -5.45 5.24
CA VAL H 136 -36.75 -6.08 6.55
C VAL H 136 -35.40 -5.80 7.19
N GLU H 137 -34.33 -5.76 6.40
CA GLU H 137 -33.02 -5.41 6.95
C GLU H 137 -33.02 -3.99 7.50
N SER H 138 -33.63 -3.05 6.76
CA SER H 138 -33.69 -1.67 7.24
C SER H 138 -34.56 -1.56 8.49
N LEU H 139 -35.63 -2.35 8.57
CA LEU H 139 -36.45 -2.35 9.77
C LEU H 139 -35.68 -2.88 10.97
N ILE H 140 -34.91 -3.95 10.79
CA ILE H 140 -34.05 -4.44 11.87
C ILE H 140 -33.05 -3.38 12.28
N ALA H 141 -32.42 -2.72 11.30
CA ALA H 141 -31.38 -1.75 11.58
C ALA H 141 -31.94 -0.57 12.38
N TYR H 142 -33.08 -0.04 11.96
CA TYR H 142 -33.67 1.10 12.66
C TYR H 142 -34.34 0.70 13.96
N PHE H 143 -34.76 -0.56 14.09
CA PHE H 143 -35.27 -1.03 15.38
C PHE H 143 -34.15 -1.10 16.40
N LYS H 144 -32.99 -1.64 16.01
CA LYS H 144 -31.85 -1.67 16.92
C LYS H 144 -31.23 -0.30 17.12
N PHE H 145 -31.43 0.62 16.16
CA PHE H 145 -30.88 1.96 16.29
C PHE H 145 -31.51 2.72 17.44
N TYR H 146 -32.82 2.61 17.62
CA TYR H 146 -33.53 3.39 18.63
C TYR H 146 -33.66 2.63 19.95
N GLY H 147 -34.30 1.47 19.93
CA GLY H 147 -34.56 0.75 21.16
C GLY H 147 -33.69 -0.48 21.36
N GLY H 148 -33.44 -1.22 20.29
CA GLY H 148 -32.65 -2.43 20.41
C GLY H 148 -33.41 -3.55 21.09
N LYS H 149 -32.65 -4.60 21.42
CA LYS H 149 -33.23 -5.76 22.09
C LYS H 149 -33.76 -5.40 23.47
N THR I 12 -47.80 -34.30 -4.70
CA THR I 12 -47.50 -32.86 -4.70
C THR I 12 -48.79 -32.04 -4.70
N GLU I 13 -49.92 -32.72 -4.48
CA GLU I 13 -51.21 -32.06 -4.48
C GLU I 13 -52.23 -32.97 -3.82
N LEU I 14 -52.96 -32.44 -2.85
CA LEU I 14 -54.08 -33.12 -2.22
C LEU I 14 -55.33 -32.25 -2.35
N LYS I 15 -56.49 -32.82 -2.00
CA LYS I 15 -57.77 -32.16 -2.23
C LYS I 15 -58.40 -31.76 -0.90
N ILE I 16 -58.34 -30.46 -0.60
CA ILE I 16 -59.19 -29.89 0.43
C ILE I 16 -60.63 -29.80 -0.05
N GLY I 17 -60.84 -29.85 -1.35
CA GLY I 17 -62.13 -29.63 -1.97
C GLY I 17 -61.97 -28.79 -3.22
N ASN I 18 -60.95 -27.94 -3.23
CA ASN I 18 -60.63 -27.15 -4.41
C ASN I 18 -59.25 -27.49 -4.99
N GLU I 19 -58.19 -27.34 -4.21
CA GLU I 19 -56.81 -27.50 -4.68
C GLU I 19 -55.89 -27.31 -3.49
N LYS I 20 -54.67 -27.85 -3.61
CA LYS I 20 -53.65 -27.68 -2.57
C LYS I 20 -52.28 -27.78 -3.24
N VAL I 21 -51.68 -26.63 -3.52
CA VAL I 21 -50.38 -26.56 -4.18
C VAL I 21 -49.31 -26.26 -3.15
N ASN I 22 -48.11 -26.78 -3.40
CA ASN I 22 -46.97 -26.47 -2.54
C ASN I 22 -46.62 -24.99 -2.58
N SER I 23 -46.63 -24.40 -3.78
CA SER I 23 -46.14 -23.03 -3.94
C SER I 23 -46.98 -22.04 -3.16
N THR I 24 -48.30 -22.14 -3.25
CA THR I 24 -49.18 -21.16 -2.63
C THR I 24 -50.46 -21.87 -2.22
N ASN I 25 -51.38 -21.11 -1.61
CA ASN I 25 -52.74 -21.52 -1.25
C ASN I 25 -52.77 -22.70 -0.29
N PHE I 26 -51.60 -23.17 0.17
CA PHE I 26 -51.63 -24.08 1.31
C PHE I 26 -51.84 -23.32 2.61
N GLY I 27 -51.67 -22.00 2.59
CA GLY I 27 -51.95 -21.14 3.72
C GLY I 27 -53.09 -20.20 3.43
N ASP I 28 -53.34 -19.92 2.15
CA ASP I 28 -54.48 -19.08 1.79
C ASP I 28 -55.80 -19.80 2.06
N PHE I 29 -55.83 -21.11 1.86
CA PHE I 29 -57.04 -21.85 2.19
C PHE I 29 -57.21 -21.94 3.70
N ALA I 30 -56.11 -21.90 4.47
CA ALA I 30 -56.22 -21.76 5.92
C ALA I 30 -56.76 -20.38 6.31
N GLU I 31 -56.26 -19.33 5.65
CA GLU I 31 -56.90 -18.01 5.71
C GLU I 31 -58.40 -18.16 5.62
N LYS I 32 -58.88 -18.75 4.53
CA LYS I 32 -60.29 -18.75 4.23
C LYS I 32 -61.08 -19.62 5.21
N ALA I 33 -60.51 -20.75 5.62
CA ALA I 33 -61.19 -21.61 6.58
C ALA I 33 -61.34 -20.92 7.92
N ILE I 34 -60.27 -20.29 8.42
CA ILE I 34 -60.33 -19.62 9.71
C ILE I 34 -61.24 -18.39 9.63
N ARG I 35 -61.22 -17.67 8.51
CA ARG I 35 -62.10 -16.53 8.34
C ARG I 35 -63.56 -16.96 8.33
N GLY I 36 -63.87 -18.08 7.69
CA GLY I 36 -65.23 -18.60 7.72
C GLY I 36 -65.65 -19.05 9.10
N ILE I 37 -64.74 -19.68 9.85
CA ILE I 37 -65.06 -20.08 11.21
C ILE I 37 -65.34 -18.86 12.07
N ASN I 38 -64.53 -17.81 11.93
CA ASN I 38 -64.80 -16.56 12.63
C ASN I 38 -66.01 -15.84 12.06
N HIS I 39 -66.32 -16.07 10.78
CA HIS I 39 -67.50 -15.46 10.18
C HIS I 39 -68.76 -15.91 10.90
N LYS I 40 -68.86 -17.20 11.22
CA LYS I 40 -69.97 -17.73 11.99
C LYS I 40 -69.42 -18.86 12.86
N PRO I 41 -69.17 -18.62 14.14
CA PRO I 41 -68.65 -19.67 15.02
C PRO I 41 -69.67 -20.76 15.24
N PHE I 42 -69.17 -21.90 15.72
CA PHE I 42 -70.04 -23.05 15.97
C PHE I 42 -71.05 -22.73 17.08
N VAL I 43 -72.20 -23.38 16.98
CA VAL I 43 -73.29 -23.22 17.94
C VAL I 43 -73.33 -24.49 18.79
N ASN I 44 -72.81 -24.41 20.02
CA ASN I 44 -72.79 -25.58 20.90
C ASN I 44 -74.20 -26.04 21.22
N SER I 45 -75.10 -25.10 21.48
CA SER I 45 -76.50 -25.42 21.73
C SER I 45 -77.34 -24.24 21.26
N LYS I 46 -78.63 -24.50 21.05
CA LYS I 46 -79.53 -23.48 20.50
C LYS I 46 -79.44 -22.18 21.32
N GLY I 47 -79.55 -22.30 22.64
CA GLY I 47 -79.36 -21.16 23.53
C GLY I 47 -77.95 -21.17 24.13
N GLY I 48 -76.95 -21.02 23.27
CA GLY I 48 -75.56 -21.07 23.71
C GLY I 48 -74.67 -20.38 22.69
N GLU I 49 -73.47 -20.03 23.13
CA GLU I 49 -72.43 -19.46 22.28
C GLU I 49 -71.12 -20.19 22.55
N GLN I 50 -70.41 -20.56 21.49
CA GLN I 50 -69.21 -21.38 21.63
C GLN I 50 -68.09 -20.83 20.75
N LYS I 51 -66.86 -21.04 21.21
CA LYS I 51 -65.67 -20.69 20.43
C LYS I 51 -64.61 -21.76 20.70
N ILE I 52 -63.87 -22.12 19.65
CA ILE I 52 -62.90 -23.20 19.73
C ILE I 52 -61.63 -22.72 20.43
N THR I 53 -60.98 -23.67 21.11
CA THR I 53 -59.73 -23.44 21.82
C THR I 53 -58.67 -24.38 21.29
N THR I 54 -57.45 -23.88 21.12
CA THR I 54 -56.37 -24.67 20.53
C THR I 54 -55.96 -25.87 21.38
N SER I 55 -56.39 -25.93 22.64
CA SER I 55 -56.09 -27.09 23.48
C SER I 55 -56.87 -28.32 23.07
N LYS I 56 -57.83 -28.20 22.16
CA LYS I 56 -58.64 -29.32 21.69
C LYS I 56 -58.18 -29.85 20.34
N ILE I 57 -56.94 -29.57 19.95
CA ILE I 57 -56.40 -30.02 18.68
C ILE I 57 -55.03 -30.62 18.97
N ARG I 58 -54.59 -30.48 20.23
CA ARG I 58 -53.21 -30.72 20.62
C ARG I 58 -52.79 -32.18 20.42
N GLY I 59 -53.70 -33.13 20.68
CA GLY I 59 -53.34 -34.53 20.47
C GLY I 59 -53.06 -34.85 19.01
N ILE I 60 -53.94 -34.37 18.12
CA ILE I 60 -53.73 -34.57 16.69
C ILE I 60 -52.46 -33.87 16.24
N LEU I 61 -52.20 -32.67 16.77
CA LEU I 61 -50.97 -31.97 16.42
C LEU I 61 -49.74 -32.77 16.83
N GLU I 62 -49.77 -33.35 18.03
CA GLU I 62 -48.64 -34.17 18.48
C GLU I 62 -48.44 -35.38 17.58
N LEU I 63 -49.53 -36.05 17.21
CA LEU I 63 -49.42 -37.22 16.34
C LEU I 63 -48.87 -36.84 14.97
N VAL I 64 -49.36 -35.72 14.41
CA VAL I 64 -48.89 -35.29 13.10
C VAL I 64 -47.42 -34.91 13.14
N ASN I 65 -47.00 -34.22 14.20
CA ASN I 65 -45.59 -33.85 14.32
C ASN I 65 -44.71 -35.08 14.47
N LYS I 66 -45.15 -36.07 15.25
CA LYS I 66 -44.38 -37.30 15.40
C LYS I 66 -44.25 -38.03 14.07
N VAL I 67 -45.34 -38.12 13.31
CA VAL I 67 -45.26 -38.80 12.02
C VAL I 67 -44.38 -38.02 11.05
N TYR I 68 -44.42 -36.68 11.12
CA TYR I 68 -43.55 -35.87 10.27
C TYR I 68 -42.09 -36.12 10.60
N ASN I 69 -41.76 -36.20 11.89
CA ASN I 69 -40.39 -36.51 12.29
C ASN I 69 -39.98 -37.89 11.83
N ARG I 70 -40.91 -38.85 11.85
CA ARG I 70 -40.59 -40.20 11.39
C ARG I 70 -40.37 -40.24 9.88
N VAL I 71 -41.14 -39.48 9.12
CA VAL I 71 -41.08 -39.59 7.66
C VAL I 71 -40.05 -38.68 7.01
N ILE I 72 -39.61 -37.62 7.69
CA ILE I 72 -38.65 -36.71 7.07
C ILE I 72 -37.30 -37.39 6.86
N ASN I 73 -36.99 -38.43 7.63
CA ASN I 73 -35.73 -39.17 7.46
C ASN I 73 -35.91 -40.39 6.58
N THR I 74 -36.50 -40.21 5.40
CA THR I 74 -36.71 -41.30 4.46
C THR I 74 -36.34 -40.85 3.06
N ASN I 75 -35.49 -41.63 2.41
CA ASN I 75 -35.10 -41.38 1.02
C ASN I 75 -36.00 -42.16 0.05
N ASP I 76 -37.31 -42.01 0.22
CA ASP I 76 -38.26 -42.75 -0.59
C ASP I 76 -39.53 -41.95 -0.73
N VAL I 77 -40.32 -42.28 -1.74
CA VAL I 77 -41.57 -41.57 -2.03
C VAL I 77 -42.74 -42.14 -1.23
N GLU I 78 -42.94 -43.45 -1.30
CA GLU I 78 -44.06 -44.08 -0.61
C GLU I 78 -43.75 -44.26 0.87
N LEU I 79 -44.74 -43.97 1.71
CA LEU I 79 -44.60 -44.16 3.14
C LEU I 79 -44.69 -45.64 3.50
N SER I 80 -43.89 -46.04 4.49
CA SER I 80 -43.83 -47.44 4.86
C SER I 80 -45.12 -47.86 5.57
N GLU I 81 -45.24 -49.18 5.82
CA GLU I 81 -46.44 -49.72 6.43
C GLU I 81 -46.66 -49.18 7.83
N ASN I 82 -45.57 -49.04 8.60
CA ASN I 82 -45.70 -48.48 9.95
C ASN I 82 -46.19 -47.04 9.90
N ILE I 83 -45.69 -46.26 8.94
CA ILE I 83 -46.17 -44.89 8.79
C ILE I 83 -47.65 -44.88 8.40
N LEU I 84 -48.07 -45.82 7.57
CA LEU I 84 -49.47 -45.92 7.21
C LEU I 84 -50.34 -46.25 8.42
N ALA I 85 -49.85 -47.15 9.28
CA ALA I 85 -50.57 -47.43 10.52
C ALA I 85 -50.62 -46.19 11.41
N ASP I 86 -49.55 -45.40 11.42
CA ASP I 86 -49.54 -44.15 12.18
C ASP I 86 -50.57 -43.16 11.64
N ILE I 87 -50.73 -43.09 10.32
CA ILE I 87 -51.73 -42.21 9.74
C ILE I 87 -53.14 -42.70 10.06
N ALA I 88 -53.33 -44.03 10.06
CA ALA I 88 -54.60 -44.60 10.49
C ALA I 88 -54.89 -44.23 11.94
N TYR I 89 -53.86 -44.29 12.80
CA TYR I 89 -53.99 -43.81 14.17
C TYR I 89 -54.37 -42.34 14.20
N ILE I 90 -53.77 -41.54 13.32
CA ILE I 90 -54.08 -40.12 13.29
C ILE I 90 -55.57 -39.92 13.00
N LYS I 91 -56.09 -40.65 12.02
CA LYS I 91 -57.52 -40.57 11.71
C LYS I 91 -58.39 -41.04 12.88
N VAL I 92 -57.98 -42.12 13.54
CA VAL I 92 -58.73 -42.62 14.70
C VAL I 92 -58.76 -41.57 15.81
N LYS I 93 -57.62 -40.95 16.09
CA LYS I 93 -57.57 -39.91 17.11
C LYS I 93 -58.39 -38.69 16.70
N ILE I 94 -58.42 -38.38 15.40
CA ILE I 94 -59.28 -37.31 14.91
C ILE I 94 -60.72 -37.62 15.26
N ALA I 95 -61.17 -38.84 14.97
CA ALA I 95 -62.54 -39.22 15.27
C ALA I 95 -62.82 -39.18 16.77
N TYR I 96 -61.89 -39.68 17.59
CA TYR I 96 -62.08 -39.69 19.04
C TYR I 96 -62.22 -38.27 19.57
N GLU I 97 -61.27 -37.40 19.24
CA GLU I 97 -61.24 -36.06 19.80
C GLU I 97 -62.30 -35.16 19.19
N SER I 98 -62.82 -35.53 18.01
CA SER I 98 -63.99 -34.86 17.45
C SER I 98 -65.27 -35.27 18.17
N GLY I 99 -65.42 -36.56 18.46
CA GLY I 99 -66.59 -37.02 19.18
C GLY I 99 -66.61 -36.57 20.62
N ARG I 100 -65.43 -36.33 21.21
CA ARG I 100 -65.38 -35.88 22.60
C ARG I 100 -66.09 -34.55 22.79
N GLU I 101 -65.58 -33.50 22.16
CA GLU I 101 -66.23 -32.19 22.18
C GLU I 101 -66.73 -31.86 20.79
N PRO I 102 -68.04 -31.71 20.59
CA PRO I 102 -68.55 -31.53 19.22
C PRO I 102 -68.36 -30.12 18.69
N VAL I 103 -67.21 -29.53 18.95
CA VAL I 103 -66.79 -28.29 18.31
C VAL I 103 -65.54 -28.60 17.52
N VAL I 104 -64.77 -29.59 17.98
CA VAL I 104 -63.72 -30.17 17.15
C VAL I 104 -64.33 -30.81 15.92
N LYS I 105 -65.56 -31.31 16.04
CA LYS I 105 -66.29 -31.80 14.87
C LYS I 105 -66.46 -30.70 13.83
N ASP I 106 -66.93 -29.53 14.26
CA ASP I 106 -67.07 -28.40 13.34
C ASP I 106 -65.72 -27.99 12.77
N PHE I 107 -64.68 -27.97 13.62
CA PHE I 107 -63.36 -27.56 13.16
C PHE I 107 -62.83 -28.49 12.08
N ILE I 108 -62.98 -29.81 12.26
CA ILE I 108 -62.48 -30.72 11.25
C ILE I 108 -63.36 -30.70 10.01
N GLN I 109 -64.68 -30.49 10.16
CA GLN I 109 -65.55 -30.46 8.99
C GLN I 109 -65.28 -29.25 8.12
N ARG I 110 -65.20 -28.06 8.71
CA ARG I 110 -65.03 -26.86 7.91
C ARG I 110 -63.62 -26.72 7.35
N THR I 111 -62.64 -27.38 7.94
CA THR I 111 -61.27 -27.34 7.44
C THR I 111 -60.94 -28.50 6.51
N ALA I 112 -61.88 -29.42 6.30
CA ALA I 112 -61.66 -30.60 5.46
C ALA I 112 -60.40 -31.36 5.89
N PHE I 113 -60.20 -31.44 7.21
CA PHE I 113 -58.99 -32.03 7.75
C PHE I 113 -59.01 -33.55 7.61
N THR I 114 -60.16 -34.17 7.88
CA THR I 114 -60.32 -35.59 7.65
C THR I 114 -60.18 -35.92 6.17
N ALA I 115 -60.70 -35.06 5.29
CA ALA I 115 -60.52 -35.25 3.86
C ALA I 115 -59.05 -35.21 3.49
N ALA I 116 -58.28 -34.31 4.12
CA ALA I 116 -56.85 -34.28 3.89
C ALA I 116 -56.19 -35.58 4.34
N ILE I 117 -56.62 -36.11 5.49
CA ILE I 117 -56.10 -37.40 5.94
C ILE I 117 -56.36 -38.48 4.91
N THR I 118 -57.61 -38.56 4.42
CA THR I 118 -57.96 -39.59 3.45
C THR I 118 -57.16 -39.43 2.16
N ASP I 119 -56.99 -38.19 1.70
CA ASP I 119 -56.22 -37.95 0.49
C ASP I 119 -54.76 -38.38 0.68
N VAL I 120 -54.18 -38.09 1.84
CA VAL I 120 -52.81 -38.50 2.11
C VAL I 120 -52.70 -40.02 2.12
N MET I 121 -53.68 -40.69 2.72
CA MET I 121 -53.68 -42.16 2.71
C MET I 121 -53.76 -42.69 1.29
N ASN I 122 -54.61 -42.07 0.46
CA ASN I 122 -54.78 -42.57 -0.91
C ASN I 122 -53.52 -42.35 -1.75
N GLN I 123 -52.89 -41.19 -1.63
CA GLN I 123 -51.76 -40.86 -2.50
C GLN I 123 -50.55 -41.75 -2.23
N ARG I 124 -50.31 -42.09 -0.96
CA ARG I 124 -49.19 -42.95 -0.57
C ARG I 124 -47.84 -42.35 -1.00
N THR I 125 -47.70 -41.03 -0.83
CA THR I 125 -46.48 -40.33 -1.20
C THR I 125 -46.02 -39.44 -0.05
N ARG I 126 -44.70 -39.33 0.09
CA ARG I 126 -44.13 -38.53 1.17
C ARG I 126 -44.47 -37.06 1.03
N GLU I 127 -44.38 -36.52 -0.19
CA GLU I 127 -44.66 -35.10 -0.39
C GLU I 127 -46.12 -34.76 -0.09
N SER I 128 -47.03 -35.73 -0.28
CA SER I 128 -48.42 -35.49 0.08
C SER I 128 -48.56 -35.25 1.59
N PHE I 129 -47.90 -36.09 2.39
CA PHE I 129 -47.95 -35.89 3.84
C PHE I 129 -47.20 -34.63 4.25
N LEU I 130 -46.12 -34.28 3.55
CA LEU I 130 -45.43 -33.04 3.87
C LEU I 130 -46.32 -31.83 3.62
N LEU I 131 -47.04 -31.82 2.50
CA LEU I 131 -47.98 -30.74 2.22
C LEU I 131 -49.14 -30.75 3.20
N PHE I 132 -49.59 -31.93 3.62
CA PHE I 132 -50.64 -32.00 4.65
C PHE I 132 -50.16 -31.37 5.96
N ALA I 133 -48.92 -31.69 6.37
CA ALA I 133 -48.36 -31.09 7.57
C ALA I 133 -48.22 -29.59 7.42
N ARG I 134 -47.85 -29.13 6.22
CA ARG I 134 -47.77 -27.69 5.98
C ARG I 134 -49.13 -27.04 6.14
N TYR I 135 -50.19 -27.69 5.64
CA TYR I 135 -51.54 -27.16 5.83
C TYR I 135 -51.96 -27.17 7.29
N VAL I 136 -51.57 -28.21 8.04
CA VAL I 136 -51.88 -28.23 9.47
C VAL I 136 -51.21 -27.07 10.18
N GLU I 137 -49.94 -26.83 9.86
CA GLU I 137 -49.22 -25.69 10.43
C GLU I 137 -49.90 -24.37 10.07
N SER I 138 -50.36 -24.26 8.81
CA SER I 138 -51.08 -23.06 8.39
C SER I 138 -52.37 -22.89 9.17
N LEU I 139 -53.10 -23.98 9.39
CA LEU I 139 -54.34 -23.90 10.16
C LEU I 139 -54.08 -23.42 11.58
N ILE I 140 -53.06 -23.99 12.23
CA ILE I 140 -52.73 -23.56 13.60
C ILE I 140 -52.34 -22.09 13.60
N ALA I 141 -51.49 -21.70 12.65
CA ALA I 141 -50.98 -20.33 12.59
C ALA I 141 -52.11 -19.33 12.40
N TYR I 142 -53.01 -19.61 11.46
CA TYR I 142 -54.04 -18.63 11.15
C TYR I 142 -55.19 -18.67 12.13
N PHE I 143 -55.39 -19.80 12.82
CA PHE I 143 -56.32 -19.82 13.94
C PHE I 143 -55.78 -18.98 15.10
N LYS I 144 -54.49 -19.09 15.40
CA LYS I 144 -53.92 -18.28 16.47
C LYS I 144 -53.90 -16.81 16.09
N PHE I 145 -53.67 -16.51 14.81
CA PHE I 145 -53.62 -15.11 14.35
C PHE I 145 -54.96 -14.42 14.58
N TYR I 146 -56.01 -14.88 13.90
CA TYR I 146 -57.31 -14.23 14.01
C TYR I 146 -57.95 -14.50 15.38
N GLY I 147 -57.94 -15.75 15.82
CA GLY I 147 -58.54 -16.11 17.08
C GLY I 147 -57.54 -16.53 18.13
N GLY I 148 -57.40 -17.83 18.35
CA GLY I 148 -56.45 -18.34 19.33
C GLY I 148 -57.13 -18.78 20.61
N LYS I 149 -56.48 -18.52 21.74
CA LYS I 149 -57.01 -18.88 23.06
C LYS I 149 -57.33 -20.37 23.14
N THR K 12 -20.16 19.59 -4.09
CA THR K 12 -19.57 20.56 -3.18
C THR K 12 -20.55 20.95 -2.09
N GLU K 13 -20.13 21.89 -1.24
CA GLU K 13 -20.90 22.42 -0.10
C GLU K 13 -21.68 21.30 0.60
N LEU K 14 -20.95 20.31 1.08
CA LEU K 14 -21.54 19.19 1.81
C LEU K 14 -21.88 19.62 3.23
N LYS K 15 -23.15 19.49 3.60
CA LYS K 15 -23.59 19.90 4.93
C LYS K 15 -23.28 18.82 5.95
N ILE K 16 -22.66 19.23 7.05
CA ILE K 16 -22.29 18.32 8.14
C ILE K 16 -23.10 18.69 9.36
N GLY K 17 -24.31 19.20 9.15
CA GLY K 17 -25.19 19.58 10.24
C GLY K 17 -24.97 21.00 10.72
N ASN K 18 -23.82 21.24 11.35
CA ASN K 18 -23.50 22.56 11.89
C ASN K 18 -22.76 23.41 10.86
N GLU K 19 -21.62 22.92 10.38
CA GLU K 19 -20.79 23.64 9.43
C GLU K 19 -20.57 22.79 8.19
N LYS K 20 -20.64 23.43 7.03
CA LYS K 20 -20.45 22.72 5.77
C LYS K 20 -18.98 22.48 5.49
N VAL K 21 -18.72 21.59 4.53
CA VAL K 21 -17.37 21.31 4.05
C VAL K 21 -17.38 21.36 2.53
N ASN K 22 -16.21 21.64 1.96
CA ASN K 22 -16.03 21.62 0.52
C ASN K 22 -14.63 21.11 0.22
N SER K 23 -14.20 21.27 -1.03
CA SER K 23 -12.95 20.67 -1.49
C SER K 23 -11.72 21.24 -0.81
N THR K 24 -11.84 22.36 -0.10
CA THR K 24 -10.72 22.97 0.62
C THR K 24 -10.89 22.90 2.13
N ASN K 25 -11.81 22.10 2.63
CA ASN K 25 -12.17 22.18 4.03
C ASN K 25 -12.18 20.80 4.70
N PHE K 26 -12.46 19.76 3.93
CA PHE K 26 -12.83 18.47 4.53
C PHE K 26 -11.72 17.92 5.42
N GLY K 27 -10.46 18.10 5.03
CA GLY K 27 -9.37 17.57 5.84
C GLY K 27 -9.26 18.23 7.20
N ASP K 28 -9.40 19.56 7.23
CA ASP K 28 -9.30 20.28 8.51
C ASP K 28 -10.40 19.88 9.46
N PHE K 29 -11.64 19.78 8.98
CA PHE K 29 -12.74 19.37 9.85
C PHE K 29 -12.64 17.92 10.25
N ALA K 30 -12.15 17.05 9.36
CA ALA K 30 -11.92 15.66 9.74
C ALA K 30 -10.90 15.56 10.86
N GLU K 31 -9.79 16.31 10.74
CA GLU K 31 -8.78 16.30 11.80
C GLU K 31 -9.34 16.87 13.10
N LYS K 32 -10.13 17.95 13.01
CA LYS K 32 -10.71 18.54 14.20
C LYS K 32 -11.67 17.58 14.89
N ALA K 33 -12.49 16.89 14.12
CA ALA K 33 -13.41 15.91 14.69
C ALA K 33 -12.67 14.76 15.33
N ILE K 34 -11.61 14.28 14.69
CA ILE K 34 -10.83 13.18 15.26
C ILE K 34 -10.13 13.62 16.54
N ARG K 35 -9.59 14.84 16.56
CA ARG K 35 -8.94 15.34 17.77
C ARG K 35 -9.95 15.53 18.90
N GLY K 36 -11.15 16.02 18.58
CA GLY K 36 -12.21 16.07 19.56
C GLY K 36 -12.68 14.71 20.01
N ILE K 37 -12.47 13.69 19.19
CA ILE K 37 -12.74 12.32 19.63
C ILE K 37 -11.76 11.93 20.73
N ASN K 38 -10.48 12.24 20.55
CA ASN K 38 -9.47 11.87 21.54
C ASN K 38 -9.56 12.73 22.80
N HIS K 39 -10.13 13.93 22.71
CA HIS K 39 -10.31 14.79 23.86
C HIS K 39 -11.69 14.49 24.46
N LYS K 40 -11.70 14.02 25.70
CA LYS K 40 -12.92 13.55 26.36
C LYS K 40 -13.59 12.49 25.50
N PRO K 41 -13.04 11.28 25.44
CA PRO K 41 -13.64 10.24 24.58
C PRO K 41 -14.94 9.68 25.13
N PHE K 42 -15.46 8.65 24.47
CA PHE K 42 -16.74 8.06 24.82
C PHE K 42 -16.71 7.42 26.20
N VAL K 43 -17.83 7.50 26.90
CA VAL K 43 -18.01 6.88 28.21
C VAL K 43 -19.16 5.89 28.12
N ASN K 44 -18.94 4.68 28.64
CA ASN K 44 -19.98 3.66 28.68
C ASN K 44 -20.90 3.92 29.87
N SER K 45 -21.79 2.96 30.15
CA SER K 45 -22.47 2.97 31.43
C SER K 45 -21.49 2.72 32.57
N LYS K 46 -20.49 1.88 32.35
CA LYS K 46 -19.45 1.60 33.34
C LYS K 46 -18.23 2.51 33.16
N GLY K 47 -18.49 3.82 33.07
CA GLY K 47 -17.42 4.80 33.06
C GLY K 47 -16.39 4.65 31.97
N GLY K 48 -16.82 4.35 30.75
CA GLY K 48 -15.88 4.25 29.64
C GLY K 48 -14.97 3.05 29.75
N GLU K 49 -13.76 3.19 29.21
CA GLU K 49 -13.26 4.39 28.54
C GLU K 49 -12.52 4.04 27.24
N GLN K 50 -13.15 3.23 26.39
CA GLN K 50 -12.53 2.84 25.13
C GLN K 50 -12.99 3.75 24.00
N LYS K 51 -12.26 3.66 22.89
CA LYS K 51 -12.57 4.36 21.66
C LYS K 51 -12.97 3.35 20.58
N ILE K 52 -13.33 3.86 19.41
CA ILE K 52 -13.74 2.98 18.31
C ILE K 52 -12.51 2.34 17.68
N THR K 53 -12.74 1.25 16.96
CA THR K 53 -11.71 0.54 16.22
C THR K 53 -12.13 0.41 14.77
N THR K 54 -11.15 0.11 13.92
CA THR K 54 -11.44 -0.07 12.50
C THR K 54 -12.37 -1.25 12.26
N SER K 55 -12.16 -2.34 12.98
CA SER K 55 -13.04 -3.49 12.87
C SER K 55 -14.27 -3.31 13.74
N LYS K 56 -14.86 -2.11 13.66
CA LYS K 56 -16.20 -1.84 14.16
C LYS K 56 -17.03 -1.05 13.17
N ILE K 57 -16.39 -0.31 12.25
CA ILE K 57 -17.02 0.34 11.12
C ILE K 57 -16.44 -0.16 9.80
N ARG K 58 -15.76 -1.31 9.85
CA ARG K 58 -15.14 -1.85 8.64
C ARG K 58 -16.18 -2.18 7.58
N GLY K 59 -17.34 -2.70 7.97
CA GLY K 59 -18.38 -2.98 7.00
C GLY K 59 -18.91 -1.72 6.33
N ILE K 60 -19.12 -0.66 7.11
CA ILE K 60 -19.54 0.62 6.55
C ILE K 60 -18.49 1.15 5.60
N LEU K 61 -17.21 1.04 5.99
CA LEU K 61 -16.12 1.52 5.13
C LEU K 61 -16.06 0.73 3.83
N GLU K 62 -16.27 -0.59 3.90
CA GLU K 62 -16.27 -1.40 2.69
C GLU K 62 -17.43 -1.05 1.78
N LEU K 63 -18.62 -0.81 2.36
CA LEU K 63 -19.75 -0.37 1.54
C LEU K 63 -19.47 0.97 0.87
N VAL K 64 -18.88 1.91 1.62
CA VAL K 64 -18.53 3.21 1.06
C VAL K 64 -17.51 3.05 -0.06
N ASN K 65 -16.54 2.14 0.13
CA ASN K 65 -15.54 1.88 -0.90
C ASN K 65 -16.17 1.31 -2.17
N LYS K 66 -17.10 0.36 -2.00
CA LYS K 66 -17.78 -0.22 -3.16
C LYS K 66 -18.57 0.83 -3.92
N VAL K 67 -19.31 1.67 -3.19
CA VAL K 67 -20.10 2.71 -3.86
C VAL K 67 -19.18 3.73 -4.51
N TYR K 68 -18.03 4.02 -3.88
CA TYR K 68 -17.08 4.94 -4.48
C TYR K 68 -16.54 4.38 -5.79
N ASN K 69 -16.20 3.09 -5.80
CA ASN K 69 -15.74 2.45 -7.03
C ASN K 69 -16.82 2.51 -8.10
N ARG K 70 -18.07 2.28 -7.72
CA ARG K 70 -19.17 2.35 -8.69
C ARG K 70 -19.33 3.76 -9.26
N VAL K 71 -19.26 4.78 -8.39
CA VAL K 71 -19.48 6.15 -8.83
C VAL K 71 -18.30 6.64 -9.68
N ILE K 72 -17.07 6.29 -9.27
CA ILE K 72 -15.89 6.80 -9.96
C ILE K 72 -15.79 6.29 -11.39
N ASN K 73 -16.45 5.18 -11.71
CA ASN K 73 -16.49 4.67 -13.07
C ASN K 73 -17.64 5.25 -13.89
N THR K 74 -18.40 6.18 -13.33
CA THR K 74 -19.48 6.84 -14.05
C THR K 74 -19.13 8.31 -14.24
N ASN K 75 -19.35 8.82 -15.44
CA ASN K 75 -19.09 10.21 -15.76
C ASN K 75 -20.30 11.11 -15.57
N ASP K 76 -21.45 10.55 -15.24
CA ASP K 76 -22.67 11.35 -15.13
C ASP K 76 -22.60 12.23 -13.89
N VAL K 77 -23.11 13.46 -14.02
CA VAL K 77 -23.11 14.39 -12.90
C VAL K 77 -24.15 14.01 -11.85
N GLU K 78 -25.18 13.26 -12.23
CA GLU K 78 -26.25 12.87 -11.33
C GLU K 78 -26.14 11.38 -11.03
N LEU K 79 -26.23 11.02 -9.75
CA LEU K 79 -26.16 9.62 -9.36
C LEU K 79 -27.39 8.86 -9.84
N SER K 80 -27.18 7.64 -10.33
CA SER K 80 -28.28 6.80 -10.77
C SER K 80 -29.00 6.20 -9.57
N GLU K 81 -30.22 5.75 -9.81
CA GLU K 81 -31.03 5.16 -8.74
C GLU K 81 -30.41 3.85 -8.23
N ASN K 82 -29.66 3.15 -9.07
CA ASN K 82 -29.00 1.92 -8.63
C ASN K 82 -27.88 2.22 -7.64
N ILE K 83 -27.26 3.39 -7.75
CA ILE K 83 -26.23 3.80 -6.80
C ILE K 83 -26.85 4.46 -5.57
N LEU K 84 -27.93 5.22 -5.77
CA LEU K 84 -28.65 5.81 -4.64
C LEU K 84 -29.21 4.73 -3.72
N ALA K 85 -29.60 3.58 -4.28
CA ALA K 85 -29.99 2.46 -3.44
C ALA K 85 -28.81 1.99 -2.58
N ASP K 86 -27.62 1.96 -3.16
CA ASP K 86 -26.44 1.58 -2.40
C ASP K 86 -26.15 2.57 -1.28
N ILE K 87 -26.31 3.86 -1.56
CA ILE K 87 -26.08 4.87 -0.52
C ILE K 87 -27.14 4.78 0.58
N ALA K 88 -28.39 4.49 0.19
CA ALA K 88 -29.44 4.29 1.17
C ALA K 88 -29.13 3.08 2.06
N TYR K 89 -28.63 2.00 1.47
CA TYR K 89 -28.21 0.85 2.27
C TYR K 89 -27.03 1.21 3.16
N ILE K 90 -26.13 2.07 2.69
CA ILE K 90 -25.04 2.53 3.55
C ILE K 90 -25.60 3.23 4.78
N LYS K 91 -26.58 4.12 4.57
CA LYS K 91 -27.20 4.80 5.70
C LYS K 91 -27.90 3.81 6.63
N VAL K 92 -28.58 2.82 6.06
CA VAL K 92 -29.26 1.81 6.87
C VAL K 92 -28.25 1.06 7.74
N LYS K 93 -27.14 0.65 7.14
CA LYS K 93 -26.12 -0.05 7.91
C LYS K 93 -25.51 0.85 8.98
N ILE K 94 -25.26 2.12 8.66
CA ILE K 94 -24.74 3.04 9.65
C ILE K 94 -25.68 3.13 10.84
N ALA K 95 -26.99 3.18 10.57
CA ALA K 95 -27.97 3.11 11.64
C ALA K 95 -27.88 1.78 12.39
N TYR K 96 -27.52 0.70 11.68
CA TYR K 96 -27.46 -0.62 12.30
C TYR K 96 -26.34 -0.68 13.34
N GLU K 97 -25.09 -0.51 12.92
CA GLU K 97 -24.01 -0.55 13.92
C GLU K 97 -24.05 0.62 14.89
N SER K 98 -24.72 1.73 14.56
CA SER K 98 -24.89 2.78 15.56
C SER K 98 -25.72 2.29 16.72
N GLY K 99 -26.80 1.55 16.44
CA GLY K 99 -27.59 0.96 17.51
C GLY K 99 -27.03 -0.33 18.06
N ARG K 100 -26.15 -1.00 17.32
CA ARG K 100 -25.54 -2.22 17.81
C ARG K 100 -24.60 -1.95 18.98
N GLU K 101 -23.91 -0.81 18.98
CA GLU K 101 -23.00 -0.44 20.04
C GLU K 101 -22.88 1.07 20.14
N PRO K 102 -22.97 1.64 21.35
CA PRO K 102 -22.91 3.10 21.49
C PRO K 102 -21.54 3.70 21.20
N VAL K 103 -20.48 2.89 21.20
CA VAL K 103 -19.16 3.43 20.86
C VAL K 103 -19.10 3.82 19.39
N VAL K 104 -19.96 3.23 18.57
CA VAL K 104 -20.06 3.64 17.17
C VAL K 104 -21.11 4.73 16.98
N LYS K 105 -22.14 4.76 17.82
CA LYS K 105 -23.19 5.75 17.68
C LYS K 105 -22.66 7.15 17.84
N ASP K 106 -21.89 7.40 18.91
CA ASP K 106 -21.33 8.74 19.11
C ASP K 106 -20.26 9.06 18.07
N PHE K 107 -19.53 8.05 17.61
CA PHE K 107 -18.55 8.27 16.54
C PHE K 107 -19.24 8.77 15.28
N ILE K 108 -20.38 8.18 14.94
CA ILE K 108 -21.13 8.63 13.77
C ILE K 108 -21.75 10.01 14.04
N GLN K 109 -22.22 10.24 15.27
CA GLN K 109 -22.88 11.51 15.58
C GLN K 109 -21.91 12.68 15.51
N ARG K 110 -20.77 12.57 16.19
CA ARG K 110 -19.85 13.70 16.29
C ARG K 110 -19.12 13.92 14.96
N THR K 111 -18.67 12.85 14.32
CA THR K 111 -18.15 12.91 12.95
C THR K 111 -19.30 12.51 12.04
N ALA K 112 -20.04 13.50 11.55
CA ALA K 112 -21.41 13.28 11.06
C ALA K 112 -21.38 12.49 9.76
N PHE K 113 -21.28 11.17 9.90
CA PHE K 113 -21.49 10.28 8.76
C PHE K 113 -22.92 10.38 8.25
N THR K 114 -23.90 10.37 9.16
CA THR K 114 -25.29 10.34 8.75
C THR K 114 -25.70 11.64 8.08
N ALA K 115 -25.25 12.78 8.60
CA ALA K 115 -25.57 14.06 7.97
C ALA K 115 -24.99 14.13 6.56
N ALA K 116 -23.74 13.68 6.39
CA ALA K 116 -23.13 13.69 5.07
C ALA K 116 -23.86 12.75 4.12
N ILE K 117 -24.25 11.57 4.60
CA ILE K 117 -25.00 10.63 3.76
C ILE K 117 -26.34 11.23 3.34
N THR K 118 -27.03 11.89 4.27
CA THR K 118 -28.31 12.51 3.93
C THR K 118 -28.11 13.62 2.91
N ASP K 119 -27.06 14.43 3.07
CA ASP K 119 -26.81 15.50 2.12
C ASP K 119 -26.48 14.95 0.74
N VAL K 120 -25.71 13.87 0.68
CA VAL K 120 -25.43 13.22 -0.61
C VAL K 120 -26.72 12.69 -1.21
N MET K 121 -27.56 12.05 -0.40
CA MET K 121 -28.83 11.51 -0.89
C MET K 121 -29.81 12.61 -1.28
N ASN K 122 -29.58 13.84 -0.84
CA ASN K 122 -30.41 14.97 -1.24
C ASN K 122 -29.86 15.64 -2.50
N GLN K 123 -28.56 15.94 -2.52
CA GLN K 123 -27.95 16.52 -3.71
C GLN K 123 -28.00 15.56 -4.88
N ARG K 124 -27.76 14.27 -4.60
CA ARG K 124 -27.86 13.21 -5.60
C ARG K 124 -26.87 13.39 -6.75
N THR K 125 -25.77 14.08 -6.48
CA THR K 125 -24.78 14.39 -7.49
C THR K 125 -23.50 13.59 -7.28
N ARG K 126 -22.76 13.39 -8.37
CA ARG K 126 -21.49 12.69 -8.31
C ARG K 126 -20.48 13.43 -7.45
N GLU K 127 -20.41 14.75 -7.59
CA GLU K 127 -19.42 15.54 -6.85
C GLU K 127 -19.70 15.53 -5.36
N SER K 128 -20.99 15.53 -4.97
CA SER K 128 -21.32 15.49 -3.54
C SER K 128 -20.84 14.19 -2.91
N PHE K 129 -21.05 13.07 -3.59
CA PHE K 129 -20.56 11.80 -3.06
C PHE K 129 -19.05 11.72 -3.08
N LEU K 130 -18.41 12.31 -4.09
CA LEU K 130 -16.95 12.31 -4.12
C LEU K 130 -16.38 13.11 -2.94
N LEU K 131 -17.01 14.25 -2.64
CA LEU K 131 -16.60 15.04 -1.48
C LEU K 131 -16.84 14.27 -0.18
N PHE K 132 -17.98 13.57 -0.09
CA PHE K 132 -18.25 12.74 1.08
C PHE K 132 -17.19 11.65 1.24
N ALA K 133 -16.81 11.01 0.12
CA ALA K 133 -15.79 9.97 0.18
C ALA K 133 -14.44 10.52 0.60
N ARG K 134 -14.08 11.70 0.10
CA ARG K 134 -12.83 12.33 0.52
C ARG K 134 -12.87 12.66 2.01
N TYR K 135 -14.01 13.17 2.49
CA TYR K 135 -14.16 13.46 3.91
C TYR K 135 -14.02 12.20 4.76
N VAL K 136 -14.62 11.10 4.30
CA VAL K 136 -14.54 9.84 5.04
C VAL K 136 -13.11 9.32 5.05
N GLU K 137 -12.42 9.40 3.92
CA GLU K 137 -11.04 8.96 3.85
C GLU K 137 -10.16 9.78 4.78
N SER K 138 -10.35 11.10 4.80
CA SER K 138 -9.59 11.94 5.73
C SER K 138 -9.94 11.62 7.17
N LEU K 139 -11.22 11.35 7.46
CA LEU K 139 -11.62 10.98 8.81
C LEU K 139 -10.89 9.73 9.27
N ILE K 140 -10.84 8.70 8.43
CA ILE K 140 -10.15 7.46 8.81
C ILE K 140 -8.65 7.71 8.93
N ALA K 141 -8.08 8.51 8.01
CA ALA K 141 -6.65 8.78 8.02
C ALA K 141 -6.23 9.49 9.30
N TYR K 142 -7.02 10.47 9.75
CA TYR K 142 -6.71 11.16 10.99
C TYR K 142 -7.09 10.33 12.21
N PHE K 143 -8.08 9.45 12.10
CA PHE K 143 -8.38 8.53 13.19
C PHE K 143 -7.19 7.64 13.48
N LYS K 144 -6.57 7.10 12.44
CA LYS K 144 -5.25 6.53 12.59
C LYS K 144 -4.23 7.65 12.70
N PHE K 145 -3.02 7.30 13.14
CA PHE K 145 -1.93 8.24 13.38
C PHE K 145 -2.19 9.08 14.62
N TYR K 146 -3.42 9.03 15.13
CA TYR K 146 -3.79 9.60 16.42
C TYR K 146 -4.30 8.52 17.36
N GLY K 147 -5.21 7.67 16.90
CA GLY K 147 -5.64 6.51 17.63
C GLY K 147 -5.19 5.24 16.93
N GLY K 148 -6.10 4.61 16.18
CA GLY K 148 -5.77 3.45 15.38
C GLY K 148 -6.61 2.24 15.77
N LYS K 149 -5.99 1.07 15.68
CA LYS K 149 -6.64 -0.18 16.04
C LYS K 149 -7.94 -0.41 15.26
N MET L 1 -24.42 -27.20 52.41
CA MET L 1 -24.14 -28.41 51.64
C MET L 1 -25.44 -29.11 51.25
N LYS L 2 -25.37 -29.92 50.20
CA LYS L 2 -26.54 -30.62 49.67
C LYS L 2 -26.61 -32.02 50.26
N LYS L 3 -27.76 -32.37 50.81
CA LYS L 3 -28.00 -33.68 51.40
C LYS L 3 -29.19 -34.32 50.71
N THR L 4 -28.99 -35.51 50.16
CA THR L 4 -30.07 -36.26 49.54
C THR L 4 -30.86 -37.02 50.59
N TYR L 5 -32.13 -37.28 50.29
CA TYR L 5 -33.02 -37.97 51.21
C TYR L 5 -33.98 -38.84 50.40
N ARG L 6 -33.78 -40.15 50.44
CA ARG L 6 -34.71 -41.06 49.77
C ARG L 6 -36.07 -40.98 50.43
N VAL L 7 -37.12 -40.89 49.61
CA VAL L 7 -38.47 -40.64 50.08
C VAL L 7 -39.36 -41.79 49.65
N THR L 8 -40.11 -42.35 50.60
CA THR L 8 -41.08 -43.40 50.34
C THR L 8 -42.47 -42.89 50.71
N LEU L 9 -43.42 -43.06 49.80
CA LEU L 9 -44.79 -42.56 49.96
C LEU L 9 -45.76 -43.72 49.88
N THR L 10 -46.63 -43.84 50.88
CA THR L 10 -47.69 -44.84 50.92
C THR L 10 -49.02 -44.11 50.95
N ALA L 11 -49.79 -44.25 49.88
CA ALA L 11 -51.07 -43.56 49.77
C ALA L 11 -52.08 -44.22 50.70
N LEU L 12 -52.41 -43.54 51.80
CA LEU L 12 -53.41 -44.08 52.73
C LEU L 12 -54.77 -44.20 52.06
N GLY L 13 -55.16 -43.18 51.30
CA GLY L 13 -56.32 -43.26 50.46
C GLY L 13 -55.90 -43.32 49.00
N PRO L 14 -56.86 -43.19 48.09
CA PRO L 14 -56.51 -43.17 46.66
C PRO L 14 -55.97 -41.80 46.25
N ILE L 15 -54.90 -41.83 45.45
CA ILE L 15 -54.28 -40.62 44.93
C ILE L 15 -54.39 -40.62 43.42
N PHE L 16 -54.80 -39.48 42.86
CA PHE L 16 -54.99 -39.34 41.42
C PHE L 16 -54.20 -38.15 40.92
N ILE L 17 -53.35 -38.38 39.93
CA ILE L 17 -52.68 -37.31 39.19
C ILE L 17 -53.00 -37.53 37.72
N GLY L 18 -53.59 -36.54 37.08
CA GLY L 18 -54.08 -36.70 35.73
C GLY L 18 -53.01 -36.51 34.67
N GLY L 19 -53.23 -37.15 33.53
CA GLY L 19 -52.38 -36.98 32.37
C GLY L 19 -53.21 -36.81 31.11
N GLY L 20 -54.51 -37.05 31.23
CA GLY L 20 -55.41 -36.93 30.10
C GLY L 20 -56.81 -37.30 30.52
N GLU L 21 -57.77 -36.83 29.73
CA GLU L 21 -59.19 -37.04 30.01
C GLU L 21 -59.86 -37.64 28.78
N LYS L 22 -60.70 -38.65 29.01
CA LYS L 22 -61.43 -39.31 27.93
C LYS L 22 -62.91 -39.33 28.25
N LEU L 23 -63.73 -39.12 27.22
CA LEU L 23 -65.18 -39.09 27.34
C LEU L 23 -65.70 -40.52 27.42
N LYS L 24 -67.00 -40.73 27.21
CA LYS L 24 -67.62 -42.04 27.22
C LYS L 24 -66.87 -43.00 26.30
N LYS L 25 -67.13 -44.30 26.43
CA LYS L 25 -66.16 -45.31 26.02
C LYS L 25 -65.84 -45.24 24.54
N TYR L 26 -64.69 -44.68 24.21
CA TYR L 26 -64.09 -44.65 22.89
C TYR L 26 -62.68 -45.22 22.89
N GLU L 27 -61.88 -44.89 23.90
CA GLU L 27 -60.52 -45.38 24.03
C GLU L 27 -60.39 -46.50 25.05
N TYR L 28 -61.51 -47.01 25.57
CA TYR L 28 -61.46 -48.07 26.55
C TYR L 28 -62.79 -48.84 26.53
N ILE L 29 -62.75 -50.05 27.07
CA ILE L 29 -63.90 -50.93 27.15
C ILE L 29 -64.33 -51.01 28.60
N PHE L 30 -65.64 -51.06 28.82
CA PHE L 30 -66.20 -51.15 30.18
C PHE L 30 -67.28 -52.23 30.20
N ASP L 31 -66.95 -53.36 30.82
CA ASP L 31 -67.94 -54.41 31.07
C ASP L 31 -68.71 -54.04 32.33
N LYS L 32 -69.97 -53.63 32.18
CA LYS L 32 -70.73 -53.14 33.31
C LYS L 32 -71.07 -54.25 34.30
N GLN L 33 -71.17 -55.49 33.83
CA GLN L 33 -71.53 -56.59 34.72
C GLN L 33 -70.42 -56.87 35.73
N LYS L 34 -69.19 -56.96 35.27
CA LYS L 34 -68.07 -57.33 36.12
C LYS L 34 -67.36 -56.13 36.74
N LYS L 35 -67.84 -54.92 36.49
CA LYS L 35 -67.23 -53.70 37.03
C LYS L 35 -65.75 -53.63 36.69
N VAL L 36 -65.42 -54.01 35.45
CA VAL L 36 -64.04 -54.05 34.98
C VAL L 36 -63.91 -53.19 33.74
N ALA L 37 -62.85 -52.40 33.69
CA ALA L 37 -62.58 -51.51 32.56
C ALA L 37 -61.27 -51.91 31.91
N HIS L 38 -61.29 -52.06 30.59
CA HIS L 38 -60.12 -52.46 29.82
C HIS L 38 -59.68 -51.32 28.92
N MET L 39 -58.37 -51.05 28.90
CA MET L 39 -57.79 -50.05 28.03
C MET L 39 -57.18 -50.74 26.82
N ILE L 40 -57.62 -50.34 25.64
CA ILE L 40 -57.24 -51.04 24.41
C ILE L 40 -55.85 -50.59 23.97
N ASP L 41 -55.02 -51.56 23.58
CA ASP L 41 -53.72 -51.24 23.01
C ASP L 41 -53.95 -50.59 21.65
N HIS L 42 -53.78 -49.27 21.60
CA HIS L 42 -54.34 -48.48 20.51
C HIS L 42 -53.64 -48.76 19.18
N THR L 43 -52.33 -49.01 19.21
CA THR L 43 -51.66 -49.34 17.96
C THR L 43 -52.07 -50.72 17.45
N LYS L 44 -52.20 -51.70 18.35
CA LYS L 44 -52.77 -52.97 17.95
C LYS L 44 -54.23 -52.81 17.56
N PHE L 45 -54.93 -51.85 18.18
CA PHE L 45 -56.31 -51.56 17.79
C PHE L 45 -56.38 -51.11 16.33
N THR L 46 -55.49 -50.20 15.93
CA THR L 46 -55.53 -49.72 14.54
C THR L 46 -55.01 -50.79 13.57
N LYS L 47 -54.08 -51.63 14.00
CA LYS L 47 -53.67 -52.75 13.16
C LYS L 47 -54.83 -53.72 12.94
N TYR L 48 -55.59 -54.00 14.00
CA TYR L 48 -56.77 -54.84 13.89
C TYR L 48 -57.82 -54.21 12.99
N LEU L 49 -58.00 -52.89 13.10
CA LEU L 49 -58.93 -52.19 12.22
C LEU L 49 -58.49 -52.30 10.76
N LEU L 50 -57.19 -52.18 10.50
CA LEU L 50 -56.70 -52.35 9.14
C LEU L 50 -56.86 -53.78 8.65
N GLU L 51 -56.80 -54.75 9.56
CA GLU L 51 -56.94 -56.16 9.20
C GLU L 51 -58.40 -56.59 9.04
N LYS L 52 -59.35 -55.74 9.41
CA LYS L 52 -60.75 -56.14 9.47
C LYS L 52 -61.59 -54.91 9.13
N ASN L 53 -62.85 -54.88 9.57
CA ASN L 53 -63.84 -53.88 9.21
C ASN L 53 -63.24 -52.48 9.13
N LEU L 54 -63.68 -51.72 8.13
CA LEU L 54 -63.00 -50.51 7.72
C LEU L 54 -62.97 -49.46 8.84
N LEU L 55 -61.89 -48.70 8.88
CA LEU L 55 -61.72 -47.66 9.87
C LEU L 55 -62.79 -46.58 9.73
N ASP L 56 -63.17 -46.25 8.50
CA ASP L 56 -64.24 -45.29 8.30
C ASP L 56 -65.55 -45.80 8.86
N ASP L 57 -65.85 -47.09 8.67
CA ASP L 57 -67.04 -47.68 9.25
C ASP L 57 -66.99 -47.63 10.77
N PHE L 58 -65.82 -47.91 11.35
CA PHE L 58 -65.69 -47.85 12.80
C PHE L 58 -65.90 -46.44 13.34
N THR L 59 -65.34 -45.44 12.67
CA THR L 59 -65.37 -44.06 13.14
C THR L 59 -66.59 -43.29 12.69
N SER L 60 -67.46 -43.89 11.89
CA SER L 60 -68.70 -43.21 11.51
C SER L 60 -69.71 -43.15 12.65
N ARG L 61 -69.44 -43.78 13.80
CA ARG L 61 -70.41 -43.89 14.88
C ARG L 61 -69.98 -43.13 16.14
N VAL L 62 -69.04 -42.19 16.04
CA VAL L 62 -68.60 -41.42 17.21
C VAL L 62 -69.45 -40.15 17.25
N ASN L 63 -70.62 -40.25 17.87
CA ASN L 63 -71.56 -39.15 18.00
C ASN L 63 -72.07 -39.09 19.45
N SER L 64 -71.14 -39.15 20.40
CA SER L 64 -71.42 -39.34 21.82
C SER L 64 -72.03 -40.73 22.03
N HIS L 65 -72.16 -41.14 23.29
CA HIS L 65 -72.62 -42.49 23.64
C HIS L 65 -71.65 -43.47 22.99
N PHE L 66 -72.13 -44.48 22.27
CA PHE L 66 -71.29 -45.40 21.49
C PHE L 66 -70.16 -45.98 22.34
N ASP L 67 -70.55 -46.76 23.35
CA ASP L 67 -69.57 -47.47 24.14
C ASP L 67 -68.95 -48.60 23.34
N LEU L 68 -67.64 -48.80 23.51
CA LEU L 68 -66.96 -49.90 22.80
C LEU L 68 -67.43 -51.27 23.27
N TYR L 69 -68.04 -51.35 24.46
CA TYR L 69 -68.56 -52.63 24.94
C TYR L 69 -69.63 -53.17 24.00
N ASP L 70 -70.55 -52.31 23.59
CA ASP L 70 -71.65 -52.72 22.71
C ASP L 70 -71.30 -52.64 21.24
N TYR L 71 -70.01 -52.55 20.90
CA TYR L 71 -69.57 -52.59 19.52
C TYR L 71 -68.62 -53.75 19.24
N LEU L 72 -67.59 -53.93 20.08
CA LEU L 72 -66.64 -55.01 19.85
C LEU L 72 -67.26 -56.38 20.13
N VAL L 73 -68.17 -56.46 21.09
CA VAL L 73 -68.77 -57.73 21.46
C VAL L 73 -70.21 -57.86 20.98
N ASN L 74 -70.93 -56.76 20.80
CA ASN L 74 -72.34 -56.81 20.42
C ASN L 74 -72.54 -56.63 18.92
N LYS L 75 -72.07 -55.50 18.37
CA LYS L 75 -72.30 -55.23 16.95
C LYS L 75 -71.40 -56.06 16.05
N LYS L 76 -70.17 -56.34 16.49
CA LYS L 76 -69.25 -57.16 15.71
C LYS L 76 -69.13 -58.57 16.24
N GLY L 77 -69.37 -58.79 17.53
CA GLY L 77 -69.27 -60.12 18.10
C GLY L 77 -67.89 -60.72 18.10
N ILE L 78 -66.88 -59.93 18.44
CA ILE L 78 -65.49 -60.38 18.40
C ILE L 78 -64.89 -60.29 19.80
N VAL L 79 -63.83 -61.07 20.00
CA VAL L 79 -63.12 -61.09 21.27
C VAL L 79 -61.90 -60.17 21.16
N PHE L 80 -61.38 -59.75 22.32
CA PHE L 80 -60.40 -58.67 22.39
C PHE L 80 -59.19 -59.06 23.23
N MET L 81 -58.58 -60.22 22.93
CA MET L 81 -57.32 -60.55 23.60
C MET L 81 -56.23 -59.50 23.38
N PRO L 82 -55.91 -59.08 22.16
CA PRO L 82 -54.80 -58.14 22.00
C PRO L 82 -55.15 -56.70 22.35
N LEU L 83 -56.42 -56.34 22.41
CA LEU L 83 -56.82 -54.96 22.69
C LEU L 83 -56.94 -54.69 24.19
N VAL L 84 -55.91 -55.06 24.94
CA VAL L 84 -55.82 -54.76 26.37
C VAL L 84 -54.38 -54.40 26.70
N LYS L 85 -54.21 -53.41 27.57
CA LYS L 85 -52.91 -53.08 28.15
C LYS L 85 -52.89 -53.19 29.66
N TYR L 86 -53.96 -52.75 30.33
CA TYR L 86 -54.11 -52.92 31.76
C TYR L 86 -55.58 -52.79 32.11
N SER L 87 -55.96 -53.36 33.26
CA SER L 87 -57.34 -53.36 33.71
C SER L 87 -57.44 -52.62 35.04
N VAL L 88 -58.58 -51.96 35.24
CA VAL L 88 -58.80 -51.17 36.46
C VAL L 88 -60.19 -51.46 37.01
N PRO L 89 -60.30 -51.86 38.28
CA PRO L 89 -61.62 -52.00 38.90
C PRO L 89 -62.29 -50.64 39.05
N VAL L 90 -63.62 -50.66 39.03
CA VAL L 90 -64.42 -49.43 39.05
C VAL L 90 -65.28 -49.43 40.30
N ALA L 91 -65.39 -48.27 40.93
CA ALA L 91 -66.21 -48.08 42.12
C ALA L 91 -67.39 -47.19 41.76
N GLN L 92 -68.54 -47.81 41.51
CA GLN L 92 -69.78 -47.09 41.22
C GLN L 92 -70.58 -46.94 42.51
N PHE L 93 -70.06 -46.09 43.39
CA PHE L 93 -70.68 -45.90 44.71
C PHE L 93 -70.86 -44.42 45.04
N SER L 107 -74.61 -43.59 41.50
CA SER L 107 -75.86 -43.38 40.80
C SER L 107 -75.75 -42.22 39.82
N PRO L 108 -74.60 -42.12 39.14
CA PRO L 108 -74.40 -41.07 38.15
C PRO L 108 -73.71 -41.57 36.89
N PRO L 109 -73.57 -42.89 36.73
CA PRO L 109 -72.98 -43.52 35.55
C PRO L 109 -71.51 -43.16 35.36
N MET L 110 -70.82 -43.90 34.50
CA MET L 110 -69.41 -43.66 34.23
C MET L 110 -69.28 -42.85 32.93
N ASN L 111 -69.70 -41.58 33.03
CA ASN L 111 -69.70 -40.71 31.86
C ASN L 111 -68.28 -40.34 31.45
N ASP L 112 -67.44 -39.96 32.40
CA ASP L 112 -66.09 -39.50 32.13
C ASP L 112 -65.10 -40.23 33.01
N LEU L 113 -63.89 -40.45 32.48
CA LEU L 113 -62.83 -41.15 33.19
C LEU L 113 -61.54 -40.36 33.04
N ASN L 114 -61.01 -39.87 34.16
CA ASN L 114 -59.75 -39.14 34.18
C ASN L 114 -58.62 -40.14 34.44
N THR L 115 -57.84 -40.44 33.40
CA THR L 115 -56.79 -41.43 33.51
C THR L 115 -55.58 -40.88 34.26
N PHE L 116 -54.87 -41.78 34.94
CA PHE L 116 -53.67 -41.40 35.67
C PHE L 116 -52.52 -41.10 34.72
N VAL L 117 -51.67 -40.15 35.11
CA VAL L 117 -50.57 -39.73 34.26
C VAL L 117 -49.56 -40.87 34.14
N LYS L 118 -49.10 -41.10 32.91
CA LYS L 118 -48.17 -42.19 32.63
C LYS L 118 -47.07 -41.68 31.71
N ASP L 119 -45.95 -42.41 31.71
CA ASP L 119 -44.85 -42.09 30.81
C ASP L 119 -45.12 -42.73 29.45
N ALA L 120 -44.10 -42.74 28.58
CA ALA L 120 -44.30 -43.21 27.21
C ALA L 120 -44.69 -44.68 27.18
N PHE L 121 -44.10 -45.50 28.05
CA PHE L 121 -44.32 -46.93 28.02
C PHE L 121 -45.61 -47.36 28.70
N GLY L 122 -46.40 -46.43 29.23
CA GLY L 122 -47.66 -46.73 29.87
C GLY L 122 -47.59 -46.96 31.36
N ARG L 123 -46.40 -47.00 31.94
CA ARG L 123 -46.26 -47.15 33.38
C ARG L 123 -46.82 -45.91 34.09
N PRO L 124 -47.63 -46.09 35.13
CA PRO L 124 -48.02 -44.94 35.97
C PRO L 124 -46.82 -44.45 36.78
N TYR L 125 -46.84 -43.15 37.07
CA TYR L 125 -45.80 -42.54 37.88
C TYR L 125 -46.26 -41.17 38.33
N ILE L 126 -45.85 -40.78 39.53
CA ILE L 126 -46.11 -39.43 40.02
C ILE L 126 -45.17 -38.48 39.30
N PRO L 127 -45.68 -37.50 38.58
CA PRO L 127 -44.84 -36.70 37.68
C PRO L 127 -43.99 -35.70 38.45
N GLY L 128 -43.28 -34.87 37.69
CA GLY L 128 -42.49 -33.82 38.30
C GLY L 128 -43.36 -32.68 38.78
N SER L 129 -42.83 -31.95 39.77
CA SER L 129 -43.43 -30.75 40.34
C SER L 129 -44.65 -31.08 41.19
N SER L 130 -45.11 -32.33 41.16
CA SER L 130 -46.23 -32.72 42.03
C SER L 130 -45.80 -32.71 43.48
N LEU L 131 -44.78 -33.52 43.82
CA LEU L 131 -44.24 -33.48 45.17
C LEU L 131 -43.64 -32.11 45.49
N LYS L 132 -43.15 -31.40 44.47
CA LYS L 132 -42.63 -30.06 44.71
C LYS L 132 -43.73 -29.12 45.19
N GLY L 133 -44.90 -29.17 44.57
CA GLY L 133 -46.02 -28.37 45.05
C GLY L 133 -46.54 -28.84 46.39
N ALA L 134 -46.56 -30.16 46.60
CA ALA L 134 -46.98 -30.70 47.90
C ALA L 134 -46.04 -30.28 49.02
N LEU L 135 -44.77 -29.99 48.70
CA LEU L 135 -43.84 -29.47 49.69
C LEU L 135 -43.87 -27.96 49.79
N ARG L 136 -44.18 -27.26 48.69
CA ARG L 136 -44.35 -25.82 48.73
C ARG L 136 -45.55 -25.43 49.58
N THR L 137 -46.63 -26.21 49.50
CA THR L 137 -47.81 -25.93 50.31
C THR L 137 -47.55 -26.06 51.80
N ALA L 138 -46.43 -26.65 52.19
CA ALA L 138 -46.02 -26.72 53.59
C ALA L 138 -44.94 -25.69 53.93
N ILE L 139 -43.88 -25.61 53.13
CA ILE L 139 -42.77 -24.72 53.45
C ILE L 139 -43.17 -23.25 53.27
N LEU L 140 -44.14 -22.98 52.40
CA LEU L 140 -44.58 -21.61 52.10
C LEU L 140 -45.51 -21.05 53.18
N ASN L 141 -45.45 -21.63 54.38
CA ASN L 141 -46.39 -21.27 55.45
C ASN L 141 -46.34 -19.80 55.85
N ASP L 142 -45.24 -19.10 55.56
CA ASP L 142 -45.08 -17.75 56.08
C ASP L 142 -45.87 -16.72 55.27
N LEU L 143 -45.54 -16.58 53.99
CA LEU L 143 -46.07 -15.48 53.18
C LEU L 143 -46.35 -15.97 51.77
N LYS L 144 -47.25 -15.25 51.10
CA LYS L 144 -47.57 -15.49 49.70
C LYS L 144 -46.72 -14.66 48.75
N GLU L 145 -45.82 -13.82 49.26
CA GLU L 145 -45.05 -12.92 48.41
C GLU L 145 -43.85 -13.63 47.79
N ASP L 146 -42.95 -14.16 48.62
CA ASP L 146 -41.75 -14.81 48.12
C ASP L 146 -42.07 -16.17 47.49
N THR L 147 -42.31 -16.17 46.18
CA THR L 147 -42.69 -17.37 45.46
C THR L 147 -41.69 -17.76 44.37
N LYS L 148 -41.33 -16.83 43.49
CA LYS L 148 -40.42 -17.12 42.39
C LYS L 148 -38.97 -16.87 42.79
N GLU L 149 -38.68 -15.65 43.26
CA GLU L 149 -37.33 -15.30 43.70
C GLU L 149 -36.94 -16.00 44.99
N ASN L 150 -37.88 -16.64 45.67
CA ASN L 150 -37.60 -17.34 46.92
C ASN L 150 -36.55 -18.42 46.70
N GLU L 151 -35.37 -18.24 47.32
CA GLU L 151 -34.27 -19.18 47.17
C GLU L 151 -34.51 -20.49 47.92
N VAL L 152 -35.58 -20.58 48.70
CA VAL L 152 -35.84 -21.80 49.47
C VAL L 152 -36.06 -22.98 48.54
N PHE L 153 -36.93 -22.83 47.54
CA PHE L 153 -37.26 -23.91 46.63
C PHE L 153 -36.38 -23.94 45.40
N ALA L 154 -35.64 -22.86 45.12
CA ALA L 154 -34.66 -22.91 44.03
C ALA L 154 -33.54 -23.89 44.33
N HIS L 155 -33.34 -24.24 45.59
CA HIS L 155 -32.36 -25.24 46.00
C HIS L 155 -32.98 -26.58 46.35
N LEU L 156 -34.29 -26.61 46.59
CA LEU L 156 -34.99 -27.89 46.74
C LEU L 156 -34.99 -28.63 45.41
N GLN L 157 -34.74 -29.94 45.47
CA GLN L 157 -34.53 -30.74 44.26
C GLN L 157 -35.23 -32.09 44.42
N VAL L 158 -36.47 -32.16 43.94
CA VAL L 158 -37.27 -33.37 44.00
C VAL L 158 -37.18 -34.09 42.66
N SER L 159 -37.33 -35.40 42.70
CA SER L 159 -37.23 -36.25 41.51
C SER L 159 -38.60 -36.83 41.16
N ASP L 160 -38.61 -37.68 40.14
CA ASP L 160 -39.82 -38.36 39.71
C ASP L 160 -40.01 -39.66 40.49
N SER L 161 -41.21 -40.21 40.40
CA SER L 161 -41.50 -41.48 41.05
C SER L 161 -40.82 -42.63 40.30
N GLU L 162 -40.66 -43.74 41.01
CA GLU L 162 -40.05 -44.94 40.45
C GLU L 162 -41.12 -45.86 39.88
N THR L 163 -40.74 -47.12 39.60
CA THR L 163 -41.65 -48.08 38.98
C THR L 163 -42.88 -48.31 39.85
N ILE L 164 -44.06 -48.25 39.23
CA ILE L 164 -45.32 -48.53 39.89
C ILE L 164 -46.03 -49.64 39.12
N ASP L 165 -46.46 -50.67 39.84
CA ASP L 165 -47.15 -51.79 39.20
C ASP L 165 -48.49 -51.34 38.62
N LEU L 166 -48.81 -51.85 37.44
CA LEU L 166 -50.08 -51.50 36.79
C LEU L 166 -51.27 -52.06 37.56
N GLU L 167 -51.08 -53.14 38.32
CA GLU L 167 -52.16 -53.77 39.05
C GLU L 167 -52.70 -52.90 40.18
N ASN L 168 -51.97 -51.85 40.57
CA ASN L 168 -52.34 -51.02 41.71
C ASN L 168 -53.17 -49.80 41.31
N LEU L 169 -53.96 -49.91 40.24
CA LEU L 169 -54.81 -48.82 39.79
C LEU L 169 -56.28 -49.20 39.97
N LYS L 170 -57.12 -48.18 40.14
CA LYS L 170 -58.54 -48.40 40.34
C LYS L 170 -59.29 -47.14 39.93
N VAL L 171 -60.61 -47.29 39.75
CA VAL L 171 -61.48 -46.20 39.36
C VAL L 171 -62.42 -45.90 40.51
N TYR L 172 -62.46 -44.64 40.94
CA TYR L 172 -63.26 -44.21 42.07
C TYR L 172 -64.17 -43.06 41.64
N GLN L 173 -65.26 -42.88 42.38
CA GLN L 173 -66.19 -41.79 42.17
C GLN L 173 -66.11 -40.81 43.34
N LYS L 174 -66.21 -39.53 43.03
CA LYS L 174 -66.19 -38.49 44.07
C LYS L 174 -67.37 -38.66 45.02
N VAL L 175 -67.12 -38.43 46.29
CA VAL L 175 -68.13 -38.51 47.35
C VAL L 175 -68.09 -37.22 48.15
N ASP L 176 -69.24 -36.80 48.67
CA ASP L 176 -69.40 -35.51 49.30
C ASP L 176 -69.48 -35.64 50.81
N TYR L 177 -69.65 -34.49 51.48
CA TYR L 177 -69.81 -34.44 52.93
C TYR L 177 -70.93 -33.51 53.39
N SER L 178 -71.51 -32.72 52.50
CA SER L 178 -72.55 -31.77 52.89
C SER L 178 -73.86 -32.48 53.21
N LYS L 179 -74.06 -32.79 54.49
CA LYS L 179 -75.32 -33.33 55.02
C LYS L 179 -75.61 -34.74 54.50
N THR L 180 -74.77 -35.24 53.59
CA THR L 180 -74.93 -36.56 53.01
C THR L 180 -73.72 -36.85 52.14
N ALA L 181 -73.70 -38.03 51.54
CA ALA L 181 -72.69 -38.42 50.56
C ALA L 181 -73.38 -38.53 49.20
N LYS L 182 -73.29 -37.47 48.41
CA LYS L 182 -73.92 -37.45 47.10
C LYS L 182 -72.95 -37.94 46.05
N PRO L 183 -73.28 -38.98 45.28
CA PRO L 183 -72.42 -39.38 44.16
C PRO L 183 -72.32 -38.28 43.12
N LEU L 184 -71.20 -38.26 42.41
CA LEU L 184 -70.95 -37.27 41.37
C LEU L 184 -70.62 -37.97 40.06
N PRO L 185 -70.94 -37.36 38.93
CA PRO L 185 -70.66 -38.00 37.63
C PRO L 185 -69.17 -38.17 37.35
N LEU L 186 -68.30 -37.43 38.03
CA LEU L 186 -66.88 -37.48 37.74
C LEU L 186 -66.28 -38.77 38.30
N TYR L 187 -65.77 -39.62 37.41
CA TYR L 187 -65.04 -40.82 37.78
C TYR L 187 -63.60 -40.67 37.31
N ARG L 188 -62.66 -41.04 38.17
CA ARG L 188 -61.24 -40.85 37.88
C ARG L 188 -60.46 -42.11 38.24
N GLU L 189 -59.33 -42.29 37.57
CA GLU L 189 -58.44 -43.41 37.81
C GLU L 189 -57.50 -43.07 38.96
N CYS L 190 -57.43 -43.95 39.95
CA CYS L 190 -56.65 -43.71 41.16
C CYS L 190 -55.86 -44.94 41.53
N LEU L 191 -54.70 -44.71 42.14
CA LEU L 191 -53.97 -45.81 42.77
C LEU L 191 -54.71 -46.28 44.02
N LYS L 192 -54.79 -47.58 44.19
CA LYS L 192 -55.45 -48.14 45.36
C LYS L 192 -54.65 -47.83 46.62
N PRO L 193 -55.27 -47.88 47.78
CA PRO L 193 -54.53 -47.68 49.03
C PRO L 193 -53.53 -48.80 49.25
N ASN L 194 -52.56 -48.52 50.13
CA ASN L 194 -51.49 -49.46 50.49
C ASN L 194 -50.62 -49.79 49.28
N THR L 195 -50.07 -48.75 48.67
CA THR L 195 -49.14 -48.88 47.57
C THR L 195 -47.87 -48.10 47.89
N GLU L 196 -46.72 -48.76 47.75
CA GLU L 196 -45.44 -48.12 48.05
C GLU L 196 -44.95 -47.33 46.84
N ILE L 197 -44.48 -46.11 47.10
CA ILE L 197 -43.93 -45.23 46.07
C ILE L 197 -42.57 -44.74 46.51
N THR L 198 -41.63 -44.70 45.58
CA THR L 198 -40.25 -44.29 45.86
C THR L 198 -39.96 -42.94 45.22
N PHE L 199 -39.38 -42.03 45.99
CA PHE L 199 -38.96 -40.73 45.49
C PHE L 199 -37.50 -40.47 45.82
N THR L 200 -37.04 -39.25 45.57
CA THR L 200 -35.69 -38.82 45.94
C THR L 200 -35.67 -37.30 45.96
N VAL L 201 -35.45 -36.71 47.12
CA VAL L 201 -35.47 -35.27 47.30
C VAL L 201 -34.15 -34.81 47.89
N SER L 202 -33.60 -33.72 47.35
CA SER L 202 -32.36 -33.14 47.83
C SER L 202 -32.51 -31.63 47.89
N PHE L 203 -31.62 -31.00 48.67
CA PHE L 203 -31.72 -29.58 48.97
C PHE L 203 -30.48 -29.12 49.71
N ASP L 204 -30.23 -27.81 49.65
CA ASP L 204 -29.11 -27.21 50.35
C ASP L 204 -29.40 -27.09 51.83
N ASP L 205 -28.37 -27.31 52.66
CA ASP L 205 -28.57 -27.28 54.10
C ASP L 205 -28.83 -25.87 54.61
N GLU L 206 -28.20 -24.86 54.01
CA GLU L 206 -28.37 -23.48 54.48
C GLU L 206 -29.81 -23.01 54.30
N TYR L 207 -30.42 -23.34 53.17
CA TYR L 207 -31.76 -22.86 52.84
C TYR L 207 -32.87 -23.73 53.41
N LEU L 208 -32.63 -25.03 53.54
CA LEU L 208 -33.64 -25.95 54.05
C LEU L 208 -32.98 -27.03 54.89
N THR L 209 -33.77 -27.64 55.76
CA THR L 209 -33.33 -28.74 56.62
C THR L 209 -34.49 -29.72 56.77
N LEU L 210 -34.16 -30.98 57.02
CA LEU L 210 -35.20 -32.01 57.15
C LEU L 210 -36.18 -31.67 58.27
N LYS L 211 -35.67 -31.18 59.41
CA LYS L 211 -36.56 -30.83 60.50
C LYS L 211 -37.48 -29.68 60.12
N LYS L 212 -37.02 -28.76 59.26
CA LYS L 212 -37.88 -27.70 58.78
C LYS L 212 -39.02 -28.27 57.93
N ILE L 213 -38.71 -29.24 57.07
CA ILE L 213 -39.74 -29.88 56.26
C ILE L 213 -40.75 -30.58 57.16
N GLN L 214 -40.27 -31.30 58.16
CA GLN L 214 -41.17 -32.01 59.07
C GLN L 214 -42.05 -31.02 59.85
N ASN L 215 -41.47 -29.92 60.30
CA ASN L 215 -42.25 -28.91 61.02
C ASN L 215 -43.31 -28.29 60.13
N ALA L 216 -42.95 -27.98 58.88
CA ALA L 216 -43.93 -27.42 57.94
C ALA L 216 -45.06 -28.39 57.68
N LEU L 217 -44.73 -29.67 57.45
CA LEU L 217 -45.76 -30.67 57.22
C LEU L 217 -46.66 -30.82 58.43
N HIS L 218 -46.07 -30.85 59.63
CA HIS L 218 -46.84 -31.00 60.86
C HIS L 218 -47.77 -29.82 61.08
N LYS L 219 -47.27 -28.60 60.84
CA LYS L 219 -48.11 -27.42 61.01
C LYS L 219 -49.25 -27.40 59.99
N THR L 220 -48.96 -27.76 58.74
CA THR L 220 -50.00 -27.82 57.72
C THR L 220 -51.06 -28.84 58.10
N TYR L 221 -50.65 -30.03 58.55
CA TYR L 221 -51.60 -31.06 58.94
C TYR L 221 -52.41 -30.64 60.16
N GLN L 222 -51.78 -29.96 61.12
CA GLN L 222 -52.50 -29.50 62.30
C GLN L 222 -53.57 -28.49 61.93
N HIS L 223 -53.21 -27.51 61.09
CA HIS L 223 -54.20 -26.53 60.66
C HIS L 223 -55.27 -27.17 59.77
N TYR L 224 -54.92 -28.27 59.09
CA TYR L 224 -55.90 -28.98 58.28
C TYR L 224 -56.88 -29.76 59.15
N TYR L 225 -56.41 -30.34 60.25
CA TYR L 225 -57.21 -31.24 61.06
C TYR L 225 -58.00 -30.51 62.13
N ILE L 226 -57.32 -29.81 63.03
CA ILE L 226 -58.02 -29.24 64.18
C ILE L 226 -58.89 -28.04 63.78
N LYS L 227 -58.59 -27.40 62.65
CA LYS L 227 -59.35 -26.23 62.23
C LYS L 227 -60.34 -26.53 61.10
N TRP L 228 -60.01 -27.46 60.22
CA TRP L 228 -60.85 -27.76 59.06
C TRP L 228 -61.49 -29.14 59.13
N LEU L 229 -60.70 -30.20 59.28
CA LEU L 229 -61.25 -31.55 59.28
C LEU L 229 -62.10 -31.79 60.53
N LYS L 230 -61.48 -31.70 61.72
CA LYS L 230 -62.24 -31.84 62.95
C LYS L 230 -63.23 -30.70 63.15
N GLY L 231 -62.81 -29.48 62.80
CA GLY L 231 -63.70 -28.34 62.92
C GLY L 231 -64.91 -28.44 62.01
N GLY L 232 -64.69 -28.84 60.77
CA GLY L 232 -65.80 -29.06 59.85
C GLY L 232 -66.63 -30.28 60.19
N LYS L 233 -66.04 -31.26 60.86
CA LYS L 233 -66.81 -32.43 61.30
C LYS L 233 -67.73 -32.08 62.45
N VAL L 234 -67.24 -31.33 63.43
CA VAL L 234 -68.08 -30.90 64.55
C VAL L 234 -69.01 -29.77 64.18
N GLY L 235 -69.04 -29.37 62.91
CA GLY L 235 -69.96 -28.34 62.44
C GLY L 235 -71.00 -28.86 61.47
N GLU L 236 -70.77 -30.04 60.89
CA GLU L 236 -71.69 -30.60 59.91
C GLU L 236 -72.36 -31.88 60.39
N THR L 237 -71.59 -32.91 60.72
CA THR L 237 -72.11 -34.21 61.13
C THR L 237 -70.95 -35.10 61.54
N LEU L 238 -71.25 -36.12 62.32
CA LEU L 238 -70.26 -37.09 62.78
C LEU L 238 -70.60 -38.53 62.41
N ILE L 239 -71.87 -38.93 62.51
CA ILE L 239 -72.25 -40.31 62.24
C ILE L 239 -72.36 -40.61 60.75
N LYS L 240 -72.30 -39.59 59.89
CA LYS L 240 -72.28 -39.85 58.45
C LYS L 240 -71.04 -40.64 58.05
N GLY L 241 -69.88 -40.26 58.59
CA GLY L 241 -68.67 -41.01 58.31
C GLY L 241 -68.70 -42.41 58.88
N VAL L 242 -69.31 -42.58 60.05
CA VAL L 242 -69.39 -43.88 60.70
C VAL L 242 -70.78 -44.11 61.28
N PHE L 255 -67.76 -45.63 55.83
CA PHE L 255 -68.10 -46.46 56.98
C PHE L 255 -67.08 -46.28 58.10
N ALA L 256 -65.80 -46.45 57.77
CA ALA L 256 -64.75 -46.33 58.77
C ALA L 256 -64.38 -44.87 59.03
N LEU L 257 -63.84 -44.19 58.01
CA LEU L 257 -63.40 -42.81 58.10
C LEU L 257 -62.56 -42.58 59.37
N ASP L 258 -61.47 -43.34 59.46
CA ASP L 258 -60.62 -43.28 60.65
C ASP L 258 -60.01 -41.90 60.82
N GLN L 259 -59.36 -41.39 59.77
CA GLN L 259 -58.72 -40.08 59.76
C GLN L 259 -57.82 -39.88 60.98
N PRO L 260 -56.69 -40.59 61.07
CA PRO L 260 -55.78 -40.37 62.20
C PRO L 260 -55.12 -39.00 62.13
N SER L 261 -54.72 -38.51 63.30
CA SER L 261 -54.09 -37.20 63.41
C SER L 261 -52.93 -37.28 64.39
N GLN L 262 -52.15 -36.19 64.45
CA GLN L 262 -51.05 -36.05 65.39
C GLN L 262 -50.02 -37.16 65.20
N ASN L 263 -49.79 -37.55 63.95
CA ASN L 263 -48.82 -38.59 63.62
C ASN L 263 -47.46 -38.01 63.26
N GLN L 264 -46.93 -37.15 64.14
CA GLN L 264 -45.58 -36.60 64.01
C GLN L 264 -45.38 -35.85 62.68
N GLY L 265 -46.46 -35.31 62.13
CA GLY L 265 -46.36 -34.62 60.86
C GLY L 265 -45.92 -35.50 59.72
N GLU L 266 -46.44 -36.72 59.66
CA GLU L 266 -46.04 -37.72 58.68
C GLU L 266 -47.07 -37.84 57.54
N ILE L 267 -47.88 -36.80 57.33
CA ILE L 267 -48.97 -36.83 56.37
C ILE L 267 -48.77 -35.71 55.36
N ILE L 268 -48.87 -36.05 54.08
CA ILE L 268 -48.97 -35.08 52.99
C ILE L 268 -50.10 -35.50 52.08
N TYR L 269 -50.76 -34.51 51.48
CA TYR L 269 -51.89 -34.74 50.59
C TYR L 269 -51.44 -34.42 49.17
N ILE L 270 -51.27 -35.45 48.36
CA ILE L 270 -50.79 -35.33 46.98
C ILE L 270 -51.81 -35.95 46.04
N GLY L 271 -52.09 -35.26 44.95
CA GLY L 271 -52.96 -35.76 43.91
C GLY L 271 -54.24 -34.95 43.79
N GLY L 272 -55.04 -35.35 42.80
CA GLY L 272 -56.31 -34.70 42.57
C GLY L 272 -57.37 -35.13 43.57
N GLY L 273 -58.33 -34.24 43.79
CA GLY L 273 -59.36 -34.48 44.77
C GLY L 273 -58.92 -34.32 46.21
N ALA L 274 -57.73 -33.77 46.45
CA ALA L 274 -57.26 -33.58 47.82
C ALA L 274 -58.13 -32.59 48.57
N GLY L 275 -58.54 -31.51 47.90
CA GLY L 275 -59.39 -30.50 48.49
C GLY L 275 -58.92 -29.10 48.16
N PHE L 276 -59.86 -28.16 48.23
CA PHE L 276 -59.52 -26.75 47.99
C PHE L 276 -58.61 -26.19 49.09
N VAL L 277 -58.76 -26.69 50.32
CA VAL L 277 -57.92 -26.22 51.42
C VAL L 277 -56.45 -26.58 51.17
N SER L 278 -56.20 -27.80 50.68
CA SER L 278 -54.83 -28.25 50.48
C SER L 278 -54.10 -27.44 49.41
N LYS L 279 -54.84 -26.74 48.54
CA LYS L 279 -54.22 -25.96 47.47
C LYS L 279 -54.05 -24.48 47.82
N THR L 280 -54.55 -24.04 48.97
CA THR L 280 -54.46 -22.64 49.37
C THR L 280 -53.88 -22.55 50.77
N LEU L 281 -53.11 -21.49 51.01
CA LEU L 281 -52.47 -21.27 52.31
C LEU L 281 -53.04 -19.98 52.91
N HIS L 282 -54.22 -20.10 53.52
CA HIS L 282 -54.79 -19.00 54.29
C HIS L 282 -55.42 -19.43 55.60
N TYR L 283 -55.69 -20.72 55.81
CA TYR L 283 -56.18 -21.17 57.11
C TYR L 283 -55.05 -21.20 58.14
N LYS L 284 -53.82 -21.46 57.68
CA LYS L 284 -52.66 -21.58 58.54
C LYS L 284 -51.89 -20.27 58.70
N SER L 285 -52.41 -19.18 58.15
CA SER L 285 -51.85 -17.85 58.37
C SER L 285 -52.85 -16.89 59.01
N LYS L 286 -54.09 -17.31 59.20
CA LYS L 286 -55.12 -16.46 59.81
C LYS L 286 -56.02 -17.34 60.67
N ASN L 287 -56.77 -16.69 61.56
CA ASN L 287 -57.65 -17.43 62.47
C ASN L 287 -58.89 -17.93 61.72
N ARG L 288 -59.81 -18.53 62.48
CA ARG L 288 -60.93 -19.24 61.87
C ARG L 288 -61.83 -18.29 61.06
N ASP L 289 -62.27 -17.20 61.68
CA ASP L 289 -63.25 -16.33 61.03
C ASP L 289 -62.64 -15.60 59.83
N GLN L 290 -61.44 -15.05 59.99
CA GLN L 290 -60.81 -14.31 58.90
C GLN L 290 -60.54 -15.21 57.71
N ALA L 291 -59.96 -16.39 57.96
CA ALA L 291 -59.68 -17.33 56.88
C ALA L 291 -60.95 -17.82 56.23
N ARG L 292 -62.00 -18.09 57.03
CA ARG L 292 -63.27 -18.54 56.48
C ARG L 292 -63.86 -17.49 55.55
N ASN L 293 -63.90 -16.23 55.99
CA ASN L 293 -64.46 -15.18 55.17
C ASN L 293 -63.61 -14.92 53.92
N ASP L 294 -62.28 -15.01 54.05
CA ASP L 294 -61.41 -14.83 52.90
C ASP L 294 -61.64 -15.93 51.87
N SER L 295 -61.77 -17.18 52.32
CA SER L 295 -62.05 -18.28 51.40
C SER L 295 -63.39 -18.09 50.73
N PHE L 296 -64.42 -17.69 51.50
CA PHE L 296 -65.73 -17.47 50.91
C PHE L 296 -65.69 -16.38 49.85
N ASP L 297 -64.99 -15.28 50.13
CA ASP L 297 -64.93 -14.17 49.17
C ASP L 297 -64.14 -14.56 47.93
N ILE L 298 -63.00 -15.24 48.10
CA ILE L 298 -62.17 -15.58 46.96
C ILE L 298 -62.77 -16.72 46.13
N LEU L 299 -63.62 -17.55 46.72
CA LEU L 299 -64.22 -18.65 45.99
C LEU L 299 -65.56 -18.27 45.36
N LYS L 300 -66.31 -17.35 45.97
CA LYS L 300 -67.52 -16.86 45.32
C LYS L 300 -67.19 -16.10 44.04
N GLN L 301 -65.99 -15.52 43.96
CA GLN L 301 -65.54 -14.95 42.69
C GLN L 301 -65.29 -16.04 41.66
N LEU L 302 -64.72 -17.16 42.09
CA LEU L 302 -64.48 -18.28 41.17
C LEU L 302 -65.79 -18.95 40.77
N PHE L 303 -66.64 -19.26 41.74
CA PHE L 303 -67.86 -20.02 41.51
C PHE L 303 -69.05 -19.29 42.10
N ARG L 304 -70.15 -19.26 41.34
CA ARG L 304 -71.39 -18.60 41.77
C ARG L 304 -72.39 -19.68 42.19
N THR L 305 -72.31 -20.08 43.45
CA THR L 305 -73.25 -21.05 44.02
C THR L 305 -73.77 -20.52 45.34
N THR L 306 -75.08 -20.65 45.56
CA THR L 306 -75.73 -20.20 46.78
C THR L 306 -75.65 -21.32 47.83
N TYR L 307 -74.42 -21.59 48.26
CA TYR L 307 -74.09 -22.68 49.17
C TYR L 307 -73.37 -22.14 50.40
N SER L 308 -72.79 -23.05 51.17
CA SER L 308 -72.12 -22.77 52.44
C SER L 308 -70.67 -23.24 52.36
N LYS L 309 -70.01 -23.29 53.52
CA LYS L 309 -68.59 -23.64 53.60
C LYS L 309 -68.28 -24.95 52.88
N MET L 310 -67.01 -25.12 52.48
CA MET L 310 -66.60 -26.30 51.73
C MET L 310 -66.69 -27.55 52.61
N ARG L 311 -66.85 -28.69 51.95
CA ARG L 311 -67.02 -29.97 52.63
C ARG L 311 -65.95 -30.95 52.18
N SER L 312 -65.82 -32.03 52.94
CA SER L 312 -64.82 -33.06 52.64
C SER L 312 -65.17 -33.79 51.36
N VAL L 313 -64.19 -34.50 50.82
CA VAL L 313 -64.34 -35.19 49.54
C VAL L 313 -63.93 -36.66 49.68
N PRO L 314 -64.68 -37.47 50.44
CA PRO L 314 -64.30 -38.88 50.61
C PRO L 314 -64.56 -39.71 49.37
N ASP L 315 -64.42 -41.03 49.50
CA ASP L 315 -64.83 -41.96 48.46
C ASP L 315 -65.31 -43.24 49.12
N ASN L 316 -65.74 -44.20 48.30
CA ASN L 316 -66.19 -45.50 48.77
C ASN L 316 -65.38 -46.59 48.07
N VAL L 317 -65.15 -47.69 48.80
CA VAL L 317 -64.44 -48.85 48.26
C VAL L 317 -64.85 -50.08 49.06
N PRO L 318 -65.11 -51.22 48.41
CA PRO L 318 -65.46 -52.47 49.09
C PRO L 318 -64.51 -52.86 50.20
N THR L 335 -69.97 -56.19 50.69
CA THR L 335 -69.05 -55.06 50.57
C THR L 335 -69.56 -53.87 51.37
N GLY L 336 -68.62 -53.12 51.96
CA GLY L 336 -68.95 -51.94 52.74
C GLY L 336 -68.55 -50.66 52.05
N LYS L 337 -68.98 -49.55 52.65
CA LYS L 337 -68.66 -48.21 52.14
C LYS L 337 -67.49 -47.62 52.92
N HIS L 338 -66.32 -48.23 52.71
CA HIS L 338 -65.11 -47.81 53.40
C HIS L 338 -64.74 -46.39 52.98
N TYR L 339 -64.96 -45.43 53.89
CA TYR L 339 -64.67 -44.03 53.59
C TYR L 339 -63.18 -43.77 53.73
N LEU L 340 -62.55 -43.39 52.62
CA LEU L 340 -61.14 -43.05 52.59
C LEU L 340 -60.98 -41.59 52.19
N GLU L 341 -60.09 -40.89 52.87
CA GLU L 341 -59.87 -39.48 52.56
C GLU L 341 -59.10 -39.38 51.25
N MET L 342 -59.65 -38.60 50.31
CA MET L 342 -59.06 -38.49 48.97
C MET L 342 -57.70 -37.81 49.05
N GLY L 343 -56.70 -38.42 48.41
CA GLY L 343 -55.37 -37.86 48.36
C GLY L 343 -54.56 -37.99 49.62
N LYS L 344 -55.02 -38.78 50.60
CA LYS L 344 -54.29 -38.93 51.86
C LYS L 344 -53.09 -39.84 51.64
N ALA L 345 -51.90 -39.33 51.93
CA ALA L 345 -50.67 -40.07 51.73
C ALA L 345 -49.80 -39.99 52.97
N ARG L 346 -49.10 -41.09 53.25
CA ARG L 346 -48.21 -41.20 54.41
C ARG L 346 -46.78 -40.96 53.92
N ILE L 347 -46.15 -39.89 54.39
CA ILE L 347 -44.87 -39.42 53.89
C ILE L 347 -43.79 -39.71 54.93
N LYS L 348 -42.84 -40.58 54.60
CA LYS L 348 -41.73 -40.88 55.48
C LYS L 348 -40.41 -40.63 54.74
N LEU L 349 -39.42 -40.19 55.49
CA LEU L 349 -38.13 -39.79 54.94
C LEU L 349 -37.01 -40.60 55.58
N GLU L 350 -35.85 -40.58 54.93
CA GLU L 350 -34.66 -41.23 55.45
C GLU L 350 -33.43 -40.56 54.84
N GLU L 351 -32.30 -40.71 55.53
CA GLU L 351 -31.07 -40.11 55.06
C GLU L 351 -30.58 -40.80 53.78
N LEU L 352 -29.91 -40.01 52.93
CA LEU L 352 -29.38 -40.49 51.65
C LEU L 352 -30.48 -41.06 50.75
PG ATP M 1 30.96 35.63 -8.61
O1G ATP M 1 30.06 35.83 -7.45
O2G ATP M 1 31.80 34.36 -8.39
O3G ATP M 1 30.10 35.47 -9.90
PB ATP M 1 33.58 36.90 -8.86
O1B ATP M 1 34.10 35.84 -7.97
O2B ATP M 1 34.12 38.23 -8.42
O3B ATP M 1 31.94 36.96 -8.76
PA ATP M 1 34.57 35.19 -10.99
O1A ATP M 1 34.03 35.02 -12.39
O2A ATP M 1 34.06 34.04 -10.12
O3A ATP M 1 34.04 36.63 -10.40
O5' ATP M 1 36.25 35.16 -11.04
C5' ATP M 1 36.97 35.69 -9.95
C4' ATP M 1 37.86 36.87 -10.47
O4' ATP M 1 39.01 37.10 -9.49
C3' ATP M 1 38.48 36.53 -11.61
O3' ATP M 1 39.00 37.73 -12.25
C2' ATP M 1 39.74 35.65 -11.09
O2' ATP M 1 40.70 35.45 -12.19
C1' ATP M 1 40.26 36.41 -10.17
N9 ATP M 1 40.98 35.62 -9.16
C8 ATP M 1 40.63 34.42 -8.68
N7 ATP M 1 41.52 34.03 -7.78
C5 ATP M 1 42.45 35.00 -7.67
C6 ATP M 1 43.61 35.14 -6.89
N6 ATP M 1 44.02 34.11 -5.95
N1 ATP M 1 44.30 36.22 -7.02
C2 ATP M 1 43.95 37.19 -7.88
N3 ATP M 1 42.87 37.08 -8.63
C4 ATP M 1 42.10 36.01 -8.55
PG ATP N . 36.47 34.90 -21.40
O1G ATP N . 37.68 35.43 -22.09
O2G ATP N . 35.45 36.05 -21.20
O3G ATP N . 35.85 33.77 -22.25
PB ATP N . 35.89 33.52 -18.91
O1B ATP N . 34.56 34.15 -18.97
O2B ATP N . 36.40 33.59 -17.51
O3B ATP N . 36.92 34.31 -19.91
PA ATP N . 37.03 30.91 -19.46
O1A ATP N . 38.26 31.61 -19.99
O2A ATP N . 36.65 29.73 -20.36
O3A ATP N . 35.77 31.97 -19.39
O5' ATP N . 37.34 30.35 -17.90
C5' ATP N . 36.22 30.25 -17.04
C4' ATP N . 36.62 29.47 -15.76
O4' ATP N . 37.51 28.28 -16.13
C3' ATP N . 37.37 30.26 -14.97
O3' ATP N . 36.61 30.57 -13.76
C2' ATP N . 38.73 29.45 -14.61
O2' ATP N . 39.02 29.54 -13.17
C1' ATP N . 38.53 28.20 -14.95
N9 ATP N . 39.81 27.62 -15.37
C8 ATP N . 40.92 28.32 -15.69
N7 ATP N . 41.88 27.48 -16.01
C5 ATP N . 41.41 26.23 -15.90
C6 ATP N . 41.97 24.95 -16.12
N6 ATP N . 43.34 24.82 -16.54
N1 ATP N . 41.23 23.92 -15.91
C2 ATP N . 39.94 24.04 -15.52
N3 ATP N . 39.39 25.21 -15.30
C4 ATP N . 40.09 26.32 -15.49
MG MG O . 35.56 31.83 -10.80
MG MG P . 33.67 33.87 -7.80
MG MG Q . 39.55 34.49 -19.19
#